data_7USN
#
_entry.id   7USN
#
_cell.length_a   227.763
_cell.length_b   227.763
_cell.length_c   227.763
_cell.angle_alpha   90.000
_cell.angle_beta   90.000
_cell.angle_gamma   90.000
#
_symmetry.space_group_name_H-M   'P 2 3'
#
loop_
_entity.id
_entity.type
_entity.pdbx_description
1 polymer Ferritin
2 non-polymer GLYCEROL
3 non-polymer 'SULFATE ION'
4 non-polymer 'FE (III) ION'
5 water water
#
_entity_poly.entity_id   1
_entity_poly.type   'polypeptide(L)'
_entity_poly.pdbx_seq_one_letter_code
;SLARQNYHDEVEAAVNKQINVELYASYVYLSMSAHFDRDDIALRNIAKFFKEQSDEERGHATELMRIQAVRGGRVAMQNI
QKPEKDEWGTVLEAFEAALALERANNASLLKLHGIAEQRNDAHLTNYIQEKYLEEQVHSINEFARYIANIKRAGPGLGEY
LFDKEEFS
;
_entity_poly.pdbx_strand_id   A,B,C,D,E,F,G,O,H,I,J,K,L,M,N,P
#
# COMPACT_ATOMS: atom_id res chain seq x y z
N SER A 1 49.02 26.38 -71.10
CA SER A 1 49.22 24.91 -70.82
C SER A 1 50.59 24.48 -71.34
N LEU A 2 51.36 23.74 -70.54
CA LEU A 2 52.67 23.19 -70.97
C LEU A 2 52.44 21.99 -71.91
N ALA A 3 51.26 21.39 -71.84
CA ALA A 3 50.92 20.17 -72.62
C ALA A 3 50.43 20.54 -74.03
N ARG A 4 49.66 21.63 -74.15
CA ARG A 4 48.87 21.92 -75.37
C ARG A 4 49.78 21.89 -76.61
N GLN A 5 49.37 21.10 -77.60
CA GLN A 5 50.18 20.86 -78.81
C GLN A 5 49.23 20.43 -79.92
N ASN A 6 49.33 21.07 -81.09
CA ASN A 6 48.45 20.83 -82.24
C ASN A 6 46.97 20.89 -81.81
N TYR A 7 46.60 21.85 -80.95
CA TYR A 7 45.22 22.01 -80.42
C TYR A 7 44.75 23.44 -80.65
N HIS A 8 43.97 23.63 -81.72
CA HIS A 8 43.57 24.96 -82.26
C HIS A 8 42.45 25.52 -81.39
N ASP A 9 42.44 26.84 -81.20
CA ASP A 9 41.36 27.53 -80.46
C ASP A 9 39.98 27.15 -81.04
N GLU A 10 39.86 26.98 -82.35
CA GLU A 10 38.55 26.65 -82.97
C GLU A 10 38.09 25.29 -82.45
N VAL A 11 39.02 24.36 -82.29
CA VAL A 11 38.71 22.99 -81.78
C VAL A 11 38.36 23.06 -80.28
N GLU A 12 39.16 23.75 -79.48
CA GLU A 12 38.89 23.94 -78.02
C GLU A 12 37.47 24.49 -77.83
N ALA A 13 37.08 25.49 -78.63
CA ALA A 13 35.75 26.15 -78.53
C ALA A 13 34.64 25.18 -78.93
N ALA A 14 34.85 24.39 -79.99
CA ALA A 14 33.91 23.36 -80.51
C ALA A 14 33.69 22.31 -79.43
N VAL A 15 34.75 21.95 -78.71
CA VAL A 15 34.63 20.95 -77.60
C VAL A 15 33.78 21.57 -76.48
N ASN A 16 34.01 22.84 -76.12
CA ASN A 16 33.17 23.52 -75.11
C ASN A 16 31.70 23.55 -75.54
N LYS A 17 31.43 23.82 -76.81
CA LYS A 17 30.03 23.85 -77.34
C LYS A 17 29.43 22.45 -77.15
N GLN A 18 30.20 21.42 -77.45
CA GLN A 18 29.69 20.03 -77.39
C GLN A 18 29.43 19.66 -75.92
N ILE A 19 30.25 20.13 -75.00
CA ILE A 19 29.99 19.90 -73.55
C ILE A 19 28.59 20.42 -73.21
N ASN A 20 28.25 21.64 -73.65
CA ASN A 20 26.93 22.24 -73.37
C ASN A 20 25.83 21.43 -74.07
N VAL A 21 26.07 20.96 -75.29
CA VAL A 21 25.08 20.13 -76.06
C VAL A 21 24.74 18.88 -75.23
N GLU A 22 25.77 18.20 -74.72
CA GLU A 22 25.62 16.95 -73.94
C GLU A 22 24.90 17.27 -72.62
N LEU A 23 25.26 18.37 -71.95
CA LEU A 23 24.57 18.73 -70.68
C LEU A 23 23.10 19.03 -70.96
N TYR A 24 22.81 19.71 -72.07
CA TYR A 24 21.43 20.02 -72.49
C TYR A 24 20.67 18.68 -72.68
N ALA A 25 21.27 17.72 -73.39
CA ALA A 25 20.66 16.40 -73.64
C ALA A 25 20.39 15.69 -72.30
N SER A 26 21.34 15.75 -71.38
CA SER A 26 21.16 15.19 -70.01
C SER A 26 19.89 15.79 -69.39
N TYR A 27 19.71 17.10 -69.52
CA TYR A 27 18.58 17.85 -68.91
C TYR A 27 17.26 17.40 -69.54
N VAL A 28 17.23 17.26 -70.87
CA VAL A 28 16.02 16.80 -71.62
C VAL A 28 15.62 15.41 -71.08
N TYR A 29 16.55 14.47 -70.97
CA TYR A 29 16.24 13.11 -70.47
C TYR A 29 15.77 13.14 -69.01
N LEU A 30 16.35 13.99 -68.17
CA LEU A 30 15.87 14.15 -66.78
C LEU A 30 14.39 14.58 -66.79
N SER A 31 14.02 15.54 -67.64
CA SER A 31 12.62 16.02 -67.82
C SER A 31 11.71 14.88 -68.28
N MET A 32 12.16 14.10 -69.26
CA MET A 32 11.36 12.95 -69.75
C MET A 32 11.18 11.92 -68.63
N SER A 33 12.19 11.69 -67.80
CA SER A 33 12.11 10.77 -66.63
C SER A 33 10.98 11.25 -65.68
N ALA A 34 10.94 12.55 -65.35
CA ALA A 34 9.90 13.15 -64.47
C ALA A 34 8.52 12.91 -65.10
N HIS A 35 8.41 13.08 -66.42
CA HIS A 35 7.12 12.93 -67.16
C HIS A 35 6.57 11.54 -66.88
N PHE A 36 7.39 10.50 -67.02
CA PHE A 36 6.94 9.09 -66.90
C PHE A 36 6.79 8.70 -65.43
N ASP A 37 7.30 9.52 -64.52
CA ASP A 37 7.13 9.35 -63.05
C ASP A 37 5.86 10.07 -62.55
N ARG A 38 5.17 10.82 -63.39
CA ARG A 38 3.87 11.43 -63.01
C ARG A 38 2.94 10.30 -62.51
N ASP A 39 2.20 10.55 -61.45
CA ASP A 39 1.28 9.55 -60.85
C ASP A 39 0.11 9.24 -61.82
N ASP A 40 -0.12 10.03 -62.87
CA ASP A 40 -1.20 9.79 -63.86
C ASP A 40 -0.63 9.19 -65.15
N ILE A 41 0.69 8.96 -65.19
CA ILE A 41 1.37 8.29 -66.35
C ILE A 41 1.95 6.97 -65.84
N ALA A 42 2.85 7.03 -64.85
CA ALA A 42 3.25 5.91 -63.97
C ALA A 42 3.78 4.73 -64.79
N LEU A 43 4.76 4.97 -65.67
CA LEU A 43 5.53 3.89 -66.32
C LEU A 43 6.96 3.94 -65.75
N ARG A 44 7.22 3.19 -64.68
CA ARG A 44 8.43 3.36 -63.85
C ARG A 44 9.68 2.85 -64.60
N ASN A 45 9.57 1.82 -65.43
CA ASN A 45 10.75 1.28 -66.16
C ASN A 45 11.14 2.32 -67.22
N ILE A 46 10.18 2.95 -67.89
CA ILE A 46 10.50 4.03 -68.86
C ILE A 46 11.10 5.23 -68.10
N ALA A 47 10.58 5.59 -66.94
CA ALA A 47 11.12 6.73 -66.14
C ALA A 47 12.57 6.41 -65.78
N LYS A 48 12.82 5.17 -65.37
CA LYS A 48 14.18 4.74 -64.94
C LYS A 48 15.12 4.76 -66.16
N PHE A 49 14.66 4.31 -67.31
CA PHE A 49 15.40 4.31 -68.59
C PHE A 49 15.85 5.74 -68.94
N PHE A 50 14.95 6.71 -68.89
CA PHE A 50 15.29 8.11 -69.23
C PHE A 50 16.23 8.68 -68.16
N LYS A 51 16.10 8.28 -66.90
CA LYS A 51 17.07 8.73 -65.87
C LYS A 51 18.45 8.17 -66.23
N GLU A 52 18.52 6.90 -66.61
CA GLU A 52 19.80 6.26 -67.06
C GLU A 52 20.37 7.03 -68.26
N GLN A 53 19.52 7.40 -69.21
CA GLN A 53 19.94 8.18 -70.41
C GLN A 53 20.46 9.55 -69.97
N SER A 54 19.80 10.21 -69.00
CA SER A 54 20.27 11.51 -68.46
C SER A 54 21.67 11.34 -67.84
N ASP A 55 21.85 10.28 -67.04
CA ASP A 55 23.17 9.94 -66.44
C ASP A 55 24.22 9.76 -67.55
N GLU A 56 23.89 9.00 -68.60
CA GLU A 56 24.81 8.70 -69.73
C GLU A 56 25.21 9.99 -70.44
N GLU A 57 24.26 10.90 -70.72
CA GLU A 57 24.53 12.18 -71.42
C GLU A 57 25.44 13.05 -70.54
N ARG A 58 25.23 13.06 -69.23
CA ARG A 58 26.10 13.80 -68.30
C ARG A 58 27.51 13.19 -68.39
N GLY A 59 27.63 11.87 -68.44
CA GLY A 59 28.90 11.17 -68.68
C GLY A 59 29.55 11.58 -70.01
N HIS A 60 28.78 11.73 -71.07
CA HIS A 60 29.31 12.25 -72.37
C HIS A 60 29.93 13.61 -72.15
N ALA A 61 29.26 14.48 -71.38
CA ALA A 61 29.71 15.85 -71.10
C ALA A 61 31.02 15.82 -70.31
N THR A 62 31.10 14.99 -69.27
CA THR A 62 32.25 14.98 -68.32
C THR A 62 33.48 14.33 -69.00
N GLU A 63 33.25 13.39 -69.90
CA GLU A 63 34.34 12.76 -70.68
C GLU A 63 34.94 13.78 -71.66
N LEU A 64 34.10 14.60 -72.31
CA LEU A 64 34.61 15.74 -73.13
C LEU A 64 35.36 16.76 -72.26
N MET A 65 34.89 17.02 -71.04
CA MET A 65 35.63 17.88 -70.11
C MET A 65 37.01 17.26 -69.85
N ARG A 66 37.08 15.95 -69.66
CA ARG A 66 38.36 15.24 -69.41
C ARG A 66 39.30 15.38 -70.61
N ILE A 67 38.80 15.18 -71.83
CA ILE A 67 39.71 15.25 -73.02
C ILE A 67 40.11 16.72 -73.27
N GLN A 68 39.26 17.69 -72.97
CA GLN A 68 39.61 19.14 -73.02
C GLN A 68 40.84 19.35 -72.12
N ALA A 69 40.78 18.85 -70.88
CA ALA A 69 41.90 18.99 -69.91
C ALA A 69 43.14 18.24 -70.41
N VAL A 70 42.98 17.02 -70.95
CA VAL A 70 44.12 16.20 -71.45
C VAL A 70 44.84 17.01 -72.54
N ARG A 71 44.10 17.66 -73.43
CA ARG A 71 44.69 18.40 -74.57
C ARG A 71 45.20 19.78 -74.12
N GLY A 72 44.92 20.20 -72.88
CA GLY A 72 45.38 21.50 -72.33
C GLY A 72 44.47 22.65 -72.69
N GLY A 73 43.28 22.36 -73.23
CA GLY A 73 42.20 23.33 -73.38
C GLY A 73 41.58 23.63 -72.04
N ARG A 74 40.79 24.70 -71.98
CA ARG A 74 40.11 25.15 -70.76
C ARG A 74 38.60 25.05 -70.97
N VAL A 75 37.94 24.39 -70.03
CA VAL A 75 36.47 24.23 -70.02
C VAL A 75 35.85 25.60 -69.73
N ALA A 76 34.87 25.98 -70.53
CA ALA A 76 34.08 27.22 -70.32
C ALA A 76 32.60 26.83 -70.36
N MET A 77 31.91 26.96 -69.23
CA MET A 77 30.49 26.57 -69.09
C MET A 77 29.60 27.66 -69.68
N GLN A 78 28.47 27.26 -70.24
CA GLN A 78 27.36 28.16 -70.62
C GLN A 78 26.09 27.72 -69.87
N ASN A 79 25.10 28.59 -69.81
CA ASN A 79 23.77 28.23 -69.26
C ASN A 79 23.32 26.89 -69.89
N ILE A 80 22.66 26.04 -69.12
CA ILE A 80 21.97 24.85 -69.67
C ILE A 80 20.51 25.24 -69.86
N GLN A 81 20.08 25.40 -71.10
CA GLN A 81 18.70 25.83 -71.42
C GLN A 81 17.73 24.77 -70.90
N LYS A 82 16.61 25.21 -70.36
CA LYS A 82 15.52 24.28 -69.99
C LYS A 82 15.08 23.56 -71.26
N PRO A 83 14.62 22.30 -71.15
CA PRO A 83 14.13 21.57 -72.30
C PRO A 83 12.98 22.29 -73.02
N GLU A 84 12.76 21.98 -74.30
CA GLU A 84 11.69 22.56 -75.15
C GLU A 84 10.31 22.38 -74.51
N LYS A 85 10.07 21.29 -73.78
CA LYS A 85 8.75 20.94 -73.19
C LYS A 85 8.93 20.45 -71.74
N ASP A 86 7.88 20.56 -70.90
CA ASP A 86 7.79 19.74 -69.66
C ASP A 86 6.85 18.55 -69.92
N GLU A 87 5.91 18.70 -70.86
CA GLU A 87 4.93 17.62 -71.22
C GLU A 87 5.37 16.97 -72.54
N TRP A 88 5.80 15.71 -72.49
CA TRP A 88 6.45 15.01 -73.62
C TRP A 88 5.46 14.14 -74.38
N GLY A 89 4.18 14.14 -73.98
CA GLY A 89 3.13 13.40 -74.70
C GLY A 89 3.18 11.92 -74.41
N THR A 90 2.86 11.11 -75.42
CA THR A 90 2.68 9.65 -75.27
C THR A 90 4.06 9.00 -75.22
N VAL A 91 4.09 7.74 -74.87
CA VAL A 91 5.35 6.93 -74.91
C VAL A 91 6.01 7.13 -76.28
N LEU A 92 5.26 6.91 -77.36
CA LEU A 92 5.81 7.07 -78.73
C LEU A 92 6.42 8.46 -78.91
N GLU A 93 5.70 9.52 -78.56
CA GLU A 93 6.16 10.91 -78.82
C GLU A 93 7.44 11.20 -78.05
N ALA A 94 7.54 10.71 -76.82
CA ALA A 94 8.77 10.90 -76.00
C ALA A 94 9.94 10.22 -76.71
N PHE A 95 9.77 8.98 -77.19
CA PHE A 95 10.86 8.23 -77.85
C PHE A 95 11.20 8.90 -79.18
N GLU A 96 10.19 9.40 -79.91
CA GLU A 96 10.44 10.19 -81.14
C GLU A 96 11.25 11.46 -80.83
N ALA A 97 10.93 12.19 -79.75
CA ALA A 97 11.67 13.40 -79.32
C ALA A 97 13.11 13.00 -78.97
N ALA A 98 13.29 11.85 -78.32
CA ALA A 98 14.60 11.32 -77.91
C ALA A 98 15.41 11.02 -79.18
N LEU A 99 14.82 10.36 -80.17
CA LEU A 99 15.52 10.06 -81.44
C LEU A 99 15.99 11.36 -82.09
N ALA A 100 15.12 12.38 -82.12
CA ALA A 100 15.43 13.70 -82.71
C ALA A 100 16.61 14.32 -81.98
N LEU A 101 16.64 14.22 -80.64
CA LEU A 101 17.73 14.76 -79.80
C LEU A 101 19.04 14.02 -80.13
N GLU A 102 18.99 12.70 -80.27
CA GLU A 102 20.21 11.87 -80.55
C GLU A 102 20.77 12.22 -81.94
N ARG A 103 19.90 12.45 -82.93
CA ARG A 103 20.30 12.84 -84.30
C ARG A 103 20.90 14.26 -84.25
N ALA A 104 20.34 15.16 -83.45
CA ALA A 104 20.89 16.53 -83.27
C ALA A 104 22.29 16.42 -82.65
N ASN A 105 22.44 15.58 -81.62
CA ASN A 105 23.74 15.36 -80.94
C ASN A 105 24.74 14.84 -81.98
N ASN A 106 24.33 13.86 -82.80
CA ASN A 106 25.18 13.27 -83.85
C ASN A 106 25.60 14.33 -84.87
N ALA A 107 24.67 15.17 -85.34
CA ALA A 107 24.96 16.26 -86.29
C ALA A 107 26.05 17.17 -85.70
N SER A 108 25.92 17.53 -84.42
CA SER A 108 26.87 18.38 -83.67
C SER A 108 28.24 17.69 -83.58
N LEU A 109 28.29 16.38 -83.25
CA LEU A 109 29.55 15.59 -83.18
C LEU A 109 30.21 15.49 -84.56
N LEU A 110 29.41 15.34 -85.62
CA LEU A 110 29.95 15.24 -87.00
C LEU A 110 30.57 16.59 -87.37
N LYS A 111 29.94 17.69 -86.97
CA LYS A 111 30.50 19.06 -87.19
C LYS A 111 31.81 19.19 -86.40
N LEU A 112 31.81 18.76 -85.14
CA LEU A 112 33.04 18.77 -84.29
C LEU A 112 34.14 17.97 -84.99
N HIS A 113 33.85 16.76 -85.48
CA HIS A 113 34.83 15.92 -86.22
C HIS A 113 35.38 16.70 -87.40
N GLY A 114 34.50 17.36 -88.17
CA GLY A 114 34.89 18.13 -89.36
C GLY A 114 35.82 19.29 -89.03
N ILE A 115 35.60 19.96 -87.90
CA ILE A 115 36.45 21.11 -87.47
C ILE A 115 37.84 20.55 -87.11
N ALA A 116 37.87 19.47 -86.34
CA ALA A 116 39.12 18.78 -85.98
C ALA A 116 39.86 18.37 -87.25
N GLU A 117 39.15 17.83 -88.24
CA GLU A 117 39.75 17.37 -89.51
C GLU A 117 40.33 18.56 -90.28
N GLN A 118 39.59 19.66 -90.38
CA GLN A 118 40.01 20.93 -91.06
C GLN A 118 41.30 21.45 -90.42
N ARG A 119 41.46 21.31 -89.11
CA ARG A 119 42.63 21.82 -88.36
C ARG A 119 43.73 20.74 -88.23
N ASN A 120 43.61 19.61 -88.91
CA ASN A 120 44.64 18.53 -88.92
C ASN A 120 44.90 18.04 -87.48
N ASP A 121 43.85 17.94 -86.68
CA ASP A 121 43.95 17.40 -85.30
C ASP A 121 43.79 15.89 -85.39
N ALA A 122 44.88 15.18 -85.66
CA ALA A 122 44.85 13.72 -85.93
C ALA A 122 44.48 12.94 -84.66
N HIS A 123 44.81 13.44 -83.48
CA HIS A 123 44.36 12.81 -82.22
C HIS A 123 42.84 12.96 -82.09
N LEU A 124 42.31 14.17 -82.25
CA LEU A 124 40.91 14.41 -81.83
C LEU A 124 39.95 13.83 -82.87
N THR A 125 40.27 13.81 -84.16
CA THR A 125 39.38 13.16 -85.16
C THR A 125 39.12 11.72 -84.70
N ASN A 126 40.18 10.97 -84.41
CA ASN A 126 40.08 9.55 -84.00
C ASN A 126 39.34 9.43 -82.66
N TYR A 127 39.64 10.33 -81.73
CA TYR A 127 39.03 10.31 -80.39
C TYR A 127 37.52 10.45 -80.54
N ILE A 128 37.07 11.41 -81.35
CA ILE A 128 35.61 11.66 -81.59
C ILE A 128 34.99 10.44 -82.29
N GLN A 129 35.65 9.88 -83.29
CA GLN A 129 35.12 8.71 -84.03
C GLN A 129 34.93 7.54 -83.05
N GLU A 130 35.96 7.22 -82.27
CA GLU A 130 36.00 6.02 -81.37
C GLU A 130 35.04 6.23 -80.19
N LYS A 131 35.12 7.36 -79.51
CA LYS A 131 34.46 7.54 -78.20
C LYS A 131 33.06 8.12 -78.37
N TYR A 132 32.74 8.79 -79.48
CA TYR A 132 31.43 9.47 -79.68
C TYR A 132 30.67 8.95 -80.89
N LEU A 133 31.25 8.93 -82.08
CA LEU A 133 30.47 8.63 -83.32
C LEU A 133 29.98 7.18 -83.24
N GLU A 134 30.82 6.25 -82.78
CA GLU A 134 30.43 4.82 -82.70
C GLU A 134 29.22 4.71 -81.76
N GLU A 135 29.34 5.25 -80.55
CA GLU A 135 28.23 5.18 -79.56
C GLU A 135 26.98 5.86 -80.13
N GLN A 136 27.16 7.00 -80.80
CA GLN A 136 26.01 7.79 -81.29
C GLN A 136 25.20 6.98 -82.31
N VAL A 137 25.83 6.25 -83.25
CA VAL A 137 25.04 5.50 -84.26
C VAL A 137 24.34 4.33 -83.56
N HIS A 138 24.94 3.79 -82.49
CA HIS A 138 24.29 2.72 -81.70
C HIS A 138 23.08 3.27 -80.96
N SER A 139 23.20 4.46 -80.35
N SER A 139 23.19 4.45 -80.35
CA SER A 139 22.11 5.12 -79.60
CA SER A 139 22.09 5.11 -79.60
C SER A 139 20.94 5.42 -80.55
C SER A 139 20.93 5.42 -80.55
N ILE A 140 21.22 5.95 -81.73
CA ILE A 140 20.19 6.31 -82.74
C ILE A 140 19.48 5.03 -83.19
N ASN A 141 20.23 3.97 -83.45
CA ASN A 141 19.65 2.65 -83.83
C ASN A 141 18.73 2.16 -82.70
N GLU A 142 19.18 2.21 -81.43
CA GLU A 142 18.41 1.76 -80.25
C GLU A 142 17.07 2.52 -80.21
N PHE A 143 17.10 3.83 -80.39
CA PHE A 143 15.87 4.66 -80.35
C PHE A 143 14.97 4.37 -81.56
N ALA A 144 15.52 4.19 -82.76
CA ALA A 144 14.72 3.78 -83.95
C ALA A 144 14.00 2.46 -83.67
N ARG A 145 14.71 1.48 -83.08
CA ARG A 145 14.20 0.14 -82.73
C ARG A 145 13.12 0.27 -81.63
N TYR A 146 13.35 1.11 -80.63
CA TYR A 146 12.33 1.35 -79.57
C TYR A 146 11.02 1.86 -80.20
N ILE A 147 11.13 2.85 -81.08
CA ILE A 147 9.97 3.44 -81.81
C ILE A 147 9.25 2.34 -82.60
N ALA A 148 9.95 1.49 -83.35
CA ALA A 148 9.31 0.36 -84.07
C ALA A 148 8.51 -0.50 -83.10
N ASN A 149 9.09 -0.81 -81.94
CA ASN A 149 8.46 -1.71 -80.94
C ASN A 149 7.26 -1.03 -80.29
N ILE A 150 7.34 0.27 -80.00
CA ILE A 150 6.23 1.04 -79.38
C ILE A 150 5.06 1.02 -80.37
N LYS A 151 5.34 1.32 -81.64
CA LYS A 151 4.28 1.32 -82.70
C LYS A 151 3.66 -0.07 -82.81
N ARG A 152 4.47 -1.12 -82.77
CA ARG A 152 3.98 -2.51 -82.89
C ARG A 152 3.09 -2.88 -81.69
N ALA A 153 3.55 -2.64 -80.47
CA ALA A 153 2.80 -2.98 -79.24
C ALA A 153 1.50 -2.17 -79.22
N GLY A 154 1.58 -0.91 -79.64
CA GLY A 154 0.44 0.00 -79.77
C GLY A 154 0.01 0.62 -78.45
N PRO A 155 -0.89 1.64 -78.51
CA PRO A 155 -1.31 2.36 -77.33
C PRO A 155 -2.07 1.48 -76.32
N GLY A 156 -2.04 1.88 -75.05
CA GLY A 156 -2.81 1.23 -73.99
C GLY A 156 -2.07 0.02 -73.46
N LEU A 157 -2.61 -1.18 -73.66
CA LEU A 157 -2.01 -2.41 -73.12
C LEU A 157 -0.58 -2.56 -73.67
N GLY A 158 -0.35 -2.25 -74.96
CA GLY A 158 1.00 -2.30 -75.55
C GLY A 158 2.01 -1.46 -74.78
N GLU A 159 1.62 -0.24 -74.41
CA GLU A 159 2.51 0.71 -73.67
C GLU A 159 2.83 0.11 -72.30
N TYR A 160 1.82 -0.45 -71.63
CA TYR A 160 1.98 -1.13 -70.32
C TYR A 160 3.01 -2.26 -70.43
N LEU A 161 2.87 -3.14 -71.43
CA LEU A 161 3.73 -4.34 -71.59
C LEU A 161 5.11 -3.95 -72.14
N PHE A 162 5.18 -2.91 -72.96
CA PHE A 162 6.49 -2.36 -73.40
C PHE A 162 7.28 -1.93 -72.16
N ASP A 163 6.64 -1.18 -71.27
CA ASP A 163 7.28 -0.75 -70.00
C ASP A 163 7.72 -2.00 -69.23
N LYS A 164 6.86 -3.03 -69.13
CA LYS A 164 7.18 -4.26 -68.35
C LYS A 164 8.31 -5.07 -68.99
N GLU A 165 8.36 -5.18 -70.32
CA GLU A 165 9.12 -6.24 -71.03
C GLU A 165 10.40 -5.70 -71.68
N GLU A 166 10.45 -4.42 -72.09
CA GLU A 166 11.50 -3.95 -73.01
C GLU A 166 12.79 -3.60 -72.26
N PHE A 167 12.78 -3.42 -70.93
CA PHE A 167 13.93 -2.90 -70.15
C PHE A 167 14.40 -3.93 -69.11
N SER A 168 14.08 -5.21 -69.29
CA SER A 168 14.34 -6.31 -68.33
C SER A 168 14.63 -7.62 -69.07
N SER B 1 18.12 -39.72 54.58
CA SER B 1 16.69 -39.34 54.56
C SER B 1 15.83 -40.41 55.26
N LEU B 2 14.95 -40.01 56.16
CA LEU B 2 13.95 -40.94 56.76
C LEU B 2 12.87 -41.29 55.73
N ALA B 3 12.72 -40.50 54.68
CA ALA B 3 11.61 -40.63 53.69
C ALA B 3 11.99 -41.61 52.57
N ARG B 4 13.25 -41.59 52.18
CA ARG B 4 13.73 -42.28 50.96
C ARG B 4 13.28 -43.73 50.98
N GLN B 5 12.63 -44.16 49.91
CA GLN B 5 12.01 -45.50 49.79
C GLN B 5 11.85 -45.82 48.31
N ASN B 6 12.37 -46.98 47.89
CA ASN B 6 12.29 -47.45 46.47
C ASN B 6 12.90 -46.39 45.55
N TYR B 7 14.00 -45.75 45.98
CA TYR B 7 14.62 -44.63 45.23
C TYR B 7 16.11 -44.92 45.05
N HIS B 8 16.47 -45.43 43.87
CA HIS B 8 17.83 -46.00 43.60
C HIS B 8 18.81 -44.86 43.35
N ASP B 9 20.08 -45.03 43.75
CA ASP B 9 21.14 -44.04 43.47
C ASP B 9 21.22 -43.70 41.98
N GLU B 10 20.98 -44.67 41.08
CA GLU B 10 21.06 -44.41 39.62
C GLU B 10 19.99 -43.37 39.24
N VAL B 11 18.81 -43.49 39.84
CA VAL B 11 17.65 -42.60 39.56
C VAL B 11 17.96 -41.21 40.14
N GLU B 12 18.41 -41.15 41.40
CA GLU B 12 18.83 -39.90 42.08
C GLU B 12 19.85 -39.16 41.21
N ALA B 13 20.86 -39.88 40.72
CA ALA B 13 21.94 -39.29 39.88
C ALA B 13 21.36 -38.78 38.55
N ALA B 14 20.45 -39.54 37.94
CA ALA B 14 19.82 -39.20 36.64
C ALA B 14 18.98 -37.93 36.81
N VAL B 15 18.30 -37.81 37.94
CA VAL B 15 17.48 -36.60 38.23
C VAL B 15 18.42 -35.39 38.34
N ASN B 16 19.57 -35.53 39.02
CA ASN B 16 20.58 -34.46 39.11
C ASN B 16 21.09 -34.10 37.71
N LYS B 17 21.34 -35.08 36.83
CA LYS B 17 21.80 -34.76 35.45
C LYS B 17 20.69 -33.95 34.77
N GLN B 18 19.43 -34.37 34.90
CA GLN B 18 18.31 -33.69 34.21
C GLN B 18 18.15 -32.25 34.72
N ILE B 19 18.39 -32.02 36.01
CA ILE B 19 18.35 -30.64 36.56
C ILE B 19 19.35 -29.77 35.78
N ASN B 20 20.58 -30.27 35.58
CA ASN B 20 21.59 -29.53 34.80
C ASN B 20 21.11 -29.32 33.36
N VAL B 21 20.53 -30.33 32.72
CA VAL B 21 20.00 -30.23 31.33
C VAL B 21 19.01 -29.06 31.25
N GLU B 22 18.08 -28.98 32.21
CA GLU B 22 17.01 -27.95 32.22
C GLU B 22 17.63 -26.56 32.46
N LEU B 23 18.60 -26.44 33.37
CA LEU B 23 19.29 -25.15 33.65
C LEU B 23 20.07 -24.69 32.41
N TYR B 24 20.71 -25.62 31.69
CA TYR B 24 21.41 -25.34 30.42
C TYR B 24 20.40 -24.79 29.40
N ALA B 25 19.28 -25.47 29.23
CA ALA B 25 18.20 -25.06 28.30
C ALA B 25 17.72 -23.63 28.66
N SER B 26 17.52 -23.34 29.93
CA SER B 26 17.13 -21.99 30.42
C SER B 26 18.16 -20.96 29.95
N TYR B 27 19.45 -21.29 30.03
CA TYR B 27 20.57 -20.38 29.67
C TYR B 27 20.54 -20.14 28.15
N VAL B 28 20.34 -21.21 27.36
CA VAL B 28 20.26 -21.09 25.88
C VAL B 28 19.15 -20.09 25.54
N TYR B 29 17.97 -20.22 26.14
CA TYR B 29 16.82 -19.35 25.84
C TYR B 29 17.09 -17.93 26.29
N LEU B 30 17.80 -17.73 27.41
CA LEU B 30 18.18 -16.38 27.89
C LEU B 30 19.10 -15.74 26.84
N SER B 31 20.07 -16.47 26.30
CA SER B 31 20.97 -15.99 25.23
C SER B 31 20.17 -15.66 23.96
N MET B 32 19.22 -16.49 23.57
CA MET B 32 18.35 -16.21 22.39
C MET B 32 17.53 -14.95 22.66
N SER B 33 17.01 -14.75 23.87
CA SER B 33 16.28 -13.52 24.26
C SER B 33 17.16 -12.29 24.00
N ALA B 34 18.43 -12.29 24.45
CA ALA B 34 19.37 -11.15 24.31
C ALA B 34 19.62 -10.88 22.83
N HIS B 35 19.74 -11.95 22.04
CA HIS B 35 19.94 -11.87 20.58
C HIS B 35 18.81 -11.02 19.94
N PHE B 36 17.55 -11.31 20.24
CA PHE B 36 16.41 -10.62 19.56
C PHE B 36 16.18 -9.25 20.21
N ASP B 37 16.86 -8.98 21.32
CA ASP B 37 16.87 -7.66 22.00
C ASP B 37 17.98 -6.76 21.46
N ARG B 38 18.84 -7.27 20.56
CA ARG B 38 19.89 -6.42 19.96
C ARG B 38 19.21 -5.27 19.21
N ASP B 39 19.78 -4.08 19.30
CA ASP B 39 19.21 -2.87 18.67
C ASP B 39 19.24 -2.97 17.14
N ASP B 40 20.01 -3.90 16.56
CA ASP B 40 20.07 -4.09 15.08
C ASP B 40 19.22 -5.30 14.67
N ILE B 41 18.52 -5.94 15.63
CA ILE B 41 17.62 -7.08 15.32
C ILE B 41 16.20 -6.68 15.75
N ALA B 42 16.01 -6.37 17.04
CA ALA B 42 14.90 -5.55 17.56
C ALA B 42 13.53 -6.22 17.27
N LEU B 43 13.40 -7.50 17.61
CA LEU B 43 12.10 -8.22 17.54
C LEU B 43 11.67 -8.49 18.97
N ARG B 44 10.92 -7.54 19.55
CA ARG B 44 10.64 -7.47 21.01
C ARG B 44 9.78 -8.66 21.47
N ASN B 45 8.74 -9.03 20.70
CA ASN B 45 7.82 -10.13 21.10
C ASN B 45 8.59 -11.45 21.07
N ILE B 46 9.46 -11.65 20.09
CA ILE B 46 10.31 -12.87 20.03
C ILE B 46 11.28 -12.86 21.22
N ALA B 47 11.91 -11.73 21.54
CA ALA B 47 12.81 -11.59 22.70
C ALA B 47 12.04 -11.97 23.97
N LYS B 48 10.81 -11.47 24.10
CA LYS B 48 9.97 -11.71 25.30
C LYS B 48 9.59 -13.20 25.33
N PHE B 49 9.29 -13.77 24.18
CA PHE B 49 8.95 -15.21 24.07
C PHE B 49 10.12 -16.06 24.58
N PHE B 50 11.35 -15.77 24.17
CA PHE B 50 12.52 -16.58 24.57
C PHE B 50 12.83 -16.36 26.06
N LYS B 51 12.56 -15.18 26.60
CA LYS B 51 12.71 -14.94 28.07
C LYS B 51 11.69 -15.82 28.82
N GLU B 52 10.45 -15.87 28.35
CA GLU B 52 9.41 -16.73 28.95
C GLU B 52 9.87 -18.19 28.89
N GLN B 53 10.44 -18.61 27.76
CA GLN B 53 10.93 -20.00 27.58
C GLN B 53 12.08 -20.25 28.57
N SER B 54 12.98 -19.28 28.78
CA SER B 54 14.08 -19.37 29.77
C SER B 54 13.49 -19.56 31.17
N ASP B 55 12.47 -18.77 31.50
CA ASP B 55 11.79 -18.85 32.83
C ASP B 55 11.18 -20.24 32.98
N GLU B 56 10.54 -20.76 31.94
CA GLU B 56 9.87 -22.09 31.96
C GLU B 56 10.90 -23.20 32.19
N GLU B 57 12.04 -23.15 31.49
CA GLU B 57 13.09 -24.20 31.64
C GLU B 57 13.65 -24.16 33.07
N ARG B 58 13.88 -22.97 33.62
CA ARG B 58 14.34 -22.82 35.02
C ARG B 58 13.28 -23.47 35.94
N GLY B 59 12.00 -23.23 35.68
CA GLY B 59 10.89 -23.89 36.39
C GLY B 59 10.97 -25.40 36.30
N HIS B 60 11.29 -25.95 35.12
CA HIS B 60 11.47 -27.41 34.92
C HIS B 60 12.58 -27.91 35.84
N ALA B 61 13.66 -27.15 35.94
CA ALA B 61 14.82 -27.49 36.80
C ALA B 61 14.40 -27.46 38.28
N THR B 62 13.69 -26.43 38.73
CA THR B 62 13.38 -26.27 40.18
C THR B 62 12.29 -27.27 40.57
N GLU B 63 11.41 -27.67 39.65
CA GLU B 63 10.40 -28.72 39.91
C GLU B 63 11.11 -30.07 40.13
N LEU B 64 12.14 -30.38 39.33
CA LEU B 64 12.92 -31.64 39.51
C LEU B 64 13.72 -31.56 40.82
N MET B 65 14.23 -30.39 41.20
CA MET B 65 14.87 -30.19 42.53
C MET B 65 13.83 -30.51 43.62
N ARG B 66 12.58 -30.08 43.46
CA ARG B 66 11.49 -30.33 44.44
C ARG B 66 11.25 -31.84 44.53
N ILE B 67 11.12 -32.55 43.42
CA ILE B 67 10.79 -34.01 43.51
C ILE B 67 12.01 -34.79 44.03
N GLN B 68 13.23 -34.36 43.72
CA GLN B 68 14.48 -34.91 44.32
C GLN B 68 14.32 -34.85 45.85
N ALA B 69 13.97 -33.68 46.40
CA ALA B 69 13.79 -33.48 47.86
C ALA B 69 12.64 -34.35 48.37
N VAL B 70 11.52 -34.42 47.66
CA VAL B 70 10.33 -35.20 48.10
C VAL B 70 10.75 -36.67 48.24
N ARG B 71 11.52 -37.18 47.30
CA ARG B 71 11.92 -38.63 47.28
C ARG B 71 13.06 -38.88 48.27
N GLY B 72 13.66 -37.83 48.86
CA GLY B 72 14.76 -37.97 49.84
C GLY B 72 16.12 -38.07 49.18
N GLY B 73 16.22 -37.72 47.90
CA GLY B 73 17.48 -37.59 47.18
C GLY B 73 18.14 -36.28 47.51
N ARG B 74 19.40 -36.13 47.13
CA ARG B 74 20.19 -34.91 47.41
C ARG B 74 20.59 -34.26 46.09
N VAL B 75 20.25 -32.99 45.94
CA VAL B 75 20.59 -32.14 44.76
C VAL B 75 22.09 -31.92 44.77
N ALA B 76 22.72 -32.16 43.63
CA ALA B 76 24.16 -31.95 43.37
C ALA B 76 24.26 -31.11 42.11
N MET B 77 24.70 -29.86 42.23
CA MET B 77 24.83 -28.93 41.08
C MET B 77 26.12 -29.22 40.33
N GLN B 78 26.11 -28.91 39.04
CA GLN B 78 27.30 -28.89 38.17
C GLN B 78 27.34 -27.54 37.44
N ASN B 79 28.47 -27.23 36.80
CA ASN B 79 28.61 -26.01 35.97
C ASN B 79 27.46 -25.99 34.97
N ILE B 80 26.92 -24.79 34.72
CA ILE B 80 25.99 -24.56 33.58
C ILE B 80 26.84 -24.06 32.43
N GLN B 81 27.04 -24.92 31.42
CA GLN B 81 27.88 -24.58 30.22
C GLN B 81 27.25 -23.39 29.50
N LYS B 82 28.10 -22.49 29.00
CA LYS B 82 27.61 -21.36 28.18
C LYS B 82 26.96 -21.97 26.95
N PRO B 83 25.95 -21.31 26.36
CA PRO B 83 25.31 -21.85 25.16
C PRO B 83 26.30 -22.00 24.00
N GLU B 84 25.94 -22.77 22.97
CA GLU B 84 26.82 -23.08 21.81
C GLU B 84 27.16 -21.81 21.02
N LYS B 85 26.24 -20.83 20.93
CA LYS B 85 26.46 -19.56 20.19
C LYS B 85 26.06 -18.35 21.05
N ASP B 86 26.63 -17.16 20.81
CA ASP B 86 26.01 -15.89 21.31
C ASP B 86 25.14 -15.30 20.19
N GLU B 87 25.44 -15.64 18.92
CA GLU B 87 24.71 -15.13 17.71
C GLU B 87 23.86 -16.26 17.12
N TRP B 88 22.53 -16.14 17.19
CA TRP B 88 21.57 -17.23 16.87
C TRP B 88 21.01 -17.09 15.46
N GLY B 89 21.46 -16.09 14.70
CA GLY B 89 21.10 -15.93 13.28
C GLY B 89 19.69 -15.40 13.10
N THR B 90 18.99 -15.88 12.08
CA THR B 90 17.63 -15.41 11.69
C THR B 90 16.60 -15.96 12.69
N VAL B 91 15.38 -15.44 12.61
CA VAL B 91 14.23 -15.96 13.39
C VAL B 91 14.15 -17.47 13.10
N LEU B 92 14.24 -17.89 11.84
CA LEU B 92 14.11 -19.32 11.49
C LEU B 92 15.24 -20.12 12.16
N GLU B 93 16.48 -19.64 12.08
CA GLU B 93 17.66 -20.38 12.58
C GLU B 93 17.55 -20.54 14.11
N ALA B 94 17.12 -19.50 14.80
CA ALA B 94 16.95 -19.52 16.28
C ALA B 94 15.87 -20.54 16.64
N PHE B 95 14.73 -20.54 15.95
CA PHE B 95 13.59 -21.45 16.23
C PHE B 95 14.01 -22.89 15.88
N GLU B 96 14.80 -23.09 14.83
CA GLU B 96 15.36 -24.43 14.50
C GLU B 96 16.30 -24.90 15.62
N ALA B 97 17.14 -24.00 16.17
CA ALA B 97 18.04 -24.32 17.30
C ALA B 97 17.19 -24.70 18.52
N ALA B 98 16.10 -23.97 18.76
CA ALA B 98 15.18 -24.20 19.90
C ALA B 98 14.52 -25.59 19.75
N LEU B 99 14.02 -25.92 18.56
CA LEU B 99 13.43 -27.26 18.30
C LEU B 99 14.46 -28.35 18.64
N ALA B 100 15.71 -28.16 18.21
CA ALA B 100 16.77 -29.17 18.44
C ALA B 100 16.99 -29.32 19.95
N LEU B 101 17.01 -28.20 20.68
CA LEU B 101 17.17 -28.18 22.16
C LEU B 101 16.02 -28.96 22.81
N GLU B 102 14.78 -28.74 22.36
CA GLU B 102 13.59 -29.38 22.97
C GLU B 102 13.64 -30.88 22.69
N ARG B 103 14.07 -31.28 21.49
CA ARG B 103 14.23 -32.72 21.12
C ARG B 103 15.34 -33.33 21.98
N ALA B 104 16.43 -32.59 22.23
CA ALA B 104 17.54 -33.08 23.09
C ALA B 104 17.04 -33.26 24.54
N ASN B 105 16.29 -32.27 25.06
CA ASN B 105 15.63 -32.35 26.38
C ASN B 105 14.74 -33.60 26.47
N ASN B 106 13.94 -33.84 25.42
CA ASN B 106 13.00 -34.98 25.36
C ASN B 106 13.79 -36.29 25.37
N ALA B 107 14.83 -36.41 24.55
CA ALA B 107 15.68 -37.62 24.51
C ALA B 107 16.21 -37.91 25.93
N SER B 108 16.72 -36.89 26.63
CA SER B 108 17.21 -36.96 28.02
C SER B 108 16.10 -37.43 28.97
N LEU B 109 14.89 -36.87 28.85
CA LEU B 109 13.75 -37.21 29.76
C LEU B 109 13.31 -38.65 29.52
N LEU B 110 13.27 -39.07 28.27
CA LEU B 110 12.91 -40.46 27.89
C LEU B 110 13.96 -41.43 28.47
N LYS B 111 15.23 -41.06 28.41
CA LYS B 111 16.32 -41.85 29.05
C LYS B 111 16.10 -41.94 30.57
N LEU B 112 15.79 -40.82 31.21
CA LEU B 112 15.46 -40.76 32.66
C LEU B 112 14.28 -41.69 32.96
N HIS B 113 13.21 -41.62 32.16
CA HIS B 113 12.05 -42.52 32.36
C HIS B 113 12.52 -43.98 32.29
N GLY B 114 13.37 -44.31 31.31
CA GLY B 114 13.88 -45.68 31.10
C GLY B 114 14.65 -46.18 32.31
N ILE B 115 15.47 -45.31 32.90
CA ILE B 115 16.26 -45.61 34.13
C ILE B 115 15.27 -45.90 35.27
N ALA B 116 14.27 -45.05 35.48
CA ALA B 116 13.23 -45.25 36.53
C ALA B 116 12.50 -46.57 36.28
N GLU B 117 12.15 -46.86 35.04
CA GLU B 117 11.42 -48.10 34.66
C GLU B 117 12.30 -49.32 35.00
N GLN B 118 13.57 -49.28 34.58
CA GLN B 118 14.58 -50.36 34.83
C GLN B 118 14.66 -50.66 36.33
N ARG B 119 14.54 -49.63 37.18
CA ARG B 119 14.71 -49.74 38.65
C ARG B 119 13.35 -49.88 39.34
N ASN B 120 12.26 -50.08 38.60
CA ASN B 120 10.90 -50.37 39.14
C ASN B 120 10.47 -49.21 40.03
N ASP B 121 10.83 -47.98 39.66
CA ASP B 121 10.39 -46.75 40.36
C ASP B 121 9.02 -46.35 39.80
N ALA B 122 7.97 -46.97 40.33
CA ALA B 122 6.58 -46.84 39.85
C ALA B 122 6.09 -45.40 40.06
N HIS B 123 6.53 -44.73 41.12
CA HIS B 123 6.19 -43.31 41.36
C HIS B 123 6.82 -42.45 40.27
N LEU B 124 8.14 -42.58 40.06
CA LEU B 124 8.85 -41.58 39.21
C LEU B 124 8.55 -41.79 37.72
N THR B 125 8.32 -43.01 37.25
CA THR B 125 7.96 -43.22 35.82
C THR B 125 6.72 -42.37 35.53
N ASN B 126 5.71 -42.48 36.38
CA ASN B 126 4.43 -41.74 36.18
C ASN B 126 4.70 -40.24 36.31
N TYR B 127 5.46 -39.85 37.34
CA TYR B 127 5.81 -38.43 37.57
C TYR B 127 6.42 -37.83 36.29
N ILE B 128 7.42 -38.50 35.71
CA ILE B 128 8.09 -38.04 34.47
C ILE B 128 7.09 -37.98 33.32
N GLN B 129 6.28 -39.03 33.12
CA GLN B 129 5.27 -39.04 32.02
C GLN B 129 4.36 -37.82 32.18
N GLU B 130 3.77 -37.66 33.37
CA GLU B 130 2.71 -36.64 33.64
C GLU B 130 3.29 -35.22 33.59
N LYS B 131 4.40 -34.99 34.29
CA LYS B 131 4.94 -33.62 34.55
C LYS B 131 5.95 -33.19 33.48
N TYR B 132 6.55 -34.11 32.71
CA TYR B 132 7.64 -33.79 31.76
C TYR B 132 7.31 -34.28 30.34
N LEU B 133 6.97 -35.56 30.15
CA LEU B 133 6.86 -36.09 28.77
C LEU B 133 5.70 -35.41 28.05
N GLU B 134 4.59 -35.17 28.73
CA GLU B 134 3.38 -34.55 28.11
C GLU B 134 3.71 -33.12 27.68
N GLU B 135 4.28 -32.30 28.56
CA GLU B 135 4.68 -30.90 28.23
C GLU B 135 5.71 -30.92 27.10
N GLN B 136 6.66 -31.84 27.15
CA GLN B 136 7.77 -31.89 26.15
C GLN B 136 7.20 -32.16 24.75
N VAL B 137 6.24 -33.07 24.56
CA VAL B 137 5.71 -33.33 23.18
C VAL B 137 4.91 -32.10 22.73
N HIS B 138 4.25 -31.42 23.64
CA HIS B 138 3.52 -30.16 23.31
C HIS B 138 4.51 -29.06 22.91
N SER B 139 5.61 -28.87 23.65
CA SER B 139 6.64 -27.86 23.34
C SER B 139 7.26 -28.15 21.96
N ILE B 140 7.60 -29.40 21.70
CA ILE B 140 8.20 -29.81 20.40
C ILE B 140 7.21 -29.50 19.27
N ASN B 141 5.94 -29.86 19.43
CA ASN B 141 4.88 -29.53 18.44
C ASN B 141 4.76 -28.00 18.26
N GLU B 142 4.78 -27.22 19.34
CA GLU B 142 4.71 -25.73 19.31
C GLU B 142 5.85 -25.22 18.42
N PHE B 143 7.08 -25.69 18.67
CA PHE B 143 8.28 -25.22 17.92
C PHE B 143 8.21 -25.66 16.44
N ALA B 144 7.79 -26.88 16.14
CA ALA B 144 7.61 -27.35 14.75
C ALA B 144 6.60 -26.43 14.03
N ARG B 145 5.52 -26.07 14.72
CA ARG B 145 4.44 -25.23 14.14
C ARG B 145 4.98 -23.83 13.93
N TYR B 146 5.77 -23.28 14.86
CA TYR B 146 6.39 -21.94 14.70
C TYR B 146 7.28 -21.95 13.44
N ILE B 147 8.12 -22.97 13.30
CA ILE B 147 9.02 -23.11 12.12
C ILE B 147 8.20 -23.08 10.82
N ALA B 148 7.12 -23.85 10.73
CA ALA B 148 6.26 -23.91 9.52
C ALA B 148 5.76 -22.50 9.21
N ASN B 149 5.38 -21.75 10.24
CA ASN B 149 4.82 -20.39 10.08
C ASN B 149 5.91 -19.38 9.75
N ILE B 150 7.11 -19.51 10.32
CA ILE B 150 8.27 -18.64 9.99
C ILE B 150 8.64 -18.83 8.52
N LYS B 151 8.68 -20.08 8.08
CA LYS B 151 9.02 -20.42 6.67
C LYS B 151 7.97 -19.79 5.74
N ARG B 152 6.69 -19.95 6.09
CA ARG B 152 5.54 -19.42 5.33
C ARG B 152 5.61 -17.89 5.22
N ALA B 153 5.70 -17.20 6.36
CA ALA B 153 5.71 -15.72 6.45
C ALA B 153 6.90 -15.21 5.63
N GLY B 154 8.03 -15.88 5.73
CA GLY B 154 9.23 -15.57 4.94
C GLY B 154 10.06 -14.45 5.57
N PRO B 155 11.27 -14.24 5.02
CA PRO B 155 12.21 -13.23 5.50
C PRO B 155 11.70 -11.80 5.33
N GLY B 156 12.17 -10.88 6.18
CA GLY B 156 11.88 -9.44 6.02
C GLY B 156 10.51 -9.11 6.58
N LEU B 157 9.57 -8.68 5.74
CA LEU B 157 8.25 -8.22 6.23
C LEU B 157 7.59 -9.38 7.00
N GLY B 158 7.70 -10.62 6.52
CA GLY B 158 7.13 -11.80 7.20
C GLY B 158 7.65 -11.95 8.62
N GLU B 159 8.95 -11.69 8.85
CA GLU B 159 9.56 -11.78 10.20
C GLU B 159 8.98 -10.69 11.10
N TYR B 160 8.86 -9.48 10.57
CA TYR B 160 8.28 -8.31 11.29
C TYR B 160 6.85 -8.64 11.74
N LEU B 161 6.04 -9.19 10.84
CA LEU B 161 4.62 -9.50 11.12
C LEU B 161 4.47 -10.76 11.97
N PHE B 162 5.34 -11.76 11.79
CA PHE B 162 5.36 -12.96 12.68
C PHE B 162 5.55 -12.48 14.12
N ASP B 163 6.49 -11.58 14.34
CA ASP B 163 6.75 -10.99 15.68
C ASP B 163 5.49 -10.27 16.18
N LYS B 164 4.80 -9.52 15.32
CA LYS B 164 3.59 -8.74 15.73
C LYS B 164 2.42 -9.68 16.05
N GLU B 165 2.20 -10.72 15.25
CA GLU B 165 0.90 -11.44 15.16
C GLU B 165 0.92 -12.72 15.99
N GLU B 166 2.08 -13.37 16.14
CA GLU B 166 2.14 -14.79 16.56
C GLU B 166 2.02 -14.92 18.07
N PHE B 167 2.42 -13.92 18.86
CA PHE B 167 2.53 -14.00 20.34
C PHE B 167 1.48 -13.12 21.02
N SER B 168 0.38 -12.80 20.31
CA SER B 168 -0.72 -11.91 20.78
C SER B 168 -2.03 -12.28 20.09
N SER C 1 32.53 31.57 -36.09
CA SER C 1 32.42 30.31 -36.87
C SER C 1 32.00 30.65 -38.31
N LEU C 2 32.67 30.07 -39.30
CA LEU C 2 32.32 30.26 -40.73
C LEU C 2 31.04 29.46 -41.04
N ALA C 3 30.74 28.45 -40.23
CA ALA C 3 29.61 27.50 -40.44
C ALA C 3 28.31 28.04 -39.84
N ARG C 4 28.37 28.71 -38.70
CA ARG C 4 27.17 29.00 -37.87
C ARG C 4 26.13 29.73 -38.72
N GLN C 5 24.91 29.21 -38.74
CA GLN C 5 23.80 29.75 -39.56
C GLN C 5 22.48 29.36 -38.90
N ASN C 6 21.60 30.34 -38.69
CA ASN C 6 20.29 30.12 -38.03
C ASN C 6 20.49 29.43 -36.69
N TYR C 7 21.52 29.79 -35.92
CA TYR C 7 21.82 29.16 -34.62
C TYR C 7 21.94 30.27 -33.56
N HIS C 8 20.88 30.42 -32.77
CA HIS C 8 20.72 31.53 -31.79
C HIS C 8 21.53 31.25 -30.53
N ASP C 9 22.11 32.29 -29.92
CA ASP C 9 22.83 32.21 -28.61
C ASP C 9 21.99 31.48 -27.57
N GLU C 10 20.68 31.68 -27.55
CA GLU C 10 19.81 31.04 -26.54
C GLU C 10 19.86 29.52 -26.72
N VAL C 11 19.87 29.05 -27.97
CA VAL C 11 19.87 27.60 -28.29
C VAL C 11 21.26 27.05 -27.96
N GLU C 12 22.33 27.75 -28.37
CA GLU C 12 23.74 27.39 -28.04
C GLU C 12 23.87 27.22 -26.52
N ALA C 13 23.34 28.17 -25.75
CA ALA C 13 23.42 28.17 -24.27
C ALA C 13 22.64 26.96 -23.71
N ALA C 14 21.44 26.69 -24.24
CA ALA C 14 20.56 25.60 -23.75
C ALA C 14 21.20 24.24 -24.06
N VAL C 15 21.86 24.11 -25.21
CA VAL C 15 22.63 22.88 -25.56
C VAL C 15 23.73 22.69 -24.50
N ASN C 16 24.44 23.76 -24.12
CA ASN C 16 25.52 23.68 -23.10
C ASN C 16 24.92 23.21 -21.76
N LYS C 17 23.78 23.78 -21.36
CA LYS C 17 23.04 23.33 -20.14
C LYS C 17 22.72 21.83 -20.24
N GLN C 18 22.21 21.37 -21.37
CA GLN C 18 21.80 19.95 -21.54
C GLN C 18 23.02 19.03 -21.48
N ILE C 19 24.16 19.49 -21.98
CA ILE C 19 25.42 18.69 -21.87
C ILE C 19 25.67 18.40 -20.38
N ASN C 20 25.56 19.42 -19.52
CA ASN C 20 25.82 19.27 -18.07
C ASN C 20 24.76 18.34 -17.45
N VAL C 21 23.51 18.50 -17.85
CA VAL C 21 22.39 17.61 -17.38
C VAL C 21 22.75 16.15 -17.67
N GLU C 22 23.23 15.85 -18.87
CA GLU C 22 23.53 14.47 -19.31
C GLU C 22 24.76 13.97 -18.54
N LEU C 23 25.77 14.81 -18.31
CA LEU C 23 27.00 14.40 -17.57
C LEU C 23 26.61 14.12 -16.12
N TYR C 24 25.72 14.93 -15.54
CA TYR C 24 25.20 14.70 -14.16
C TYR C 24 24.46 13.35 -14.12
N ALA C 25 23.57 13.06 -15.06
CA ALA C 25 22.84 11.77 -15.12
C ALA C 25 23.84 10.61 -15.20
N SER C 26 24.90 10.73 -16.01
CA SER C 26 25.98 9.71 -16.11
C SER C 26 26.58 9.47 -14.71
N TYR C 27 26.85 10.54 -13.97
CA TYR C 27 27.45 10.47 -12.59
C TYR C 27 26.48 9.73 -11.66
N VAL C 28 25.19 10.07 -11.68
CA VAL C 28 24.16 9.42 -10.81
C VAL C 28 24.22 7.91 -11.07
N TYR C 29 24.23 7.50 -12.33
CA TYR C 29 24.20 6.06 -12.70
C TYR C 29 25.52 5.39 -12.27
N LEU C 30 26.65 6.08 -12.36
CA LEU C 30 27.93 5.53 -11.87
C LEU C 30 27.81 5.25 -10.36
N SER C 31 27.26 6.19 -9.61
CA SER C 31 27.03 6.05 -8.14
C SER C 31 26.09 4.85 -7.88
N MET C 32 24.99 4.71 -8.62
CA MET C 32 24.05 3.57 -8.45
C MET C 32 24.76 2.24 -8.75
N SER C 33 25.61 2.19 -9.78
CA SER C 33 26.45 1.02 -10.10
C SER C 33 27.30 0.60 -8.88
N ALA C 34 28.03 1.54 -8.28
CA ALA C 34 28.89 1.30 -7.10
C ALA C 34 28.03 0.74 -5.96
N HIS C 35 26.83 1.29 -5.75
CA HIS C 35 25.88 0.82 -4.70
C HIS C 35 25.65 -0.69 -4.84
N PHE C 36 25.33 -1.16 -6.04
CA PHE C 36 24.94 -2.58 -6.25
C PHE C 36 26.20 -3.45 -6.32
N ASP C 37 27.39 -2.82 -6.37
CA ASP C 37 28.70 -3.51 -6.32
C ASP C 37 29.19 -3.64 -4.88
N ARG C 38 28.46 -3.09 -3.90
CA ARG C 38 28.81 -3.24 -2.46
C ARG C 38 28.77 -4.74 -2.12
N ASP C 39 29.73 -5.22 -1.35
CA ASP C 39 29.86 -6.66 -0.99
C ASP C 39 28.68 -7.12 -0.13
N ASP C 40 27.92 -6.19 0.46
CA ASP C 40 26.72 -6.49 1.29
C ASP C 40 25.43 -6.26 0.48
N ILE C 41 25.53 -5.87 -0.80
CA ILE C 41 24.35 -5.73 -1.71
C ILE C 41 24.49 -6.76 -2.84
N ALA C 42 25.57 -6.65 -3.61
CA ALA C 42 26.14 -7.75 -4.43
C ALA C 42 25.13 -8.24 -5.46
N LEU C 43 24.58 -7.31 -6.24
CA LEU C 43 23.68 -7.62 -7.37
C LEU C 43 24.41 -7.19 -8.65
N ARG C 44 25.23 -8.10 -9.19
CA ARG C 44 26.25 -7.77 -10.20
C ARG C 44 25.60 -7.38 -11.53
N ASN C 45 24.49 -8.02 -11.93
CA ASN C 45 23.83 -7.69 -13.21
C ASN C 45 23.22 -6.28 -13.12
N ILE C 46 22.61 -5.93 -11.98
CA ILE C 46 22.09 -4.56 -11.74
C ILE C 46 23.25 -3.54 -11.73
N ALA C 47 24.36 -3.85 -11.07
CA ALA C 47 25.57 -3.00 -11.05
C ALA C 47 26.04 -2.76 -12.49
N LYS C 48 26.13 -3.84 -13.28
CA LYS C 48 26.58 -3.76 -14.69
C LYS C 48 25.59 -2.91 -15.50
N PHE C 49 24.29 -3.11 -15.26
CA PHE C 49 23.20 -2.36 -15.94
C PHE C 49 23.39 -0.86 -15.68
N PHE C 50 23.61 -0.45 -14.43
CA PHE C 50 23.74 0.98 -14.09
C PHE C 50 25.04 1.51 -14.70
N LYS C 51 26.10 0.71 -14.78
CA LYS C 51 27.35 1.16 -15.44
C LYS C 51 27.04 1.42 -16.92
N GLU C 52 26.27 0.55 -17.57
CA GLU C 52 25.89 0.69 -19.00
C GLU C 52 25.08 1.97 -19.17
N GLN C 53 24.16 2.26 -18.23
CA GLN C 53 23.32 3.49 -18.25
C GLN C 53 24.23 4.73 -18.11
N SER C 54 25.23 4.66 -17.23
CA SER C 54 26.24 5.73 -17.02
C SER C 54 26.98 5.99 -18.34
N ASP C 55 27.42 4.92 -18.99
CA ASP C 55 28.11 5.00 -20.31
C ASP C 55 27.16 5.68 -21.31
N GLU C 56 25.90 5.26 -21.33
CA GLU C 56 24.87 5.76 -22.29
C GLU C 56 24.64 7.26 -22.08
N GLU C 57 24.50 7.72 -20.83
CA GLU C 57 24.28 9.16 -20.50
C GLU C 57 25.50 9.98 -20.91
N ARG C 58 26.70 9.47 -20.68
CA ARG C 58 27.94 10.16 -21.11
C ARG C 58 27.92 10.28 -22.64
N GLY C 59 27.47 9.24 -23.34
CA GLY C 59 27.30 9.28 -24.80
C GLY C 59 26.26 10.31 -25.24
N HIS C 60 25.16 10.45 -24.50
CA HIS C 60 24.16 11.53 -24.73
C HIS C 60 24.86 12.89 -24.65
N ALA C 61 25.73 13.10 -23.66
CA ALA C 61 26.45 14.39 -23.47
C ALA C 61 27.40 14.63 -24.65
N THR C 62 28.19 13.62 -25.02
CA THR C 62 29.25 13.79 -26.04
C THR C 62 28.59 13.98 -27.41
N GLU C 63 27.42 13.38 -27.65
CA GLU C 63 26.68 13.55 -28.92
C GLU C 63 26.17 15.00 -29.03
N LEU C 64 25.71 15.60 -27.93
CA LEU C 64 25.30 17.03 -27.92
C LEU C 64 26.53 17.92 -28.11
N MET C 65 27.67 17.57 -27.53
CA MET C 65 28.93 18.30 -27.79
C MET C 65 29.21 18.29 -29.30
N ARG C 66 29.01 17.15 -29.96
N ARG C 66 29.03 17.13 -29.95
CA ARG C 66 29.27 17.01 -31.42
CA ARG C 66 29.22 16.94 -31.41
C ARG C 66 28.30 17.88 -32.23
C ARG C 66 28.31 17.91 -32.19
N ILE C 67 27.01 17.92 -31.89
CA ILE C 67 26.03 18.74 -32.66
C ILE C 67 26.30 20.23 -32.38
N GLN C 68 26.74 20.57 -31.17
CA GLN C 68 27.17 21.95 -30.83
C GLN C 68 28.29 22.37 -31.80
N ALA C 69 29.33 21.54 -31.93
CA ALA C 69 30.45 21.74 -32.88
C ALA C 69 29.92 21.81 -34.32
N VAL C 70 29.03 20.90 -34.73
CA VAL C 70 28.50 20.89 -36.12
C VAL C 70 27.82 22.23 -36.42
N ARG C 71 27.01 22.74 -35.48
CA ARG C 71 26.26 24.01 -35.68
C ARG C 71 27.18 25.23 -35.51
N GLY C 72 28.42 25.05 -35.05
CA GLY C 72 29.40 26.14 -34.88
C GLY C 72 29.24 26.86 -33.55
N GLY C 73 28.51 26.27 -32.60
CA GLY C 73 28.47 26.75 -31.21
C GLY C 73 29.74 26.34 -30.47
N ARG C 74 29.98 26.94 -29.31
CA ARG C 74 31.19 26.67 -28.52
C ARG C 74 30.76 25.99 -27.23
N VAL C 75 31.35 24.83 -26.93
CA VAL C 75 31.06 24.04 -25.70
C VAL C 75 31.63 24.82 -24.51
N ALA C 76 30.85 24.94 -23.44
CA ALA C 76 31.24 25.55 -22.16
C ALA C 76 30.87 24.59 -21.03
N MET C 77 31.88 24.08 -20.32
CA MET C 77 31.72 23.06 -19.25
C MET C 77 31.35 23.77 -17.94
N GLN C 78 30.57 23.07 -17.11
CA GLN C 78 30.26 23.51 -15.73
C GLN C 78 30.63 22.37 -14.80
N ASN C 79 30.74 22.67 -13.51
CA ASN C 79 30.97 21.61 -12.49
C ASN C 79 29.92 20.53 -12.69
N ILE C 80 30.31 19.27 -12.49
CA ILE C 80 29.33 18.14 -12.41
C ILE C 80 29.05 17.92 -10.93
N GLN C 81 27.84 18.27 -10.50
CA GLN C 81 27.40 18.14 -9.09
C GLN C 81 27.48 16.66 -8.69
N LYS C 82 27.94 16.34 -7.49
CA LYS C 82 27.89 14.94 -7.01
C LYS C 82 26.41 14.55 -6.95
N PRO C 83 26.07 13.26 -7.10
CA PRO C 83 24.68 12.82 -7.00
C PRO C 83 24.04 13.18 -5.65
N GLU C 84 22.71 13.20 -5.61
CA GLU C 84 21.92 13.55 -4.39
C GLU C 84 22.23 12.59 -3.25
N LYS C 85 22.54 11.31 -3.53
CA LYS C 85 22.79 10.26 -2.52
C LYS C 85 24.06 9.47 -2.89
N ASP C 86 24.71 8.83 -1.91
CA ASP C 86 25.62 7.68 -2.16
C ASP C 86 24.87 6.36 -1.86
N GLU C 87 23.89 6.38 -0.93
CA GLU C 87 23.07 5.20 -0.54
C GLU C 87 21.72 5.27 -1.25
N TRP C 88 21.47 4.36 -2.20
CA TRP C 88 20.32 4.45 -3.12
C TRP C 88 19.17 3.54 -2.68
N GLY C 89 19.33 2.85 -1.56
CA GLY C 89 18.28 2.03 -0.95
C GLY C 89 18.14 0.69 -1.63
N THR C 90 16.92 0.18 -1.69
CA THR C 90 16.58 -1.16 -2.21
C THR C 90 16.63 -1.12 -3.74
N VAL C 91 16.56 -2.27 -4.37
CA VAL C 91 16.46 -2.38 -5.86
C VAL C 91 15.32 -1.46 -6.31
N LEU C 92 14.13 -1.57 -5.72
CA LEU C 92 12.96 -0.75 -6.14
C LEU C 92 13.31 0.73 -6.03
N GLU C 93 13.88 1.15 -4.91
CA GLU C 93 14.14 2.60 -4.68
C GLU C 93 15.12 3.15 -5.72
N ALA C 94 16.18 2.40 -6.04
CA ALA C 94 17.18 2.83 -7.05
C ALA C 94 16.49 3.00 -8.42
N PHE C 95 15.66 2.04 -8.82
CA PHE C 95 14.95 2.10 -10.12
C PHE C 95 13.94 3.26 -10.13
N GLU C 96 13.29 3.55 -8.99
CA GLU C 96 12.38 4.70 -8.87
C GLU C 96 13.17 6.00 -9.03
N ALA C 97 14.35 6.09 -8.40
CA ALA C 97 15.24 7.25 -8.52
C ALA C 97 15.68 7.41 -9.99
N ALA C 98 16.00 6.31 -10.65
CA ALA C 98 16.41 6.30 -12.08
C ALA C 98 15.26 6.83 -12.94
N LEU C 99 14.02 6.38 -12.69
CA LEU C 99 12.83 6.85 -13.46
C LEU C 99 12.66 8.36 -13.25
N ALA C 100 12.79 8.85 -12.00
CA ALA C 100 12.68 10.29 -11.72
C ALA C 100 13.75 11.05 -12.53
N LEU C 101 14.98 10.53 -12.58
CA LEU C 101 16.11 11.18 -13.30
C LEU C 101 15.80 11.23 -14.81
N GLU C 102 15.29 10.14 -15.38
CA GLU C 102 14.94 10.03 -16.82
C GLU C 102 13.82 11.03 -17.14
N ARG C 103 12.83 11.18 -16.25
CA ARG C 103 11.70 12.14 -16.41
C ARG C 103 12.26 13.58 -16.35
N ALA C 104 13.23 13.83 -15.46
CA ALA C 104 13.86 15.17 -15.37
C ALA C 104 14.66 15.46 -16.65
N ASN C 105 15.42 14.48 -17.15
CA ASN C 105 16.19 14.60 -18.42
C ASN C 105 15.21 14.94 -19.55
N ASN C 106 14.07 14.24 -19.60
CA ASN C 106 13.03 14.42 -20.63
C ASN C 106 12.44 15.84 -20.53
N ALA C 107 12.12 16.30 -19.31
CA ALA C 107 11.57 17.66 -19.10
C ALA C 107 12.55 18.70 -19.66
N SER C 108 13.85 18.52 -19.40
CA SER C 108 14.95 19.40 -19.87
C SER C 108 15.03 19.36 -21.42
N LEU C 109 14.91 18.17 -22.02
CA LEU C 109 14.99 18.00 -23.50
C LEU C 109 13.76 18.63 -24.17
N LEU C 110 12.60 18.50 -23.55
CA LEU C 110 11.36 19.13 -24.08
C LEU C 110 11.50 20.65 -24.00
N LYS C 111 12.11 21.17 -22.93
CA LYS C 111 12.36 22.63 -22.83
C LYS C 111 13.33 23.04 -23.94
N LEU C 112 14.40 22.28 -24.15
CA LEU C 112 15.39 22.58 -25.22
C LEU C 112 14.69 22.61 -26.59
N HIS C 113 13.86 21.62 -26.87
CA HIS C 113 13.05 21.57 -28.13
C HIS C 113 12.22 22.86 -28.21
N GLY C 114 11.55 23.24 -27.12
CA GLY C 114 10.74 24.47 -27.06
C GLY C 114 11.54 25.71 -27.45
N ILE C 115 12.75 25.87 -26.91
CA ILE C 115 13.63 27.03 -27.20
C ILE C 115 14.00 27.00 -28.69
N ALA C 116 14.36 25.83 -29.21
CA ALA C 116 14.73 25.68 -30.64
C ALA C 116 13.54 26.08 -31.52
N GLU C 117 12.34 25.63 -31.16
CA GLU C 117 11.10 25.91 -31.90
C GLU C 117 10.84 27.42 -31.86
N GLN C 118 10.96 28.05 -30.68
CA GLN C 118 10.70 29.50 -30.53
C GLN C 118 11.69 30.28 -31.41
N ARG C 119 12.91 29.78 -31.62
CA ARG C 119 13.95 30.50 -32.41
C ARG C 119 13.94 30.03 -33.88
N ASN C 120 12.96 29.24 -34.28
CA ASN C 120 12.77 28.73 -35.67
C ASN C 120 14.01 27.97 -36.11
N ASP C 121 14.57 27.15 -35.22
CA ASP C 121 15.74 26.30 -35.56
C ASP C 121 15.19 24.98 -36.10
N ALA C 122 14.85 24.96 -37.39
CA ALA C 122 14.18 23.83 -38.08
C ALA C 122 15.09 22.60 -38.07
N HIS C 123 16.40 22.78 -38.17
CA HIS C 123 17.35 21.64 -38.00
C HIS C 123 17.26 21.07 -36.58
N LEU C 124 17.40 21.90 -35.54
CA LEU C 124 17.63 21.35 -34.18
C LEU C 124 16.35 20.79 -33.57
N THR C 125 15.18 21.31 -33.90
CA THR C 125 13.90 20.75 -33.39
C THR C 125 13.85 19.28 -33.83
N ASN C 126 14.13 19.02 -35.11
CA ASN C 126 14.08 17.65 -35.67
C ASN C 126 15.19 16.80 -35.05
N TYR C 127 16.40 17.34 -34.95
CA TYR C 127 17.56 16.65 -34.32
C TYR C 127 17.15 16.20 -32.90
N ILE C 128 16.59 17.10 -32.09
CA ILE C 128 16.23 16.74 -30.69
C ILE C 128 15.12 15.69 -30.70
N GLN C 129 14.14 15.82 -31.58
CA GLN C 129 13.01 14.83 -31.64
C GLN C 129 13.61 13.45 -31.95
N GLU C 130 14.43 13.37 -33.00
CA GLU C 130 14.96 12.10 -33.54
C GLU C 130 15.97 11.45 -32.60
N LYS C 131 16.94 12.23 -32.13
CA LYS C 131 18.15 11.71 -31.44
C LYS C 131 17.93 11.67 -29.92
N TYR C 132 16.95 12.39 -29.37
CA TYR C 132 16.77 12.52 -27.90
C TYR C 132 15.36 12.17 -27.45
N LEU C 133 14.32 12.80 -28.00
CA LEU C 133 12.95 12.60 -27.46
C LEU C 133 12.53 11.14 -27.65
N GLU C 134 12.81 10.55 -28.82
CA GLU C 134 12.40 9.15 -29.11
C GLU C 134 13.08 8.19 -28.11
N GLU C 135 14.39 8.28 -27.97
CA GLU C 135 15.19 7.51 -26.97
C GLU C 135 14.62 7.73 -25.57
N GLN C 136 14.32 8.98 -25.22
CA GLN C 136 13.93 9.32 -23.84
C GLN C 136 12.60 8.63 -23.49
N VAL C 137 11.61 8.58 -24.38
CA VAL C 137 10.29 7.95 -24.04
C VAL C 137 10.48 6.42 -23.92
N HIS C 138 11.41 5.84 -24.67
N HIS C 138 11.36 5.85 -24.75
CA HIS C 138 11.70 4.38 -24.58
CA HIS C 138 11.79 4.43 -24.67
C HIS C 138 12.47 4.10 -23.30
C HIS C 138 12.37 4.20 -23.26
N SER C 139 13.37 5.00 -22.88
CA SER C 139 14.09 4.86 -21.59
C SER C 139 13.10 4.90 -20.42
N ILE C 140 12.19 5.88 -20.46
CA ILE C 140 11.20 6.12 -19.35
C ILE C 140 10.30 4.89 -19.28
N ASN C 141 9.86 4.38 -20.43
CA ASN C 141 9.00 3.16 -20.52
C ASN C 141 9.77 1.97 -19.95
N GLU C 142 11.05 1.79 -20.31
CA GLU C 142 11.92 0.69 -19.81
C GLU C 142 11.95 0.74 -18.27
N PHE C 143 12.14 1.93 -17.70
CA PHE C 143 12.27 2.05 -16.22
C PHE C 143 10.93 1.79 -15.54
N ALA C 144 9.82 2.27 -16.11
CA ALA C 144 8.49 2.00 -15.55
C ALA C 144 8.23 0.49 -15.57
N ARG C 145 8.61 -0.20 -16.65
CA ARG C 145 8.44 -1.67 -16.78
C ARG C 145 9.34 -2.37 -15.75
N TYR C 146 10.60 -1.95 -15.59
CA TYR C 146 11.51 -2.51 -14.55
C TYR C 146 10.83 -2.41 -13.18
N ILE C 147 10.29 -1.24 -12.87
CA ILE C 147 9.65 -0.97 -11.54
C ILE C 147 8.45 -1.92 -11.37
N ALA C 148 7.58 -2.07 -12.36
CA ALA C 148 6.46 -3.04 -12.32
C ALA C 148 6.99 -4.46 -12.00
N ASN C 149 8.09 -4.88 -12.63
CA ASN C 149 8.63 -6.24 -12.47
C ASN C 149 9.30 -6.40 -11.09
N ILE C 150 9.99 -5.37 -10.60
CA ILE C 150 10.63 -5.41 -9.24
C ILE C 150 9.52 -5.58 -8.19
N LYS C 151 8.46 -4.79 -8.29
CA LYS C 151 7.28 -4.87 -7.38
C LYS C 151 6.66 -6.27 -7.47
N ARG C 152 6.51 -6.83 -8.66
CA ARG C 152 5.88 -8.16 -8.85
C ARG C 152 6.77 -9.25 -8.23
N ALA C 153 8.08 -9.22 -8.50
CA ALA C 153 9.01 -10.25 -8.02
C ALA C 153 9.09 -10.18 -6.49
N GLY C 154 9.04 -8.96 -5.96
CA GLY C 154 9.01 -8.67 -4.51
C GLY C 154 10.40 -8.69 -3.87
N PRO C 155 10.52 -8.19 -2.63
CA PRO C 155 11.79 -8.17 -1.91
C PRO C 155 12.34 -9.55 -1.60
N GLY C 156 13.67 -9.65 -1.52
CA GLY C 156 14.40 -10.86 -1.12
C GLY C 156 14.60 -11.75 -2.33
N LEU C 157 13.95 -12.92 -2.37
CA LEU C 157 14.18 -13.90 -3.48
C LEU C 157 13.89 -13.23 -4.82
N GLY C 158 12.81 -12.45 -4.92
CA GLY C 158 12.43 -11.73 -6.15
C GLY C 158 13.54 -10.81 -6.65
N GLU C 159 14.20 -10.08 -5.75
CA GLU C 159 15.33 -9.17 -6.10
C GLU C 159 16.47 -10.01 -6.67
N TYR C 160 16.81 -11.11 -6.00
CA TYR C 160 17.89 -12.05 -6.42
C TYR C 160 17.62 -12.54 -7.84
N LEU C 161 16.39 -13.01 -8.09
CA LEU C 161 16.01 -13.61 -9.41
C LEU C 161 15.84 -12.53 -10.48
N PHE C 162 15.30 -11.35 -10.12
CA PHE C 162 15.24 -10.17 -11.03
C PHE C 162 16.64 -9.88 -11.56
N ASP C 163 17.63 -9.81 -10.67
CA ASP C 163 19.04 -9.56 -11.06
C ASP C 163 19.50 -10.69 -12.01
N LYS C 164 19.15 -11.94 -11.72
CA LYS C 164 19.58 -13.13 -12.51
C LYS C 164 18.88 -13.15 -13.88
N GLU C 165 17.60 -12.78 -13.96
CA GLU C 165 16.74 -13.08 -15.14
C GLU C 165 16.54 -11.85 -16.03
N GLU C 166 16.54 -10.64 -15.49
CA GLU C 166 15.97 -9.46 -16.20
C GLU C 166 16.95 -8.90 -17.22
N PHE C 167 18.25 -9.17 -17.10
CA PHE C 167 19.31 -8.59 -17.96
C PHE C 167 19.99 -9.69 -18.79
N SER C 168 19.30 -10.84 -18.97
CA SER C 168 19.81 -12.08 -19.62
C SER C 168 19.08 -12.32 -20.94
N SER D 1 -3.91 15.28 -60.31
CA SER D 1 -3.42 14.10 -59.51
C SER D 1 -4.54 13.54 -58.62
N LEU D 2 -4.75 12.22 -58.67
CA LEU D 2 -5.68 11.53 -57.74
C LEU D 2 -5.06 11.46 -56.34
N ALA D 3 -3.75 11.62 -56.20
CA ALA D 3 -3.01 11.41 -54.92
C ALA D 3 -2.96 12.71 -54.12
N ARG D 4 -2.84 13.84 -54.81
CA ARG D 4 -2.47 15.13 -54.19
C ARG D 4 -3.43 15.42 -53.02
N GLN D 5 -2.85 15.70 -51.87
CA GLN D 5 -3.64 15.90 -50.63
C GLN D 5 -2.82 16.75 -49.67
N ASN D 6 -3.44 17.79 -49.11
CA ASN D 6 -2.74 18.73 -48.21
C ASN D 6 -1.44 19.23 -48.85
N TYR D 7 -1.44 19.50 -50.16
CA TYR D 7 -0.22 19.93 -50.89
C TYR D 7 -0.52 21.24 -51.63
N HIS D 8 -0.06 22.36 -51.08
CA HIS D 8 -0.42 23.73 -51.54
C HIS D 8 0.39 24.10 -52.79
N ASP D 9 -0.19 24.87 -53.71
CA ASP D 9 0.54 25.37 -54.91
C ASP D 9 1.82 26.10 -54.48
N GLU D 10 1.80 26.84 -53.38
CA GLU D 10 2.99 27.60 -52.92
C GLU D 10 4.14 26.63 -52.62
N VAL D 11 3.82 25.47 -52.04
CA VAL D 11 4.83 24.45 -51.65
C VAL D 11 5.32 23.74 -52.93
N GLU D 12 4.41 23.36 -53.81
CA GLU D 12 4.74 22.75 -55.12
C GLU D 12 5.72 23.66 -55.86
N ALA D 13 5.43 24.96 -55.93
CA ALA D 13 6.30 25.95 -56.62
C ALA D 13 7.66 26.05 -55.90
N ALA D 14 7.68 26.04 -54.57
CA ALA D 14 8.93 26.21 -53.79
C ALA D 14 9.81 24.96 -54.01
N VAL D 15 9.19 23.79 -54.12
CA VAL D 15 9.97 22.54 -54.39
C VAL D 15 10.59 22.66 -55.78
N ASN D 16 9.86 23.16 -56.77
CA ASN D 16 10.40 23.38 -58.14
C ASN D 16 11.57 24.37 -58.07
N LYS D 17 11.46 25.44 -57.29
CA LYS D 17 12.59 26.38 -57.12
C LYS D 17 13.81 25.63 -56.56
N GLN D 18 13.59 24.83 -55.52
CA GLN D 18 14.68 24.12 -54.81
C GLN D 18 15.32 23.13 -55.78
N ILE D 19 14.55 22.50 -56.66
CA ILE D 19 15.10 21.58 -57.69
C ILE D 19 16.13 22.33 -58.53
N ASN D 20 15.81 23.56 -58.93
CA ASN D 20 16.72 24.40 -59.75
C ASN D 20 17.95 24.78 -58.92
N VAL D 21 17.78 25.15 -57.66
CA VAL D 21 18.88 25.51 -56.72
C VAL D 21 19.86 24.34 -56.63
N GLU D 22 19.37 23.12 -56.52
CA GLU D 22 20.24 21.92 -56.37
C GLU D 22 20.96 21.64 -57.69
N LEU D 23 20.27 21.71 -58.84
CA LEU D 23 20.89 21.49 -60.17
C LEU D 23 21.99 22.53 -60.40
N TYR D 24 21.75 23.78 -59.99
CA TYR D 24 22.76 24.86 -60.13
C TYR D 24 23.99 24.50 -59.28
N ALA D 25 23.78 24.06 -58.03
CA ALA D 25 24.87 23.70 -57.10
C ALA D 25 25.68 22.56 -57.73
N SER D 26 24.99 21.59 -58.32
CA SER D 26 25.65 20.45 -59.03
C SER D 26 26.57 21.03 -60.12
N TYR D 27 26.09 22.02 -60.86
CA TYR D 27 26.83 22.65 -61.98
C TYR D 27 28.07 23.36 -61.44
N VAL D 28 27.92 24.12 -60.34
CA VAL D 28 29.05 24.84 -59.69
C VAL D 28 30.14 23.81 -59.36
N TYR D 29 29.77 22.70 -58.73
CA TYR D 29 30.76 21.69 -58.28
C TYR D 29 31.40 21.01 -59.50
N LEU D 30 30.64 20.81 -60.59
CA LEU D 30 31.20 20.22 -61.83
C LEU D 30 32.29 21.17 -62.37
N SER D 31 32.05 22.48 -62.35
CA SER D 31 33.03 23.50 -62.80
C SER D 31 34.27 23.48 -61.88
N MET D 32 34.07 23.36 -60.56
CA MET D 32 35.20 23.34 -59.59
C MET D 32 36.04 22.06 -59.82
N SER D 33 35.40 20.93 -60.10
CA SER D 33 36.09 19.68 -60.48
C SER D 33 36.99 19.94 -61.70
N ALA D 34 36.45 20.54 -62.79
CA ALA D 34 37.21 20.85 -64.03
C ALA D 34 38.43 21.72 -63.66
N HIS D 35 38.23 22.70 -62.78
CA HIS D 35 39.31 23.62 -62.35
C HIS D 35 40.49 22.80 -61.79
N PHE D 36 40.23 21.86 -60.88
CA PHE D 36 41.31 21.10 -60.21
C PHE D 36 41.87 20.02 -61.14
N ASP D 37 41.19 19.79 -62.25
CA ASP D 37 41.68 18.89 -63.33
C ASP D 37 42.54 19.63 -64.34
N ARG D 38 42.69 20.96 -64.23
CA ARG D 38 43.57 21.69 -65.17
C ARG D 38 44.98 21.11 -65.05
N ASP D 39 45.70 20.99 -66.16
CA ASP D 39 47.08 20.42 -66.17
C ASP D 39 48.09 21.33 -65.43
N ASP D 40 47.76 22.58 -65.13
CA ASP D 40 48.61 23.53 -64.35
C ASP D 40 48.14 23.62 -62.90
N ILE D 41 47.14 22.85 -62.49
CA ILE D 41 46.62 22.82 -61.10
C ILE D 41 46.78 21.40 -60.58
N ALA D 42 46.14 20.41 -61.23
CA ALA D 42 46.50 18.98 -61.17
C ALA D 42 46.43 18.49 -59.72
N LEU D 43 45.31 18.72 -59.04
CA LEU D 43 45.07 18.14 -57.70
C LEU D 43 43.92 17.14 -57.83
N ARG D 44 44.27 15.89 -58.10
CA ARG D 44 43.30 14.86 -58.56
C ARG D 44 42.27 14.50 -57.49
N ASN D 45 42.69 14.43 -56.21
CA ASN D 45 41.80 14.04 -55.11
C ASN D 45 40.79 15.16 -54.87
N ILE D 46 41.23 16.42 -54.95
CA ILE D 46 40.28 17.58 -54.85
C ILE D 46 39.32 17.55 -56.05
N ALA D 47 39.82 17.31 -57.27
CA ALA D 47 39.00 17.27 -58.50
C ALA D 47 37.95 16.17 -58.32
N LYS D 48 38.36 15.01 -57.83
CA LYS D 48 37.44 13.86 -57.63
C LYS D 48 36.41 14.20 -56.55
N PHE D 49 36.84 14.87 -55.49
CA PHE D 49 35.97 15.31 -54.37
C PHE D 49 34.87 16.22 -54.92
N PHE D 50 35.22 17.23 -55.71
CA PHE D 50 34.20 18.17 -56.25
C PHE D 50 33.28 17.46 -57.25
N LYS D 51 33.80 16.48 -58.00
CA LYS D 51 32.92 15.67 -58.88
C LYS D 51 31.93 14.89 -58.02
N GLU D 52 32.38 14.29 -56.92
CA GLU D 52 31.45 13.56 -56.01
C GLU D 52 30.43 14.56 -55.45
N GLN D 53 30.85 15.78 -55.07
CA GLN D 53 29.90 16.81 -54.59
C GLN D 53 28.88 17.16 -55.69
N SER D 54 29.33 17.32 -56.93
CA SER D 54 28.44 17.58 -58.09
C SER D 54 27.40 16.45 -58.21
N ASP D 55 27.84 15.19 -58.14
CA ASP D 55 26.93 14.02 -58.22
C ASP D 55 25.93 14.08 -57.07
N GLU D 56 26.40 14.39 -55.86
CA GLU D 56 25.54 14.43 -54.64
C GLU D 56 24.44 15.49 -54.81
N GLU D 57 24.80 16.68 -55.31
CA GLU D 57 23.84 17.80 -55.50
C GLU D 57 22.81 17.43 -56.56
N ARG D 58 23.24 16.77 -57.63
CA ARG D 58 22.30 16.28 -58.67
C ARG D 58 21.34 15.29 -58.01
N GLY D 59 21.83 14.42 -57.12
CA GLY D 59 21.01 13.49 -56.33
C GLY D 59 20.01 14.22 -55.44
N HIS D 60 20.41 15.33 -54.81
CA HIS D 60 19.50 16.23 -54.04
C HIS D 60 18.37 16.68 -54.96
N ALA D 61 18.69 17.10 -56.17
CA ALA D 61 17.68 17.62 -57.12
C ALA D 61 16.72 16.49 -57.51
N THR D 62 17.24 15.30 -57.83
CA THR D 62 16.40 14.21 -58.38
C THR D 62 15.53 13.64 -57.25
N GLU D 63 16.00 13.64 -56.00
CA GLU D 63 15.20 13.20 -54.82
C GLU D 63 14.03 14.16 -54.63
N LEU D 64 14.25 15.46 -54.80
CA LEU D 64 13.15 16.46 -54.70
C LEU D 64 12.16 16.27 -55.87
N MET D 65 12.65 15.94 -57.07
CA MET D 65 11.77 15.58 -58.20
C MET D 65 10.91 14.38 -57.79
N ARG D 66 11.49 13.38 -57.15
CA ARG D 66 10.74 12.17 -56.75
C ARG D 66 9.67 12.54 -55.71
N ILE D 67 9.98 13.36 -54.71
CA ILE D 67 8.96 13.70 -53.67
C ILE D 67 7.87 14.59 -54.30
N GLN D 68 8.21 15.43 -55.27
CA GLN D 68 7.22 16.24 -56.02
C GLN D 68 6.21 15.27 -56.66
N ALA D 69 6.70 14.22 -57.32
CA ALA D 69 5.87 13.18 -57.97
C ALA D 69 5.03 12.44 -56.92
N VAL D 70 5.62 12.02 -55.80
CA VAL D 70 4.92 11.31 -54.69
C VAL D 70 3.74 12.15 -54.20
N ARG D 71 3.96 13.44 -54.00
CA ARG D 71 2.92 14.37 -53.47
C ARG D 71 1.89 14.74 -54.57
N GLY D 72 2.15 14.41 -55.84
CA GLY D 72 1.22 14.70 -56.95
C GLY D 72 1.41 16.10 -57.49
N GLY D 73 2.57 16.72 -57.23
CA GLY D 73 2.97 17.99 -57.87
C GLY D 73 3.56 17.75 -59.25
N ARG D 74 3.69 18.80 -60.04
CA ARG D 74 4.26 18.75 -61.42
C ARG D 74 5.63 19.42 -61.40
N VAL D 75 6.65 18.70 -61.83
CA VAL D 75 8.02 19.28 -61.97
C VAL D 75 7.98 20.29 -63.12
N ALA D 76 8.54 21.48 -62.89
CA ALA D 76 8.69 22.53 -63.92
C ALA D 76 10.17 22.94 -63.93
N MET D 77 10.87 22.63 -65.02
CA MET D 77 12.32 22.91 -65.15
C MET D 77 12.51 24.38 -65.54
N GLN D 78 13.62 24.95 -65.11
CA GLN D 78 14.07 26.31 -65.48
C GLN D 78 15.50 26.17 -66.01
N ASN D 79 15.95 27.16 -66.76
CA ASN D 79 17.38 27.25 -67.17
C ASN D 79 18.26 26.99 -65.95
N ILE D 80 19.36 26.26 -66.16
CA ILE D 80 20.42 26.15 -65.11
C ILE D 80 21.48 27.19 -65.46
N GLN D 81 21.57 28.23 -64.65
CA GLN D 81 22.53 29.35 -64.87
C GLN D 81 23.95 28.80 -64.81
N LYS D 82 24.84 29.25 -65.68
CA LYS D 82 26.27 28.87 -65.56
C LYS D 82 26.78 29.40 -64.22
N PRO D 83 27.78 28.71 -63.62
CA PRO D 83 28.40 29.19 -62.39
C PRO D 83 28.97 30.62 -62.56
N GLU D 84 29.26 31.28 -61.45
CA GLU D 84 29.81 32.66 -61.43
C GLU D 84 31.19 32.70 -62.12
N LYS D 85 31.97 31.62 -62.04
CA LYS D 85 33.35 31.56 -62.60
C LYS D 85 33.58 30.22 -63.29
N ASP D 86 34.53 30.16 -64.23
CA ASP D 86 35.13 28.88 -64.65
C ASP D 86 36.40 28.64 -63.81
N GLU D 87 37.14 29.71 -63.49
CA GLU D 87 38.42 29.64 -62.76
C GLU D 87 38.19 30.07 -61.31
N TRP D 88 38.41 29.14 -60.39
CA TRP D 88 37.99 29.25 -58.97
C TRP D 88 39.15 29.69 -58.06
N GLY D 89 40.31 30.03 -58.64
CA GLY D 89 41.45 30.57 -57.88
C GLY D 89 42.19 29.50 -57.10
N THR D 90 42.69 29.85 -55.91
CA THR D 90 43.47 28.94 -55.05
C THR D 90 42.57 27.84 -54.49
N VAL D 91 43.19 26.80 -53.96
CA VAL D 91 42.47 25.76 -53.16
C VAL D 91 41.56 26.46 -52.13
N LEU D 92 42.12 27.39 -51.35
CA LEU D 92 41.31 28.09 -50.31
C LEU D 92 40.12 28.80 -50.95
N GLU D 93 40.33 29.53 -52.05
CA GLU D 93 39.27 30.35 -52.68
C GLU D 93 38.15 29.45 -53.16
N ALA D 94 38.49 28.29 -53.76
CA ALA D 94 37.47 27.33 -54.22
C ALA D 94 36.66 26.79 -53.03
N PHE D 95 37.30 26.39 -51.93
CA PHE D 95 36.59 25.84 -50.75
C PHE D 95 35.76 26.93 -50.07
N GLU D 96 36.22 28.19 -50.11
CA GLU D 96 35.43 29.34 -49.63
C GLU D 96 34.15 29.49 -50.47
N ALA D 97 34.25 29.41 -51.79
CA ALA D 97 33.09 29.53 -52.71
C ALA D 97 32.12 28.37 -52.43
N ALA D 98 32.67 27.17 -52.18
CA ALA D 98 31.87 25.97 -51.83
C ALA D 98 31.13 26.21 -50.51
N LEU D 99 31.81 26.73 -49.49
CA LEU D 99 31.13 26.99 -48.19
C LEU D 99 29.98 27.98 -48.44
N ALA D 100 30.21 29.03 -49.22
CA ALA D 100 29.18 30.07 -49.50
C ALA D 100 27.99 29.44 -50.23
N LEU D 101 28.24 28.55 -51.20
CA LEU D 101 27.17 27.82 -51.95
C LEU D 101 26.35 26.95 -50.97
N GLU D 102 27.01 26.26 -50.04
CA GLU D 102 26.33 25.33 -49.09
C GLU D 102 25.47 26.17 -48.12
N ARG D 103 25.96 27.33 -47.70
CA ARG D 103 25.18 28.26 -46.83
C ARG D 103 23.98 28.81 -47.60
N ALA D 104 24.15 29.16 -48.88
CA ALA D 104 23.04 29.62 -49.76
C ALA D 104 22.01 28.49 -49.93
N ASN D 105 22.45 27.24 -50.16
CA ASN D 105 21.54 26.07 -50.31
C ASN D 105 20.76 25.91 -48.99
N ASN D 106 21.45 26.05 -47.86
CA ASN D 106 20.82 25.86 -46.53
C ASN D 106 19.77 26.95 -46.31
N ALA D 107 20.10 28.21 -46.64
CA ALA D 107 19.17 29.35 -46.51
C ALA D 107 17.90 29.07 -47.33
N SER D 108 18.08 28.59 -48.56
CA SER D 108 16.99 28.21 -49.50
C SER D 108 16.15 27.06 -48.89
N LEU D 109 16.77 26.01 -48.36
CA LEU D 109 16.06 24.87 -47.71
C LEU D 109 15.31 25.31 -46.44
N LEU D 110 15.88 26.21 -45.65
CA LEU D 110 15.18 26.77 -44.46
C LEU D 110 13.94 27.56 -44.91
N LYS D 111 14.02 28.34 -45.98
CA LYS D 111 12.86 29.08 -46.56
C LYS D 111 11.81 28.05 -47.00
N LEU D 112 12.22 26.98 -47.70
CA LEU D 112 11.28 25.91 -48.14
C LEU D 112 10.58 25.31 -46.90
N HIS D 113 11.32 24.97 -45.85
CA HIS D 113 10.73 24.42 -44.60
C HIS D 113 9.69 25.42 -44.06
N GLY D 114 10.03 26.70 -44.00
CA GLY D 114 9.15 27.79 -43.53
C GLY D 114 7.84 27.84 -44.29
N ILE D 115 7.90 27.75 -45.62
CA ILE D 115 6.70 27.78 -46.52
C ILE D 115 5.83 26.56 -46.19
N ALA D 116 6.43 25.36 -46.11
CA ALA D 116 5.73 24.10 -45.77
C ALA D 116 5.09 24.23 -44.40
N GLU D 117 5.82 24.80 -43.43
CA GLU D 117 5.31 25.00 -42.06
C GLU D 117 4.10 25.97 -42.09
N GLN D 118 4.23 27.08 -42.82
CA GLN D 118 3.17 28.13 -42.94
C GLN D 118 1.90 27.49 -43.50
N ARG D 119 2.03 26.49 -44.40
CA ARG D 119 0.89 25.83 -45.09
C ARG D 119 0.47 24.53 -44.38
N ASN D 120 1.01 24.25 -43.20
CA ASN D 120 0.61 23.10 -42.35
C ASN D 120 0.87 21.81 -43.13
N ASP D 121 1.97 21.75 -43.89
CA ASP D 121 2.38 20.52 -44.63
C ASP D 121 3.23 19.66 -43.69
N ALA D 122 2.56 18.87 -42.84
CA ALA D 122 3.20 18.12 -41.75
C ALA D 122 4.14 17.05 -42.34
N HIS D 123 3.78 16.46 -43.48
CA HIS D 123 4.68 15.51 -44.17
C HIS D 123 5.95 16.23 -44.63
N LEU D 124 5.81 17.34 -45.37
CA LEU D 124 6.99 17.91 -46.07
C LEU D 124 7.93 18.61 -45.09
N THR D 125 7.45 19.21 -44.00
CA THR D 125 8.37 19.84 -43.00
C THR D 125 9.35 18.77 -42.50
N ASN D 126 8.85 17.61 -42.10
CA ASN D 126 9.68 16.50 -41.58
C ASN D 126 10.58 15.98 -42.69
N TYR D 127 10.05 15.82 -43.90
CA TYR D 127 10.83 15.32 -45.06
C TYR D 127 12.04 16.26 -45.26
N ILE D 128 11.81 17.57 -45.28
CA ILE D 128 12.90 18.55 -45.51
C ILE D 128 13.91 18.46 -44.35
N GLN D 129 13.43 18.40 -43.11
CA GLN D 129 14.34 18.32 -41.93
C GLN D 129 15.23 17.09 -42.03
N GLU D 130 14.62 15.93 -42.26
CA GLU D 130 15.29 14.60 -42.26
C GLU D 130 16.23 14.46 -43.46
N LYS D 131 15.75 14.77 -44.65
CA LYS D 131 16.43 14.38 -45.91
C LYS D 131 17.37 15.50 -46.38
N TYR D 132 17.20 16.74 -45.88
CA TYR D 132 17.94 17.93 -46.39
C TYR D 132 18.64 18.67 -45.24
N LEU D 133 17.92 19.11 -44.20
CA LEU D 133 18.52 20.03 -43.20
C LEU D 133 19.65 19.31 -42.46
N GLU D 134 19.49 18.03 -42.11
CA GLU D 134 20.55 17.29 -41.36
C GLU D 134 21.81 17.20 -42.23
N GLU D 135 21.72 16.77 -43.48
CA GLU D 135 22.93 16.65 -44.35
C GLU D 135 23.51 18.05 -44.56
N GLN D 136 22.67 19.07 -44.67
CA GLN D 136 23.15 20.43 -45.01
C GLN D 136 24.05 20.95 -43.88
N VAL D 137 23.68 20.79 -42.62
CA VAL D 137 24.53 21.32 -41.49
C VAL D 137 25.83 20.51 -41.44
N HIS D 138 25.82 19.23 -41.81
CA HIS D 138 27.07 18.41 -41.84
C HIS D 138 27.97 18.87 -42.99
N SER D 139 27.42 19.14 -44.17
CA SER D 139 28.17 19.67 -45.34
C SER D 139 28.83 21.02 -44.99
N ILE D 140 28.06 21.93 -44.37
CA ILE D 140 28.61 23.26 -43.98
C ILE D 140 29.76 23.06 -42.98
N ASN D 141 29.57 22.21 -41.99
CA ASN D 141 30.63 21.91 -40.98
C ASN D 141 31.89 21.38 -41.68
N GLU D 142 31.70 20.42 -42.58
N GLU D 142 31.74 20.46 -42.62
CA GLU D 142 32.76 19.78 -43.43
CA GLU D 142 32.89 19.82 -43.31
C GLU D 142 33.58 20.88 -44.11
C GLU D 142 33.62 20.86 -44.18
N PHE D 143 32.91 21.79 -44.82
CA PHE D 143 33.58 22.85 -45.61
C PHE D 143 34.28 23.84 -44.67
N ALA D 144 33.67 24.23 -43.56
CA ALA D 144 34.33 25.11 -42.56
C ALA D 144 35.62 24.45 -42.07
N ARG D 145 35.56 23.17 -41.74
CA ARG D 145 36.72 22.38 -41.25
C ARG D 145 37.79 22.30 -42.35
N TYR D 146 37.42 22.03 -43.61
CA TYR D 146 38.40 22.03 -44.73
C TYR D 146 39.12 23.39 -44.80
N ILE D 147 38.37 24.49 -44.74
CA ILE D 147 38.95 25.86 -44.81
C ILE D 147 39.97 26.06 -43.65
N ALA D 148 39.64 25.66 -42.42
CA ALA D 148 40.58 25.80 -41.29
C ALA D 148 41.87 25.05 -41.64
N ASN D 149 41.74 23.84 -42.21
CA ASN D 149 42.89 22.95 -42.49
C ASN D 149 43.70 23.47 -43.70
N ILE D 150 43.04 23.98 -44.74
CA ILE D 150 43.74 24.56 -45.91
C ILE D 150 44.59 25.75 -45.44
N LYS D 151 44.01 26.64 -44.63
CA LYS D 151 44.75 27.81 -44.09
C LYS D 151 45.93 27.32 -43.22
N ARG D 152 45.71 26.31 -42.39
CA ARG D 152 46.75 25.77 -41.48
C ARG D 152 47.91 25.17 -42.30
N ALA D 153 47.61 24.35 -43.30
CA ALA D 153 48.65 23.66 -44.10
C ALA D 153 49.41 24.67 -44.95
N GLY D 154 48.74 25.74 -45.38
CA GLY D 154 49.31 26.82 -46.21
C GLY D 154 49.49 26.42 -47.67
N PRO D 155 49.73 27.41 -48.54
CA PRO D 155 49.92 27.15 -49.96
C PRO D 155 51.21 26.40 -50.26
N GLY D 156 51.24 25.77 -51.42
CA GLY D 156 52.41 25.01 -51.87
C GLY D 156 52.38 23.62 -51.28
N LEU D 157 53.42 23.27 -50.52
CA LEU D 157 53.53 21.90 -49.99
C LEU D 157 52.26 21.54 -49.22
N GLY D 158 51.70 22.46 -48.43
CA GLY D 158 50.50 22.17 -47.64
C GLY D 158 49.32 21.78 -48.53
N GLU D 159 49.09 22.48 -49.63
CA GLU D 159 48.00 22.16 -50.61
C GLU D 159 48.26 20.79 -51.23
N TYR D 160 49.50 20.50 -51.59
CA TYR D 160 49.89 19.20 -52.17
C TYR D 160 49.57 18.08 -51.17
N LEU D 161 49.96 18.22 -49.90
CA LEU D 161 49.73 17.17 -48.88
C LEU D 161 48.26 17.16 -48.45
N PHE D 162 47.57 18.31 -48.47
CA PHE D 162 46.12 18.34 -48.18
C PHE D 162 45.37 17.44 -49.18
N ASP D 163 45.68 17.59 -50.46
CA ASP D 163 45.11 16.76 -51.55
C ASP D 163 45.43 15.27 -51.30
N LYS D 164 46.65 14.94 -50.87
CA LYS D 164 47.10 13.54 -50.62
C LYS D 164 46.40 12.95 -49.41
N GLU D 165 46.21 13.73 -48.34
CA GLU D 165 45.88 13.22 -46.99
C GLU D 165 44.36 13.27 -46.73
N GLU D 166 43.66 14.22 -47.32
CA GLU D 166 42.36 14.71 -46.80
C GLU D 166 41.19 13.83 -47.27
N PHE D 167 41.31 13.12 -48.38
CA PHE D 167 40.18 12.43 -49.07
C PHE D 167 40.45 10.93 -49.17
N SER D 168 41.07 10.33 -48.15
CA SER D 168 41.52 8.92 -48.12
C SER D 168 40.34 7.97 -48.42
N SER E 1 -18.66 -16.24 -12.16
CA SER E 1 -18.85 -16.53 -10.71
C SER E 1 -18.61 -18.01 -10.44
N LEU E 2 -17.77 -18.33 -9.45
CA LEU E 2 -17.55 -19.72 -8.98
C LEU E 2 -18.77 -20.22 -8.19
N ALA E 3 -19.60 -19.31 -7.70
CA ALA E 3 -20.75 -19.61 -6.82
C ALA E 3 -21.99 -19.94 -7.64
N ARG E 4 -22.16 -19.26 -8.78
CA ARG E 4 -23.45 -19.23 -9.50
C ARG E 4 -23.88 -20.66 -9.85
N GLN E 5 -25.11 -20.99 -9.49
CA GLN E 5 -25.65 -22.37 -9.60
C GLN E 5 -27.16 -22.28 -9.64
N ASN E 6 -27.78 -22.88 -10.65
CA ASN E 6 -29.25 -22.86 -10.82
C ASN E 6 -29.76 -21.42 -10.84
N TYR E 7 -29.04 -20.50 -11.48
CA TYR E 7 -29.36 -19.06 -11.50
C TYR E 7 -29.40 -18.60 -12.95
N HIS E 8 -30.60 -18.53 -13.53
CA HIS E 8 -30.80 -18.23 -14.97
C HIS E 8 -30.56 -16.74 -15.24
N ASP E 9 -30.00 -16.41 -16.40
CA ASP E 9 -29.89 -15.03 -16.93
C ASP E 9 -31.22 -14.29 -16.84
N GLU E 10 -32.36 -14.94 -17.07
CA GLU E 10 -33.69 -14.26 -17.06
C GLU E 10 -33.99 -13.78 -15.63
N VAL E 11 -33.61 -14.58 -14.64
CA VAL E 11 -33.82 -14.29 -13.20
C VAL E 11 -32.86 -13.16 -12.77
N GLU E 12 -31.57 -13.30 -13.09
CA GLU E 12 -30.55 -12.25 -12.84
C GLU E 12 -31.07 -10.92 -13.38
N ALA E 13 -31.57 -10.89 -14.62
CA ALA E 13 -32.03 -9.65 -15.28
C ALA E 13 -33.27 -9.09 -14.57
N ALA E 14 -34.20 -9.97 -14.18
CA ALA E 14 -35.45 -9.60 -13.46
C ALA E 14 -35.11 -9.04 -12.08
N VAL E 15 -34.07 -9.55 -11.42
CA VAL E 15 -33.60 -9.00 -10.12
C VAL E 15 -33.04 -7.59 -10.36
N ASN E 16 -32.25 -7.37 -11.41
CA ASN E 16 -31.73 -6.02 -11.75
C ASN E 16 -32.90 -5.05 -12.02
N LYS E 17 -33.92 -5.50 -12.73
CA LYS E 17 -35.12 -4.66 -12.99
C LYS E 17 -35.76 -4.28 -11.65
N GLN E 18 -35.94 -5.25 -10.75
CA GLN E 18 -36.62 -5.00 -9.45
C GLN E 18 -35.78 -4.03 -8.62
N ILE E 19 -34.45 -4.11 -8.69
CA ILE E 19 -33.57 -3.15 -7.96
C ILE E 19 -33.91 -1.72 -8.41
N ASN E 20 -34.06 -1.50 -9.72
CA ASN E 20 -34.46 -0.17 -10.25
C ASN E 20 -35.87 0.21 -9.76
N VAL E 21 -36.81 -0.72 -9.80
CA VAL E 21 -38.21 -0.51 -9.32
C VAL E 21 -38.15 0.03 -7.88
N GLU E 22 -37.34 -0.59 -7.03
CA GLU E 22 -37.25 -0.27 -5.58
C GLU E 22 -36.58 1.09 -5.41
N LEU E 23 -35.53 1.39 -6.19
CA LEU E 23 -34.84 2.71 -6.13
C LEU E 23 -35.78 3.84 -6.58
N TYR E 24 -36.58 3.57 -7.61
CA TYR E 24 -37.61 4.51 -8.11
C TYR E 24 -38.60 4.80 -6.99
N ALA E 25 -39.11 3.76 -6.33
CA ALA E 25 -40.08 3.88 -5.21
C ALA E 25 -39.44 4.71 -4.09
N SER E 26 -38.18 4.47 -3.78
CA SER E 26 -37.44 5.27 -2.78
C SER E 26 -37.52 6.75 -3.16
N TYR E 27 -37.30 7.07 -4.44
CA TYR E 27 -37.27 8.45 -4.96
C TYR E 27 -38.67 9.07 -4.85
N VAL E 28 -39.70 8.31 -5.20
CA VAL E 28 -41.11 8.82 -5.10
C VAL E 28 -41.38 9.25 -3.65
N TYR E 29 -41.03 8.41 -2.68
CA TYR E 29 -41.27 8.69 -1.24
C TYR E 29 -40.43 9.88 -0.78
N LEU E 30 -39.21 10.03 -1.30
CA LEU E 30 -38.35 11.20 -0.97
C LEU E 30 -39.06 12.48 -1.43
N SER E 31 -39.66 12.46 -2.62
CA SER E 31 -40.40 13.61 -3.19
C SER E 31 -41.65 13.91 -2.35
N MET E 32 -42.39 12.88 -1.95
CA MET E 32 -43.56 13.04 -1.05
C MET E 32 -43.13 13.65 0.29
N SER E 33 -41.99 13.22 0.84
CA SER E 33 -41.43 13.79 2.08
C SER E 33 -41.23 15.31 1.92
N ALA E 34 -40.58 15.75 0.84
CA ALA E 34 -40.32 17.18 0.57
C ALA E 34 -41.65 17.94 0.48
N HIS E 35 -42.65 17.36 -0.18
CA HIS E 35 -44.01 17.95 -0.32
C HIS E 35 -44.57 18.31 1.07
N PHE E 36 -44.57 17.36 2.01
CA PHE E 36 -45.16 17.59 3.36
C PHE E 36 -44.23 18.47 4.21
N ASP E 37 -42.99 18.67 3.77
CA ASP E 37 -42.02 19.57 4.44
C ASP E 37 -42.16 20.99 3.88
N ARG E 38 -43.00 21.23 2.87
CA ARG E 38 -43.21 22.61 2.38
C ARG E 38 -43.73 23.47 3.54
N ASP E 39 -43.33 24.73 3.59
CA ASP E 39 -43.70 25.63 4.70
C ASP E 39 -45.19 25.98 4.65
N ASP E 40 -45.88 25.70 3.52
CA ASP E 40 -47.32 25.96 3.35
C ASP E 40 -48.12 24.66 3.46
N ILE E 41 -47.46 23.54 3.73
CA ILE E 41 -48.15 22.24 3.97
C ILE E 41 -47.85 21.82 5.40
N ALA E 42 -46.57 21.68 5.75
CA ALA E 42 -46.06 21.70 7.14
C ALA E 42 -46.68 20.60 8.01
N LEU E 43 -46.67 19.36 7.53
CA LEU E 43 -47.14 18.19 8.32
C LEU E 43 -45.92 17.31 8.57
N ARG E 44 -45.21 17.59 9.66
CA ARG E 44 -43.83 17.09 9.88
C ARG E 44 -43.82 15.58 10.11
N ASN E 45 -44.83 15.01 10.79
CA ASN E 45 -44.85 13.54 11.08
C ASN E 45 -45.13 12.78 9.79
N ILE E 46 -45.98 13.31 8.92
CA ILE E 46 -46.20 12.72 7.58
C ILE E 46 -44.92 12.84 6.75
N ALA E 47 -44.24 13.98 6.79
CA ALA E 47 -42.96 14.21 6.09
C ALA E 47 -41.95 13.14 6.56
N LYS E 48 -41.81 12.96 7.86
CA LYS E 48 -40.85 11.98 8.44
C LYS E 48 -41.25 10.55 8.06
N PHE E 49 -42.55 10.25 8.08
CA PHE E 49 -43.09 8.94 7.66
C PHE E 49 -42.64 8.63 6.22
N PHE E 50 -42.86 9.54 5.29
CA PHE E 50 -42.46 9.30 3.87
C PHE E 50 -40.93 9.23 3.74
N LYS E 51 -40.18 9.99 4.54
CA LYS E 51 -38.70 9.84 4.56
C LYS E 51 -38.32 8.43 5.01
N GLU E 52 -38.93 7.94 6.08
CA GLU E 52 -38.73 6.52 6.53
C GLU E 52 -39.11 5.54 5.42
N GLN E 53 -40.21 5.78 4.72
CA GLN E 53 -40.64 4.89 3.59
C GLN E 53 -39.57 4.93 2.48
N SER E 54 -39.02 6.10 2.18
CA SER E 54 -37.93 6.28 1.19
C SER E 54 -36.72 5.44 1.62
N ASP E 55 -36.35 5.54 2.89
CA ASP E 55 -35.22 4.76 3.46
C ASP E 55 -35.52 3.25 3.30
N GLU E 56 -36.74 2.81 3.61
CA GLU E 56 -37.14 1.39 3.56
C GLU E 56 -37.03 0.86 2.13
N GLU E 57 -37.48 1.65 1.15
CA GLU E 57 -37.48 1.23 -0.29
C GLU E 57 -36.02 1.13 -0.75
N ARG E 58 -35.16 2.04 -0.32
CA ARG E 58 -33.73 1.98 -0.67
C ARG E 58 -33.17 0.67 -0.08
N GLY E 59 -33.54 0.33 1.17
CA GLY E 59 -33.21 -0.95 1.82
C GLY E 59 -33.70 -2.14 1.03
N HIS E 60 -34.91 -2.09 0.46
CA HIS E 60 -35.42 -3.17 -0.43
C HIS E 60 -34.46 -3.34 -1.61
N ALA E 61 -34.04 -2.23 -2.22
CA ALA E 61 -33.13 -2.23 -3.39
C ALA E 61 -31.79 -2.85 -2.98
N THR E 62 -31.22 -2.42 -1.85
CA THR E 62 -29.84 -2.84 -1.47
C THR E 62 -29.89 -4.31 -1.01
N GLU E 63 -30.99 -4.77 -0.40
CA GLU E 63 -31.12 -6.20 -0.06
C GLU E 63 -31.15 -7.04 -1.35
N LEU E 64 -31.81 -6.57 -2.41
CA LEU E 64 -31.86 -7.32 -3.71
C LEU E 64 -30.45 -7.31 -4.33
N MET E 65 -29.71 -6.22 -4.16
CA MET E 65 -28.29 -6.14 -4.62
C MET E 65 -27.49 -7.22 -3.89
N ARG E 66 -27.76 -7.40 -2.60
CA ARG E 66 -27.02 -8.38 -1.77
C ARG E 66 -27.34 -9.79 -2.26
N ILE E 67 -28.61 -10.11 -2.51
CA ILE E 67 -28.95 -11.51 -2.95
C ILE E 67 -28.43 -11.74 -4.37
N GLN E 68 -28.42 -10.72 -5.24
CA GLN E 68 -27.80 -10.80 -6.58
C GLN E 68 -26.35 -11.25 -6.40
N ALA E 69 -25.61 -10.60 -5.51
CA ALA E 69 -24.21 -10.91 -5.20
C ALA E 69 -24.10 -12.35 -4.65
N VAL E 70 -24.96 -12.73 -3.71
CA VAL E 70 -24.87 -14.07 -3.06
C VAL E 70 -25.06 -15.17 -4.13
N ARG E 71 -25.99 -14.97 -5.07
CA ARG E 71 -26.28 -15.95 -6.16
C ARG E 71 -25.22 -15.86 -7.28
N GLY E 72 -24.32 -14.85 -7.24
CA GLY E 72 -23.25 -14.70 -8.25
C GLY E 72 -23.72 -14.07 -9.53
N GLY E 73 -24.84 -13.34 -9.48
CA GLY E 73 -25.28 -12.42 -10.54
C GLY E 73 -24.51 -11.11 -10.45
N ARG E 74 -24.64 -10.29 -11.49
CA ARG E 74 -23.95 -8.99 -11.54
C ARG E 74 -25.01 -7.90 -11.57
N VAL E 75 -24.86 -6.94 -10.65
CA VAL E 75 -25.73 -5.74 -10.56
C VAL E 75 -25.45 -4.87 -11.79
N ALA E 76 -26.51 -4.45 -12.46
CA ALA E 76 -26.48 -3.51 -13.59
C ALA E 76 -27.46 -2.38 -13.27
N MET E 77 -26.95 -1.17 -13.04
CA MET E 77 -27.79 0.01 -12.70
C MET E 77 -28.39 0.59 -13.99
N GLN E 78 -29.55 1.22 -13.84
CA GLN E 78 -30.22 2.02 -14.89
C GLN E 78 -30.58 3.37 -14.28
N ASN E 79 -30.89 4.35 -15.12
CA ASN E 79 -31.37 5.68 -14.67
C ASN E 79 -32.50 5.48 -13.67
N ILE E 80 -32.54 6.32 -12.65
CA ILE E 80 -33.70 6.37 -11.72
C ILE E 80 -34.58 7.50 -12.22
N GLN E 81 -35.74 7.16 -12.77
CA GLN E 81 -36.66 8.16 -13.37
C GLN E 81 -37.14 9.08 -12.25
N LYS E 82 -37.28 10.37 -12.54
CA LYS E 82 -37.87 11.32 -11.57
C LYS E 82 -39.32 10.88 -11.34
N PRO E 83 -39.88 11.10 -10.14
CA PRO E 83 -41.27 10.75 -9.87
C PRO E 83 -42.25 11.46 -10.82
N GLU E 84 -43.48 10.94 -10.90
CA GLU E 84 -44.57 11.46 -11.78
C GLU E 84 -44.85 12.93 -11.47
N LYS E 85 -44.71 13.35 -10.21
CA LYS E 85 -45.06 14.71 -9.72
C LYS E 85 -44.00 15.22 -8.74
N ASP E 86 -43.87 16.56 -8.59
CA ASP E 86 -43.25 17.22 -7.42
C ASP E 86 -44.37 17.61 -6.45
N GLU E 87 -45.54 17.98 -6.98
CA GLU E 87 -46.71 18.40 -6.15
C GLU E 87 -47.70 17.24 -6.07
N TRP E 88 -47.85 16.66 -4.87
CA TRP E 88 -48.60 15.42 -4.63
C TRP E 88 -50.04 15.70 -4.17
N GLY E 89 -50.42 16.98 -4.09
CA GLY E 89 -51.80 17.40 -3.80
C GLY E 89 -52.16 17.27 -2.33
N THR E 90 -53.36 16.80 -2.03
CA THR E 90 -53.91 16.71 -0.66
C THR E 90 -53.23 15.54 0.08
N VAL E 91 -53.40 15.52 1.39
CA VAL E 91 -52.91 14.39 2.21
C VAL E 91 -53.47 13.09 1.63
N LEU E 92 -54.77 13.05 1.34
CA LEU E 92 -55.41 11.82 0.82
C LEU E 92 -54.77 11.45 -0.52
N GLU E 93 -54.52 12.43 -1.39
CA GLU E 93 -53.99 12.13 -2.74
C GLU E 93 -52.60 11.49 -2.64
N ALA E 94 -51.78 11.99 -1.72
CA ALA E 94 -50.41 11.45 -1.53
C ALA E 94 -50.50 9.97 -1.09
N PHE E 95 -51.36 9.65 -0.12
CA PHE E 95 -51.51 8.28 0.40
C PHE E 95 -52.11 7.36 -0.67
N GLU E 96 -53.04 7.88 -1.48
CA GLU E 96 -53.62 7.13 -2.62
C GLU E 96 -52.50 6.82 -3.62
N ALA E 97 -51.63 7.78 -3.91
CA ALA E 97 -50.50 7.58 -4.85
C ALA E 97 -49.52 6.54 -4.26
N ALA E 98 -49.25 6.62 -2.96
CA ALA E 98 -48.40 5.65 -2.23
C ALA E 98 -48.99 4.25 -2.35
N LEU E 99 -50.30 4.08 -2.12
CA LEU E 99 -50.96 2.76 -2.26
C LEU E 99 -50.79 2.23 -3.68
N ALA E 100 -51.02 3.06 -4.70
CA ALA E 100 -50.82 2.67 -6.12
C ALA E 100 -49.37 2.21 -6.34
N LEU E 101 -48.39 2.92 -5.78
CA LEU E 101 -46.95 2.57 -5.91
C LEU E 101 -46.68 1.21 -5.26
N GLU E 102 -47.22 0.95 -4.07
CA GLU E 102 -47.01 -0.33 -3.34
C GLU E 102 -47.63 -1.48 -4.14
N ARG E 103 -48.81 -1.28 -4.71
CA ARG E 103 -49.50 -2.30 -5.54
C ARG E 103 -48.68 -2.54 -6.81
N ALA E 104 -48.05 -1.51 -7.39
CA ALA E 104 -47.21 -1.66 -8.59
C ALA E 104 -45.93 -2.46 -8.23
N ASN E 105 -45.31 -2.14 -7.10
CA ASN E 105 -44.13 -2.86 -6.56
C ASN E 105 -44.50 -4.34 -6.38
N ASN E 106 -45.67 -4.61 -5.83
CA ASN E 106 -46.17 -5.97 -5.53
C ASN E 106 -46.37 -6.73 -6.85
N ALA E 107 -47.00 -6.10 -7.84
CA ALA E 107 -47.22 -6.71 -9.17
C ALA E 107 -45.87 -7.08 -9.79
N SER E 108 -44.86 -6.22 -9.67
CA SER E 108 -43.49 -6.45 -10.17
C SER E 108 -42.86 -7.65 -9.42
N LEU E 109 -43.03 -7.73 -8.10
CA LEU E 109 -42.44 -8.82 -7.26
C LEU E 109 -43.15 -10.14 -7.57
N LEU E 110 -44.46 -10.11 -7.80
CA LEU E 110 -45.20 -11.35 -8.16
C LEU E 110 -44.69 -11.84 -9.53
N LYS E 111 -44.38 -10.93 -10.44
CA LYS E 111 -43.86 -11.27 -11.77
C LYS E 111 -42.46 -11.88 -11.60
N LEU E 112 -41.62 -11.27 -10.76
CA LEU E 112 -40.26 -11.78 -10.44
C LEU E 112 -40.40 -13.19 -9.86
N HIS E 113 -41.31 -13.41 -8.92
CA HIS E 113 -41.55 -14.76 -8.34
C HIS E 113 -41.92 -15.73 -9.46
N GLY E 114 -42.80 -15.31 -10.39
CA GLY E 114 -43.28 -16.14 -11.50
C GLY E 114 -42.13 -16.59 -12.40
N ILE E 115 -41.17 -15.70 -12.68
CA ILE E 115 -40.00 -15.98 -13.54
C ILE E 115 -39.08 -16.98 -12.81
N ALA E 116 -38.81 -16.73 -11.53
CA ALA E 116 -38.04 -17.66 -10.67
C ALA E 116 -38.71 -19.04 -10.70
N GLU E 117 -40.04 -19.09 -10.57
CA GLU E 117 -40.77 -20.39 -10.52
C GLU E 117 -40.63 -21.11 -11.88
N GLN E 118 -40.83 -20.38 -12.98
CA GLN E 118 -40.73 -20.91 -14.38
C GLN E 118 -39.34 -21.54 -14.58
N ARG E 119 -38.30 -20.94 -14.00
CA ARG E 119 -36.89 -21.39 -14.15
C ARG E 119 -36.49 -22.38 -13.05
N ASN E 120 -37.42 -22.83 -12.21
CA ASN E 120 -37.17 -23.83 -11.12
C ASN E 120 -36.10 -23.33 -10.16
N ASP E 121 -36.10 -22.02 -9.88
CA ASP E 121 -35.19 -21.41 -8.88
C ASP E 121 -35.83 -21.56 -7.50
N ALA E 122 -35.68 -22.74 -6.89
CA ALA E 122 -36.30 -23.13 -5.60
C ALA E 122 -35.80 -22.21 -4.49
N HIS E 123 -34.52 -21.79 -4.53
CA HIS E 123 -34.03 -20.82 -3.52
C HIS E 123 -34.78 -19.50 -3.69
N LEU E 124 -34.84 -18.95 -4.90
CA LEU E 124 -35.25 -17.52 -5.04
C LEU E 124 -36.76 -17.38 -4.89
N THR E 125 -37.57 -18.36 -5.29
CA THR E 125 -39.04 -18.28 -5.07
C THR E 125 -39.30 -18.06 -3.58
N ASN E 126 -38.70 -18.89 -2.72
CA ASN E 126 -38.86 -18.79 -1.26
C ASN E 126 -38.30 -17.46 -0.77
N TYR E 127 -37.12 -17.07 -1.25
CA TYR E 127 -36.48 -15.78 -0.84
C TYR E 127 -37.47 -14.64 -1.12
N ILE E 128 -38.02 -14.57 -2.33
CA ILE E 128 -38.98 -13.49 -2.72
C ILE E 128 -40.22 -13.58 -1.82
N GLN E 129 -40.77 -14.78 -1.59
CA GLN E 129 -41.99 -14.93 -0.75
C GLN E 129 -41.70 -14.36 0.66
N GLU E 130 -40.62 -14.81 1.27
CA GLU E 130 -40.28 -14.52 2.70
C GLU E 130 -39.88 -13.06 2.88
N LYS E 131 -38.97 -12.56 2.03
CA LYS E 131 -38.30 -11.25 2.24
C LYS E 131 -39.10 -10.12 1.59
N TYR E 132 -39.96 -10.39 0.59
CA TYR E 132 -40.60 -9.33 -0.23
C TYR E 132 -42.13 -9.47 -0.19
N LEU E 133 -42.68 -10.64 -0.52
CA LEU E 133 -44.16 -10.74 -0.69
C LEU E 133 -44.85 -10.52 0.65
N GLU E 134 -44.31 -11.08 1.74
CA GLU E 134 -44.93 -10.92 3.09
C GLU E 134 -44.96 -9.44 3.46
N GLU E 135 -43.84 -8.74 3.38
CA GLU E 135 -43.75 -7.29 3.70
C GLU E 135 -44.69 -6.50 2.78
N GLN E 136 -44.77 -6.85 1.50
CA GLN E 136 -45.55 -6.08 0.51
C GLN E 136 -47.03 -6.13 0.88
N VAL E 137 -47.59 -7.29 1.24
CA VAL E 137 -49.04 -7.36 1.58
C VAL E 137 -49.29 -6.55 2.88
N HIS E 138 -48.34 -6.55 3.82
CA HIS E 138 -48.47 -5.76 5.07
C HIS E 138 -48.41 -4.27 4.73
N SER E 139 -47.52 -3.85 3.84
CA SER E 139 -47.39 -2.43 3.41
C SER E 139 -48.69 -1.94 2.74
N ILE E 140 -49.21 -2.74 1.83
CA ILE E 140 -50.46 -2.42 1.08
C ILE E 140 -51.60 -2.28 2.08
N ASN E 141 -51.69 -3.21 3.01
CA ASN E 141 -52.72 -3.19 4.09
C ASN E 141 -52.56 -1.89 4.89
N GLU E 142 -51.33 -1.54 5.30
CA GLU E 142 -51.01 -0.33 6.10
C GLU E 142 -51.53 0.89 5.33
N PHE E 143 -51.23 0.99 4.03
CA PHE E 143 -51.65 2.16 3.22
C PHE E 143 -53.17 2.18 3.05
N ALA E 144 -53.82 1.04 2.80
CA ALA E 144 -55.30 0.98 2.71
C ALA E 144 -55.92 1.51 4.02
N ARG E 145 -55.36 1.10 5.16
CA ARG E 145 -55.86 1.50 6.51
C ARG E 145 -55.64 3.00 6.73
N TYR E 146 -54.49 3.55 6.33
CA TYR E 146 -54.22 5.01 6.41
C TYR E 146 -55.30 5.75 5.60
N ILE E 147 -55.58 5.29 4.40
CA ILE E 147 -56.56 5.95 3.50
C ILE E 147 -57.93 5.94 4.20
N ALA E 148 -58.34 4.82 4.80
CA ALA E 148 -59.66 4.75 5.47
C ALA E 148 -59.69 5.81 6.58
N ASN E 149 -58.59 5.98 7.30
CA ASN E 149 -58.50 6.89 8.47
C ASN E 149 -58.43 8.35 7.99
N ILE E 150 -57.70 8.66 6.93
CA ILE E 150 -57.63 10.05 6.36
C ILE E 150 -59.04 10.46 5.93
N LYS E 151 -59.73 9.58 5.22
CA LYS E 151 -61.13 9.81 4.77
C LYS E 151 -62.02 10.06 5.99
N ARG E 152 -61.90 9.25 7.02
CA ARG E 152 -62.75 9.35 8.24
C ARG E 152 -62.45 10.68 8.94
N ALA E 153 -61.18 11.02 9.14
CA ALA E 153 -60.76 12.22 9.90
C ALA E 153 -61.19 13.47 9.14
N GLY E 154 -61.14 13.41 7.81
CA GLY E 154 -61.63 14.48 6.91
C GLY E 154 -60.58 15.56 6.72
N PRO E 155 -60.77 16.45 5.72
CA PRO E 155 -59.82 17.53 5.46
C PRO E 155 -59.80 18.57 6.58
N GLY E 156 -58.68 19.28 6.75
CA GLY E 156 -58.54 20.37 7.73
C GLY E 156 -58.11 19.84 9.09
N LEU E 157 -58.95 19.99 10.11
CA LEU E 157 -58.60 19.59 11.48
C LEU E 157 -58.26 18.09 11.54
N GLY E 158 -58.96 17.26 10.76
CA GLY E 158 -58.73 15.81 10.70
C GLY E 158 -57.33 15.49 10.18
N GLU E 159 -56.87 16.21 9.15
CA GLU E 159 -55.49 16.07 8.60
C GLU E 159 -54.47 16.47 9.66
N TYR E 160 -54.69 17.60 10.32
CA TYR E 160 -53.81 18.09 11.41
C TYR E 160 -53.66 16.99 12.47
N LEU E 161 -54.78 16.45 12.95
CA LEU E 161 -54.79 15.46 14.06
C LEU E 161 -54.28 14.10 13.59
N PHE E 162 -54.54 13.72 12.34
CA PHE E 162 -54.00 12.48 11.74
C PHE E 162 -52.46 12.53 11.83
N ASP E 163 -51.88 13.65 11.42
CA ASP E 163 -50.40 13.88 11.47
C ASP E 163 -49.93 13.76 12.93
N LYS E 164 -50.67 14.34 13.90
CA LYS E 164 -50.30 14.27 15.34
C LYS E 164 -50.43 12.84 15.89
N GLU E 165 -51.47 12.10 15.50
CA GLU E 165 -51.91 10.91 16.25
C GLU E 165 -51.38 9.61 15.62
N GLU E 166 -51.25 9.58 14.30
CA GLU E 166 -51.16 8.31 13.54
C GLU E 166 -49.80 7.64 13.70
N PHE E 167 -48.74 8.42 13.86
CA PHE E 167 -47.33 7.96 13.71
C PHE E 167 -46.65 7.91 15.10
N SER E 168 -47.43 7.78 16.18
CA SER E 168 -46.97 7.67 17.59
C SER E 168 -46.90 6.20 18.00
N SER F 1 31.34 -4.19 6.36
CA SER F 1 31.74 -5.22 5.32
C SER F 1 32.28 -6.47 6.01
N LEU F 2 31.77 -7.65 5.64
CA LEU F 2 32.28 -8.97 6.12
C LEU F 2 33.65 -9.26 5.50
N ALA F 3 34.00 -8.59 4.40
CA ALA F 3 35.26 -8.85 3.67
C ALA F 3 36.41 -8.04 4.25
N ARG F 4 36.14 -6.79 4.66
CA ARG F 4 37.18 -5.78 4.94
C ARG F 4 38.20 -6.34 5.94
N GLN F 5 39.49 -6.28 5.59
CA GLN F 5 40.60 -6.84 6.39
C GLN F 5 41.89 -6.10 6.04
N ASN F 6 42.60 -5.59 7.04
CA ASN F 6 43.87 -4.84 6.87
C ASN F 6 43.64 -3.66 5.90
N TYR F 7 42.49 -3.02 5.99
CA TYR F 7 42.11 -1.88 5.11
C TYR F 7 41.73 -0.69 5.99
N HIS F 8 42.66 0.26 6.12
CA HIS F 8 42.56 1.41 7.06
C HIS F 8 41.64 2.48 6.48
N ASP F 9 40.89 3.17 7.33
CA ASP F 9 40.06 4.35 6.94
C ASP F 9 40.89 5.36 6.14
N GLU F 10 42.17 5.55 6.44
CA GLU F 10 43.00 6.58 5.75
C GLU F 10 43.18 6.17 4.28
N VAL F 11 43.32 4.86 4.05
CA VAL F 11 43.55 4.29 2.70
C VAL F 11 42.22 4.35 1.92
N GLU F 12 41.11 3.92 2.55
CA GLU F 12 39.73 4.02 1.98
C GLU F 12 39.48 5.46 1.51
N ALA F 13 39.81 6.46 2.34
CA ALA F 13 39.60 7.90 2.07
C ALA F 13 40.48 8.34 0.90
N ALA F 14 41.74 7.89 0.86
CA ALA F 14 42.73 8.26 -0.17
C ALA F 14 42.28 7.67 -1.52
N VAL F 15 41.70 6.48 -1.51
CA VAL F 15 41.17 5.82 -2.75
C VAL F 15 39.99 6.66 -3.28
N ASN F 16 39.09 7.12 -2.41
CA ASN F 16 37.97 7.99 -2.82
C ASN F 16 38.50 9.31 -3.42
N LYS F 17 39.53 9.92 -2.81
CA LYS F 17 40.14 11.16 -3.35
C LYS F 17 40.65 10.87 -4.76
N GLN F 18 41.34 9.74 -4.93
CA GLN F 18 41.95 9.38 -6.23
C GLN F 18 40.86 9.14 -7.29
N ILE F 19 39.75 8.51 -6.92
CA ILE F 19 38.61 8.36 -7.84
C ILE F 19 38.20 9.74 -8.36
N ASN F 20 38.08 10.76 -7.50
CA ASN F 20 37.72 12.13 -7.95
C ASN F 20 38.84 12.69 -8.84
N VAL F 21 40.10 12.45 -8.51
CA VAL F 21 41.25 12.95 -9.32
C VAL F 21 41.13 12.42 -10.75
N GLU F 22 40.77 11.14 -10.91
CA GLU F 22 40.70 10.46 -12.22
C GLU F 22 39.48 10.97 -12.98
N LEU F 23 38.34 11.17 -12.31
CA LEU F 23 37.10 11.71 -12.94
C LEU F 23 37.36 13.12 -13.43
N TYR F 24 38.09 13.94 -12.66
CA TYR F 24 38.47 15.32 -13.07
C TYR F 24 39.35 15.26 -14.33
N ALA F 25 40.36 14.38 -14.34
CA ALA F 25 41.30 14.24 -15.48
C ALA F 25 40.46 13.83 -16.71
N SER F 26 39.51 12.92 -16.53
CA SER F 26 38.60 12.52 -17.63
C SER F 26 37.87 13.76 -18.19
N TYR F 27 37.41 14.65 -17.32
CA TYR F 27 36.65 15.86 -17.72
C TYR F 27 37.58 16.80 -18.50
N VAL F 28 38.80 17.02 -17.99
CA VAL F 28 39.81 17.88 -18.66
C VAL F 28 39.98 17.37 -20.10
N TYR F 29 40.21 16.08 -20.29
CA TYR F 29 40.46 15.53 -21.63
C TYR F 29 39.22 15.65 -22.52
N LEU F 30 38.02 15.49 -21.94
CA LEU F 30 36.75 15.69 -22.70
C LEU F 30 36.71 17.13 -23.23
N SER F 31 37.05 18.11 -22.39
CA SER F 31 37.13 19.54 -22.75
C SER F 31 38.17 19.76 -23.86
N MET F 32 39.34 19.15 -23.72
CA MET F 32 40.40 19.30 -24.76
C MET F 32 39.89 18.69 -26.09
N SER F 33 39.15 17.58 -26.03
CA SER F 33 38.58 16.92 -27.23
C SER F 33 37.65 17.91 -27.95
N ALA F 34 36.77 18.58 -27.20
CA ALA F 34 35.84 19.62 -27.72
C ALA F 34 36.62 20.74 -28.40
N HIS F 35 37.72 21.18 -27.80
CA HIS F 35 38.55 22.30 -28.33
C HIS F 35 39.01 21.95 -29.76
N PHE F 36 39.54 20.74 -29.98
CA PHE F 36 40.14 20.33 -31.28
C PHE F 36 39.05 19.93 -32.27
N ASP F 37 37.80 19.82 -31.80
CA ASP F 37 36.61 19.55 -32.65
C ASP F 37 35.93 20.85 -33.08
N ARG F 38 36.39 22.00 -32.58
CA ARG F 38 35.86 23.32 -33.06
C ARG F 38 36.03 23.41 -34.58
N ASP F 39 35.06 23.98 -35.29
CA ASP F 39 35.13 24.06 -36.79
C ASP F 39 36.30 24.97 -37.24
N ASP F 40 36.87 25.81 -36.36
CA ASP F 40 37.98 26.74 -36.69
C ASP F 40 39.31 26.20 -36.16
N ILE F 41 39.33 25.00 -35.59
CA ILE F 41 40.59 24.31 -35.17
C ILE F 41 40.70 23.03 -35.99
N ALA F 42 39.73 22.12 -35.85
CA ALA F 42 39.39 21.05 -36.83
C ALA F 42 40.58 20.11 -37.01
N LEU F 43 41.19 19.67 -35.91
CA LEU F 43 42.23 18.61 -35.90
C LEU F 43 41.59 17.35 -35.33
N ARG F 44 40.97 16.55 -36.20
CA ARG F 44 40.01 15.49 -35.80
C ARG F 44 40.74 14.35 -35.08
N ASN F 45 41.94 13.98 -35.52
CA ASN F 45 42.70 12.87 -34.88
C ASN F 45 43.11 13.28 -33.46
N ILE F 46 43.50 14.53 -33.27
CA ILE F 46 43.84 15.07 -31.92
C ILE F 46 42.55 15.05 -31.07
N ALA F 47 41.42 15.48 -31.61
CA ALA F 47 40.12 15.48 -30.91
C ALA F 47 39.79 14.04 -30.48
N LYS F 48 39.96 13.07 -31.39
CA LYS F 48 39.64 11.65 -31.09
C LYS F 48 40.64 11.12 -30.05
N PHE F 49 41.89 11.57 -30.12
CA PHE F 49 42.92 11.14 -29.13
C PHE F 49 42.49 11.60 -27.73
N PHE F 50 42.13 12.87 -27.58
CA PHE F 50 41.75 13.42 -26.24
C PHE F 50 40.46 12.71 -25.78
N LYS F 51 39.53 12.36 -26.67
CA LYS F 51 38.32 11.60 -26.27
C LYS F 51 38.73 10.22 -25.73
N GLU F 52 39.69 9.53 -26.38
CA GLU F 52 40.20 8.22 -25.90
C GLU F 52 40.89 8.39 -24.54
N GLN F 53 41.66 9.47 -24.36
CA GLN F 53 42.31 9.78 -23.04
C GLN F 53 41.21 10.01 -21.99
N SER F 54 40.14 10.70 -22.35
CA SER F 54 38.99 10.94 -21.45
C SER F 54 38.37 9.60 -21.04
N ASP F 55 38.15 8.70 -22.00
CA ASP F 55 37.59 7.34 -21.74
C ASP F 55 38.53 6.56 -20.82
N GLU F 56 39.85 6.64 -21.05
CA GLU F 56 40.86 5.91 -20.24
C GLU F 56 40.86 6.41 -18.80
N GLU F 57 40.80 7.72 -18.59
CA GLU F 57 40.84 8.34 -17.25
C GLU F 57 39.55 7.92 -16.50
N ARG F 58 38.41 7.91 -17.19
CA ARG F 58 37.16 7.42 -16.58
C ARG F 58 37.36 5.95 -16.18
N GLY F 59 38.04 5.14 -17.01
CA GLY F 59 38.29 3.73 -16.67
C GLY F 59 39.18 3.61 -15.45
N HIS F 60 40.16 4.52 -15.30
CA HIS F 60 41.04 4.58 -14.10
C HIS F 60 40.17 4.78 -12.86
N ALA F 61 39.22 5.70 -12.92
CA ALA F 61 38.26 6.00 -11.84
C ALA F 61 37.44 4.75 -11.51
N THR F 62 36.84 4.09 -12.52
CA THR F 62 35.90 2.96 -12.30
C THR F 62 36.69 1.74 -11.81
N GLU F 63 37.96 1.58 -12.24
CA GLU F 63 38.81 0.48 -11.71
C GLU F 63 39.10 0.71 -10.22
N LEU F 64 39.36 1.95 -9.80
CA LEU F 64 39.58 2.28 -8.35
C LEU F 64 38.28 2.06 -7.56
N MET F 65 37.11 2.38 -8.13
CA MET F 65 35.80 2.03 -7.51
C MET F 65 35.67 0.52 -7.31
N ARG F 66 36.11 -0.28 -8.29
N ARG F 66 36.10 -0.28 -8.29
CA ARG F 66 36.02 -1.76 -8.21
CA ARG F 66 36.03 -1.77 -8.21
C ARG F 66 36.92 -2.27 -7.08
C ARG F 66 36.91 -2.24 -7.04
N ILE F 67 38.14 -1.73 -6.92
CA ILE F 67 39.09 -2.23 -5.87
C ILE F 67 38.58 -1.74 -4.51
N GLN F 68 37.99 -0.54 -4.45
CA GLN F 68 37.32 -0.03 -3.22
C GLN F 68 36.28 -1.06 -2.77
N ALA F 69 35.42 -1.54 -3.68
CA ALA F 69 34.36 -2.55 -3.38
C ALA F 69 35.00 -3.87 -2.97
N VAL F 70 36.02 -4.33 -3.71
CA VAL F 70 36.71 -5.62 -3.41
C VAL F 70 37.28 -5.56 -1.98
N ARG F 71 37.91 -4.46 -1.59
CA ARG F 71 38.53 -4.33 -0.24
C ARG F 71 37.44 -4.07 0.84
N GLY F 72 36.20 -3.86 0.45
CA GLY F 72 35.07 -3.61 1.39
C GLY F 72 35.02 -2.18 1.87
N GLY F 73 35.65 -1.25 1.16
CA GLY F 73 35.48 0.19 1.40
C GLY F 73 34.21 0.68 0.75
N ARG F 74 33.79 1.89 1.08
CA ARG F 74 32.55 2.48 0.49
C ARG F 74 32.96 3.69 -0.37
N VAL F 75 32.48 3.68 -1.61
CA VAL F 75 32.73 4.80 -2.55
C VAL F 75 31.95 6.01 -2.02
N ALA F 76 32.58 7.17 -2.04
CA ALA F 76 31.97 8.46 -1.70
C ALA F 76 32.32 9.45 -2.81
N MET F 77 31.33 9.87 -3.59
CA MET F 77 31.54 10.80 -4.74
C MET F 77 31.63 12.23 -4.25
N GLN F 78 32.42 13.04 -4.94
CA GLN F 78 32.48 14.51 -4.73
C GLN F 78 32.17 15.19 -6.06
N ASN F 79 31.87 16.50 -6.02
CA ASN F 79 31.69 17.31 -7.23
C ASN F 79 32.91 17.11 -8.14
N ILE F 80 32.68 17.04 -9.44
CA ILE F 80 33.77 17.02 -10.45
C ILE F 80 33.92 18.46 -10.94
N GLN F 81 35.00 19.11 -10.54
CA GLN F 81 35.26 20.53 -10.86
C GLN F 81 35.38 20.65 -12.38
N LYS F 82 34.84 21.73 -12.95
CA LYS F 82 35.04 22.02 -14.38
C LYS F 82 36.53 22.24 -14.59
N PRO F 83 37.07 21.89 -15.78
CA PRO F 83 38.48 22.13 -16.07
C PRO F 83 38.88 23.61 -15.98
N GLU F 84 40.18 23.88 -15.87
CA GLU F 84 40.72 25.26 -15.74
C GLU F 84 40.28 26.14 -16.91
N LYS F 85 40.14 25.57 -18.11
CA LYS F 85 39.86 26.35 -19.36
C LYS F 85 38.84 25.60 -20.21
N ASP F 86 38.07 26.30 -21.06
CA ASP F 86 37.41 25.68 -22.24
C ASP F 86 38.32 25.85 -23.46
N GLU F 87 39.08 26.95 -23.51
CA GLU F 87 39.95 27.29 -24.68
C GLU F 87 41.39 26.95 -24.33
N TRP F 88 41.93 25.88 -24.91
CA TRP F 88 43.20 25.23 -24.50
C TRP F 88 44.39 25.72 -25.32
N GLY F 89 44.17 26.65 -26.25
CA GLY F 89 45.25 27.26 -27.05
C GLY F 89 45.76 26.33 -28.15
N THR F 90 47.06 26.38 -28.41
CA THR F 90 47.70 25.68 -29.55
C THR F 90 47.74 24.18 -29.24
N VAL F 91 48.05 23.39 -30.25
CA VAL F 91 48.36 21.95 -30.06
C VAL F 91 49.40 21.82 -28.93
N LEU F 92 50.50 22.55 -29.01
CA LEU F 92 51.60 22.43 -28.02
C LEU F 92 51.07 22.76 -26.62
N GLU F 93 50.28 23.84 -26.49
CA GLU F 93 49.77 24.28 -25.16
C GLU F 93 48.88 23.19 -24.54
N ALA F 94 48.01 22.56 -25.35
CA ALA F 94 47.12 21.46 -24.90
C ALA F 94 47.96 20.26 -24.44
N PHE F 95 48.97 19.87 -25.20
CA PHE F 95 49.80 18.69 -24.84
C PHE F 95 50.65 19.01 -23.61
N GLU F 96 51.12 20.25 -23.45
CA GLU F 96 51.84 20.68 -22.23
C GLU F 96 50.90 20.61 -21.02
N ALA F 97 49.65 21.08 -21.15
CA ALA F 97 48.62 21.00 -20.09
C ALA F 97 48.36 19.52 -19.73
N ALA F 98 48.25 18.64 -20.72
CA ALA F 98 48.05 17.20 -20.54
C ALA F 98 49.23 16.58 -19.78
N LEU F 99 50.47 16.91 -20.14
CA LEU F 99 51.68 16.43 -19.42
C LEU F 99 51.61 16.87 -17.95
N ALA F 100 51.29 18.14 -17.68
CA ALA F 100 51.19 18.66 -16.30
C ALA F 100 50.10 17.90 -15.54
N LEU F 101 48.97 17.58 -16.18
CA LEU F 101 47.87 16.81 -15.55
C LEU F 101 48.34 15.37 -15.24
N GLU F 102 49.06 14.73 -16.16
CA GLU F 102 49.53 13.34 -15.96
C GLU F 102 50.52 13.32 -14.79
N ARG F 103 51.42 14.30 -14.73
CA ARG F 103 52.41 14.44 -13.63
C ARG F 103 51.65 14.68 -12.30
N ALA F 104 50.60 15.49 -12.29
CA ALA F 104 49.79 15.73 -11.06
C ALA F 104 49.10 14.43 -10.63
N ASN F 105 48.52 13.68 -11.57
CA ASN F 105 47.89 12.35 -11.32
C ASN F 105 48.92 11.41 -10.70
N ASN F 106 50.14 11.40 -11.26
CA ASN F 106 51.25 10.53 -10.79
C ASN F 106 51.66 10.91 -9.37
N ALA F 107 51.80 12.20 -9.09
CA ALA F 107 52.16 12.67 -7.72
C ALA F 107 51.10 12.18 -6.73
N SER F 108 49.82 12.26 -7.11
CA SER F 108 48.66 11.83 -6.28
C SER F 108 48.70 10.31 -6.08
N LEU F 109 49.03 9.55 -7.13
CA LEU F 109 49.19 8.06 -7.03
C LEU F 109 50.38 7.67 -6.15
N LEU F 110 51.49 8.41 -6.23
CA LEU F 110 52.69 8.11 -5.39
C LEU F 110 52.31 8.39 -3.92
N LYS F 111 51.57 9.47 -3.67
CA LYS F 111 51.07 9.79 -2.30
C LYS F 111 50.15 8.65 -1.83
N LEU F 112 49.22 8.17 -2.66
CA LEU F 112 48.33 7.02 -2.34
C LEU F 112 49.15 5.79 -1.96
N HIS F 113 50.13 5.42 -2.80
CA HIS F 113 51.06 4.31 -2.51
C HIS F 113 51.68 4.52 -1.11
N GLY F 114 52.17 5.74 -0.85
CA GLY F 114 52.85 6.14 0.40
C GLY F 114 51.98 5.89 1.62
N ILE F 115 50.69 6.23 1.53
CA ILE F 115 49.69 6.06 2.63
C ILE F 115 49.45 4.55 2.82
N ALA F 116 49.28 3.78 1.74
CA ALA F 116 49.08 2.32 1.81
C ALA F 116 50.29 1.69 2.48
N GLU F 117 51.49 2.12 2.10
CA GLU F 117 52.78 1.61 2.64
C GLU F 117 52.86 1.92 4.14
N GLN F 118 52.56 3.16 4.53
CA GLN F 118 52.57 3.64 5.94
C GLN F 118 51.64 2.76 6.80
N ARG F 119 50.53 2.28 6.23
CA ARG F 119 49.51 1.46 6.95
C ARG F 119 49.73 -0.04 6.71
N ASN F 120 50.85 -0.46 6.12
CA ASN F 120 51.20 -1.89 5.91
C ASN F 120 50.12 -2.59 5.08
N ASP F 121 49.56 -1.89 4.09
CA ASP F 121 48.56 -2.49 3.17
C ASP F 121 49.31 -3.18 2.03
N ALA F 122 49.76 -4.40 2.27
CA ALA F 122 50.69 -5.14 1.36
C ALA F 122 49.96 -5.46 0.05
N HIS F 123 48.65 -5.66 0.08
CA HIS F 123 47.85 -5.86 -1.15
C HIS F 123 47.84 -4.56 -1.94
N LEU F 124 47.45 -3.44 -1.32
CA LEU F 124 47.14 -2.21 -2.12
C LEU F 124 48.42 -1.56 -2.64
N THR F 125 49.56 -1.63 -1.93
CA THR F 125 50.83 -1.07 -2.46
C THR F 125 51.13 -1.74 -3.80
N ASN F 126 51.05 -3.07 -3.87
CA ASN F 126 51.33 -3.85 -5.09
C ASN F 126 50.28 -3.52 -6.17
N TYR F 127 49.01 -3.48 -5.79
CA TYR F 127 47.90 -3.13 -6.71
C TYR F 127 48.18 -1.76 -7.36
N ILE F 128 48.52 -0.75 -6.55
CA ILE F 128 48.81 0.62 -7.08
C ILE F 128 50.03 0.58 -8.01
N GLN F 129 51.11 -0.10 -7.60
CA GLN F 129 52.33 -0.22 -8.44
C GLN F 129 51.97 -0.83 -9.80
N GLU F 130 51.28 -1.97 -9.81
CA GLU F 130 50.97 -2.78 -11.02
C GLU F 130 49.97 -2.06 -11.93
N LYS F 131 48.86 -1.59 -11.35
CA LYS F 131 47.67 -1.15 -12.13
C LYS F 131 47.72 0.36 -12.40
N TYR F 132 48.54 1.14 -11.69
CA TYR F 132 48.54 2.61 -11.81
C TYR F 132 49.93 3.17 -12.08
N LEU F 133 50.93 2.85 -11.25
CA LEU F 133 52.24 3.54 -11.38
C LEU F 133 52.91 3.17 -12.71
N GLU F 134 52.80 1.91 -13.15
CA GLU F 134 53.39 1.44 -14.42
C GLU F 134 52.73 2.20 -15.58
N GLU F 135 51.41 2.20 -15.64
CA GLU F 135 50.65 2.91 -16.70
C GLU F 135 51.05 4.39 -16.65
N GLN F 136 51.15 4.96 -15.44
CA GLN F 136 51.33 6.42 -15.28
C GLN F 136 52.69 6.85 -15.87
N VAL F 137 53.78 6.07 -15.66
CA VAL F 137 55.12 6.48 -16.18
C VAL F 137 55.11 6.35 -17.70
N HIS F 138 54.38 5.38 -18.24
CA HIS F 138 54.24 5.23 -19.70
C HIS F 138 53.47 6.44 -20.27
N SER F 139 52.35 6.84 -19.66
CA SER F 139 51.53 7.99 -20.13
C SER F 139 52.36 9.26 -20.13
N ILE F 140 53.12 9.50 -19.06
CA ILE F 140 53.98 10.72 -18.96
C ILE F 140 55.05 10.69 -20.07
N ASN F 141 55.70 9.55 -20.28
CA ASN F 141 56.68 9.38 -21.38
C ASN F 141 56.00 9.68 -22.72
N GLU F 142 54.80 9.12 -22.94
CA GLU F 142 54.00 9.32 -24.19
C GLU F 142 53.81 10.82 -24.43
N PHE F 143 53.38 11.57 -23.41
CA PHE F 143 53.12 13.03 -23.51
C PHE F 143 54.42 13.82 -23.72
N ALA F 144 55.50 13.48 -23.03
CA ALA F 144 56.82 14.13 -23.23
C ALA F 144 57.25 13.96 -24.70
N ARG F 145 57.06 12.76 -25.25
CA ARG F 145 57.45 12.43 -26.64
C ARG F 145 56.54 13.19 -27.62
N TYR F 146 55.22 13.23 -27.38
CA TYR F 146 54.31 14.06 -28.21
C TYR F 146 54.82 15.51 -28.27
N ILE F 147 55.19 16.08 -27.11
CA ILE F 147 55.65 17.49 -27.03
C ILE F 147 56.92 17.67 -27.87
N ALA F 148 57.89 16.75 -27.76
CA ALA F 148 59.12 16.77 -28.57
C ALA F 148 58.77 16.81 -30.06
N ASN F 149 57.85 15.96 -30.49
CA ASN F 149 57.42 15.85 -31.92
C ASN F 149 56.62 17.08 -32.34
N ILE F 150 55.75 17.64 -31.48
CA ILE F 150 54.98 18.88 -31.82
C ILE F 150 55.97 20.03 -32.07
N LYS F 151 56.97 20.17 -31.20
CA LYS F 151 58.00 21.22 -31.33
C LYS F 151 58.79 21.00 -32.62
N ARG F 152 59.14 19.76 -32.92
CA ARG F 152 59.94 19.41 -34.11
C ARG F 152 59.15 19.75 -35.37
N ALA F 153 57.89 19.32 -35.46
CA ALA F 153 57.03 19.50 -36.65
C ALA F 153 56.76 21.00 -36.86
N GLY F 154 56.57 21.71 -35.76
CA GLY F 154 56.39 23.17 -35.78
C GLY F 154 54.95 23.56 -36.11
N PRO F 155 54.62 24.85 -35.92
CA PRO F 155 53.25 25.33 -36.10
C PRO F 155 52.84 25.36 -37.57
N GLY F 156 51.54 25.28 -37.83
CA GLY F 156 50.98 25.36 -39.19
C GLY F 156 50.97 24.00 -39.84
N LEU F 157 51.75 23.81 -40.91
CA LEU F 157 51.76 22.53 -41.65
C LEU F 157 52.17 21.41 -40.70
N GLY F 158 53.14 21.63 -39.80
CA GLY F 158 53.56 20.60 -38.84
C GLY F 158 52.41 20.13 -37.96
N GLU F 159 51.53 21.03 -37.51
CA GLU F 159 50.36 20.69 -36.67
C GLU F 159 49.40 19.83 -37.50
N TYR F 160 49.17 20.21 -38.76
CA TYR F 160 48.30 19.43 -39.68
C TYR F 160 48.85 18.01 -39.84
N LEU F 161 50.16 17.87 -40.07
CA LEU F 161 50.77 16.55 -40.37
C LEU F 161 50.95 15.73 -39.09
N PHE F 162 51.20 16.38 -37.96
CA PHE F 162 51.21 15.71 -36.63
C PHE F 162 49.85 15.05 -36.44
N ASP F 163 48.75 15.77 -36.66
CA ASP F 163 47.38 15.23 -36.53
C ASP F 163 47.22 14.04 -37.49
N LYS F 164 47.71 14.16 -38.71
CA LYS F 164 47.54 13.10 -39.75
C LYS F 164 48.38 11.87 -39.38
N GLU F 165 49.62 12.07 -38.91
CA GLU F 165 50.67 11.01 -38.90
C GLU F 165 50.79 10.37 -37.52
N GLU F 166 50.50 11.09 -36.44
CA GLU F 166 50.99 10.67 -35.10
C GLU F 166 50.08 9.60 -34.47
N PHE F 167 48.81 9.51 -34.86
CA PHE F 167 47.77 8.70 -34.16
C PHE F 167 47.33 7.51 -35.04
N SER F 168 48.15 7.15 -36.02
CA SER F 168 47.86 6.09 -37.04
C SER F 168 48.75 4.87 -36.78
N SER G 1 -44.52 31.14 -0.82
CA SER G 1 -44.06 30.92 0.56
C SER G 1 -44.19 32.22 1.36
N LEU G 2 -44.73 32.16 2.57
CA LEU G 2 -44.81 33.32 3.50
C LEU G 2 -43.43 33.64 4.08
N ALA G 3 -42.52 32.66 4.08
CA ALA G 3 -41.20 32.76 4.74
C ALA G 3 -40.18 33.37 3.79
N ARG G 4 -40.29 33.07 2.51
CA ARG G 4 -39.19 33.32 1.54
C ARG G 4 -38.81 34.80 1.61
N GLN G 5 -37.53 35.05 1.81
CA GLN G 5 -36.99 36.41 1.97
C GLN G 5 -35.52 36.41 1.56
N ASN G 6 -35.15 37.34 0.69
CA ASN G 6 -33.76 37.50 0.17
C ASN G 6 -33.32 36.17 -0.45
N TYR G 7 -34.22 35.49 -1.15
CA TYR G 7 -33.92 34.16 -1.75
C TYR G 7 -34.27 34.21 -3.23
N HIS G 8 -33.25 34.30 -4.08
N HIS G 8 -33.27 34.29 -4.10
CA HIS G 8 -33.38 34.53 -5.54
CA HIS G 8 -33.48 34.59 -5.54
C HIS G 8 -33.77 33.22 -6.24
C HIS G 8 -33.63 33.30 -6.34
N ASP G 9 -34.50 33.32 -7.35
CA ASP G 9 -34.80 32.17 -8.23
C ASP G 9 -33.52 31.48 -8.71
N GLU G 10 -32.45 32.22 -9.00
CA GLU G 10 -31.19 31.61 -9.50
C GLU G 10 -30.59 30.69 -8.41
N VAL G 11 -30.69 31.11 -7.16
CA VAL G 11 -30.15 30.34 -6.00
C VAL G 11 -31.06 29.13 -5.73
N GLU G 12 -32.38 29.33 -5.72
CA GLU G 12 -33.36 28.22 -5.58
C GLU G 12 -33.04 27.13 -6.60
N ALA G 13 -32.84 27.52 -7.86
CA ALA G 13 -32.58 26.60 -8.99
C ALA G 13 -31.23 25.89 -8.79
N ALA G 14 -30.20 26.62 -8.38
CA ALA G 14 -28.84 26.10 -8.14
C ALA G 14 -28.88 25.08 -7.00
N VAL G 15 -29.69 25.32 -5.97
CA VAL G 15 -29.86 24.34 -4.87
C VAL G 15 -30.50 23.06 -5.42
N ASN G 16 -31.52 23.15 -6.30
CA ASN G 16 -32.16 21.96 -6.90
C ASN G 16 -31.14 21.18 -7.75
N LYS G 17 -30.30 21.88 -8.52
CA LYS G 17 -29.22 21.22 -9.30
C LYS G 17 -28.30 20.47 -8.33
N GLN G 18 -27.90 21.10 -7.22
CA GLN G 18 -26.96 20.49 -6.26
C GLN G 18 -27.59 19.24 -5.63
N ILE G 19 -28.91 19.26 -5.39
CA ILE G 19 -29.62 18.09 -4.81
C ILE G 19 -29.43 16.91 -5.78
N ASN G 20 -29.61 17.14 -7.08
CA ASN G 20 -29.41 16.09 -8.11
C ASN G 20 -27.96 15.63 -8.12
N VAL G 21 -27.01 16.55 -8.05
CA VAL G 21 -25.55 16.24 -8.00
C VAL G 21 -25.29 15.28 -6.84
N GLU G 22 -25.82 15.56 -5.65
CA GLU G 22 -25.58 14.74 -4.44
C GLU G 22 -26.26 13.37 -4.60
N LEU G 23 -27.47 13.31 -5.18
CA LEU G 23 -28.19 12.03 -5.38
C LEU G 23 -27.40 11.17 -6.37
N TYR G 24 -26.85 11.80 -7.42
CA TYR G 24 -26.02 11.09 -8.41
C TYR G 24 -24.78 10.51 -7.72
N ALA G 25 -24.09 11.32 -6.90
CA ALA G 25 -22.90 10.88 -6.13
C ALA G 25 -23.27 9.67 -5.26
N SER G 26 -24.42 9.72 -4.59
CA SER G 26 -24.94 8.60 -3.77
C SER G 26 -25.06 7.35 -4.65
N TYR G 27 -25.54 7.50 -5.88
CA TYR G 27 -25.79 6.36 -6.79
C TYR G 27 -24.45 5.75 -7.23
N VAL G 28 -23.47 6.59 -7.52
CA VAL G 28 -22.11 6.15 -7.94
C VAL G 28 -21.54 5.27 -6.82
N TYR G 29 -21.60 5.74 -5.58
CA TYR G 29 -21.01 5.02 -4.43
C TYR G 29 -21.77 3.72 -4.18
N LEU G 30 -23.09 3.70 -4.37
CA LEU G 30 -23.87 2.44 -4.25
C LEU G 30 -23.36 1.42 -5.28
N SER G 31 -23.12 1.86 -6.52
CA SER G 31 -22.55 1.01 -7.60
C SER G 31 -21.15 0.51 -7.18
N MET G 32 -20.29 1.39 -6.67
CA MET G 32 -18.93 1.00 -6.23
C MET G 32 -19.05 -0.04 -5.09
N SER G 33 -20.02 0.13 -4.18
CA SER G 33 -20.27 -0.86 -3.09
C SER G 33 -20.55 -2.22 -3.69
N ALA G 34 -21.47 -2.32 -4.67
CA ALA G 34 -21.84 -3.59 -5.34
C ALA G 34 -20.59 -4.20 -5.99
N HIS G 35 -19.76 -3.38 -6.64
CA HIS G 35 -18.51 -3.86 -7.28
C HIS G 35 -17.66 -4.66 -6.27
N PHE G 36 -17.40 -4.11 -5.09
CA PHE G 36 -16.51 -4.71 -4.09
C PHE G 36 -17.20 -5.86 -3.36
N ASP G 37 -18.52 -6.00 -3.53
CA ASP G 37 -19.35 -7.09 -2.97
C ASP G 37 -19.42 -8.27 -3.95
N ARG G 38 -18.88 -8.13 -5.17
CA ARG G 38 -18.82 -9.26 -6.13
C ARG G 38 -18.05 -10.41 -5.46
N ASP G 39 -18.52 -11.64 -5.67
CA ASP G 39 -17.91 -12.87 -5.10
C ASP G 39 -16.48 -13.09 -5.63
N ASP G 40 -16.09 -12.44 -6.73
CA ASP G 40 -14.73 -12.58 -7.35
C ASP G 40 -13.86 -11.38 -6.96
N ILE G 41 -14.40 -10.41 -6.22
CA ILE G 41 -13.63 -9.24 -5.71
C ILE G 41 -13.55 -9.34 -4.18
N ALA G 42 -14.70 -9.38 -3.51
CA ALA G 42 -14.86 -9.84 -2.10
C ALA G 42 -13.98 -9.01 -1.16
N LEU G 43 -14.02 -7.69 -1.28
CA LEU G 43 -13.38 -6.79 -0.29
C LEU G 43 -14.49 -6.12 0.53
N ARG G 44 -14.88 -6.75 1.63
CA ARG G 44 -16.11 -6.43 2.39
C ARG G 44 -15.99 -5.06 3.08
N ASN G 45 -14.83 -4.69 3.62
CA ASN G 45 -14.64 -3.40 4.32
C ASN G 45 -14.71 -2.26 3.29
N ILE G 46 -14.14 -2.45 2.10
CA ILE G 46 -14.24 -1.42 1.04
C ILE G 46 -15.71 -1.35 0.58
N ALA G 47 -16.40 -2.48 0.43
CA ALA G 47 -17.83 -2.49 0.04
C ALA G 47 -18.64 -1.71 1.08
N LYS G 48 -18.39 -1.96 2.36
CA LYS G 48 -19.10 -1.27 3.47
C LYS G 48 -18.78 0.22 3.46
N PHE G 49 -17.54 0.60 3.23
CA PHE G 49 -17.10 2.02 3.16
C PHE G 49 -17.86 2.74 2.06
N PHE G 50 -17.95 2.16 0.86
CA PHE G 50 -18.65 2.83 -0.26
C PHE G 50 -20.16 2.89 0.03
N LYS G 51 -20.73 1.91 0.71
CA LYS G 51 -22.17 1.97 1.10
C LYS G 51 -22.36 3.14 2.07
N GLU G 52 -21.45 3.30 3.04
CA GLU G 52 -21.49 4.44 4.00
C GLU G 52 -21.35 5.77 3.24
N GLN G 53 -20.45 5.85 2.25
CA GLN G 53 -20.29 7.05 1.39
C GLN G 53 -21.61 7.31 0.64
N SER G 54 -22.25 6.27 0.11
CA SER G 54 -23.56 6.39 -0.59
C SER G 54 -24.59 6.98 0.37
N ASP G 55 -24.64 6.45 1.58
CA ASP G 55 -25.57 6.96 2.64
C ASP G 55 -25.26 8.44 2.91
N GLU G 56 -23.99 8.82 3.04
CA GLU G 56 -23.57 10.20 3.37
C GLU G 56 -23.98 11.15 2.24
N GLU G 57 -23.78 10.77 0.98
CA GLU G 57 -24.14 11.62 -0.18
C GLU G 57 -25.66 11.83 -0.23
N ARG G 58 -26.45 10.78 0.07
CA ARG G 58 -27.93 10.89 0.13
C ARG G 58 -28.28 11.87 1.25
N GLY G 59 -27.58 11.79 2.38
CA GLY G 59 -27.71 12.78 3.46
C GLY G 59 -27.40 14.19 2.99
N HIS G 60 -26.36 14.39 2.17
CA HIS G 60 -26.03 15.73 1.61
C HIS G 60 -27.22 16.23 0.80
N ALA G 61 -27.85 15.37 0.03
CA ALA G 61 -29.01 15.72 -0.83
C ALA G 61 -30.17 16.13 0.06
N THR G 62 -30.50 15.31 1.06
CA THR G 62 -31.73 15.50 1.89
C THR G 62 -31.55 16.72 2.79
N GLU G 63 -30.32 17.04 3.20
CA GLU G 63 -30.03 18.26 3.98
C GLU G 63 -30.23 19.48 3.08
N LEU G 64 -29.84 19.43 1.81
CA LEU G 64 -30.10 20.55 0.86
C LEU G 64 -31.61 20.67 0.63
N MET G 65 -32.35 19.56 0.56
CA MET G 65 -33.82 19.59 0.46
C MET G 65 -34.39 20.33 1.67
N ARG G 66 -33.84 20.12 2.87
N ARG G 66 -33.84 20.10 2.86
CA ARG G 66 -34.34 20.74 4.12
CA ARG G 66 -34.28 20.72 4.14
C ARG G 66 -34.08 22.26 4.09
C ARG G 66 -34.09 22.25 4.03
N ILE G 67 -32.89 22.69 3.65
CA ILE G 67 -32.56 24.15 3.64
C ILE G 67 -33.39 24.82 2.53
N GLN G 68 -33.68 24.12 1.42
CA GLN G 68 -34.59 24.63 0.34
C GLN G 68 -35.95 24.95 0.97
N ALA G 69 -36.49 24.02 1.76
CA ALA G 69 -37.80 24.16 2.45
C ALA G 69 -37.73 25.29 3.49
N VAL G 70 -36.68 25.36 4.30
CA VAL G 70 -36.49 26.42 5.33
C VAL G 70 -36.52 27.80 4.65
N ARG G 71 -35.82 27.94 3.52
CA ARG G 71 -35.75 29.24 2.78
C ARG G 71 -37.06 29.51 2.01
N GLY G 72 -37.97 28.54 1.91
CA GLY G 72 -39.26 28.70 1.20
C GLY G 72 -39.13 28.49 -0.31
N GLY G 73 -38.06 27.86 -0.76
CA GLY G 73 -37.90 27.40 -2.15
C GLY G 73 -38.66 26.10 -2.35
N ARG G 74 -38.81 25.66 -3.59
CA ARG G 74 -39.56 24.42 -3.89
C ARG G 74 -38.59 23.42 -4.51
N VAL G 75 -38.56 22.22 -3.94
CA VAL G 75 -37.72 21.09 -4.46
C VAL G 75 -38.29 20.65 -5.81
N ALA G 76 -37.43 20.51 -6.82
CA ALA G 76 -37.79 20.01 -8.16
C ALA G 76 -36.79 18.91 -8.52
N MET G 77 -37.29 17.68 -8.56
CA MET G 77 -36.46 16.46 -8.80
C MET G 77 -36.20 16.31 -10.30
N GLN G 78 -35.04 15.76 -10.64
CA GLN G 78 -34.71 15.35 -12.02
C GLN G 78 -34.30 13.87 -11.97
N ASN G 79 -34.22 13.26 -13.15
CA ASN G 79 -33.71 11.87 -13.29
C ASN G 79 -32.35 11.79 -12.58
N ILE G 80 -32.11 10.69 -11.89
CA ILE G 80 -30.75 10.36 -11.38
C ILE G 80 -30.08 9.47 -12.43
N GLN G 81 -29.08 10.03 -13.11
CA GLN G 81 -28.36 9.34 -14.20
C GLN G 81 -27.68 8.10 -13.61
N LYS G 82 -27.66 6.99 -14.33
CA LYS G 82 -26.87 5.82 -13.88
C LYS G 82 -25.39 6.20 -13.88
N PRO G 83 -24.58 5.60 -12.99
CA PRO G 83 -23.14 5.89 -12.98
C PRO G 83 -22.47 5.60 -14.34
N GLU G 84 -21.29 6.19 -14.55
CA GLU G 84 -20.49 5.99 -15.79
C GLU G 84 -20.22 4.50 -16.04
N LYS G 85 -20.03 3.70 -14.98
CA LYS G 85 -19.60 2.29 -15.06
C LYS G 85 -20.41 1.42 -14.09
N ASP G 86 -20.57 0.12 -14.36
CA ASP G 86 -20.90 -0.90 -13.32
C ASP G 86 -19.58 -1.55 -12.86
N GLU G 87 -18.62 -1.67 -13.77
CA GLU G 87 -17.30 -2.31 -13.53
C GLU G 87 -16.26 -1.22 -13.24
N TRP G 88 -15.88 -1.04 -11.97
CA TRP G 88 -15.04 0.10 -11.53
C TRP G 88 -13.54 -0.23 -11.56
N GLY G 89 -13.18 -1.44 -12.01
CA GLY G 89 -11.77 -1.84 -12.21
C GLY G 89 -11.08 -2.15 -10.89
N THR G 90 -9.82 -1.74 -10.76
CA THR G 90 -8.95 -2.10 -9.61
C THR G 90 -9.37 -1.27 -8.39
N VAL G 91 -8.88 -1.66 -7.23
CA VAL G 91 -9.05 -0.84 -5.98
C VAL G 91 -8.59 0.58 -6.29
N LEU G 92 -7.38 0.76 -6.84
CA LEU G 92 -6.87 2.12 -7.12
C LEU G 92 -7.83 2.86 -8.06
N GLU G 93 -8.28 2.23 -9.14
CA GLU G 93 -9.14 2.90 -10.15
C GLU G 93 -10.44 3.38 -9.50
N ALA G 94 -11.06 2.55 -8.64
CA ALA G 94 -12.30 2.92 -7.93
C ALA G 94 -12.05 4.17 -7.06
N PHE G 95 -10.95 4.18 -6.30
CA PHE G 95 -10.63 5.31 -5.39
C PHE G 95 -10.26 6.55 -6.20
N GLU G 96 -9.60 6.38 -7.36
CA GLU G 96 -9.33 7.51 -8.29
C GLU G 96 -10.66 8.07 -8.82
N ALA G 97 -11.61 7.23 -9.19
CA ALA G 97 -12.93 7.70 -9.69
C ALA G 97 -13.69 8.40 -8.55
N ALA G 98 -13.55 7.92 -7.31
CA ALA G 98 -14.21 8.55 -6.13
C ALA G 98 -13.62 9.95 -5.91
N LEU G 99 -12.28 10.10 -5.97
CA LEU G 99 -11.62 11.42 -5.79
C LEU G 99 -12.14 12.39 -6.87
N ALA G 100 -12.21 11.97 -8.14
CA ALA G 100 -12.71 12.80 -9.25
C ALA G 100 -14.15 13.22 -8.96
N LEU G 101 -14.98 12.31 -8.46
CA LEU G 101 -16.40 12.60 -8.10
C LEU G 101 -16.43 13.68 -7.02
N GLU G 102 -15.61 13.54 -5.97
CA GLU G 102 -15.60 14.49 -4.82
C GLU G 102 -15.14 15.87 -5.31
N ARG G 103 -14.14 15.93 -6.20
CA ARG G 103 -13.64 17.21 -6.78
C ARG G 103 -14.75 17.85 -7.65
N ALA G 104 -15.49 17.05 -8.42
CA ALA G 104 -16.63 17.54 -9.22
C ALA G 104 -17.73 18.10 -8.31
N ASN G 105 -18.05 17.40 -7.22
CA ASN G 105 -19.03 17.84 -6.20
C ASN G 105 -18.55 19.18 -5.61
N ASN G 106 -17.27 19.27 -5.29
CA ASN G 106 -16.68 20.51 -4.71
C ASN G 106 -16.78 21.66 -5.71
N ALA G 107 -16.45 21.44 -6.99
CA ALA G 107 -16.53 22.47 -8.04
C ALA G 107 -17.98 22.99 -8.10
N SER G 108 -18.96 22.07 -8.06
CA SER G 108 -20.41 22.39 -8.08
C SER G 108 -20.78 23.26 -6.87
N LEU G 109 -20.32 22.87 -5.68
CA LEU G 109 -20.63 23.59 -4.41
C LEU G 109 -19.97 24.97 -4.40
N LEU G 110 -18.75 25.10 -4.93
CA LEU G 110 -18.06 26.41 -5.05
C LEU G 110 -18.86 27.30 -6.01
N LYS G 111 -19.39 26.73 -7.10
CA LYS G 111 -20.23 27.50 -8.07
C LYS G 111 -21.52 27.92 -7.37
N LEU G 112 -22.14 27.04 -6.57
CA LEU G 112 -23.36 27.36 -5.78
C LEU G 112 -23.05 28.49 -4.80
N HIS G 113 -21.92 28.42 -4.09
CA HIS G 113 -21.49 29.53 -3.20
C HIS G 113 -21.37 30.83 -3.99
N GLY G 114 -20.77 30.79 -5.19
CA GLY G 114 -20.58 31.97 -6.05
C GLY G 114 -21.90 32.62 -6.41
N ILE G 115 -22.90 31.82 -6.78
CA ILE G 115 -24.26 32.30 -7.18
C ILE G 115 -24.90 32.97 -5.97
N ALA G 116 -24.83 32.34 -4.79
CA ALA G 116 -25.37 32.91 -3.52
C ALA G 116 -24.65 34.23 -3.22
N GLU G 117 -23.33 34.27 -3.40
CA GLU G 117 -22.54 35.49 -3.12
C GLU G 117 -22.94 36.61 -4.09
N GLN G 118 -23.07 36.30 -5.38
CA GLN G 118 -23.48 37.27 -6.44
C GLN G 118 -24.86 37.84 -6.10
N ARG G 119 -25.77 37.04 -5.53
CA ARG G 119 -27.17 37.47 -5.19
C ARG G 119 -27.27 37.98 -3.74
N ASN G 120 -26.15 38.21 -3.04
CA ASN G 120 -26.10 38.79 -1.67
C ASN G 120 -26.94 37.94 -0.72
N ASP G 121 -26.86 36.63 -0.86
CA ASP G 121 -27.55 35.68 0.05
C ASP G 121 -26.59 35.39 1.19
N ALA G 122 -26.59 36.27 2.19
CA ALA G 122 -25.67 36.26 3.34
C ALA G 122 -25.91 35.00 4.18
N HIS G 123 -27.16 34.56 4.32
CA HIS G 123 -27.45 33.29 5.01
C HIS G 123 -26.82 32.12 4.24
N LEU G 124 -27.10 32.02 2.94
CA LEU G 124 -26.76 30.76 2.23
C LEU G 124 -25.25 30.66 1.95
N THR G 125 -24.53 31.76 1.76
CA THR G 125 -23.06 31.68 1.57
C THR G 125 -22.45 31.01 2.81
N ASN G 126 -22.83 31.46 4.00
CA ASN G 126 -22.30 30.90 5.26
C ASN G 126 -22.76 29.44 5.40
N TYR G 127 -24.03 29.16 5.08
CA TYR G 127 -24.59 27.80 5.20
C TYR G 127 -23.76 26.84 4.33
N ILE G 128 -23.50 27.21 3.08
CA ILE G 128 -22.71 26.35 2.15
C ILE G 128 -21.27 26.20 2.65
N GLN G 129 -20.61 27.26 3.13
CA GLN G 129 -19.23 27.18 3.68
C GLN G 129 -19.21 26.17 4.85
N GLU G 130 -20.13 26.33 5.80
CA GLU G 130 -20.17 25.58 7.08
C GLU G 130 -20.54 24.12 6.83
N LYS G 131 -21.64 23.90 6.09
CA LYS G 131 -22.33 22.59 6.04
C LYS G 131 -21.82 21.76 4.87
N TYR G 132 -21.18 22.37 3.86
CA TYR G 132 -20.73 21.67 2.63
C TYR G 132 -19.24 21.86 2.36
N LEU G 133 -18.74 23.09 2.26
CA LEU G 133 -17.36 23.30 1.76
C LEU G 133 -16.35 22.69 2.75
N GLU G 134 -16.58 22.82 4.06
CA GLU G 134 -15.66 22.28 5.10
C GLU G 134 -15.60 20.75 4.99
N GLU G 135 -16.75 20.08 4.92
CA GLU G 135 -16.81 18.61 4.78
C GLU G 135 -16.16 18.18 3.45
N GLN G 136 -16.42 18.90 2.37
CA GLN G 136 -15.93 18.53 1.02
C GLN G 136 -14.40 18.54 1.00
N VAL G 137 -13.74 19.54 1.58
CA VAL G 137 -12.24 19.59 1.57
C VAL G 137 -11.69 18.42 2.40
N HIS G 138 -12.35 18.05 3.50
CA HIS G 138 -11.94 16.88 4.31
C HIS G 138 -12.16 15.58 3.53
N SER G 139 -13.27 15.43 2.81
CA SER G 139 -13.53 14.22 1.99
C SER G 139 -12.47 14.11 0.88
N ILE G 140 -12.15 15.20 0.19
CA ILE G 140 -11.13 15.19 -0.91
C ILE G 140 -9.78 14.76 -0.32
N ASN G 141 -9.40 15.32 0.83
CA ASN G 141 -8.16 14.98 1.54
C ASN G 141 -8.17 13.47 1.87
N GLU G 142 -9.27 12.96 2.42
CA GLU G 142 -9.39 11.53 2.81
C GLU G 142 -9.12 10.64 1.58
N PHE G 143 -9.71 10.99 0.44
CA PHE G 143 -9.57 10.16 -0.81
C PHE G 143 -8.15 10.26 -1.37
N ALA G 144 -7.54 11.44 -1.36
CA ALA G 144 -6.13 11.63 -1.79
C ALA G 144 -5.23 10.73 -0.94
N ARG G 145 -5.48 10.69 0.38
N ARG G 145 -5.48 10.69 0.38
CA ARG G 145 -4.72 9.88 1.35
CA ARG G 145 -4.71 9.88 1.35
C ARG G 145 -4.95 8.39 1.10
C ARG G 145 -4.95 8.38 1.08
N TYR G 146 -6.19 7.97 0.82
CA TYR G 146 -6.48 6.56 0.49
C TYR G 146 -5.67 6.17 -0.74
N ILE G 147 -5.63 7.04 -1.75
CA ILE G 147 -4.91 6.73 -3.03
C ILE G 147 -3.41 6.60 -2.74
N ALA G 148 -2.81 7.48 -1.94
CA ALA G 148 -1.39 7.38 -1.54
C ALA G 148 -1.15 6.01 -0.89
N ASN G 149 -2.05 5.60 0.01
CA ASN G 149 -1.90 4.34 0.77
C ASN G 149 -2.13 3.13 -0.13
N ILE G 150 -3.11 3.18 -1.05
CA ILE G 150 -3.31 2.07 -2.03
C ILE G 150 -2.03 1.89 -2.87
N LYS G 151 -1.46 2.98 -3.36
CA LYS G 151 -0.25 2.95 -4.22
C LYS G 151 0.91 2.40 -3.39
N ARG G 152 1.03 2.81 -2.12
CA ARG G 152 2.14 2.38 -1.24
C ARG G 152 2.05 0.86 -1.00
N ALA G 153 0.87 0.38 -0.62
CA ALA G 153 0.61 -1.04 -0.25
C ALA G 153 0.75 -1.93 -1.49
N GLY G 154 0.30 -1.46 -2.64
CA GLY G 154 0.43 -2.15 -3.93
C GLY G 154 -0.67 -3.19 -4.16
N PRO G 155 -0.79 -3.69 -5.41
CA PRO G 155 -1.81 -4.68 -5.75
C PRO G 155 -1.56 -6.02 -5.06
N GLY G 156 -2.63 -6.79 -4.88
CA GLY G 156 -2.54 -8.16 -4.31
C GLY G 156 -2.60 -8.10 -2.80
N LEU G 157 -1.53 -8.54 -2.13
CA LEU G 157 -1.54 -8.60 -0.65
C LEU G 157 -1.82 -7.20 -0.09
N GLY G 158 -1.25 -6.15 -0.70
CA GLY G 158 -1.44 -4.75 -0.26
C GLY G 158 -2.90 -4.37 -0.27
N GLU G 159 -3.66 -4.75 -1.30
CA GLU G 159 -5.12 -4.47 -1.40
C GLU G 159 -5.85 -5.25 -0.31
N TYR G 160 -5.52 -6.53 -0.10
CA TYR G 160 -6.14 -7.36 0.95
C TYR G 160 -5.94 -6.68 2.32
N LEU G 161 -4.72 -6.23 2.64
CA LEU G 161 -4.42 -5.67 3.99
C LEU G 161 -4.95 -4.24 4.11
N PHE G 162 -5.00 -3.48 3.01
CA PHE G 162 -5.64 -2.14 2.97
C PHE G 162 -7.09 -2.30 3.40
N ASP G 163 -7.78 -3.28 2.81
CA ASP G 163 -9.20 -3.57 3.17
C ASP G 163 -9.29 -3.94 4.67
N LYS G 164 -8.37 -4.73 5.19
CA LYS G 164 -8.38 -5.15 6.63
C LYS G 164 -8.07 -3.98 7.57
N GLU G 165 -7.13 -3.10 7.23
CA GLU G 165 -6.47 -2.17 8.18
C GLU G 165 -7.09 -0.78 8.11
N GLU G 166 -7.60 -0.37 6.96
CA GLU G 166 -7.77 1.08 6.67
C GLU G 166 -9.11 1.60 7.22
N PHE G 167 -10.08 0.73 7.48
CA PHE G 167 -11.48 1.11 7.81
C PHE G 167 -11.81 0.69 9.25
N SER G 168 -10.77 0.63 10.10
CA SER G 168 -10.84 0.11 11.49
C SER G 168 -9.56 0.51 12.25
N SER H 1 -0.04 5.60 -14.93
CA SER H 1 1.31 5.26 -15.48
C SER H 1 2.39 6.06 -14.75
N LEU H 2 3.48 5.43 -14.34
CA LEU H 2 4.65 6.16 -13.77
C LEU H 2 5.43 6.86 -14.89
N ALA H 3 5.28 6.40 -16.14
CA ALA H 3 6.02 6.89 -17.32
C ALA H 3 5.38 8.16 -17.90
N ARG H 4 4.05 8.21 -17.93
CA ARG H 4 3.30 9.23 -18.71
C ARG H 4 3.78 10.64 -18.40
N GLN H 5 4.16 11.38 -19.44
CA GLN H 5 4.76 12.73 -19.29
C GLN H 5 4.52 13.50 -20.57
N ASN H 6 3.96 14.70 -20.43
CA ASN H 6 3.63 15.58 -21.57
C ASN H 6 2.70 14.84 -22.54
N TYR H 7 1.78 14.02 -22.03
CA TYR H 7 0.89 13.19 -22.88
C TYR H 7 -0.55 13.49 -22.48
N HIS H 8 -1.21 14.32 -23.29
CA HIS H 8 -2.55 14.89 -22.99
C HIS H 8 -3.64 13.85 -23.29
N ASP H 9 -4.70 13.86 -22.48
CA ASP H 9 -5.89 12.99 -22.70
C ASP H 9 -6.42 13.09 -24.14
N GLU H 10 -6.40 14.28 -24.74
CA GLU H 10 -6.93 14.47 -26.11
C GLU H 10 -6.08 13.66 -27.10
N VAL H 11 -4.76 13.62 -26.88
CA VAL H 11 -3.81 12.90 -27.76
C VAL H 11 -3.99 11.39 -27.56
N GLU H 12 -4.02 10.94 -26.31
CA GLU H 12 -4.31 9.52 -25.94
C GLU H 12 -5.60 9.06 -26.62
N ALA H 13 -6.65 9.89 -26.59
CA ALA H 13 -7.97 9.54 -27.17
C ALA H 13 -7.85 9.47 -28.70
N ALA H 14 -7.12 10.41 -29.29
CA ALA H 14 -6.91 10.51 -30.75
C ALA H 14 -6.13 9.28 -31.23
N VAL H 15 -5.14 8.82 -30.45
CA VAL H 15 -4.37 7.59 -30.80
C VAL H 15 -5.31 6.39 -30.79
N ASN H 16 -6.24 6.33 -29.83
CA ASN H 16 -7.21 5.22 -29.75
C ASN H 16 -8.12 5.27 -30.98
N LYS H 17 -8.58 6.45 -31.40
CA LYS H 17 -9.45 6.58 -32.60
C LYS H 17 -8.66 6.08 -33.82
N GLN H 18 -7.37 6.42 -33.92
CA GLN H 18 -6.53 6.05 -35.08
C GLN H 18 -6.30 4.53 -35.08
N ILE H 19 -6.17 3.91 -33.91
CA ILE H 19 -6.06 2.43 -33.82
C ILE H 19 -7.30 1.81 -34.49
N ASN H 20 -8.50 2.32 -34.19
CA ASN H 20 -9.77 1.81 -34.79
C ASN H 20 -9.76 2.04 -36.31
N VAL H 21 -9.34 3.22 -36.76
CA VAL H 21 -9.26 3.59 -38.21
C VAL H 21 -8.37 2.57 -38.93
N GLU H 22 -7.19 2.27 -38.38
CA GLU H 22 -6.26 1.30 -39.00
C GLU H 22 -6.88 -0.11 -38.99
N LEU H 23 -7.53 -0.54 -37.89
CA LEU H 23 -8.17 -1.89 -37.83
C LEU H 23 -9.30 -2.00 -38.85
N TYR H 24 -10.06 -0.91 -39.03
CA TYR H 24 -11.13 -0.83 -40.05
C TYR H 24 -10.52 -1.00 -41.44
N ALA H 25 -9.46 -0.26 -41.77
CA ALA H 25 -8.75 -0.35 -43.08
C ALA H 25 -8.28 -1.79 -43.30
N SER H 26 -7.74 -2.44 -42.27
CA SER H 26 -7.29 -3.85 -42.34
C SER H 26 -8.46 -4.73 -42.76
N TYR H 27 -9.64 -4.51 -42.17
CA TYR H 27 -10.87 -5.29 -42.48
C TYR H 27 -11.30 -5.05 -43.93
N VAL H 28 -11.26 -3.81 -44.38
CA VAL H 28 -11.64 -3.43 -45.78
C VAL H 28 -10.76 -4.22 -46.75
N TYR H 29 -9.44 -4.21 -46.55
CA TYR H 29 -8.50 -4.93 -47.44
C TYR H 29 -8.73 -6.43 -47.36
N LEU H 30 -9.10 -6.96 -46.19
CA LEU H 30 -9.39 -8.42 -46.04
C LEU H 30 -10.60 -8.75 -46.91
N SER H 31 -11.63 -7.91 -46.87
CA SER H 31 -12.85 -8.06 -47.68
C SER H 31 -12.48 -8.02 -49.18
N MET H 32 -11.62 -7.07 -49.58
CA MET H 32 -11.22 -6.92 -51.00
C MET H 32 -10.44 -8.16 -51.44
N SER H 33 -9.58 -8.71 -50.56
CA SER H 33 -8.87 -9.97 -50.83
C SER H 33 -9.88 -11.11 -51.12
N ALA H 34 -10.89 -11.31 -50.29
CA ALA H 34 -11.94 -12.34 -50.50
C ALA H 34 -12.62 -12.12 -51.86
N HIS H 35 -12.95 -10.88 -52.21
CA HIS H 35 -13.62 -10.54 -53.50
C HIS H 35 -12.79 -11.09 -54.67
N PHE H 36 -11.47 -10.85 -54.69
CA PHE H 36 -10.60 -11.27 -55.84
C PHE H 36 -10.26 -12.75 -55.75
N ASP H 37 -10.58 -13.41 -54.63
CA ASP H 37 -10.44 -14.87 -54.45
C ASP H 37 -11.70 -15.61 -54.90
N ARG H 38 -12.77 -14.90 -55.25
CA ARG H 38 -14.01 -15.56 -55.76
C ARG H 38 -13.65 -16.42 -56.98
N ASP H 39 -14.28 -17.58 -57.13
CA ASP H 39 -13.93 -18.53 -58.22
C ASP H 39 -14.39 -17.97 -59.58
N ASP H 40 -15.25 -16.95 -59.62
CA ASP H 40 -15.73 -16.28 -60.86
C ASP H 40 -14.98 -14.97 -61.12
N ILE H 41 -14.00 -14.62 -60.28
CA ILE H 41 -13.13 -13.43 -60.45
C ILE H 41 -11.68 -13.91 -60.62
N ALA H 42 -11.16 -14.63 -59.62
CA ALA H 42 -9.95 -15.49 -59.69
C ALA H 42 -8.73 -14.68 -60.18
N LEU H 43 -8.45 -13.55 -59.54
CA LEU H 43 -7.21 -12.78 -59.79
C LEU H 43 -6.33 -12.93 -58.54
N ARG H 44 -5.50 -13.97 -58.50
CA ARG H 44 -4.86 -14.46 -57.25
C ARG H 44 -3.81 -13.46 -56.77
N ASN H 45 -3.06 -12.83 -57.68
CA ASN H 45 -2.00 -11.87 -57.29
C ASN H 45 -2.65 -10.63 -56.68
N ILE H 46 -3.75 -10.15 -57.25
CA ILE H 46 -4.53 -9.03 -56.66
C ILE H 46 -5.08 -9.47 -55.30
N ALA H 47 -5.60 -10.68 -55.16
CA ALA H 47 -6.13 -11.17 -53.86
C ALA H 47 -5.00 -11.17 -52.84
N LYS H 48 -3.82 -11.67 -53.23
CA LYS H 48 -2.65 -11.74 -52.33
C LYS H 48 -2.22 -10.31 -51.96
N PHE H 49 -2.18 -9.39 -52.93
CA PHE H 49 -1.83 -7.98 -52.69
C PHE H 49 -2.73 -7.41 -51.60
N PHE H 50 -4.05 -7.60 -51.70
CA PHE H 50 -4.99 -7.00 -50.72
C PHE H 50 -4.86 -7.70 -49.37
N LYS H 51 -4.50 -8.98 -49.33
CA LYS H 51 -4.23 -9.67 -48.04
C LYS H 51 -2.99 -9.02 -47.40
N GLU H 52 -1.95 -8.76 -48.20
CA GLU H 52 -0.71 -8.11 -47.69
C GLU H 52 -1.07 -6.73 -47.15
N GLN H 53 -1.92 -5.98 -47.86
CA GLN H 53 -2.38 -4.63 -47.44
C GLN H 53 -3.14 -4.75 -46.11
N SER H 54 -3.99 -5.76 -45.96
CA SER H 54 -4.73 -6.04 -44.70
C SER H 54 -3.73 -6.28 -43.58
N ASP H 55 -2.70 -7.07 -43.83
CA ASP H 55 -1.65 -7.39 -42.83
C ASP H 55 -0.98 -6.08 -42.45
N GLU H 56 -0.63 -5.26 -43.44
CA GLU H 56 0.09 -3.98 -43.21
C GLU H 56 -0.75 -3.06 -42.32
N GLU H 57 -2.05 -2.93 -42.60
CA GLU H 57 -2.94 -1.99 -41.85
C GLU H 57 -3.05 -2.48 -40.40
N ARG H 58 -3.15 -3.79 -40.20
CA ARG H 58 -3.17 -4.38 -38.84
C ARG H 58 -1.86 -4.03 -38.15
N GLY H 59 -0.73 -4.06 -38.87
CA GLY H 59 0.57 -3.65 -38.31
C GLY H 59 0.57 -2.17 -37.95
N HIS H 60 -0.11 -1.33 -38.73
CA HIS H 60 -0.24 0.13 -38.43
C HIS H 60 -0.99 0.28 -37.10
N ALA H 61 -2.05 -0.51 -36.91
CA ALA H 61 -2.86 -0.47 -35.66
C ALA H 61 -1.99 -0.91 -34.47
N THR H 62 -1.25 -2.01 -34.61
CA THR H 62 -0.50 -2.63 -33.47
C THR H 62 0.72 -1.76 -33.13
N GLU H 63 1.30 -1.06 -34.10
CA GLU H 63 2.40 -0.11 -33.83
C GLU H 63 1.86 1.09 -33.05
N LEU H 64 0.67 1.59 -33.37
CA LEU H 64 0.03 2.68 -32.59
C LEU H 64 -0.31 2.18 -31.18
N MET H 65 -0.74 0.93 -31.03
CA MET H 65 -0.97 0.34 -29.68
C MET H 65 0.35 0.33 -28.91
N ARG H 66 1.46 -0.01 -29.56
CA ARG H 66 2.81 -0.01 -28.94
C ARG H 66 3.19 1.40 -28.46
N ILE H 67 3.04 2.43 -29.29
CA ILE H 67 3.44 3.81 -28.90
C ILE H 67 2.49 4.31 -27.79
N GLN H 68 1.20 3.95 -27.82
CA GLN H 68 0.23 4.26 -26.73
C GLN H 68 0.82 3.75 -25.41
N ALA H 69 1.26 2.49 -25.38
CA ALA H 69 1.85 1.83 -24.20
C ALA H 69 3.15 2.54 -23.82
N VAL H 70 4.02 2.85 -24.79
CA VAL H 70 5.31 3.54 -24.49
C VAL H 70 5.01 4.87 -23.79
N ARG H 71 4.00 5.61 -24.23
CA ARG H 71 3.69 6.95 -23.70
C ARG H 71 2.91 6.84 -22.37
N GLY H 72 2.50 5.63 -21.98
CA GLY H 72 1.72 5.40 -20.75
C GLY H 72 0.24 5.70 -20.93
N GLY H 73 -0.25 5.81 -22.17
CA GLY H 73 -1.67 5.85 -22.48
C GLY H 73 -2.30 4.48 -22.35
N ARG H 74 -3.63 4.40 -22.32
CA ARG H 74 -4.31 3.10 -22.19
C ARG H 74 -5.10 2.84 -23.47
N VAL H 75 -4.87 1.67 -24.04
CA VAL H 75 -5.60 1.24 -25.27
C VAL H 75 -7.07 1.01 -24.88
N ALA H 76 -7.98 1.56 -25.68
CA ALA H 76 -9.44 1.39 -25.55
C ALA H 76 -9.97 0.98 -26.92
N MET H 77 -10.39 -0.28 -27.06
CA MET H 77 -10.92 -0.84 -28.32
C MET H 77 -12.37 -0.39 -28.54
N GLN H 78 -12.76 -0.21 -29.80
CA GLN H 78 -14.17 -0.02 -30.20
C GLN H 78 -14.52 -1.11 -31.22
N ASN H 79 -15.81 -1.29 -31.49
CA ASN H 79 -16.29 -2.18 -32.59
C ASN H 79 -15.51 -1.85 -33.87
N ILE H 80 -15.14 -2.86 -34.63
CA ILE H 80 -14.58 -2.66 -36.00
C ILE H 80 -15.74 -2.83 -36.95
N GLN H 81 -16.16 -1.73 -37.59
CA GLN H 81 -17.34 -1.70 -38.50
C GLN H 81 -17.04 -2.62 -39.68
N LYS H 82 -18.04 -3.39 -40.11
CA LYS H 82 -17.93 -4.17 -41.37
C LYS H 82 -17.66 -3.16 -42.49
N PRO H 83 -16.89 -3.54 -43.53
CA PRO H 83 -16.68 -2.65 -44.66
C PRO H 83 -17.98 -2.19 -45.32
N GLU H 84 -17.92 -1.10 -46.10
CA GLU H 84 -19.09 -0.52 -46.83
C GLU H 84 -19.70 -1.57 -47.78
N LYS H 85 -18.89 -2.47 -48.34
CA LYS H 85 -19.33 -3.46 -49.37
C LYS H 85 -18.75 -4.84 -49.08
N ASP H 86 -19.39 -5.92 -49.55
CA ASP H 86 -18.71 -7.23 -49.74
C ASP H 86 -18.32 -7.37 -51.22
N GLU H 87 -19.13 -6.81 -52.13
CA GLU H 87 -18.90 -6.88 -53.60
C GLU H 87 -18.20 -5.58 -54.05
N TRP H 88 -16.90 -5.65 -54.33
CA TRP H 88 -16.07 -4.44 -54.60
C TRP H 88 -16.02 -4.12 -56.08
N GLY H 89 -16.74 -4.87 -56.92
CA GLY H 89 -16.85 -4.62 -58.37
C GLY H 89 -15.59 -4.95 -59.13
N THR H 90 -15.18 -4.08 -60.06
CA THR H 90 -14.08 -4.35 -61.01
C THR H 90 -12.74 -4.11 -60.32
N VAL H 91 -11.67 -4.55 -60.95
CA VAL H 91 -10.27 -4.22 -60.54
C VAL H 91 -10.18 -2.70 -60.32
N LEU H 92 -10.56 -1.89 -61.33
CA LEU H 92 -10.49 -0.41 -61.23
C LEU H 92 -11.30 0.07 -60.02
N GLU H 93 -12.55 -0.39 -59.84
CA GLU H 93 -13.43 0.08 -58.75
C GLU H 93 -12.78 -0.25 -57.40
N ALA H 94 -12.22 -1.45 -57.24
CA ALA H 94 -11.58 -1.87 -55.98
C ALA H 94 -10.40 -0.93 -55.69
N PHE H 95 -9.53 -0.68 -56.67
CA PHE H 95 -8.31 0.16 -56.45
C PHE H 95 -8.73 1.61 -56.18
N GLU H 96 -9.78 2.10 -56.85
CA GLU H 96 -10.33 3.46 -56.54
C GLU H 96 -10.82 3.54 -55.08
N ALA H 97 -11.50 2.51 -54.58
CA ALA H 97 -11.98 2.46 -53.19
C ALA H 97 -10.78 2.43 -52.24
N ALA H 98 -9.71 1.70 -52.61
CA ALA H 98 -8.46 1.59 -51.82
C ALA H 98 -7.83 2.98 -51.73
N LEU H 99 -7.69 3.67 -52.86
CA LEU H 99 -7.12 5.04 -52.85
C LEU H 99 -7.95 5.93 -51.90
N ALA H 100 -9.28 5.89 -52.01
CA ALA H 100 -10.17 6.71 -51.16
C ALA H 100 -9.91 6.38 -49.67
N LEU H 101 -9.75 5.10 -49.35
CA LEU H 101 -9.45 4.61 -47.98
C LEU H 101 -8.10 5.16 -47.51
N GLU H 102 -7.06 5.14 -48.35
CA GLU H 102 -5.71 5.64 -47.99
C GLU H 102 -5.75 7.16 -47.74
N ARG H 103 -6.47 7.89 -48.59
CA ARG H 103 -6.65 9.36 -48.43
C ARG H 103 -7.42 9.63 -47.13
N ALA H 104 -8.46 8.85 -46.82
CA ALA H 104 -9.22 8.98 -45.54
C ALA H 104 -8.27 8.75 -44.36
N ASN H 105 -7.46 7.69 -44.43
CA ASN H 105 -6.46 7.34 -43.38
C ASN H 105 -5.49 8.50 -43.22
N ASN H 106 -5.06 9.10 -44.34
CA ASN H 106 -4.08 10.21 -44.33
C ASN H 106 -4.71 11.42 -43.65
N ALA H 107 -5.96 11.75 -44.00
CA ALA H 107 -6.71 12.87 -43.41
C ALA H 107 -6.75 12.70 -41.89
N SER H 108 -7.04 11.48 -41.42
CA SER H 108 -7.11 11.10 -39.99
C SER H 108 -5.74 11.29 -39.31
N LEU H 109 -4.65 10.85 -39.94
CA LEU H 109 -3.27 10.95 -39.38
C LEU H 109 -2.86 12.44 -39.33
N LEU H 110 -3.26 13.24 -40.31
CA LEU H 110 -2.92 14.68 -40.36
C LEU H 110 -3.66 15.39 -39.21
N LYS H 111 -4.92 15.00 -38.97
CA LYS H 111 -5.71 15.50 -37.82
C LYS H 111 -5.01 15.10 -36.53
N LEU H 112 -4.53 13.86 -36.44
CA LEU H 112 -3.83 13.35 -35.23
C LEU H 112 -2.56 14.17 -34.99
N HIS H 113 -1.76 14.43 -36.03
CA HIS H 113 -0.54 15.29 -35.94
C HIS H 113 -0.93 16.68 -35.43
N GLY H 114 -2.02 17.24 -35.97
CA GLY H 114 -2.54 18.56 -35.60
C GLY H 114 -2.87 18.64 -34.12
N ILE H 115 -3.51 17.60 -33.56
CA ILE H 115 -3.88 17.54 -32.12
C ILE H 115 -2.58 17.47 -31.29
N ALA H 116 -1.64 16.61 -31.69
CA ALA H 116 -0.33 16.48 -31.03
C ALA H 116 0.37 17.83 -31.02
N GLU H 117 0.38 18.55 -32.15
CA GLU H 117 1.04 19.87 -32.31
C GLU H 117 0.37 20.90 -31.38
N GLN H 118 -0.96 20.95 -31.36
CA GLN H 118 -1.74 21.90 -30.52
C GLN H 118 -1.37 21.68 -29.05
N ARG H 119 -1.14 20.42 -28.64
CA ARG H 119 -0.84 20.04 -27.24
C ARG H 119 0.67 20.05 -26.96
N ASN H 120 1.49 20.55 -27.90
CA ASN H 120 2.97 20.69 -27.75
C ASN H 120 3.60 19.33 -27.46
N ASP H 121 3.10 18.27 -28.09
CA ASP H 121 3.63 16.90 -27.91
C ASP H 121 4.75 16.72 -28.94
N ALA H 122 5.93 17.25 -28.60
CA ALA H 122 7.13 17.29 -29.47
C ALA H 122 7.55 15.86 -29.85
N HIS H 123 7.42 14.89 -28.94
CA HIS H 123 7.73 13.49 -29.29
C HIS H 123 6.72 12.99 -30.33
N LEU H 124 5.41 13.14 -30.06
CA LEU H 124 4.43 12.42 -30.91
C LEU H 124 4.29 13.07 -32.29
N THR H 125 4.48 14.39 -32.46
CA THR H 125 4.42 15.03 -33.80
C THR H 125 5.43 14.34 -34.71
N ASN H 126 6.67 14.26 -34.24
CA ASN H 126 7.78 13.65 -35.01
C ASN H 126 7.48 12.16 -35.26
N TYR H 127 7.03 11.44 -34.24
CA TYR H 127 6.69 10.01 -34.37
C TYR H 127 5.67 9.82 -35.49
N ILE H 128 4.57 10.58 -35.47
CA ILE H 128 3.51 10.50 -36.53
C ILE H 128 4.12 10.83 -37.89
N GLN H 129 4.93 11.89 -37.98
CA GLN H 129 5.57 12.30 -39.26
C GLN H 129 6.40 11.13 -39.80
N GLU H 130 7.27 10.57 -38.97
CA GLU H 130 8.30 9.57 -39.38
C GLU H 130 7.62 8.24 -39.71
N LYS H 131 6.76 7.78 -38.80
CA LYS H 131 6.24 6.38 -38.82
C LYS H 131 4.94 6.25 -39.62
N TYR H 132 4.19 7.34 -39.85
CA TYR H 132 2.84 7.30 -40.46
C TYR H 132 2.76 8.19 -41.71
N LEU H 133 3.11 9.48 -41.62
CA LEU H 133 2.86 10.42 -42.74
C LEU H 133 3.73 10.02 -43.94
N GLU H 134 4.99 9.66 -43.72
CA GLU H 134 5.93 9.28 -44.84
C GLU H 134 5.36 8.07 -45.57
N GLU H 135 5.05 6.98 -44.87
CA GLU H 135 4.48 5.76 -45.49
C GLU H 135 3.16 6.10 -46.18
N GLN H 136 2.33 6.94 -45.57
CA GLN H 136 0.98 7.23 -46.10
C GLN H 136 1.08 7.95 -47.46
N VAL H 137 1.99 8.91 -47.65
CA VAL H 137 2.09 9.60 -48.97
C VAL H 137 2.59 8.59 -50.02
N HIS H 138 3.47 7.67 -49.63
CA HIS H 138 3.99 6.62 -50.54
C HIS H 138 2.86 5.66 -50.91
N SER H 139 2.04 5.19 -49.96
CA SER H 139 0.86 4.32 -50.23
C SER H 139 -0.12 4.99 -51.20
N ILE H 140 -0.49 6.24 -50.95
CA ILE H 140 -1.41 7.03 -51.82
C ILE H 140 -0.82 7.11 -53.24
N ASN H 141 0.45 7.46 -53.35
CA ASN H 141 1.14 7.51 -54.65
C ASN H 141 1.03 6.14 -55.35
N GLU H 142 1.31 5.05 -54.62
CA GLU H 142 1.26 3.65 -55.15
C GLU H 142 -0.14 3.39 -55.72
N PHE H 143 -1.18 3.72 -54.97
CA PHE H 143 -2.57 3.47 -55.42
C PHE H 143 -2.94 4.35 -56.62
N ALA H 144 -2.53 5.62 -56.68
CA ALA H 144 -2.76 6.50 -57.85
C ALA H 144 -2.11 5.85 -59.08
N ARG H 145 -0.88 5.35 -58.93
N ARG H 145 -0.89 5.34 -58.91
CA ARG H 145 -0.10 4.72 -60.04
CA ARG H 145 -0.08 4.72 -60.01
C ARG H 145 -0.80 3.42 -60.47
C ARG H 145 -0.75 3.41 -60.46
N TYR H 146 -1.28 2.62 -59.53
CA TYR H 146 -2.03 1.37 -59.86
C TYR H 146 -3.22 1.74 -60.75
N ILE H 147 -3.96 2.79 -60.38
CA ILE H 147 -5.17 3.21 -61.12
C ILE H 147 -4.77 3.63 -62.54
N ALA H 148 -3.71 4.42 -62.71
CA ALA H 148 -3.22 4.83 -64.04
C ALA H 148 -2.95 3.57 -64.88
N ASN H 149 -2.30 2.57 -64.29
CA ASN H 149 -1.86 1.34 -65.01
C ASN H 149 -3.06 0.44 -65.31
N ILE H 150 -4.06 0.38 -64.41
CA ILE H 150 -5.29 -0.42 -64.67
C ILE H 150 -6.02 0.16 -65.88
N LYS H 151 -6.15 1.49 -65.91
CA LYS H 151 -6.82 2.22 -67.02
C LYS H 151 -6.01 2.00 -68.32
N ARG H 152 -4.68 2.06 -68.25
CA ARG H 152 -3.82 1.90 -69.44
C ARG H 152 -3.92 0.46 -69.97
N ALA H 153 -3.83 -0.51 -69.09
CA ALA H 153 -3.88 -1.94 -69.48
C ALA H 153 -5.26 -2.26 -70.05
N GLY H 154 -6.29 -1.66 -69.48
CA GLY H 154 -7.69 -1.80 -69.93
C GLY H 154 -8.31 -3.13 -69.50
N PRO H 155 -9.62 -3.32 -69.77
CA PRO H 155 -10.35 -4.47 -69.25
C PRO H 155 -10.01 -5.76 -69.99
N GLY H 156 -10.37 -6.89 -69.39
CA GLY H 156 -10.22 -8.23 -69.98
C GLY H 156 -8.76 -8.65 -69.96
N LEU H 157 -8.15 -8.79 -71.13
CA LEU H 157 -6.74 -9.22 -71.24
C LEU H 157 -5.86 -8.30 -70.40
N GLY H 158 -6.10 -6.99 -70.43
CA GLY H 158 -5.33 -6.02 -69.62
C GLY H 158 -5.38 -6.32 -68.12
N GLU H 159 -6.56 -6.63 -67.58
CA GLU H 159 -6.72 -6.97 -66.15
C GLU H 159 -5.98 -8.28 -65.85
N TYR H 160 -6.10 -9.25 -66.76
CA TYR H 160 -5.41 -10.55 -66.64
C TYR H 160 -3.90 -10.30 -66.53
N LEU H 161 -3.34 -9.49 -67.44
CA LEU H 161 -1.87 -9.26 -67.47
C LEU H 161 -1.43 -8.32 -66.34
N PHE H 162 -2.25 -7.34 -65.96
CA PHE H 162 -2.01 -6.47 -64.77
C PHE H 162 -1.79 -7.36 -63.54
N ASP H 163 -2.69 -8.30 -63.30
CA ASP H 163 -2.56 -9.29 -62.20
C ASP H 163 -1.24 -10.05 -62.35
N LYS H 164 -0.88 -10.48 -63.56
CA LYS H 164 0.34 -11.29 -63.81
C LYS H 164 1.61 -10.46 -63.57
N GLU H 165 1.61 -9.19 -63.97
CA GLU H 165 2.83 -8.36 -64.16
C GLU H 165 3.10 -7.44 -62.97
N GLU H 166 2.07 -6.94 -62.30
CA GLU H 166 2.18 -5.67 -61.53
C GLU H 166 2.81 -5.93 -60.15
N PHE H 167 2.67 -7.15 -59.64
CA PHE H 167 3.01 -7.54 -58.25
C PHE H 167 4.25 -8.46 -58.28
N SER H 168 4.78 -8.72 -59.47
CA SER H 168 5.98 -9.55 -59.76
C SER H 168 7.18 -8.64 -60.04
N SER I 1 71.75 -26.22 -1.18
CA SER I 1 71.28 -25.73 -2.52
C SER I 1 72.33 -24.80 -3.13
N LEU I 2 72.71 -25.04 -4.39
CA LEU I 2 73.62 -24.16 -5.17
C LEU I 2 72.90 -22.86 -5.54
N ALA I 3 71.57 -22.88 -5.51
CA ALA I 3 70.70 -21.80 -6.02
C ALA I 3 70.46 -20.79 -4.89
N ARG I 4 70.28 -21.29 -3.68
CA ARG I 4 69.74 -20.51 -2.54
C ARG I 4 70.52 -19.21 -2.40
N GLN I 5 69.82 -18.08 -2.37
CA GLN I 5 70.45 -16.75 -2.33
C GLN I 5 69.44 -15.75 -1.74
N ASN I 6 69.85 -15.00 -0.72
CA ASN I 6 68.97 -14.02 -0.02
C ASN I 6 67.68 -14.70 0.46
N TYR I 7 67.75 -15.94 0.94
CA TYR I 7 66.55 -16.71 1.35
C TYR I 7 66.75 -17.20 2.78
N HIS I 8 66.15 -16.49 3.75
CA HIS I 8 66.38 -16.71 5.21
C HIS I 8 65.64 -17.96 5.71
N ASP I 9 66.25 -18.67 6.66
CA ASP I 9 65.62 -19.86 7.30
C ASP I 9 64.21 -19.53 7.81
N GLU I 10 64.00 -18.32 8.33
CA GLU I 10 62.71 -17.87 8.90
C GLU I 10 61.65 -17.85 7.80
N VAL I 11 62.04 -17.38 6.61
CA VAL I 11 61.15 -17.29 5.41
C VAL I 11 60.88 -18.72 4.91
N GLU I 12 61.93 -19.54 4.73
CA GLU I 12 61.81 -20.98 4.38
C GLU I 12 60.80 -21.68 5.29
N ALA I 13 60.93 -21.51 6.62
CA ALA I 13 60.02 -22.13 7.62
C ALA I 13 58.59 -21.58 7.48
N ALA I 14 58.42 -20.27 7.27
CA ALA I 14 57.10 -19.61 7.14
C ALA I 14 56.39 -20.12 5.88
N VAL I 15 57.15 -20.38 4.82
CA VAL I 15 56.60 -20.96 3.55
C VAL I 15 56.10 -22.38 3.84
N ASN I 16 56.88 -23.18 4.57
CA ASN I 16 56.49 -24.57 4.97
C ASN I 16 55.22 -24.51 5.81
N LYS I 17 55.10 -23.55 6.74
CA LYS I 17 53.85 -23.38 7.53
C LYS I 17 52.68 -23.04 6.59
N GLN I 18 52.89 -22.13 5.63
CA GLN I 18 51.81 -21.72 4.71
C GLN I 18 51.37 -22.91 3.86
N ILE I 19 52.30 -23.79 3.47
CA ILE I 19 51.95 -25.01 2.70
C ILE I 19 50.95 -25.84 3.53
N ASN I 20 51.19 -25.99 4.83
CA ASN I 20 50.26 -26.75 5.70
C ASN I 20 48.91 -26.03 5.79
N VAL I 21 48.94 -24.69 5.92
CA VAL I 21 47.73 -23.82 6.02
C VAL I 21 46.87 -24.09 4.77
N GLU I 22 47.49 -24.13 3.59
CA GLU I 22 46.75 -24.32 2.30
C GLU I 22 46.21 -25.76 2.23
N LEU I 23 47.00 -26.77 2.63
CA LEU I 23 46.55 -28.19 2.59
C LEU I 23 45.37 -28.39 3.55
N TYR I 24 45.39 -27.76 4.72
CA TYR I 24 44.28 -27.77 5.70
C TYR I 24 43.03 -27.17 5.06
N ALA I 25 43.16 -25.98 4.45
CA ALA I 25 42.03 -25.30 3.77
C ALA I 25 41.44 -26.22 2.68
N SER I 26 42.28 -26.94 1.94
CA SER I 26 41.83 -27.91 0.90
C SER I 26 40.97 -29.00 1.55
N TYR I 27 41.38 -29.48 2.73
CA TYR I 27 40.71 -30.57 3.46
C TYR I 27 39.34 -30.05 3.94
N VAL I 28 39.30 -28.84 4.50
CA VAL I 28 38.05 -28.19 4.98
C VAL I 28 37.04 -28.17 3.82
N TYR I 29 37.44 -27.64 2.67
CA TYR I 29 36.56 -27.54 1.48
C TYR I 29 36.14 -28.94 1.00
N LEU I 30 37.01 -29.95 1.11
CA LEU I 30 36.67 -31.34 0.69
C LEU I 30 35.55 -31.86 1.61
N SER I 31 35.64 -31.57 2.90
CA SER I 31 34.63 -31.92 3.93
C SER I 31 33.31 -31.20 3.66
N MET I 32 33.35 -29.91 3.32
CA MET I 32 32.13 -29.13 2.97
C MET I 32 31.48 -29.71 1.72
N SER I 33 32.28 -30.14 0.74
CA SER I 33 31.81 -30.80 -0.51
C SER I 33 30.99 -32.05 -0.16
N ALA I 34 31.55 -32.96 0.66
CA ALA I 34 30.87 -34.20 1.12
C ALA I 34 29.54 -33.83 1.78
N HIS I 35 29.55 -32.81 2.64
CA HIS I 35 28.36 -32.31 3.38
C HIS I 35 27.21 -32.04 2.40
N PHE I 36 27.47 -31.26 1.34
CA PHE I 36 26.42 -30.84 0.37
C PHE I 36 26.10 -31.99 -0.60
N ASP I 37 26.91 -33.06 -0.59
CA ASP I 37 26.67 -34.30 -1.37
C ASP I 37 25.84 -35.32 -0.58
N ARG I 38 25.51 -35.04 0.68
CA ARG I 38 24.61 -35.94 1.46
C ARG I 38 23.26 -36.06 0.74
N ASP I 39 22.69 -37.27 0.67
CA ASP I 39 21.41 -37.57 -0.02
C ASP I 39 20.25 -36.80 0.63
N ASP I 40 20.42 -36.30 1.87
CA ASP I 40 19.36 -35.54 2.58
C ASP I 40 19.63 -34.03 2.49
N ILE I 41 20.72 -33.61 1.84
CA ILE I 41 21.04 -32.18 1.61
C ILE I 41 20.97 -31.90 0.11
N ALA I 42 21.76 -32.63 -0.68
CA ALA I 42 21.58 -32.81 -2.14
C ALA I 42 21.58 -31.44 -2.85
N LEU I 43 22.60 -30.63 -2.61
CA LEU I 43 22.84 -29.38 -3.40
C LEU I 43 24.09 -29.60 -4.25
N ARG I 44 23.90 -30.10 -5.47
CA ARG I 44 25.00 -30.65 -6.31
C ARG I 44 25.96 -29.53 -6.73
N ASN I 45 25.47 -28.35 -7.09
CA ASN I 45 26.32 -27.25 -7.62
C ASN I 45 27.17 -26.68 -6.47
N ILE I 46 26.61 -26.62 -5.26
CA ILE I 46 27.37 -26.15 -4.07
C ILE I 46 28.45 -27.18 -3.74
N ALA I 47 28.11 -28.47 -3.74
CA ALA I 47 29.05 -29.59 -3.51
C ALA I 47 30.21 -29.50 -4.51
N LYS I 48 29.89 -29.31 -5.79
CA LYS I 48 30.88 -29.17 -6.90
C LYS I 48 31.71 -27.91 -6.67
N PHE I 49 31.09 -26.81 -6.27
CA PHE I 49 31.81 -25.54 -5.97
C PHE I 49 32.87 -25.80 -4.89
N PHE I 50 32.47 -26.45 -3.78
CA PHE I 50 33.41 -26.65 -2.65
C PHE I 50 34.50 -27.65 -3.06
N LYS I 51 34.19 -28.64 -3.93
CA LYS I 51 35.24 -29.53 -4.49
C LYS I 51 36.21 -28.69 -5.34
N GLU I 52 35.71 -27.78 -6.16
CA GLU I 52 36.56 -26.85 -6.94
C GLU I 52 37.45 -26.03 -6.01
N GLN I 53 36.91 -25.51 -4.89
CA GLN I 53 37.69 -24.70 -3.92
C GLN I 53 38.76 -25.58 -3.25
N SER I 54 38.44 -26.82 -2.93
CA SER I 54 39.38 -27.82 -2.38
C SER I 54 40.53 -28.05 -3.37
N ASP I 55 40.22 -28.23 -4.66
CA ASP I 55 41.24 -28.35 -5.73
C ASP I 55 42.13 -27.09 -5.77
N GLU I 56 41.53 -25.89 -5.73
CA GLU I 56 42.24 -24.59 -5.78
C GLU I 56 43.20 -24.47 -4.59
N GLU I 57 42.75 -24.77 -3.37
CA GLU I 57 43.58 -24.68 -2.14
C GLU I 57 44.79 -25.62 -2.25
N ARG I 58 44.58 -26.85 -2.73
CA ARG I 58 45.69 -27.81 -2.96
C ARG I 58 46.67 -27.20 -3.97
N GLY I 59 46.17 -26.57 -5.03
CA GLY I 59 47.00 -25.80 -5.97
C GLY I 59 47.77 -24.68 -5.28
N HIS I 60 47.15 -23.93 -4.36
CA HIS I 60 47.85 -22.89 -3.56
C HIS I 60 49.05 -23.53 -2.85
N ALA I 61 48.84 -24.69 -2.23
CA ALA I 61 49.89 -25.47 -1.51
C ALA I 61 51.01 -25.86 -2.49
N THR I 62 50.66 -26.49 -3.61
CA THR I 62 51.66 -27.09 -4.53
C THR I 62 52.46 -25.96 -5.19
N GLU I 63 51.84 -24.81 -5.46
CA GLU I 63 52.53 -23.63 -6.05
C GLU I 63 53.56 -23.13 -5.04
N LEU I 64 53.22 -23.11 -3.75
CA LEU I 64 54.18 -22.70 -2.69
C LEU I 64 55.30 -23.73 -2.58
N MET I 65 55.00 -25.01 -2.76
CA MET I 65 56.07 -26.06 -2.79
C MET I 65 57.00 -25.77 -3.97
N ARG I 66 56.45 -25.37 -5.13
CA ARG I 66 57.25 -25.03 -6.33
C ARG I 66 58.18 -23.84 -6.01
N ILE I 67 57.68 -22.77 -5.38
CA ILE I 67 58.53 -21.56 -5.14
C ILE I 67 59.56 -21.89 -4.04
N GLN I 68 59.21 -22.74 -3.09
CA GLN I 68 60.17 -23.25 -2.07
C GLN I 68 61.36 -23.89 -2.81
N ALA I 69 61.07 -24.77 -3.76
CA ALA I 69 62.08 -25.48 -4.60
C ALA I 69 62.90 -24.47 -5.41
N VAL I 70 62.26 -23.49 -6.08
CA VAL I 70 62.93 -22.49 -6.93
C VAL I 70 63.95 -21.70 -6.09
N ARG I 71 63.57 -21.31 -4.88
CA ARG I 71 64.42 -20.52 -3.96
C ARG I 71 65.45 -21.42 -3.25
N GLY I 72 65.36 -22.74 -3.43
CA GLY I 72 66.35 -23.70 -2.87
C GLY I 72 66.10 -24.02 -1.40
N GLY I 73 64.91 -23.68 -0.91
CA GLY I 73 64.38 -24.15 0.39
C GLY I 73 63.98 -25.62 0.30
N ARG I 74 63.74 -26.27 1.44
CA ARG I 74 63.37 -27.70 1.46
C ARG I 74 61.99 -27.82 2.08
N VAL I 75 61.08 -28.51 1.39
CA VAL I 75 59.68 -28.72 1.85
C VAL I 75 59.72 -29.67 3.05
N ALA I 76 58.99 -29.33 4.10
CA ALA I 76 58.84 -30.12 5.34
C ALA I 76 57.35 -30.24 5.64
N MET I 77 56.79 -31.44 5.47
CA MET I 77 55.35 -31.72 5.63
C MET I 77 55.03 -31.89 7.12
N GLN I 78 53.85 -31.45 7.53
CA GLN I 78 53.29 -31.70 8.87
C GLN I 78 51.94 -32.41 8.68
N ASN I 79 51.41 -33.00 9.75
CA ASN I 79 50.06 -33.59 9.77
C ASN I 79 49.10 -32.56 9.17
N ILE I 80 48.12 -33.03 8.40
CA ILE I 80 46.95 -32.19 8.00
C ILE I 80 45.82 -32.48 8.99
N GLN I 81 45.53 -31.52 9.85
CA GLN I 81 44.49 -31.64 10.91
C GLN I 81 43.15 -31.86 10.21
N LYS I 82 42.33 -32.78 10.71
CA LYS I 82 40.93 -32.90 10.23
C LYS I 82 40.26 -31.54 10.44
N PRO I 83 39.26 -31.20 9.60
CA PRO I 83 38.49 -29.97 9.78
C PRO I 83 37.77 -29.90 11.13
N GLU I 84 37.29 -28.71 11.53
CA GLU I 84 36.63 -28.47 12.83
C GLU I 84 35.32 -29.26 12.93
N LYS I 85 34.62 -29.47 11.80
CA LYS I 85 33.32 -30.20 11.75
C LYS I 85 33.34 -31.22 10.61
N ASP I 86 32.46 -32.22 10.68
CA ASP I 86 32.02 -33.02 9.51
C ASP I 86 30.68 -32.46 9.01
N GLU I 87 29.81 -32.01 9.94
CA GLU I 87 28.48 -31.44 9.64
C GLU I 87 28.58 -29.91 9.73
N TRP I 88 28.40 -29.23 8.59
CA TRP I 88 28.71 -27.78 8.40
C TRP I 88 27.45 -26.93 8.50
N GLY I 89 26.29 -27.56 8.74
CA GLY I 89 25.02 -26.86 8.97
C GLY I 89 24.37 -26.39 7.69
N THR I 90 23.81 -25.18 7.70
CA THR I 90 23.04 -24.59 6.59
C THR I 90 23.98 -24.09 5.49
N VAL I 91 23.44 -23.75 4.33
CA VAL I 91 24.21 -23.13 3.21
C VAL I 91 24.93 -21.90 3.78
N LEU I 92 24.21 -21.00 4.46
CA LEU I 92 24.79 -19.75 5.02
C LEU I 92 25.92 -20.08 5.99
N GLU I 93 25.75 -21.07 6.86
CA GLU I 93 26.77 -21.42 7.88
C GLU I 93 28.06 -21.88 7.21
N ALA I 94 27.95 -22.73 6.18
CA ALA I 94 29.12 -23.26 5.43
C ALA I 94 29.86 -22.09 4.77
N PHE I 95 29.12 -21.18 4.13
CA PHE I 95 29.73 -20.01 3.43
C PHE I 95 30.34 -19.05 4.45
N GLU I 96 29.73 -18.88 5.62
CA GLU I 96 30.33 -18.06 6.72
C GLU I 96 31.64 -18.70 7.21
N ALA I 97 31.63 -20.01 7.41
CA ALA I 97 32.83 -20.80 7.80
C ALA I 97 33.89 -20.64 6.71
N ALA I 98 33.48 -20.67 5.43
CA ALA I 98 34.40 -20.51 4.27
C ALA I 98 35.04 -19.13 4.30
N LEU I 99 34.26 -18.08 4.52
CA LEU I 99 34.75 -16.68 4.59
C LEU I 99 35.77 -16.57 5.72
N ALA I 100 35.47 -17.14 6.90
CA ALA I 100 36.37 -17.09 8.08
C ALA I 100 37.72 -17.73 7.72
N LEU I 101 37.68 -18.86 7.02
CA LEU I 101 38.86 -19.63 6.56
C LEU I 101 39.68 -18.78 5.59
N GLU I 102 39.04 -18.14 4.60
CA GLU I 102 39.72 -17.25 3.61
C GLU I 102 40.38 -16.08 4.35
N ARG I 103 39.69 -15.48 5.32
CA ARG I 103 40.23 -14.36 6.15
C ARG I 103 41.45 -14.87 6.95
N ALA I 104 41.37 -16.08 7.51
CA ALA I 104 42.46 -16.71 8.29
C ALA I 104 43.66 -16.97 7.35
N ASN I 105 43.41 -17.54 6.17
CA ASN I 105 44.43 -17.76 5.11
C ASN I 105 45.09 -16.43 4.79
N ASN I 106 44.29 -15.37 4.64
CA ASN I 106 44.76 -14.00 4.29
C ASN I 106 45.66 -13.46 5.41
N ALA I 107 45.21 -13.57 6.67
CA ALA I 107 46.00 -13.09 7.84
C ALA I 107 47.37 -13.77 7.80
N SER I 108 47.37 -15.08 7.59
CA SER I 108 48.59 -15.92 7.53
C SER I 108 49.49 -15.46 6.36
N LEU I 109 48.91 -15.15 5.20
CA LEU I 109 49.73 -14.70 4.05
C LEU I 109 50.30 -13.31 4.30
N LEU I 110 49.57 -12.43 4.97
CA LEU I 110 50.07 -11.07 5.30
C LEU I 110 51.22 -11.21 6.29
N LYS I 111 51.15 -12.17 7.22
CA LYS I 111 52.24 -12.41 8.19
C LYS I 111 53.47 -12.91 7.43
N LEU I 112 53.27 -13.82 6.48
CA LEU I 112 54.33 -14.35 5.58
C LEU I 112 54.96 -13.19 4.81
N HIS I 113 54.15 -12.30 4.23
CA HIS I 113 54.66 -11.09 3.53
C HIS I 113 55.50 -10.26 4.51
N GLY I 114 55.01 -10.03 5.72
CA GLY I 114 55.72 -9.27 6.77
C GLY I 114 57.08 -9.85 7.08
N ILE I 115 57.20 -11.18 7.17
CA ILE I 115 58.47 -11.89 7.49
C ILE I 115 59.42 -11.70 6.32
N ALA I 116 58.97 -11.90 5.08
CA ALA I 116 59.77 -11.68 3.86
C ALA I 116 60.29 -10.25 3.82
N GLU I 117 59.42 -9.28 4.14
CA GLU I 117 59.74 -7.83 4.19
C GLU I 117 60.86 -7.60 5.22
N GLN I 118 60.68 -8.11 6.43
CA GLN I 118 61.63 -7.94 7.58
C GLN I 118 63.00 -8.47 7.18
N ARG I 119 63.05 -9.54 6.37
CA ARG I 119 64.30 -10.21 5.93
C ARG I 119 64.79 -9.65 4.59
N ASN I 120 64.17 -8.60 4.06
CA ASN I 120 64.58 -7.92 2.80
C ASN I 120 64.56 -8.90 1.63
N ASP I 121 63.61 -9.82 1.61
CA ASP I 121 63.41 -10.77 0.49
C ASP I 121 62.56 -10.05 -0.58
N ALA I 122 63.23 -9.27 -1.43
CA ALA I 122 62.60 -8.43 -2.47
C ALA I 122 61.88 -9.32 -3.50
N HIS I 123 62.39 -10.51 -3.79
CA HIS I 123 61.66 -11.45 -4.69
C HIS I 123 60.37 -11.93 -4.03
N LEU I 124 60.43 -12.44 -2.79
CA LEU I 124 59.28 -13.16 -2.22
C LEU I 124 58.16 -12.21 -1.81
N THR I 125 58.44 -10.97 -1.38
CA THR I 125 57.38 -9.98 -1.05
C THR I 125 56.49 -9.81 -2.28
N ASN I 126 57.11 -9.54 -3.42
CA ASN I 126 56.38 -9.34 -4.70
C ASN I 126 55.65 -10.62 -5.10
N TYR I 127 56.32 -11.76 -5.01
CA TYR I 127 55.73 -13.08 -5.36
C TYR I 127 54.45 -13.28 -4.54
N ILE I 128 54.53 -13.03 -3.23
CA ILE I 128 53.36 -13.21 -2.32
C ILE I 128 52.25 -12.22 -2.72
N GLN I 129 52.60 -10.96 -2.98
CA GLN I 129 51.62 -9.93 -3.39
C GLN I 129 50.90 -10.40 -4.66
N GLU I 130 51.66 -10.74 -5.71
CA GLU I 130 51.10 -11.07 -7.05
C GLU I 130 50.32 -12.38 -7.00
N LYS I 131 50.92 -13.44 -6.45
CA LYS I 131 50.41 -14.82 -6.57
C LYS I 131 49.38 -15.14 -5.48
N TYR I 132 49.36 -14.42 -4.36
CA TYR I 132 48.55 -14.82 -3.16
C TYR I 132 47.66 -13.68 -2.65
N LEU I 133 48.21 -12.49 -2.41
CA LEU I 133 47.43 -11.39 -1.76
C LEU I 133 46.33 -10.93 -2.74
N GLU I 134 46.63 -10.81 -4.03
CA GLU I 134 45.59 -10.40 -5.02
C GLU I 134 44.47 -11.44 -5.06
N GLU I 135 44.79 -12.72 -5.24
CA GLU I 135 43.78 -13.82 -5.30
C GLU I 135 42.93 -13.80 -4.01
N GLN I 136 43.58 -13.61 -2.86
CA GLN I 136 42.92 -13.79 -1.53
C GLN I 136 41.87 -12.68 -1.33
N VAL I 137 42.20 -11.47 -1.75
CA VAL I 137 41.30 -10.28 -1.69
C VAL I 137 40.07 -10.55 -2.57
N HIS I 138 40.26 -11.16 -3.74
CA HIS I 138 39.15 -11.50 -4.66
C HIS I 138 38.32 -12.63 -4.07
N SER I 139 38.94 -13.65 -3.47
CA SER I 139 38.24 -14.81 -2.87
C SER I 139 37.37 -14.31 -1.69
N ILE I 140 37.93 -13.46 -0.84
CA ILE I 140 37.22 -12.91 0.35
C ILE I 140 36.01 -12.10 -0.14
N ASN I 141 36.20 -11.24 -1.14
CA ASN I 141 35.09 -10.49 -1.79
C ASN I 141 34.04 -11.49 -2.32
N GLU I 142 34.48 -12.53 -3.04
CA GLU I 142 33.60 -13.56 -3.61
C GLU I 142 32.71 -14.14 -2.49
N PHE I 143 33.30 -14.47 -1.35
CA PHE I 143 32.57 -15.18 -0.26
C PHE I 143 31.63 -14.21 0.44
N ALA I 144 32.02 -12.95 0.61
CA ALA I 144 31.16 -11.89 1.20
C ALA I 144 29.93 -11.73 0.31
N ARG I 145 30.13 -11.69 -1.02
CA ARG I 145 29.03 -11.50 -2.00
C ARG I 145 28.10 -12.72 -1.96
N TYR I 146 28.65 -13.93 -1.86
CA TYR I 146 27.86 -15.19 -1.77
C TYR I 146 26.93 -15.12 -0.55
N ILE I 147 27.46 -14.62 0.57
CA ILE I 147 26.70 -14.56 1.85
C ILE I 147 25.55 -13.57 1.69
N ALA I 148 25.80 -12.41 1.08
CA ALA I 148 24.75 -11.39 0.81
C ALA I 148 23.66 -12.03 -0.05
N ASN I 149 24.02 -12.85 -1.03
CA ASN I 149 23.06 -13.46 -1.97
C ASN I 149 22.31 -14.61 -1.30
N ILE I 150 22.96 -15.40 -0.44
CA ILE I 150 22.31 -16.48 0.36
C ILE I 150 21.26 -15.81 1.25
N LYS I 151 21.63 -14.73 1.94
CA LYS I 151 20.72 -13.95 2.81
C LYS I 151 19.55 -13.38 2.00
N ARG I 152 19.83 -12.82 0.82
CA ARG I 152 18.76 -12.23 -0.04
C ARG I 152 17.84 -13.34 -0.57
N ALA I 153 18.39 -14.46 -1.07
CA ALA I 153 17.59 -15.53 -1.71
C ALA I 153 16.69 -16.16 -0.62
N GLY I 154 17.24 -16.30 0.58
CA GLY I 154 16.51 -16.79 1.77
C GLY I 154 16.44 -18.32 1.80
N PRO I 155 15.90 -18.91 2.89
CA PRO I 155 15.90 -20.35 3.06
C PRO I 155 14.87 -21.08 2.18
N GLY I 156 15.06 -22.39 2.03
CA GLY I 156 14.12 -23.25 1.30
C GLY I 156 14.24 -23.04 -0.19
N LEU I 157 13.21 -22.47 -0.82
CA LEU I 157 13.21 -22.27 -2.29
C LEU I 157 14.43 -21.41 -2.66
N GLY I 158 14.74 -20.39 -1.86
CA GLY I 158 15.90 -19.51 -2.11
C GLY I 158 17.21 -20.30 -2.16
N GLU I 159 17.38 -21.31 -1.31
CA GLU I 159 18.61 -22.13 -1.27
C GLU I 159 18.67 -22.97 -2.54
N TYR I 160 17.54 -23.58 -2.89
CA TYR I 160 17.39 -24.45 -4.08
C TYR I 160 17.79 -23.66 -5.33
N LEU I 161 17.27 -22.43 -5.46
CA LEU I 161 17.52 -21.58 -6.66
C LEU I 161 18.92 -20.99 -6.59
N PHE I 162 19.44 -20.70 -5.40
CA PHE I 162 20.84 -20.21 -5.25
C PHE I 162 21.79 -21.27 -5.84
N ASP I 163 21.55 -22.54 -5.48
CA ASP I 163 22.35 -23.68 -6.01
C ASP I 163 22.24 -23.71 -7.54
N LYS I 164 21.05 -23.52 -8.09
CA LYS I 164 20.78 -23.58 -9.57
C LYS I 164 21.40 -22.39 -10.29
N GLU I 165 21.34 -21.20 -9.71
CA GLU I 165 21.58 -19.93 -10.46
C GLU I 165 23.03 -19.46 -10.27
N GLU I 166 23.61 -19.63 -9.08
CA GLU I 166 24.77 -18.83 -8.63
C GLU I 166 26.07 -19.30 -9.28
N PHE I 167 26.15 -20.56 -9.74
CA PHE I 167 27.42 -21.18 -10.22
C PHE I 167 27.32 -21.54 -11.72
N SER I 168 26.88 -20.57 -12.53
CA SER I 168 26.64 -20.69 -14.00
C SER I 168 25.52 -21.71 -14.26
N SER J 1 19.33 -41.54 6.43
CA SER J 1 19.24 -41.58 4.93
C SER J 1 18.00 -42.35 4.50
N LEU J 2 17.20 -41.80 3.56
CA LEU J 2 16.04 -42.49 2.95
C LEU J 2 16.52 -43.58 1.98
N ALA J 3 17.76 -43.48 1.49
CA ALA J 3 18.34 -44.38 0.46
C ALA J 3 18.92 -45.64 1.10
N ARG J 4 19.57 -45.48 2.25
CA ARG J 4 20.48 -46.50 2.83
C ARG J 4 19.75 -47.84 2.88
N GLN J 5 20.36 -48.89 2.35
CA GLN J 5 19.71 -50.22 2.20
C GLN J 5 20.80 -51.29 2.06
N ASN J 6 20.75 -52.31 2.93
CA ASN J 6 21.75 -53.40 2.95
C ASN J 6 23.15 -52.82 3.10
N TYR J 7 23.31 -51.77 3.91
CA TYR J 7 24.61 -51.07 4.13
C TYR J 7 24.92 -51.07 5.62
N HIS J 8 25.80 -51.97 6.05
CA HIS J 8 26.12 -52.21 7.49
C HIS J 8 27.05 -51.11 8.02
N ASP J 9 26.88 -50.71 9.29
CA ASP J 9 27.74 -49.72 9.99
C ASP J 9 29.22 -50.10 9.88
N GLU J 10 29.55 -51.39 9.89
CA GLU J 10 30.95 -51.86 9.82
C GLU J 10 31.56 -51.49 8.46
N VAL J 11 30.78 -51.64 7.39
CA VAL J 11 31.17 -51.32 5.99
C VAL J 11 31.31 -49.79 5.85
N GLU J 12 30.30 -49.03 6.28
CA GLU J 12 30.37 -47.54 6.30
C GLU J 12 31.65 -47.09 6.99
N ALA J 13 31.99 -47.69 8.15
CA ALA J 13 33.20 -47.34 8.95
C ALA J 13 34.46 -47.69 8.17
N ALA J 14 34.47 -48.86 7.52
CA ALA J 14 35.61 -49.40 6.76
C ALA J 14 35.87 -48.49 5.54
N VAL J 15 34.80 -47.97 4.95
CA VAL J 15 34.91 -47.04 3.77
C VAL J 15 35.58 -45.75 4.23
N ASN J 16 35.21 -45.22 5.41
CA ASN J 16 35.79 -43.98 5.99
C ASN J 16 37.28 -44.19 6.29
N LYS J 17 37.67 -45.36 6.80
CA LYS J 17 39.10 -45.68 7.04
C LYS J 17 39.84 -45.69 5.70
N GLN J 18 39.27 -46.33 4.67
CA GLN J 18 39.89 -46.43 3.33
C GLN J 18 40.05 -45.04 2.72
N ILE J 19 39.09 -44.13 2.95
CA ILE J 19 39.20 -42.72 2.47
C ILE J 19 40.46 -42.11 3.07
N ASN J 20 40.69 -42.27 4.37
CA ASN J 20 41.91 -41.76 5.06
C ASN J 20 43.16 -42.42 4.49
N VAL J 21 43.14 -43.72 4.23
CA VAL J 21 44.28 -44.48 3.62
C VAL J 21 44.65 -43.83 2.28
N GLU J 22 43.66 -43.51 1.46
CA GLU J 22 43.87 -42.96 0.09
C GLU J 22 44.42 -41.52 0.19
N LEU J 23 43.89 -40.70 1.10
CA LEU J 23 44.38 -39.30 1.32
C LEU J 23 45.83 -39.36 1.83
N TYR J 24 46.15 -40.31 2.71
CA TYR J 24 47.52 -40.52 3.21
C TYR J 24 48.45 -40.85 2.03
N ALA J 25 48.06 -41.79 1.17
CA ALA J 25 48.85 -42.23 0.00
C ALA J 25 49.09 -41.02 -0.91
N SER J 26 48.05 -40.23 -1.14
CA SER J 26 48.13 -38.98 -1.91
C SER J 26 49.21 -38.07 -1.31
N TYR J 27 49.27 -37.97 0.02
CA TYR J 27 50.23 -37.08 0.73
C TYR J 27 51.64 -37.62 0.52
N VAL J 28 51.83 -38.93 0.66
CA VAL J 28 53.16 -39.58 0.47
C VAL J 28 53.68 -39.21 -0.91
N TYR J 29 52.86 -39.37 -1.96
CA TYR J 29 53.25 -39.15 -3.37
C TYR J 29 53.52 -37.65 -3.60
N LEU J 30 52.80 -36.75 -2.93
CA LEU J 30 53.06 -35.30 -3.02
C LEU J 30 54.46 -35.00 -2.45
N SER J 31 54.82 -35.64 -1.32
CA SER J 31 56.15 -35.50 -0.69
C SER J 31 57.25 -36.07 -1.60
N MET J 32 57.03 -37.23 -2.22
CA MET J 32 57.99 -37.83 -3.19
C MET J 32 58.15 -36.87 -4.37
N SER J 33 57.08 -36.20 -4.80
CA SER J 33 57.13 -35.22 -5.91
C SER J 33 58.10 -34.09 -5.54
N ALA J 34 57.89 -33.45 -4.38
CA ALA J 34 58.77 -32.39 -3.82
C ALA J 34 60.24 -32.85 -3.81
N HIS J 35 60.50 -34.09 -3.40
CA HIS J 35 61.87 -34.64 -3.30
C HIS J 35 62.56 -34.59 -4.67
N PHE J 36 61.90 -35.07 -5.71
CA PHE J 36 62.46 -35.12 -7.09
C PHE J 36 62.42 -33.73 -7.72
N ASP J 37 61.68 -32.79 -7.14
CA ASP J 37 61.67 -31.38 -7.57
C ASP J 37 62.79 -30.59 -6.89
N ARG J 38 63.51 -31.15 -5.90
CA ARG J 38 64.65 -30.45 -5.28
C ARG J 38 65.66 -30.05 -6.37
N ASP J 39 66.28 -28.87 -6.24
CA ASP J 39 67.22 -28.32 -7.24
C ASP J 39 68.51 -29.15 -7.30
N ASP J 40 68.79 -29.97 -6.28
CA ASP J 40 69.98 -30.86 -6.26
C ASP J 40 69.60 -32.31 -6.60
N ILE J 41 68.36 -32.59 -6.99
CA ILE J 41 67.94 -33.93 -7.49
C ILE J 41 67.44 -33.77 -8.93
N ALA J 42 66.41 -32.94 -9.14
CA ALA J 42 66.08 -32.33 -10.45
C ALA J 42 65.79 -33.40 -11.50
N LEU J 43 64.95 -34.38 -11.15
CA LEU J 43 64.39 -35.37 -12.11
C LEU J 43 62.92 -35.01 -12.36
N ARG J 44 62.68 -34.15 -13.34
CA ARG J 44 61.37 -33.47 -13.55
C ARG J 44 60.29 -34.48 -13.94
N ASN J 45 60.59 -35.47 -14.79
CA ASN J 45 59.55 -36.44 -15.25
C ASN J 45 59.13 -37.30 -14.05
N ILE J 46 60.08 -37.69 -13.21
CA ILE J 46 59.78 -38.46 -11.97
C ILE J 46 58.96 -37.59 -11.03
N ALA J 47 59.32 -36.31 -10.85
CA ALA J 47 58.56 -35.36 -9.99
C ALA J 47 57.12 -35.24 -10.49
N LYS J 48 56.93 -35.12 -11.80
CA LYS J 48 55.58 -35.00 -12.43
C LYS J 48 54.82 -36.31 -12.24
N PHE J 49 55.49 -37.45 -12.44
CA PHE J 49 54.88 -38.80 -12.27
C PHE J 49 54.29 -38.91 -10.85
N PHE J 50 55.07 -38.56 -9.83
CA PHE J 50 54.63 -38.71 -8.42
C PHE J 50 53.50 -37.72 -8.14
N LYS J 51 53.52 -36.54 -8.78
CA LYS J 51 52.40 -35.57 -8.65
C LYS J 51 51.12 -36.16 -9.25
N GLU J 52 51.21 -36.77 -10.43
CA GLU J 52 50.09 -37.50 -11.09
C GLU J 52 49.59 -38.60 -10.14
N GLN J 53 50.49 -39.39 -9.54
CA GLN J 53 50.15 -40.47 -8.58
C GLN J 53 49.40 -39.86 -7.38
N SER J 54 49.85 -38.71 -6.86
CA SER J 54 49.22 -37.97 -5.74
C SER J 54 47.78 -37.58 -6.12
N ASP J 55 47.60 -36.96 -7.29
CA ASP J 55 46.26 -36.65 -7.86
C ASP J 55 45.40 -37.91 -7.95
N GLU J 56 45.96 -39.02 -8.46
CA GLU J 56 45.23 -40.30 -8.64
C GLU J 56 44.74 -40.80 -7.28
N GLU J 57 45.61 -40.82 -6.26
CA GLU J 57 45.23 -41.28 -4.89
C GLU J 57 44.15 -40.35 -4.34
N ARG J 58 44.25 -39.03 -4.54
CA ARG J 58 43.19 -38.11 -4.08
C ARG J 58 41.88 -38.52 -4.76
N GLY J 59 41.93 -38.85 -6.06
CA GLY J 59 40.78 -39.34 -6.83
C GLY J 59 40.20 -40.61 -6.24
N HIS J 60 41.06 -41.52 -5.79
CA HIS J 60 40.65 -42.79 -5.11
C HIS J 60 39.82 -42.42 -3.88
N ALA J 61 40.27 -41.44 -3.09
CA ALA J 61 39.60 -40.95 -1.85
C ALA J 61 38.24 -40.34 -2.18
N THR J 62 38.17 -39.46 -3.18
CA THR J 62 36.93 -38.69 -3.47
C THR J 62 35.89 -39.63 -4.09
N GLU J 63 36.34 -40.64 -4.84
CA GLU J 63 35.46 -41.65 -5.48
C GLU J 63 34.83 -42.50 -4.36
N LEU J 64 35.60 -42.86 -3.33
CA LEU J 64 35.06 -43.56 -2.14
C LEU J 64 34.12 -42.63 -1.37
N MET J 65 34.44 -41.34 -1.29
CA MET J 65 33.51 -40.35 -0.65
C MET J 65 32.18 -40.36 -1.42
N ARG J 66 32.23 -40.44 -2.75
CA ARG J 66 31.01 -40.44 -3.61
C ARG J 66 30.18 -41.70 -3.36
N ILE J 67 30.80 -42.89 -3.31
CA ILE J 67 30.03 -44.15 -3.13
C ILE J 67 29.45 -44.18 -1.71
N GLN J 68 30.18 -43.67 -0.72
CA GLN J 68 29.69 -43.49 0.68
C GLN J 68 28.38 -42.72 0.64
N ALA J 69 28.34 -41.59 -0.06
CA ALA J 69 27.14 -40.74 -0.24
C ALA J 69 26.03 -41.51 -1.00
N VAL J 70 26.36 -42.17 -2.12
CA VAL J 70 25.39 -42.97 -2.92
C VAL J 70 24.69 -44.00 -2.02
N ARG J 71 25.45 -44.72 -1.20
CA ARG J 71 24.92 -45.79 -0.33
C ARG J 71 24.20 -45.22 0.90
N GLY J 72 24.28 -43.90 1.13
CA GLY J 72 23.60 -43.21 2.25
C GLY J 72 24.42 -43.25 3.53
N GLY J 73 25.70 -43.57 3.43
CA GLY J 73 26.66 -43.47 4.55
C GLY J 73 27.07 -42.03 4.79
N ARG J 74 27.70 -41.74 5.92
CA ARG J 74 28.17 -40.37 6.25
C ARG J 74 29.70 -40.42 6.34
N VAL J 75 30.33 -39.55 5.57
CA VAL J 75 31.81 -39.38 5.52
C VAL J 75 32.25 -38.83 6.88
N ALA J 76 33.30 -39.41 7.44
CA ALA J 76 33.94 -38.95 8.70
C ALA J 76 35.44 -38.82 8.43
N MET J 77 35.95 -37.59 8.47
CA MET J 77 37.36 -37.26 8.19
C MET J 77 38.18 -37.45 9.48
N GLN J 78 39.39 -37.96 9.30
CA GLN J 78 40.42 -38.08 10.37
C GLN J 78 41.65 -37.31 9.91
N ASN J 79 42.62 -37.07 10.79
CA ASN J 79 43.88 -36.38 10.48
C ASN J 79 44.56 -37.13 9.33
N ILE J 80 45.19 -36.41 8.41
CA ILE J 80 46.09 -37.03 7.39
C ILE J 80 47.50 -36.95 7.97
N GLN J 81 48.05 -38.09 8.37
CA GLN J 81 49.37 -38.18 9.03
C GLN J 81 50.43 -37.75 8.03
N LYS J 82 51.45 -37.01 8.45
CA LYS J 82 52.57 -36.64 7.55
C LYS J 82 53.25 -37.93 7.12
N PRO J 83 53.81 -38.01 5.88
CA PRO J 83 54.53 -39.20 5.45
C PRO J 83 55.73 -39.55 6.36
N GLU J 84 56.24 -40.78 6.24
CA GLU J 84 57.37 -41.30 7.06
C GLU J 84 58.62 -40.43 6.89
N LYS J 85 58.87 -39.89 5.69
CA LYS J 85 60.11 -39.15 5.36
C LYS J 85 59.75 -37.87 4.57
N ASP J 86 60.62 -36.86 4.61
CA ASP J 86 60.68 -35.78 3.60
C ASP J 86 61.74 -36.16 2.55
N GLU J 87 62.86 -36.75 2.98
CA GLU J 87 63.96 -37.19 2.09
C GLU J 87 63.77 -38.68 1.76
N TRP J 88 63.47 -39.01 0.50
CA TRP J 88 63.09 -40.38 0.06
C TRP J 88 64.28 -41.12 -0.53
N GLY J 89 65.47 -40.54 -0.44
CA GLY J 89 66.74 -41.19 -0.83
C GLY J 89 66.86 -41.30 -2.34
N THR J 90 67.38 -42.43 -2.82
CA THR J 90 67.69 -42.65 -4.26
C THR J 90 66.39 -42.87 -5.02
N VAL J 91 66.49 -42.90 -6.35
CA VAL J 91 65.36 -43.21 -7.26
C VAL J 91 64.83 -44.60 -6.87
N LEU J 92 65.71 -45.61 -6.79
CA LEU J 92 65.29 -46.99 -6.41
C LEU J 92 64.52 -46.95 -5.09
N GLU J 93 65.06 -46.28 -4.06
CA GLU J 93 64.48 -46.26 -2.69
C GLU J 93 63.08 -45.63 -2.72
N ALA J 94 62.89 -44.56 -3.47
CA ALA J 94 61.57 -43.91 -3.64
C ALA J 94 60.58 -44.92 -4.26
N PHE J 95 60.95 -45.60 -5.34
CA PHE J 95 60.04 -46.51 -6.07
C PHE J 95 59.75 -47.76 -5.22
N GLU J 96 60.74 -48.21 -4.43
CA GLU J 96 60.54 -49.34 -3.47
C GLU J 96 59.51 -48.93 -2.41
N ALA J 97 59.61 -47.70 -1.89
CA ALA J 97 58.66 -47.16 -0.89
C ALA J 97 57.29 -47.00 -1.53
N ALA J 98 57.22 -46.64 -2.82
CA ALA J 98 55.94 -46.51 -3.55
C ALA J 98 55.30 -47.90 -3.69
N LEU J 99 56.09 -48.92 -4.04
CA LEU J 99 55.58 -50.31 -4.17
C LEU J 99 55.01 -50.79 -2.82
N ALA J 100 55.72 -50.53 -1.71
CA ALA J 100 55.29 -50.92 -0.35
C ALA J 100 53.97 -50.21 -0.01
N LEU J 101 53.81 -48.95 -0.42
CA LEU J 101 52.57 -48.16 -0.21
C LEU J 101 51.42 -48.78 -1.00
N GLU J 102 51.65 -49.11 -2.28
CA GLU J 102 50.60 -49.72 -3.16
C GLU J 102 50.18 -51.08 -2.60
N ARG J 103 51.12 -51.86 -2.08
CA ARG J 103 50.84 -53.19 -1.48
C ARG J 103 50.00 -53.02 -0.20
N ALA J 104 50.33 -52.03 0.64
CA ALA J 104 49.57 -51.71 1.88
C ALA J 104 48.15 -51.22 1.52
N ASN J 105 48.02 -50.38 0.49
CA ASN J 105 46.73 -49.93 -0.06
C ASN J 105 45.90 -51.15 -0.49
N ASN J 106 46.54 -52.11 -1.17
CA ASN J 106 45.87 -53.32 -1.69
C ASN J 106 45.37 -54.18 -0.51
N ALA J 107 46.23 -54.42 0.46
CA ALA J 107 45.90 -55.19 1.69
C ALA J 107 44.65 -54.58 2.35
N SER J 108 44.61 -53.26 2.45
CA SER J 108 43.51 -52.48 3.07
C SER J 108 42.24 -52.64 2.23
N LEU J 109 42.35 -52.54 0.91
CA LEU J 109 41.20 -52.76 -0.02
C LEU J 109 40.71 -54.21 0.07
N LEU J 110 41.61 -55.18 0.14
CA LEU J 110 41.23 -56.61 0.23
C LEU J 110 40.47 -56.86 1.54
N LYS J 111 40.93 -56.24 2.64
CA LYS J 111 40.24 -56.29 3.97
C LYS J 111 38.86 -55.62 3.87
N LEU J 112 38.76 -54.48 3.18
CA LEU J 112 37.48 -53.79 2.95
C LEU J 112 36.53 -54.72 2.18
N HIS J 113 36.98 -55.36 1.10
CA HIS J 113 36.20 -56.37 0.34
C HIS J 113 35.71 -57.48 1.29
N GLY J 114 36.63 -58.00 2.11
CA GLY J 114 36.34 -59.04 3.13
C GLY J 114 35.17 -58.67 4.01
N ILE J 115 35.16 -57.44 4.54
CA ILE J 115 34.10 -56.90 5.43
C ILE J 115 32.78 -56.81 4.65
N ALA J 116 32.84 -56.28 3.42
CA ALA J 116 31.64 -56.18 2.55
C ALA J 116 31.08 -57.59 2.31
N GLU J 117 31.95 -58.56 2.01
CA GLU J 117 31.57 -59.97 1.71
C GLU J 117 30.92 -60.61 2.95
N GLN J 118 31.47 -60.37 4.13
CA GLN J 118 30.95 -60.91 5.42
C GLN J 118 29.55 -60.35 5.72
N ARG J 119 29.25 -59.12 5.28
CA ARG J 119 27.95 -58.46 5.57
C ARG J 119 27.00 -58.63 4.38
N ASN J 120 27.34 -59.48 3.41
CA ASN J 120 26.48 -59.78 2.22
C ASN J 120 26.14 -58.47 1.48
N ASP J 121 27.13 -57.58 1.35
CA ASP J 121 26.95 -56.31 0.59
C ASP J 121 27.32 -56.62 -0.87
N ALA J 122 26.38 -57.23 -1.60
CA ALA J 122 26.57 -57.72 -2.99
C ALA J 122 26.94 -56.55 -3.92
N HIS J 123 26.43 -55.35 -3.65
CA HIS J 123 26.83 -54.14 -4.44
C HIS J 123 28.29 -53.79 -4.18
N LEU J 124 28.70 -53.67 -2.92
CA LEU J 124 30.00 -53.03 -2.60
C LEU J 124 31.16 -53.98 -2.89
N THR J 125 30.98 -55.30 -2.77
CA THR J 125 32.05 -56.28 -3.11
C THR J 125 32.42 -56.06 -4.59
N ASN J 126 31.41 -56.05 -5.46
CA ASN J 126 31.61 -55.86 -6.92
C ASN J 126 32.20 -54.47 -7.19
N TYR J 127 31.64 -53.44 -6.55
CA TYR J 127 32.16 -52.05 -6.67
C TYR J 127 33.65 -52.03 -6.35
N ILE J 128 34.08 -52.63 -5.23
CA ILE J 128 35.50 -52.63 -4.79
C ILE J 128 36.36 -53.43 -5.79
N GLN J 129 35.87 -54.57 -6.25
CA GLN J 129 36.59 -55.41 -7.24
C GLN J 129 36.86 -54.58 -8.51
N GLU J 130 35.81 -53.96 -9.06
CA GLU J 130 35.83 -53.24 -10.37
C GLU J 130 36.68 -51.97 -10.27
N LYS J 131 36.38 -51.12 -9.29
CA LYS J 131 36.87 -49.73 -9.20
C LYS J 131 38.23 -49.66 -8.49
N TYR J 132 38.59 -50.67 -7.68
CA TYR J 132 39.76 -50.60 -6.78
C TYR J 132 40.73 -51.79 -6.97
N LEU J 133 40.26 -53.03 -6.88
CA LEU J 133 41.18 -54.20 -6.90
C LEU J 133 41.86 -54.31 -8.27
N GLU J 134 41.12 -54.10 -9.36
CA GLU J 134 41.68 -54.23 -10.73
C GLU J 134 42.80 -53.21 -10.92
N GLU J 135 42.53 -51.93 -10.63
CA GLU J 135 43.53 -50.83 -10.76
C GLU J 135 44.71 -51.14 -9.83
N GLN J 136 44.44 -51.65 -8.64
CA GLN J 136 45.50 -51.83 -7.60
C GLN J 136 46.52 -52.88 -8.09
N VAL J 137 46.10 -53.99 -8.70
CA VAL J 137 47.05 -55.04 -9.19
C VAL J 137 47.84 -54.47 -10.37
N HIS J 138 47.25 -53.62 -11.19
CA HIS J 138 47.96 -52.96 -12.32
C HIS J 138 49.02 -52.00 -11.77
N SER J 139 48.67 -51.16 -10.79
CA SER J 139 49.59 -50.20 -10.14
C SER J 139 50.79 -50.93 -9.49
N ILE J 140 50.55 -52.02 -8.76
CA ILE J 140 51.62 -52.82 -8.11
C ILE J 140 52.55 -53.39 -9.18
N ASN J 141 51.98 -53.96 -10.25
CA ASN J 141 52.72 -54.50 -11.41
C ASN J 141 53.59 -53.39 -12.02
N GLU J 142 53.00 -52.22 -12.26
CA GLU J 142 53.69 -51.01 -12.82
C GLU J 142 54.92 -50.66 -11.95
N PHE J 143 54.78 -50.64 -10.62
CA PHE J 143 55.88 -50.27 -9.71
C PHE J 143 56.95 -51.37 -9.66
N ALA J 144 56.56 -52.65 -9.65
CA ALA J 144 57.50 -53.79 -9.73
C ALA J 144 58.35 -53.65 -11.00
N ARG J 145 57.73 -53.34 -12.14
N ARG J 145 57.71 -53.38 -12.13
CA ARG J 145 58.43 -53.23 -13.44
CA ARG J 145 58.35 -53.18 -13.46
C ARG J 145 59.36 -52.01 -13.43
C ARG J 145 59.36 -52.02 -13.39
N TYR J 146 58.94 -50.89 -12.81
CA TYR J 146 59.79 -49.67 -12.69
C TYR J 146 61.06 -50.02 -11.91
N ILE J 147 60.89 -50.72 -10.79
CA ILE J 147 62.02 -51.18 -9.93
C ILE J 147 62.99 -52.04 -10.75
N ALA J 148 62.50 -53.02 -11.53
CA ALA J 148 63.36 -53.88 -12.38
C ALA J 148 64.17 -52.98 -13.31
N ASN J 149 63.53 -51.95 -13.86
CA ASN J 149 64.15 -51.07 -14.88
C ASN J 149 65.14 -50.11 -14.23
N ILE J 150 64.84 -49.63 -13.01
CA ILE J 150 65.77 -48.73 -12.26
C ILE J 150 67.06 -49.51 -11.94
N LYS J 151 66.93 -50.77 -11.51
CA LYS J 151 68.08 -51.63 -11.17
C LYS J 151 68.87 -51.94 -12.44
N ARG J 152 68.18 -52.21 -13.55
CA ARG J 152 68.82 -52.53 -14.86
C ARG J 152 69.62 -51.31 -15.34
N ALA J 153 69.00 -50.14 -15.38
CA ALA J 153 69.60 -48.90 -15.91
C ALA J 153 70.78 -48.46 -15.04
N GLY J 154 70.64 -48.59 -13.72
CA GLY J 154 71.70 -48.30 -12.74
C GLY J 154 71.77 -46.83 -12.33
N PRO J 155 72.58 -46.50 -11.30
CA PRO J 155 72.71 -45.12 -10.84
C PRO J 155 73.46 -44.25 -11.86
N GLY J 156 73.30 -42.94 -11.74
CA GLY J 156 73.97 -41.96 -12.62
C GLY J 156 73.25 -41.83 -13.94
N LEU J 157 73.93 -42.15 -15.05
CA LEU J 157 73.37 -41.99 -16.40
C LEU J 157 72.07 -42.79 -16.52
N GLY J 158 72.02 -44.01 -15.97
CA GLY J 158 70.78 -44.84 -15.97
C GLY J 158 69.58 -44.09 -15.41
N GLU J 159 69.75 -43.36 -14.32
CA GLU J 159 68.66 -42.64 -13.60
C GLU J 159 68.23 -41.44 -14.47
N TYR J 160 69.21 -40.72 -14.99
CA TYR J 160 69.00 -39.59 -15.94
C TYR J 160 68.10 -40.06 -17.09
N LEU J 161 68.45 -41.18 -17.76
CA LEU J 161 67.74 -41.66 -18.97
C LEU J 161 66.42 -42.34 -18.60
N PHE J 162 66.34 -43.00 -17.44
CA PHE J 162 65.08 -43.56 -16.92
C PHE J 162 64.04 -42.43 -16.84
N ASP J 163 64.44 -41.32 -16.23
CA ASP J 163 63.58 -40.11 -16.11
C ASP J 163 63.17 -39.62 -17.50
N LYS J 164 64.10 -39.62 -18.46
CA LYS J 164 63.84 -39.14 -19.85
C LYS J 164 62.92 -40.08 -20.61
N GLU J 165 63.08 -41.39 -20.44
CA GLU J 165 62.54 -42.42 -21.36
C GLU J 165 61.23 -43.01 -20.83
N GLU J 166 61.06 -43.10 -19.51
CA GLU J 166 60.10 -44.07 -18.91
C GLU J 166 58.71 -43.45 -18.78
N PHE J 167 58.60 -42.11 -18.83
CA PHE J 167 57.35 -41.37 -18.55
C PHE J 167 56.91 -40.58 -19.79
N SER J 168 57.30 -41.05 -20.98
CA SER J 168 57.04 -40.42 -22.31
C SER J 168 56.21 -41.37 -23.18
N SER K 1 -21.60 -19.55 -58.79
CA SER K 1 -20.31 -20.30 -58.86
C SER K 1 -20.46 -21.51 -59.80
N LEU K 2 -19.52 -21.72 -60.72
CA LEU K 2 -19.50 -22.94 -61.56
C LEU K 2 -19.02 -24.15 -60.74
N ALA K 3 -18.37 -23.92 -59.59
CA ALA K 3 -17.75 -24.97 -58.75
C ALA K 3 -18.77 -25.54 -57.75
N ARG K 4 -19.62 -24.69 -57.20
CA ARG K 4 -20.45 -25.04 -56.03
C ARG K 4 -21.20 -26.36 -56.28
N GLN K 5 -21.02 -27.31 -55.38
CA GLN K 5 -21.59 -28.67 -55.49
C GLN K 5 -21.74 -29.24 -54.08
N ASN K 6 -22.94 -29.74 -53.77
CA ASN K 6 -23.24 -30.32 -52.44
C ASN K 6 -22.89 -29.30 -51.35
N TYR K 7 -23.19 -28.02 -51.57
CA TYR K 7 -22.88 -26.94 -50.61
C TYR K 7 -24.14 -26.13 -50.32
N HIS K 8 -24.76 -26.41 -49.17
CA HIS K 8 -26.08 -25.85 -48.78
C HIS K 8 -25.91 -24.44 -48.24
N ASP K 9 -26.87 -23.58 -48.55
CA ASP K 9 -26.96 -22.19 -48.05
C ASP K 9 -26.78 -22.17 -46.53
N GLU K 10 -27.33 -23.15 -45.81
CA GLU K 10 -27.23 -23.15 -44.32
C GLU K 10 -25.77 -23.31 -43.92
N VAL K 11 -25.02 -24.13 -44.64
CA VAL K 11 -23.57 -24.38 -44.36
C VAL K 11 -22.77 -23.12 -44.75
N GLU K 12 -23.01 -22.57 -45.94
CA GLU K 12 -22.38 -21.30 -46.40
C GLU K 12 -22.55 -20.21 -45.32
N ALA K 13 -23.78 -20.01 -44.83
CA ALA K 13 -24.13 -19.05 -43.75
C ALA K 13 -23.35 -19.34 -42.46
N ALA K 14 -23.28 -20.61 -42.04
CA ALA K 14 -22.62 -21.03 -40.79
C ALA K 14 -21.11 -20.78 -40.89
N VAL K 15 -20.51 -20.98 -42.07
CA VAL K 15 -19.06 -20.69 -42.29
C VAL K 15 -18.83 -19.18 -42.13
N ASN K 16 -19.72 -18.35 -42.67
CA ASN K 16 -19.67 -16.87 -42.54
C ASN K 16 -19.78 -16.47 -41.06
N LYS K 17 -20.69 -17.10 -40.30
CA LYS K 17 -20.79 -16.87 -38.82
C LYS K 17 -19.46 -17.24 -38.17
N GLN K 18 -18.87 -18.39 -38.52
CA GLN K 18 -17.62 -18.87 -37.89
C GLN K 18 -16.46 -17.93 -38.23
N ILE K 19 -16.44 -17.38 -39.44
CA ILE K 19 -15.42 -16.37 -39.82
C ILE K 19 -15.49 -15.22 -38.80
N ASN K 20 -16.69 -14.72 -38.51
CA ASN K 20 -16.87 -13.59 -37.56
C ASN K 20 -16.42 -14.02 -36.15
N VAL K 21 -16.72 -15.25 -35.74
CA VAL K 21 -16.34 -15.79 -34.39
C VAL K 21 -14.80 -15.78 -34.26
N GLU K 22 -14.09 -16.25 -35.29
CA GLU K 22 -12.60 -16.28 -35.29
C GLU K 22 -12.02 -14.86 -35.24
N LEU K 23 -12.57 -13.93 -36.03
CA LEU K 23 -12.09 -12.53 -36.10
C LEU K 23 -12.30 -11.88 -34.74
N TYR K 24 -13.42 -12.17 -34.08
CA TYR K 24 -13.72 -11.69 -32.72
C TYR K 24 -12.68 -12.23 -31.74
N ALA K 25 -12.37 -13.53 -31.80
CA ALA K 25 -11.38 -14.19 -30.94
C ALA K 25 -10.00 -13.55 -31.14
N SER K 26 -9.63 -13.27 -32.39
CA SER K 26 -8.40 -12.50 -32.73
C SER K 26 -8.38 -11.14 -32.01
N TYR K 27 -9.49 -10.42 -32.03
CA TYR K 27 -9.63 -9.07 -31.40
C TYR K 27 -9.47 -9.20 -29.89
N VAL K 28 -10.13 -10.17 -29.26
CA VAL K 28 -10.00 -10.41 -27.79
C VAL K 28 -8.51 -10.61 -27.46
N TYR K 29 -7.79 -11.47 -28.20
CA TYR K 29 -6.37 -11.75 -27.90
C TYR K 29 -5.49 -10.52 -28.12
N LEU K 30 -5.83 -9.68 -29.11
CA LEU K 30 -5.07 -8.43 -29.35
C LEU K 30 -5.22 -7.50 -28.13
N SER K 31 -6.43 -7.39 -27.60
CA SER K 31 -6.71 -6.59 -26.38
C SER K 31 -5.92 -7.15 -25.18
N MET K 32 -5.93 -8.47 -24.98
CA MET K 32 -5.17 -9.12 -23.87
C MET K 32 -3.67 -8.83 -24.07
N SER K 33 -3.19 -8.85 -25.31
CA SER K 33 -1.78 -8.51 -25.61
C SER K 33 -1.46 -7.10 -25.11
N ALA K 34 -2.30 -6.11 -25.44
CA ALA K 34 -2.18 -4.70 -25.01
C ALA K 34 -2.13 -4.63 -23.47
N HIS K 35 -2.95 -5.42 -22.80
CA HIS K 35 -3.05 -5.43 -21.32
C HIS K 35 -1.69 -5.77 -20.71
N PHE K 36 -1.03 -6.83 -21.19
CA PHE K 36 0.25 -7.30 -20.63
C PHE K 36 1.39 -6.40 -21.10
N ASP K 37 1.14 -5.51 -22.07
CA ASP K 37 2.13 -4.51 -22.55
C ASP K 37 1.99 -3.19 -21.78
N ARG K 38 1.00 -3.07 -20.89
CA ARG K 38 0.89 -1.86 -20.04
C ARG K 38 2.19 -1.70 -19.24
N ASP K 39 2.63 -0.47 -19.06
CA ASP K 39 3.91 -0.17 -18.35
C ASP K 39 3.81 -0.55 -16.87
N ASP K 40 2.61 -0.75 -16.30
CA ASP K 40 2.39 -1.11 -14.87
C ASP K 40 2.09 -2.61 -14.76
N ILE K 41 2.14 -3.36 -15.86
CA ILE K 41 1.93 -4.83 -15.88
C ILE K 41 3.21 -5.49 -16.42
N ALA K 42 3.58 -5.18 -17.66
CA ALA K 42 4.97 -5.34 -18.18
C ALA K 42 5.39 -6.81 -18.11
N LEU K 43 4.55 -7.71 -18.61
CA LEU K 43 4.90 -9.14 -18.79
C LEU K 43 5.00 -9.41 -20.28
N ARG K 44 6.21 -9.22 -20.83
CA ARG K 44 6.42 -9.10 -22.31
C ARG K 44 6.17 -10.44 -23.00
N ASN K 45 6.60 -11.55 -22.38
CA ASN K 45 6.44 -12.92 -22.96
C ASN K 45 4.94 -13.27 -23.03
N ILE K 46 4.18 -12.92 -21.99
CA ILE K 46 2.71 -13.10 -21.99
C ILE K 46 2.09 -12.17 -23.07
N ALA K 47 2.52 -10.92 -23.17
CA ALA K 47 2.03 -9.96 -24.19
C ALA K 47 2.29 -10.57 -25.59
N LYS K 48 3.48 -11.10 -25.82
CA LYS K 48 3.89 -11.72 -27.12
C LYS K 48 3.03 -12.96 -27.41
N PHE K 49 2.84 -13.82 -26.42
CA PHE K 49 2.00 -15.04 -26.50
C PHE K 49 0.59 -14.65 -26.98
N PHE K 50 -0.05 -13.67 -26.34
CA PHE K 50 -1.42 -13.26 -26.72
C PHE K 50 -1.41 -12.62 -28.12
N LYS K 51 -0.34 -11.91 -28.51
CA LYS K 51 -0.25 -11.38 -29.90
C LYS K 51 -0.19 -12.56 -30.87
N GLU K 52 0.59 -13.59 -30.57
CA GLU K 52 0.68 -14.82 -31.41
C GLU K 52 -0.69 -15.50 -31.45
N GLN K 53 -1.42 -15.57 -30.34
CA GLN K 53 -2.79 -16.15 -30.32
C GLN K 53 -3.72 -15.31 -31.22
N SER K 54 -3.63 -13.98 -31.18
CA SER K 54 -4.39 -13.05 -32.06
C SER K 54 -4.09 -13.36 -33.53
N ASP K 55 -2.81 -13.47 -33.87
CA ASP K 55 -2.39 -13.81 -35.26
C ASP K 55 -2.99 -15.17 -35.66
N GLU K 56 -2.94 -16.15 -34.75
CA GLU K 56 -3.45 -17.53 -35.02
C GLU K 56 -4.96 -17.49 -35.30
N GLU K 57 -5.74 -16.77 -34.48
CA GLU K 57 -7.22 -16.65 -34.64
C GLU K 57 -7.53 -15.96 -35.98
N ARG K 58 -6.78 -14.91 -36.34
CA ARG K 58 -6.96 -14.25 -37.66
C ARG K 58 -6.72 -15.27 -38.78
N GLY K 59 -5.68 -16.10 -38.66
CA GLY K 59 -5.40 -17.20 -39.60
C GLY K 59 -6.53 -18.22 -39.63
N HIS K 60 -7.14 -18.54 -38.50
CA HIS K 60 -8.34 -19.44 -38.47
C HIS K 60 -9.45 -18.83 -39.32
N ALA K 61 -9.67 -17.52 -39.23
CA ALA K 61 -10.69 -16.77 -39.99
C ALA K 61 -10.37 -16.79 -41.49
N THR K 62 -9.13 -16.49 -41.87
CA THR K 62 -8.76 -16.36 -43.31
C THR K 62 -8.76 -17.74 -43.95
N GLU K 63 -8.44 -18.80 -43.21
CA GLU K 63 -8.50 -20.20 -43.71
C GLU K 63 -9.97 -20.58 -43.99
N LEU K 64 -10.91 -20.16 -43.14
CA LEU K 64 -12.35 -20.42 -43.42
C LEU K 64 -12.80 -19.59 -44.62
N MET K 65 -12.27 -18.38 -44.77
CA MET K 65 -12.58 -17.54 -45.95
C MET K 65 -12.13 -18.29 -47.22
N ARG K 66 -10.98 -18.95 -47.16
N ARG K 66 -10.97 -18.94 -47.16
CA ARG K 66 -10.42 -19.69 -48.32
CA ARG K 66 -10.37 -19.71 -48.28
C ARG K 66 -11.28 -20.92 -48.64
C ARG K 66 -11.27 -20.90 -48.63
N ILE K 67 -11.71 -21.69 -47.63
CA ILE K 67 -12.56 -22.89 -47.90
C ILE K 67 -13.94 -22.44 -48.42
N GLN K 68 -14.48 -21.32 -47.92
CA GLN K 68 -15.72 -20.68 -48.46
C GLN K 68 -15.54 -20.48 -49.96
N ALA K 69 -14.41 -19.90 -50.37
CA ALA K 69 -14.13 -19.60 -51.80
C ALA K 69 -13.96 -20.92 -52.58
N VAL K 70 -13.24 -21.90 -52.01
CA VAL K 70 -12.99 -23.22 -52.68
C VAL K 70 -14.33 -23.89 -52.96
N ARG K 71 -15.26 -23.85 -51.99
CA ARG K 71 -16.58 -24.52 -52.12
C ARG K 71 -17.54 -23.67 -52.96
N GLY K 72 -17.18 -22.44 -53.33
CA GLY K 72 -18.00 -21.58 -54.19
C GLY K 72 -19.07 -20.82 -53.43
N GLY K 73 -18.91 -20.71 -52.11
CA GLY K 73 -19.70 -19.82 -51.25
C GLY K 73 -19.21 -18.38 -51.37
N ARG K 74 -19.95 -17.44 -50.81
CA ARG K 74 -19.61 -16.00 -50.87
C ARG K 74 -19.43 -15.53 -49.43
N VAL K 75 -18.26 -14.95 -49.15
CA VAL K 75 -17.90 -14.39 -47.83
C VAL K 75 -18.80 -13.17 -47.60
N ALA K 76 -19.40 -13.08 -46.42
CA ALA K 76 -20.20 -11.92 -45.99
C ALA K 76 -19.71 -11.50 -44.61
N MET K 77 -19.12 -10.32 -44.52
CA MET K 77 -18.50 -9.82 -43.28
C MET K 77 -19.59 -9.23 -42.39
N GLN K 78 -19.38 -9.27 -41.08
CA GLN K 78 -20.22 -8.52 -40.11
C GLN K 78 -19.30 -7.71 -39.21
N ASN K 79 -19.89 -6.80 -38.44
CA ASN K 79 -19.13 -5.99 -37.44
C ASN K 79 -18.32 -6.95 -36.57
N ILE K 80 -17.08 -6.59 -36.24
CA ILE K 80 -16.33 -7.31 -35.18
C ILE K 80 -16.57 -6.55 -33.87
N GLN K 81 -17.32 -7.17 -32.96
CA GLN K 81 -17.69 -6.58 -31.65
C GLN K 81 -16.40 -6.34 -30.85
N LYS K 82 -16.32 -5.23 -30.11
CA LYS K 82 -15.17 -5.01 -29.22
C LYS K 82 -15.21 -6.06 -28.12
N PRO K 83 -14.05 -6.45 -27.57
CA PRO K 83 -14.02 -7.42 -26.47
C PRO K 83 -14.80 -6.93 -25.24
N GLU K 84 -15.07 -7.85 -24.30
CA GLU K 84 -15.87 -7.57 -23.08
C GLU K 84 -15.15 -6.50 -22.24
N LYS K 85 -13.81 -6.51 -22.24
CA LYS K 85 -12.98 -5.64 -21.37
C LYS K 85 -11.81 -5.06 -22.17
N ASP K 86 -11.26 -3.91 -21.73
CA ASP K 86 -9.88 -3.47 -22.11
C ASP K 86 -8.91 -3.93 -21.02
N GLU K 87 -9.34 -3.94 -19.75
CA GLU K 87 -8.52 -4.37 -18.58
C GLU K 87 -8.91 -5.81 -18.18
N TRP K 88 -7.98 -6.77 -18.28
CA TRP K 88 -8.28 -8.22 -18.15
C TRP K 88 -7.91 -8.77 -16.78
N GLY K 89 -7.40 -7.91 -15.88
CA GLY K 89 -7.12 -8.27 -14.48
C GLY K 89 -5.79 -8.96 -14.30
N THR K 90 -5.75 -9.99 -13.45
CA THR K 90 -4.52 -10.74 -13.09
C THR K 90 -4.14 -11.65 -14.26
N VAL K 91 -2.91 -12.18 -14.24
CA VAL K 91 -2.47 -13.25 -15.18
C VAL K 91 -3.51 -14.39 -15.16
N LEU K 92 -3.90 -14.88 -13.99
CA LEU K 92 -4.88 -15.99 -13.92
C LEU K 92 -6.19 -15.60 -14.64
N GLU K 93 -6.74 -14.42 -14.37
CA GLU K 93 -8.06 -13.97 -14.89
C GLU K 93 -8.02 -13.90 -16.41
N ALA K 94 -6.92 -13.39 -16.96
CA ALA K 94 -6.71 -13.31 -18.42
C ALA K 94 -6.76 -14.71 -19.02
N PHE K 95 -6.04 -15.69 -18.47
CA PHE K 95 -5.94 -17.07 -19.01
C PHE K 95 -7.28 -17.79 -18.80
N GLU K 96 -7.99 -17.43 -17.72
CA GLU K 96 -9.37 -17.96 -17.48
C GLU K 96 -10.28 -17.47 -18.60
N ALA K 97 -10.19 -16.18 -19.00
CA ALA K 97 -11.04 -15.55 -20.04
C ALA K 97 -10.67 -16.19 -21.38
N ALA K 98 -9.38 -16.46 -21.58
CA ALA K 98 -8.87 -17.14 -22.81
C ALA K 98 -9.46 -18.55 -22.89
N LEU K 99 -9.39 -19.32 -21.80
CA LEU K 99 -9.97 -20.68 -21.78
C LEU K 99 -11.45 -20.61 -22.17
N ALA K 100 -12.23 -19.68 -21.61
CA ALA K 100 -13.68 -19.54 -21.87
C ALA K 100 -13.90 -19.24 -23.36
N LEU K 101 -13.08 -18.37 -23.95
CA LEU K 101 -13.16 -17.97 -25.39
C LEU K 101 -12.90 -19.20 -26.27
N GLU K 102 -11.89 -20.00 -25.92
CA GLU K 102 -11.52 -21.23 -26.67
C GLU K 102 -12.66 -22.26 -26.59
N ARG K 103 -13.28 -22.41 -25.41
CA ARG K 103 -14.44 -23.31 -25.21
C ARG K 103 -15.62 -22.81 -26.03
N ALA K 104 -15.86 -21.50 -26.12
CA ALA K 104 -16.95 -20.88 -26.92
C ALA K 104 -16.68 -21.10 -28.43
N ASN K 105 -15.43 -20.89 -28.86
CA ASN K 105 -14.95 -21.18 -30.24
C ASN K 105 -15.24 -22.64 -30.59
N ASN K 106 -14.95 -23.55 -29.66
CA ASN K 106 -15.13 -25.01 -29.83
C ASN K 106 -16.63 -25.34 -29.95
N ALA K 107 -17.47 -24.78 -29.08
CA ALA K 107 -18.94 -24.99 -29.14
C ALA K 107 -19.45 -24.56 -30.53
N SER K 108 -19.00 -23.39 -31.01
CA SER K 108 -19.36 -22.83 -32.33
C SER K 108 -18.91 -23.80 -33.44
N LEU K 109 -17.68 -24.33 -33.36
CA LEU K 109 -17.12 -25.27 -34.39
C LEU K 109 -17.90 -26.59 -34.37
N LEU K 110 -18.27 -27.09 -33.19
CA LEU K 110 -19.05 -28.35 -33.10
C LEU K 110 -20.44 -28.13 -33.71
N LYS K 111 -21.05 -26.96 -33.51
CA LYS K 111 -22.35 -26.58 -34.14
C LYS K 111 -22.18 -26.55 -35.67
N LEU K 112 -21.11 -25.96 -36.17
CA LEU K 112 -20.82 -25.90 -37.62
C LEU K 112 -20.68 -27.32 -38.16
N HIS K 113 -19.91 -28.18 -37.50
CA HIS K 113 -19.76 -29.60 -37.88
C HIS K 113 -21.14 -30.27 -37.94
N GLY K 114 -21.99 -30.02 -36.94
CA GLY K 114 -23.36 -30.57 -36.86
C GLY K 114 -24.22 -30.17 -38.05
N ILE K 115 -24.13 -28.90 -38.47
CA ILE K 115 -24.93 -28.38 -39.61
C ILE K 115 -24.45 -29.06 -40.88
N ALA K 116 -23.13 -29.11 -41.09
CA ALA K 116 -22.53 -29.81 -42.26
C ALA K 116 -22.98 -31.27 -42.26
N GLU K 117 -22.97 -31.95 -41.11
CA GLU K 117 -23.34 -33.39 -41.01
C GLU K 117 -24.81 -33.56 -41.41
N GLN K 118 -25.69 -32.71 -40.88
CA GLN K 118 -27.16 -32.71 -41.15
C GLN K 118 -27.42 -32.51 -42.66
N ARG K 119 -26.62 -31.69 -43.35
CA ARG K 119 -26.76 -31.42 -44.80
C ARG K 119 -25.94 -32.40 -45.65
N ASN K 120 -25.37 -33.47 -45.05
CA ASN K 120 -24.57 -34.51 -45.74
C ASN K 120 -23.43 -33.88 -46.53
N ASP K 121 -22.79 -32.85 -45.97
CA ASP K 121 -21.57 -32.23 -46.56
C ASP K 121 -20.34 -33.06 -46.12
N ALA K 122 -20.07 -34.16 -46.83
CA ALA K 122 -19.04 -35.15 -46.48
C ALA K 122 -17.65 -34.50 -46.56
N HIS K 123 -17.44 -33.55 -47.47
CA HIS K 123 -16.18 -32.76 -47.51
C HIS K 123 -16.03 -31.93 -46.24
N LEU K 124 -17.02 -31.10 -45.90
CA LEU K 124 -16.81 -30.03 -44.89
C LEU K 124 -16.78 -30.64 -43.48
N THR K 125 -17.50 -31.75 -43.24
CA THR K 125 -17.44 -32.43 -41.92
C THR K 125 -15.99 -32.80 -41.61
N ASN K 126 -15.32 -33.47 -42.54
CA ASN K 126 -13.91 -33.90 -42.38
C ASN K 126 -13.02 -32.66 -42.29
N TYR K 127 -13.25 -31.66 -43.14
CA TYR K 127 -12.42 -30.44 -43.16
C TYR K 127 -12.44 -29.81 -41.76
N ILE K 128 -13.63 -29.68 -41.18
CA ILE K 128 -13.78 -29.03 -39.85
C ILE K 128 -13.08 -29.89 -38.77
N GLN K 129 -13.24 -31.22 -38.81
CA GLN K 129 -12.61 -32.15 -37.85
C GLN K 129 -11.08 -32.00 -37.90
N GLU K 130 -10.52 -32.04 -39.11
CA GLU K 130 -9.04 -32.05 -39.35
C GLU K 130 -8.43 -30.68 -39.03
N LYS K 131 -8.98 -29.63 -39.62
CA LYS K 131 -8.38 -28.26 -39.65
C LYS K 131 -8.79 -27.47 -38.41
N TYR K 132 -9.87 -27.82 -37.69
CA TYR K 132 -10.43 -26.95 -36.62
C TYR K 132 -10.58 -27.73 -35.31
N LEU K 133 -11.27 -28.86 -35.30
CA LEU K 133 -11.60 -29.56 -34.01
C LEU K 133 -10.33 -30.09 -33.36
N GLU K 134 -9.39 -30.64 -34.14
CA GLU K 134 -8.13 -31.23 -33.58
C GLU K 134 -7.33 -30.11 -32.91
N GLU K 135 -7.13 -28.98 -33.58
CA GLU K 135 -6.37 -27.84 -33.00
C GLU K 135 -7.12 -27.29 -31.78
N GLN K 136 -8.45 -27.18 -31.89
CA GLN K 136 -9.30 -26.56 -30.83
C GLN K 136 -9.13 -27.33 -29.50
N VAL K 137 -9.14 -28.67 -29.51
CA VAL K 137 -9.02 -29.47 -28.24
C VAL K 137 -7.61 -29.28 -27.70
N HIS K 138 -6.60 -29.16 -28.56
CA HIS K 138 -5.19 -28.94 -28.13
C HIS K 138 -5.06 -27.56 -27.48
N SER K 139 -5.70 -26.53 -28.03
CA SER K 139 -5.66 -25.14 -27.51
C SER K 139 -6.34 -25.09 -26.12
N ILE K 140 -7.50 -25.71 -25.99
CA ILE K 140 -8.24 -25.79 -24.69
C ILE K 140 -7.35 -26.52 -23.67
N ASN K 141 -6.80 -27.68 -24.01
CA ASN K 141 -5.83 -28.41 -23.13
C ASN K 141 -4.68 -27.47 -22.71
N GLU K 142 -4.09 -26.75 -23.67
CA GLU K 142 -2.94 -25.83 -23.39
C GLU K 142 -3.36 -24.77 -22.36
N PHE K 143 -4.55 -24.18 -22.52
CA PHE K 143 -5.05 -23.09 -21.65
C PHE K 143 -5.41 -23.65 -20.27
N ALA K 144 -5.98 -24.85 -20.19
CA ALA K 144 -6.25 -25.51 -18.89
C ALA K 144 -4.92 -25.75 -18.17
N ARG K 145 -3.89 -26.21 -18.89
CA ARG K 145 -2.55 -26.50 -18.31
C ARG K 145 -1.89 -25.19 -17.86
N TYR K 146 -2.00 -24.10 -18.63
CA TYR K 146 -1.48 -22.77 -18.20
C TYR K 146 -2.13 -22.37 -16.87
N ILE K 147 -3.44 -22.46 -16.77
CA ILE K 147 -4.19 -22.09 -15.53
C ILE K 147 -3.66 -22.91 -14.35
N ALA K 148 -3.52 -24.23 -14.46
CA ALA K 148 -2.93 -25.10 -13.41
C ALA K 148 -1.56 -24.53 -13.00
N ASN K 149 -0.72 -24.15 -13.97
CA ASN K 149 0.65 -23.71 -13.69
C ASN K 149 0.66 -22.30 -13.08
N ILE K 150 -0.29 -21.44 -13.50
CA ILE K 150 -0.38 -20.06 -12.95
C ILE K 150 -0.78 -20.16 -11.47
N LYS K 151 -1.73 -21.04 -11.14
CA LYS K 151 -2.20 -21.23 -9.74
C LYS K 151 -1.04 -21.80 -8.92
N ARG K 152 -0.31 -22.77 -9.48
CA ARG K 152 0.81 -23.43 -8.77
C ARG K 152 1.90 -22.40 -8.44
N ALA K 153 2.40 -21.67 -9.45
CA ALA K 153 3.45 -20.63 -9.29
C ALA K 153 2.94 -19.53 -8.35
N GLY K 154 1.67 -19.15 -8.51
CA GLY K 154 0.97 -18.15 -7.68
C GLY K 154 1.29 -16.70 -8.07
N PRO K 155 0.51 -15.74 -7.54
CA PRO K 155 0.69 -14.33 -7.86
C PRO K 155 2.01 -13.77 -7.30
N GLY K 156 2.52 -12.71 -7.93
CA GLY K 156 3.78 -12.05 -7.55
C GLY K 156 4.95 -12.71 -8.22
N LEU K 157 5.92 -13.21 -7.45
CA LEU K 157 7.15 -13.85 -8.00
C LEU K 157 6.76 -14.96 -8.98
N GLY K 158 5.75 -15.78 -8.66
CA GLY K 158 5.31 -16.87 -9.55
C GLY K 158 4.90 -16.38 -10.94
N GLU K 159 4.15 -15.28 -11.00
CA GLU K 159 3.73 -14.66 -12.30
C GLU K 159 4.95 -14.17 -13.08
N TYR K 160 5.90 -13.55 -12.38
CA TYR K 160 7.16 -13.04 -12.97
C TYR K 160 7.92 -14.19 -13.62
N LEU K 161 8.06 -15.32 -12.90
CA LEU K 161 8.87 -16.48 -13.35
C LEU K 161 8.07 -17.28 -14.39
N PHE K 162 6.75 -17.32 -14.28
CA PHE K 162 5.88 -17.97 -15.30
C PHE K 162 6.13 -17.27 -16.65
N ASP K 163 6.14 -15.95 -16.64
CA ASP K 163 6.42 -15.14 -17.86
C ASP K 163 7.82 -15.52 -18.38
N LYS K 164 8.82 -15.61 -17.50
CA LYS K 164 10.22 -15.92 -17.88
C LYS K 164 10.35 -17.34 -18.43
N GLU K 165 9.62 -18.31 -17.87
CA GLU K 165 9.93 -19.76 -18.03
C GLU K 165 9.00 -20.43 -19.04
N GLU K 166 7.75 -19.99 -19.15
CA GLU K 166 6.68 -20.85 -19.73
C GLU K 166 6.66 -20.77 -21.26
N PHE K 167 7.15 -19.70 -21.89
CA PHE K 167 7.02 -19.47 -23.36
C PHE K 167 8.40 -19.52 -24.03
N SER K 168 9.32 -20.31 -23.49
CA SER K 168 10.73 -20.47 -23.95
C SER K 168 10.91 -21.81 -24.67
N SER L 1 -46.13 -45.64 11.44
CA SER L 1 -46.23 -44.30 12.12
C SER L 1 -47.69 -43.86 12.12
N LEU L 2 -48.22 -43.45 13.26
CA LEU L 2 -49.57 -42.86 13.39
C LEU L 2 -49.59 -41.42 12.84
N ALA L 3 -48.43 -40.79 12.76
CA ALA L 3 -48.27 -39.36 12.36
C ALA L 3 -48.20 -39.24 10.84
N ARG L 4 -47.55 -40.17 10.16
CA ARG L 4 -47.14 -40.02 8.74
C ARG L 4 -48.34 -39.64 7.87
N GLN L 5 -48.22 -38.56 7.10
CA GLN L 5 -49.35 -38.03 6.31
C GLN L 5 -48.79 -37.22 5.15
N ASN L 6 -49.28 -37.47 3.94
CA ASN L 6 -48.75 -36.81 2.71
C ASN L 6 -47.22 -36.94 2.66
N TYR L 7 -46.68 -38.10 3.04
CA TYR L 7 -45.21 -38.33 3.06
C TYR L 7 -44.92 -39.59 2.24
N HIS L 8 -44.42 -39.38 1.02
CA HIS L 8 -44.24 -40.46 0.01
C HIS L 8 -42.94 -41.21 0.27
N ASP L 9 -42.88 -42.50 -0.06
CA ASP L 9 -41.67 -43.33 0.13
C ASP L 9 -40.47 -42.72 -0.59
N GLU L 10 -40.69 -42.16 -1.78
CA GLU L 10 -39.61 -41.54 -2.59
C GLU L 10 -38.95 -40.41 -1.80
N VAL L 11 -39.75 -39.64 -1.05
CA VAL L 11 -39.28 -38.46 -0.27
C VAL L 11 -38.52 -38.98 0.95
N GLU L 12 -39.10 -39.93 1.69
CA GLU L 12 -38.45 -40.60 2.87
C GLU L 12 -37.07 -41.09 2.44
N ALA L 13 -36.99 -41.79 1.31
CA ALA L 13 -35.73 -42.39 0.77
C ALA L 13 -34.75 -41.26 0.40
N ALA L 14 -35.22 -40.19 -0.22
CA ALA L 14 -34.36 -39.05 -0.65
C ALA L 14 -33.83 -38.32 0.58
N VAL L 15 -34.62 -38.22 1.65
CA VAL L 15 -34.16 -37.61 2.93
C VAL L 15 -33.06 -38.50 3.52
N ASN L 16 -33.22 -39.82 3.47
CA ASN L 16 -32.18 -40.76 3.95
C ASN L 16 -30.88 -40.58 3.15
N LYS L 17 -30.98 -40.43 1.84
CA LYS L 17 -29.78 -40.21 0.99
C LYS L 17 -29.10 -38.91 1.43
N GLN L 18 -29.88 -37.84 1.63
CA GLN L 18 -29.36 -36.50 1.99
C GLN L 18 -28.66 -36.56 3.36
N ILE L 19 -29.18 -37.36 4.28
CA ILE L 19 -28.52 -37.56 5.60
C ILE L 19 -27.09 -38.07 5.35
N ASN L 20 -26.97 -39.09 4.49
CA ASN L 20 -25.62 -39.67 4.18
C ASN L 20 -24.74 -38.61 3.52
N VAL L 21 -25.29 -37.82 2.58
CA VAL L 21 -24.57 -36.72 1.88
C VAL L 21 -23.98 -35.75 2.91
N GLU L 22 -24.76 -35.36 3.91
CA GLU L 22 -24.33 -34.39 4.95
C GLU L 22 -23.28 -35.03 5.86
N LEU L 23 -23.45 -36.30 6.23
CA LEU L 23 -22.46 -37.00 7.10
C LEU L 23 -21.12 -37.11 6.36
N TYR L 24 -21.17 -37.37 5.06
CA TYR L 24 -19.97 -37.44 4.18
C TYR L 24 -19.27 -36.09 4.17
N ALA L 25 -20.02 -35.01 3.97
CA ALA L 25 -19.48 -33.63 3.93
C ALA L 25 -18.82 -33.31 5.27
N SER L 26 -19.46 -33.68 6.39
CA SER L 26 -18.88 -33.56 7.75
C SER L 26 -17.52 -34.25 7.81
N TYR L 27 -17.40 -35.45 7.24
CA TYR L 27 -16.17 -36.25 7.26
C TYR L 27 -15.08 -35.54 6.44
N VAL L 28 -15.45 -35.02 5.26
CA VAL L 28 -14.48 -34.31 4.37
C VAL L 28 -13.89 -33.13 5.14
N TYR L 29 -14.70 -32.32 5.81
CA TYR L 29 -14.22 -31.12 6.53
C TYR L 29 -13.37 -31.52 7.73
N LEU L 30 -13.70 -32.64 8.39
CA LEU L 30 -12.89 -33.16 9.51
C LEU L 30 -11.50 -33.51 8.98
N SER L 31 -11.41 -34.17 7.83
CA SER L 31 -10.13 -34.51 7.16
C SER L 31 -9.37 -33.24 6.75
N MET L 32 -10.04 -32.22 6.20
CA MET L 32 -9.41 -30.92 5.86
C MET L 32 -8.91 -30.22 7.13
N SER L 33 -9.64 -30.31 8.24
CA SER L 33 -9.18 -29.77 9.55
C SER L 33 -7.85 -30.43 9.92
N ALA L 34 -7.77 -31.77 9.87
CA ALA L 34 -6.53 -32.52 10.21
C ALA L 34 -5.37 -32.03 9.34
N HIS L 35 -5.60 -31.84 8.04
CA HIS L 35 -4.57 -31.39 7.07
C HIS L 35 -3.95 -30.08 7.58
N PHE L 36 -4.77 -29.09 7.98
CA PHE L 36 -4.27 -27.75 8.38
C PHE L 36 -3.70 -27.82 9.81
N ASP L 37 -3.93 -28.91 10.53
CA ASP L 37 -3.39 -29.14 11.90
C ASP L 37 -2.04 -29.88 11.83
N ARG L 38 -1.60 -30.27 10.63
CA ARG L 38 -0.26 -30.88 10.47
C ARG L 38 0.80 -29.90 10.98
N ASP L 39 1.81 -30.44 11.65
CA ASP L 39 2.88 -29.62 12.27
C ASP L 39 3.73 -28.93 11.19
N ASP L 40 3.66 -29.37 9.94
CA ASP L 40 4.41 -28.76 8.80
C ASP L 40 3.50 -27.85 7.97
N ILE L 41 2.23 -27.69 8.35
CA ILE L 41 1.29 -26.74 7.68
C ILE L 41 0.89 -25.70 8.72
N ALA L 42 0.27 -26.11 9.82
CA ALA L 42 0.13 -25.32 11.07
C ALA L 42 -0.62 -24.00 10.81
N LEU L 43 -1.74 -24.06 10.09
CA LEU L 43 -2.65 -22.89 9.97
C LEU L 43 -3.86 -23.12 10.90
N ARG L 44 -3.72 -22.65 12.15
CA ARG L 44 -4.63 -23.01 13.26
C ARG L 44 -6.05 -22.48 12.99
N ASN L 45 -6.19 -21.26 12.48
CA ASN L 45 -7.52 -20.65 12.26
C ASN L 45 -8.24 -21.39 11.13
N ILE L 46 -7.52 -21.77 10.08
CA ILE L 46 -8.10 -22.58 8.97
C ILE L 46 -8.49 -23.96 9.49
N ALA L 47 -7.65 -24.63 10.29
CA ALA L 47 -7.96 -25.95 10.88
C ALA L 47 -9.26 -25.83 11.71
N LYS L 48 -9.34 -24.80 12.55
CA LYS L 48 -10.51 -24.54 13.44
C LYS L 48 -11.76 -24.28 12.59
N PHE L 49 -11.62 -23.49 11.54
CA PHE L 49 -12.71 -23.20 10.57
C PHE L 49 -13.25 -24.52 9.99
N PHE L 50 -12.39 -25.39 9.46
CA PHE L 50 -12.86 -26.67 8.85
C PHE L 50 -13.48 -27.56 9.93
N LYS L 51 -13.01 -27.52 11.17
CA LYS L 51 -13.65 -28.30 12.27
C LYS L 51 -15.06 -27.74 12.50
N GLU L 52 -15.22 -26.42 12.55
CA GLU L 52 -16.55 -25.76 12.67
C GLU L 52 -17.46 -26.20 11.50
N GLN L 53 -16.93 -26.25 10.27
CA GLN L 53 -17.69 -26.69 9.06
C GLN L 53 -18.11 -28.15 9.23
N SER L 54 -17.21 -29.01 9.73
CA SER L 54 -17.48 -30.44 10.00
C SER L 54 -18.66 -30.54 10.98
N ASP L 55 -18.58 -29.79 12.07
CA ASP L 55 -19.64 -29.74 13.12
C ASP L 55 -20.96 -29.31 12.45
N GLU L 56 -20.91 -28.26 11.63
CA GLU L 56 -22.13 -27.69 10.98
C GLU L 56 -22.78 -28.73 10.06
N GLU L 57 -21.97 -29.44 9.27
CA GLU L 57 -22.48 -30.47 8.32
C GLU L 57 -23.10 -31.63 9.11
N ARG L 58 -22.49 -32.03 10.22
CA ARG L 58 -23.08 -33.08 11.10
C ARG L 58 -24.44 -32.57 11.61
N GLY L 59 -24.52 -31.31 12.01
CA GLY L 59 -25.78 -30.62 12.38
C GLY L 59 -26.83 -30.68 11.28
N HIS L 60 -26.42 -30.50 10.01
CA HIS L 60 -27.33 -30.61 8.83
C HIS L 60 -27.90 -32.03 8.77
N ALA L 61 -27.06 -33.03 8.94
CA ALA L 61 -27.46 -34.46 8.97
C ALA L 61 -28.47 -34.72 10.10
N THR L 62 -28.17 -34.29 11.33
CA THR L 62 -29.00 -34.64 12.51
C THR L 62 -30.34 -33.87 12.45
N GLU L 63 -30.36 -32.68 11.86
CA GLU L 63 -31.61 -31.91 11.69
C GLU L 63 -32.50 -32.65 10.67
N LEU L 64 -31.91 -33.19 9.60
CA LEU L 64 -32.65 -34.01 8.60
C LEU L 64 -33.14 -35.30 9.26
N MET L 65 -32.39 -35.90 10.17
CA MET L 65 -32.85 -37.06 10.97
C MET L 65 -34.07 -36.63 11.80
N ARG L 66 -34.05 -35.43 12.38
CA ARG L 66 -35.17 -34.92 13.20
C ARG L 66 -36.42 -34.74 12.32
N ILE L 67 -36.30 -34.13 11.15
CA ILE L 67 -37.51 -33.89 10.29
C ILE L 67 -38.01 -35.24 9.76
N GLN L 68 -37.12 -36.21 9.51
CA GLN L 68 -37.50 -37.57 9.09
C GLN L 68 -38.43 -38.14 10.19
N ALA L 69 -38.02 -38.08 11.44
CA ALA L 69 -38.80 -38.58 12.59
C ALA L 69 -40.10 -37.78 12.71
N VAL L 70 -40.07 -36.44 12.58
CA VAL L 70 -41.30 -35.61 12.71
C VAL L 70 -42.35 -36.06 11.68
N ARG L 71 -41.92 -36.31 10.44
CA ARG L 71 -42.85 -36.71 9.34
C ARG L 71 -43.25 -38.19 9.46
N GLY L 72 -42.64 -38.95 10.37
CA GLY L 72 -42.96 -40.37 10.59
C GLY L 72 -42.23 -41.30 9.62
N GLY L 73 -41.17 -40.80 8.98
CA GLY L 73 -40.26 -41.65 8.21
C GLY L 73 -39.30 -42.39 9.12
N ARG L 74 -38.59 -43.38 8.60
N ARG L 74 -38.61 -43.40 8.57
CA ARG L 74 -37.61 -44.18 9.39
CA ARG L 74 -37.60 -44.23 9.26
C ARG L 74 -36.22 -43.96 8.81
C ARG L 74 -36.22 -43.84 8.75
N VAL L 75 -35.30 -43.49 9.66
CA VAL L 75 -33.88 -43.25 9.32
C VAL L 75 -33.25 -44.59 8.98
N ALA L 76 -32.52 -44.63 7.87
CA ALA L 76 -31.73 -45.80 7.40
C ALA L 76 -30.31 -45.29 7.12
N MET L 77 -29.35 -45.77 7.92
CA MET L 77 -27.93 -45.36 7.80
C MET L 77 -27.24 -46.20 6.73
N GLN L 78 -26.29 -45.56 6.05
CA GLN L 78 -25.39 -46.22 5.08
C GLN L 78 -23.96 -45.93 5.51
N ASN L 79 -23.00 -46.69 4.97
CA ASN L 79 -21.56 -46.44 5.21
C ASN L 79 -21.29 -44.96 4.91
N ILE L 80 -20.44 -44.34 5.72
CA ILE L 80 -19.90 -42.99 5.40
C ILE L 80 -18.57 -43.22 4.67
N GLN L 81 -18.52 -42.93 3.38
CA GLN L 81 -17.30 -43.10 2.54
C GLN L 81 -16.18 -42.23 3.12
N LYS L 82 -14.95 -42.73 3.15
CA LYS L 82 -13.78 -41.87 3.47
C LYS L 82 -13.70 -40.78 2.40
N PRO L 83 -13.23 -39.57 2.77
CA PRO L 83 -13.03 -38.51 1.78
C PRO L 83 -12.12 -38.94 0.62
N GLU L 84 -12.17 -38.21 -0.51
CA GLU L 84 -11.35 -38.48 -1.72
C GLU L 84 -9.86 -38.44 -1.40
N LYS L 85 -9.43 -37.58 -0.46
CA LYS L 85 -8.01 -37.39 -0.08
C LYS L 85 -7.87 -37.28 1.44
N ASP L 86 -6.68 -37.61 1.96
CA ASP L 86 -6.19 -37.15 3.29
C ASP L 86 -5.35 -35.89 3.08
N GLU L 87 -4.64 -35.79 1.95
CA GLU L 87 -3.74 -34.65 1.63
C GLU L 87 -4.51 -33.71 0.70
N TRP L 88 -4.89 -32.53 1.20
CA TRP L 88 -5.80 -31.59 0.48
C TRP L 88 -5.02 -30.52 -0.28
N GLY L 89 -3.68 -30.59 -0.25
CA GLY L 89 -2.80 -29.70 -1.03
C GLY L 89 -2.72 -28.31 -0.43
N THR L 90 -2.74 -27.28 -1.28
CA THR L 90 -2.52 -25.87 -0.87
C THR L 90 -3.82 -25.33 -0.28
N VAL L 91 -3.73 -24.18 0.37
CA VAL L 91 -4.92 -23.50 0.95
C VAL L 91 -5.95 -23.29 -0.16
N LEU L 92 -5.54 -22.81 -1.34
CA LEU L 92 -6.49 -22.58 -2.48
C LEU L 92 -7.15 -23.90 -2.88
N GLU L 93 -6.37 -24.98 -3.03
CA GLU L 93 -6.91 -26.29 -3.46
C GLU L 93 -7.94 -26.82 -2.46
N ALA L 94 -7.68 -26.68 -1.17
CA ALA L 94 -8.61 -27.09 -0.08
C ALA L 94 -9.92 -26.29 -0.20
N PHE L 95 -9.85 -24.96 -0.35
CA PHE L 95 -11.04 -24.09 -0.44
C PHE L 95 -11.79 -24.34 -1.77
N GLU L 96 -11.07 -24.64 -2.86
CA GLU L 96 -11.73 -25.02 -4.14
C GLU L 96 -12.47 -26.34 -3.93
N ALA L 97 -11.88 -27.29 -3.22
CA ALA L 97 -12.50 -28.62 -2.98
C ALA L 97 -13.74 -28.43 -2.10
N ALA L 98 -13.65 -27.58 -1.08
CA ALA L 98 -14.78 -27.18 -0.20
C ALA L 98 -15.91 -26.56 -1.03
N LEU L 99 -15.61 -25.59 -1.90
CA LEU L 99 -16.62 -24.98 -2.78
C LEU L 99 -17.29 -26.07 -3.61
N ALA L 100 -16.53 -26.98 -4.22
CA ALA L 100 -17.09 -28.06 -5.06
C ALA L 100 -18.04 -28.93 -4.22
N LEU L 101 -17.66 -29.22 -2.98
CA LEU L 101 -18.46 -30.04 -2.03
C LEU L 101 -19.77 -29.32 -1.72
N GLU L 102 -19.70 -28.01 -1.43
CA GLU L 102 -20.91 -27.21 -1.11
C GLU L 102 -21.81 -27.18 -2.35
N ARG L 103 -21.25 -27.03 -3.54
CA ARG L 103 -22.07 -26.98 -4.79
C ARG L 103 -22.72 -28.36 -5.01
N ALA L 104 -22.02 -29.45 -4.73
CA ALA L 104 -22.56 -30.83 -4.84
C ALA L 104 -23.70 -31.02 -3.84
N ASN L 105 -23.51 -30.55 -2.60
CA ASN L 105 -24.52 -30.57 -1.52
C ASN L 105 -25.76 -29.80 -2.00
N ASN L 106 -25.55 -28.63 -2.61
CA ASN L 106 -26.65 -27.79 -3.13
C ASN L 106 -27.41 -28.53 -4.25
N ALA L 107 -26.70 -29.13 -5.19
CA ALA L 107 -27.35 -29.87 -6.31
C ALA L 107 -28.23 -31.00 -5.74
N SER L 108 -27.74 -31.70 -4.71
CA SER L 108 -28.44 -32.80 -4.00
C SER L 108 -29.71 -32.27 -3.32
N LEU L 109 -29.61 -31.13 -2.64
CA LEU L 109 -30.76 -30.47 -1.93
C LEU L 109 -31.79 -29.98 -2.95
N LEU L 110 -31.33 -29.42 -4.07
CA LEU L 110 -32.24 -28.96 -5.15
C LEU L 110 -32.99 -30.19 -5.71
N LYS L 111 -32.30 -31.31 -5.90
CA LYS L 111 -32.94 -32.57 -6.34
C LYS L 111 -33.98 -33.03 -5.30
N LEU L 112 -33.63 -32.97 -4.02
CA LEU L 112 -34.54 -33.36 -2.92
C LEU L 112 -35.79 -32.47 -2.96
N HIS L 113 -35.61 -31.16 -3.12
CA HIS L 113 -36.74 -30.21 -3.22
C HIS L 113 -37.63 -30.62 -4.41
N GLY L 114 -37.02 -30.94 -5.54
CA GLY L 114 -37.73 -31.34 -6.78
C GLY L 114 -38.58 -32.57 -6.55
N ILE L 115 -38.05 -33.57 -5.84
CA ILE L 115 -38.79 -34.84 -5.52
C ILE L 115 -39.99 -34.47 -4.64
N ALA L 116 -39.77 -33.67 -3.60
CA ALA L 116 -40.83 -33.19 -2.68
C ALA L 116 -41.89 -32.46 -3.49
N GLU L 117 -41.48 -31.60 -4.42
CA GLU L 117 -42.41 -30.79 -5.24
C GLU L 117 -43.26 -31.76 -6.10
N GLN L 118 -42.62 -32.73 -6.75
CA GLN L 118 -43.29 -33.71 -7.65
C GLN L 118 -44.34 -34.51 -6.87
N ARG L 119 -44.07 -34.82 -5.60
CA ARG L 119 -44.98 -35.59 -4.72
C ARG L 119 -45.95 -34.67 -3.94
N ASN L 120 -46.00 -33.37 -4.24
CA ASN L 120 -46.94 -32.38 -3.66
C ASN L 120 -46.75 -32.34 -2.12
N ASP L 121 -45.51 -32.47 -1.68
CA ASP L 121 -45.16 -32.38 -0.23
C ASP L 121 -44.97 -30.90 0.12
N ALA L 122 -46.08 -30.22 0.37
CA ALA L 122 -46.11 -28.75 0.58
C ALA L 122 -45.33 -28.39 1.86
N HIS L 123 -45.34 -29.25 2.88
CA HIS L 123 -44.50 -29.01 4.09
C HIS L 123 -43.02 -29.06 3.71
N LEU L 124 -42.59 -30.13 3.04
CA LEU L 124 -41.14 -30.40 2.94
C LEU L 124 -40.49 -29.48 1.90
N THR L 125 -41.18 -29.05 0.85
CA THR L 125 -40.59 -28.07 -0.11
C THR L 125 -40.16 -26.82 0.66
N ASN L 126 -41.06 -26.26 1.45
CA ASN L 126 -40.79 -25.04 2.24
C ASN L 126 -39.70 -25.32 3.27
N TYR L 127 -39.79 -26.46 3.96
CA TYR L 127 -38.78 -26.84 4.96
C TYR L 127 -37.39 -26.83 4.31
N ILE L 128 -37.24 -27.46 3.15
CA ILE L 128 -35.93 -27.58 2.45
C ILE L 128 -35.47 -26.17 2.05
N GLN L 129 -36.38 -25.36 1.49
CA GLN L 129 -36.07 -23.97 1.06
C GLN L 129 -35.55 -23.16 2.24
N GLU L 130 -36.31 -23.14 3.35
CA GLU L 130 -35.99 -22.33 4.54
C GLU L 130 -34.73 -22.84 5.24
N LYS L 131 -34.67 -24.14 5.53
CA LYS L 131 -33.69 -24.72 6.49
C LYS L 131 -32.39 -25.11 5.78
N TYR L 132 -32.42 -25.34 4.45
CA TYR L 132 -31.26 -25.86 3.67
C TYR L 132 -30.87 -24.93 2.52
N LEU L 133 -31.78 -24.59 1.61
CA LEU L 133 -31.38 -23.86 0.37
C LEU L 133 -30.84 -22.48 0.72
N GLU L 134 -31.43 -21.78 1.68
CA GLU L 134 -30.97 -20.42 2.08
C GLU L 134 -29.54 -20.52 2.63
N GLU L 135 -29.32 -21.42 3.59
CA GLU L 135 -27.98 -21.62 4.20
C GLU L 135 -26.99 -21.98 3.08
N GLN L 136 -27.41 -22.87 2.19
CA GLN L 136 -26.52 -23.42 1.14
C GLN L 136 -26.01 -22.30 0.22
N VAL L 137 -26.84 -21.36 -0.21
CA VAL L 137 -26.37 -20.31 -1.17
C VAL L 137 -25.43 -19.37 -0.41
N HIS L 138 -25.65 -19.16 0.87
CA HIS L 138 -24.75 -18.33 1.72
C HIS L 138 -23.42 -19.04 1.91
N SER L 139 -23.41 -20.33 2.20
CA SER L 139 -22.17 -21.14 2.29
C SER L 139 -21.38 -21.05 0.99
N ILE L 140 -22.02 -21.26 -0.15
CA ILE L 140 -21.34 -21.26 -1.47
C ILE L 140 -20.75 -19.87 -1.71
N ASN L 141 -21.48 -18.81 -1.37
CA ASN L 141 -20.97 -17.41 -1.53
C ASN L 141 -19.73 -17.22 -0.65
N GLU L 142 -19.79 -17.65 0.61
CA GLU L 142 -18.68 -17.55 1.60
C GLU L 142 -17.42 -18.21 1.00
N PHE L 143 -17.55 -19.44 0.48
CA PHE L 143 -16.41 -20.19 -0.10
C PHE L 143 -15.88 -19.48 -1.35
N ALA L 144 -16.75 -18.97 -2.21
CA ALA L 144 -16.33 -18.18 -3.38
C ALA L 144 -15.52 -16.96 -2.93
N ARG L 145 -15.95 -16.28 -1.87
CA ARG L 145 -15.31 -15.04 -1.36
C ARG L 145 -13.94 -15.43 -0.74
N TYR L 146 -13.86 -16.53 -0.01
CA TYR L 146 -12.58 -17.02 0.57
C TYR L 146 -11.57 -17.23 -0.55
N ILE L 147 -12.01 -17.85 -1.64
CA ILE L 147 -11.14 -18.18 -2.80
C ILE L 147 -10.64 -16.87 -3.44
N ALA L 148 -11.48 -15.86 -3.59
CA ALA L 148 -11.07 -14.53 -4.12
C ALA L 148 -9.99 -13.95 -3.19
N ASN L 149 -10.17 -14.09 -1.88
CA ASN L 149 -9.25 -13.50 -0.88
C ASN L 149 -7.94 -14.28 -0.85
N ILE L 150 -7.99 -15.62 -0.95
CA ILE L 150 -6.77 -16.47 -1.02
C ILE L 150 -5.93 -16.05 -2.23
N LYS L 151 -6.54 -15.93 -3.41
CA LYS L 151 -5.85 -15.50 -4.66
C LYS L 151 -5.26 -14.10 -4.48
N ARG L 152 -6.00 -13.19 -3.86
CA ARG L 152 -5.51 -11.80 -3.70
C ARG L 152 -4.34 -11.76 -2.72
N ALA L 153 -4.44 -12.46 -1.60
CA ALA L 153 -3.43 -12.42 -0.52
C ALA L 153 -2.15 -13.10 -1.03
N GLY L 154 -2.32 -14.14 -1.84
CA GLY L 154 -1.22 -14.89 -2.45
C GLY L 154 -0.52 -15.83 -1.47
N PRO L 155 0.47 -16.59 -1.96
CA PRO L 155 1.15 -17.60 -1.17
C PRO L 155 2.14 -16.96 -0.17
N GLY L 156 2.56 -17.74 0.81
CA GLY L 156 3.61 -17.29 1.75
C GLY L 156 3.04 -16.33 2.78
N LEU L 157 3.55 -15.10 2.83
CA LEU L 157 3.07 -14.11 3.85
C LEU L 157 1.55 -13.96 3.74
N GLY L 158 1.01 -13.93 2.53
CA GLY L 158 -0.43 -13.76 2.29
C GLY L 158 -1.26 -14.86 2.94
N GLU L 159 -0.85 -16.11 2.80
CA GLU L 159 -1.49 -17.29 3.45
C GLU L 159 -1.43 -17.14 4.98
N TYR L 160 -0.27 -16.79 5.50
CA TYR L 160 -0.09 -16.57 6.97
C TYR L 160 -1.11 -15.53 7.45
N LEU L 161 -1.21 -14.38 6.78
CA LEU L 161 -2.09 -13.27 7.22
C LEU L 161 -3.56 -13.58 6.91
N PHE L 162 -3.85 -14.31 5.85
CA PHE L 162 -5.22 -14.81 5.57
C PHE L 162 -5.72 -15.62 6.78
N ASP L 163 -4.90 -16.54 7.26
CA ASP L 163 -5.22 -17.37 8.45
C ASP L 163 -5.48 -16.46 9.66
N LYS L 164 -4.65 -15.45 9.86
CA LYS L 164 -4.69 -14.51 11.02
C LYS L 164 -5.91 -13.59 10.94
N GLU L 165 -6.29 -13.13 9.74
CA GLU L 165 -7.21 -11.98 9.57
C GLU L 165 -8.63 -12.43 9.18
N GLU L 166 -8.79 -13.54 8.47
CA GLU L 166 -10.04 -13.80 7.71
C GLU L 166 -11.08 -14.49 8.59
N PHE L 167 -10.69 -15.01 9.76
CA PHE L 167 -11.57 -15.83 10.64
C PHE L 167 -11.78 -15.11 11.98
N SER L 168 -11.66 -13.77 12.00
CA SER L 168 -11.69 -12.92 13.22
C SER L 168 -11.87 -11.45 12.82
N SER M 1 -64.72 40.62 31.44
CA SER M 1 -64.20 39.41 32.18
C SER M 1 -65.34 38.81 33.01
N LEU M 2 -65.50 37.48 32.93
CA LEU M 2 -66.49 36.73 33.74
C LEU M 2 -65.98 36.64 35.18
N ALA M 3 -64.67 36.79 35.38
CA ALA M 3 -63.99 36.59 36.68
C ALA M 3 -64.03 37.87 37.52
N ARG M 4 -63.89 39.02 36.88
CA ARG M 4 -63.57 40.30 37.57
C ARG M 4 -64.61 40.57 38.68
N GLN M 5 -64.12 40.80 39.88
CA GLN M 5 -64.97 40.97 41.09
C GLN M 5 -64.21 41.80 42.12
N ASN M 6 -64.84 42.86 42.63
CA ASN M 6 -64.19 43.76 43.62
C ASN M 6 -62.84 44.26 43.08
N TYR M 7 -62.76 44.57 41.79
CA TYR M 7 -61.52 45.02 41.12
C TYR M 7 -61.81 46.33 40.38
N HIS M 8 -61.45 47.44 41.00
CA HIS M 8 -61.76 48.81 40.55
C HIS M 8 -60.86 49.21 39.37
N ASP M 9 -61.36 50.04 38.47
CA ASP M 9 -60.58 50.59 37.32
C ASP M 9 -59.33 51.31 37.82
N GLU M 10 -59.39 51.99 38.97
CA GLU M 10 -58.23 52.75 39.50
C GLU M 10 -57.11 51.78 39.85
N VAL M 11 -57.45 50.62 40.40
CA VAL M 11 -56.47 49.56 40.79
C VAL M 11 -55.90 48.91 39.53
N GLU M 12 -56.75 48.52 38.57
CA GLU M 12 -56.32 47.93 37.27
C GLU M 12 -55.30 48.86 36.62
N ALA M 13 -55.60 50.17 36.60
CA ALA M 13 -54.73 51.19 35.97
C ALA M 13 -53.41 51.29 36.75
N ALA M 14 -53.45 51.25 38.09
CA ALA M 14 -52.26 51.38 38.96
C ALA M 14 -51.36 50.15 38.78
N VAL M 15 -51.95 48.96 38.60
CA VAL M 15 -51.18 47.72 38.31
C VAL M 15 -50.46 47.88 36.96
N ASN M 16 -51.14 48.42 35.95
CA ASN M 16 -50.52 48.68 34.63
C ASN M 16 -49.36 49.66 34.79
N LYS M 17 -49.52 50.70 35.59
CA LYS M 17 -48.42 51.67 35.81
C LYS M 17 -47.24 50.93 36.46
N GLN M 18 -47.51 50.08 37.45
CA GLN M 18 -46.45 49.37 38.20
C GLN M 18 -45.71 48.41 37.25
N ILE M 19 -46.42 47.78 36.32
CA ILE M 19 -45.80 46.89 35.28
C ILE M 19 -44.75 47.70 34.53
N ASN M 20 -45.07 48.93 34.13
CA ASN M 20 -44.12 49.78 33.38
C ASN M 20 -42.92 50.13 34.28
N VAL M 21 -43.19 50.49 35.54
CA VAL M 21 -42.14 50.83 36.55
C VAL M 21 -41.15 49.66 36.63
N GLU M 22 -41.64 48.42 36.72
CA GLU M 22 -40.75 47.24 36.89
C GLU M 22 -39.96 47.00 35.60
N LEU M 23 -40.60 47.15 34.45
CA LEU M 23 -39.93 46.96 33.12
C LEU M 23 -38.83 48.03 32.99
N TYR M 24 -39.10 49.25 33.43
CA TYR M 24 -38.11 50.35 33.41
C TYR M 24 -36.92 49.96 34.31
N ALA M 25 -37.20 49.44 35.51
CA ALA M 25 -36.14 49.04 36.47
C ALA M 25 -35.31 47.91 35.87
N SER M 26 -35.95 46.95 35.20
CA SER M 26 -35.24 45.88 34.46
C SER M 26 -34.26 46.49 33.46
N TYR M 27 -34.69 47.52 32.73
CA TYR M 27 -33.89 48.19 31.68
C TYR M 27 -32.68 48.89 32.31
N VAL M 28 -32.91 49.60 33.42
CA VAL M 28 -31.81 50.30 34.14
C VAL M 28 -30.74 49.27 34.51
N TYR M 29 -31.12 48.17 35.14
CA TYR M 29 -30.14 47.13 35.56
C TYR M 29 -29.45 46.49 34.35
N LEU M 30 -30.14 46.31 33.22
CA LEU M 30 -29.50 45.80 31.99
C LEU M 30 -28.40 46.77 31.54
N SER M 31 -28.67 48.08 31.58
CA SER M 31 -27.71 49.15 31.25
C SER M 31 -26.52 49.10 32.23
N MET M 32 -26.79 48.90 33.52
CA MET M 32 -25.70 48.84 34.53
C MET M 32 -24.83 47.61 34.28
N SER M 33 -25.44 46.48 33.92
CA SER M 33 -24.71 45.23 33.58
C SER M 33 -23.73 45.53 32.43
N ALA M 34 -24.19 46.18 31.37
CA ALA M 34 -23.35 46.54 30.20
C ALA M 34 -22.17 47.41 30.64
N HIS M 35 -22.42 48.36 31.55
CA HIS M 35 -21.38 49.28 32.07
C HIS M 35 -20.21 48.48 32.66
N PHE M 36 -20.49 47.53 33.55
CA PHE M 36 -19.46 46.73 34.26
C PHE M 36 -18.86 45.66 33.33
N ASP M 37 -19.47 45.46 32.17
CA ASP M 37 -18.95 44.55 31.12
C ASP M 37 -18.03 45.31 30.14
N ARG M 38 -17.91 46.63 30.27
CA ARG M 38 -16.95 47.41 29.43
C ARG M 38 -15.55 46.84 29.64
N ASP M 39 -14.78 46.71 28.55
CA ASP M 39 -13.39 46.17 28.61
C ASP M 39 -12.45 47.07 29.44
N ASP M 40 -12.82 48.33 29.72
CA ASP M 40 -12.01 49.25 30.57
C ASP M 40 -12.57 49.33 31.99
N ILE M 41 -13.60 48.54 32.31
CA ILE M 41 -14.15 48.49 33.69
C ILE M 41 -14.00 47.05 34.20
N ALA M 42 -14.62 46.07 33.52
CA ALA M 42 -14.23 44.65 33.55
C ALA M 42 -14.41 44.07 34.95
N LEU M 43 -15.57 44.33 35.57
CA LEU M 43 -15.93 43.72 36.86
C LEU M 43 -17.07 42.72 36.57
N ARG M 44 -16.70 41.47 36.26
CA ARG M 44 -17.63 40.45 35.68
C ARG M 44 -18.69 40.02 36.71
N ASN M 45 -18.35 39.90 37.99
CA ASN M 45 -19.32 39.43 39.01
C ASN M 45 -20.36 40.54 39.23
N ILE M 46 -19.93 41.81 39.23
CA ILE M 46 -20.89 42.95 39.31
C ILE M 46 -21.77 42.97 38.06
N ALA M 47 -21.18 42.82 36.88
CA ALA M 47 -21.91 42.76 35.60
C ALA M 47 -22.96 41.65 35.68
N LYS M 48 -22.58 40.47 36.16
CA LYS M 48 -23.53 39.33 36.27
C LYS M 48 -24.62 39.63 37.30
N PHE M 49 -24.25 40.24 38.44
CA PHE M 49 -25.19 40.63 39.51
C PHE M 49 -26.27 41.52 38.89
N PHE M 50 -25.89 42.55 38.13
CA PHE M 50 -26.86 43.53 37.59
C PHE M 50 -27.72 42.87 36.51
N LYS M 51 -27.18 41.90 35.78
CA LYS M 51 -28.00 41.12 34.81
C LYS M 51 -29.03 40.30 35.60
N GLU M 52 -28.65 39.67 36.71
CA GLU M 52 -29.60 38.93 37.58
C GLU M 52 -30.69 39.90 38.07
N GLN M 53 -30.31 41.10 38.51
CA GLN M 53 -31.28 42.12 39.00
C GLN M 53 -32.22 42.52 37.85
N SER M 54 -31.71 42.66 36.63
CA SER M 54 -32.52 42.97 35.41
C SER M 54 -33.56 41.85 35.22
N ASP M 55 -33.11 40.60 35.30
CA ASP M 55 -33.99 39.42 35.14
C ASP M 55 -35.06 39.45 36.23
N GLU M 56 -34.65 39.70 37.47
CA GLU M 56 -35.59 39.74 38.63
C GLU M 56 -36.64 40.84 38.45
N GLU M 57 -36.24 42.04 38.01
CA GLU M 57 -37.21 43.16 37.81
C GLU M 57 -38.19 42.78 36.69
N ARG M 58 -37.71 42.17 35.60
CA ARG M 58 -38.59 41.67 34.52
C ARG M 58 -39.59 40.66 35.11
N GLY M 59 -39.12 39.75 35.97
CA GLY M 59 -40.00 38.82 36.71
C GLY M 59 -41.05 39.56 37.54
N HIS M 60 -40.66 40.63 38.23
CA HIS M 60 -41.62 41.48 38.99
C HIS M 60 -42.72 41.97 38.04
N ALA M 61 -42.36 42.43 36.84
CA ALA M 61 -43.32 42.96 35.85
C ALA M 61 -44.24 41.82 35.40
N THR M 62 -43.68 40.67 35.04
CA THR M 62 -44.50 39.56 34.46
C THR M 62 -45.39 38.92 35.53
N GLU M 63 -44.97 38.91 36.79
CA GLU M 63 -45.84 38.44 37.90
C GLU M 63 -47.03 39.41 38.06
N LEU M 64 -46.82 40.71 37.97
CA LEU M 64 -47.94 41.69 37.99
C LEU M 64 -48.85 41.50 36.77
N MET M 65 -48.30 41.22 35.60
CA MET M 65 -49.12 40.90 34.40
C MET M 65 -50.00 39.68 34.72
N ARG M 66 -49.46 38.67 35.40
CA ARG M 66 -50.21 37.44 35.76
C ARG M 66 -51.34 37.77 36.73
N ILE M 67 -51.12 38.61 37.76
CA ILE M 67 -52.19 38.89 38.75
C ILE M 67 -53.24 39.78 38.08
N GLN M 68 -52.82 40.69 37.19
CA GLN M 68 -53.76 41.50 36.37
C GLN M 68 -54.72 40.53 35.66
N ALA M 69 -54.18 39.52 35.00
CA ALA M 69 -54.99 38.49 34.28
C ALA M 69 -55.86 37.72 35.29
N VAL M 70 -55.31 37.33 36.43
CA VAL M 70 -56.09 36.52 37.42
C VAL M 70 -57.32 37.32 37.87
N ARG M 71 -57.14 38.63 38.12
CA ARG M 71 -58.20 39.53 38.63
C ARG M 71 -59.15 39.97 37.49
N GLY M 72 -58.85 39.66 36.22
CA GLY M 72 -59.75 39.96 35.09
C GLY M 72 -59.53 41.36 34.56
N GLY M 73 -58.42 41.99 34.92
CA GLY M 73 -57.97 43.25 34.32
C GLY M 73 -57.27 43.01 32.99
N ARG M 74 -57.01 44.08 32.26
CA ARG M 74 -56.38 44.01 30.92
C ARG M 74 -55.06 44.78 30.99
N VAL M 75 -53.99 44.09 30.64
CA VAL M 75 -52.62 44.67 30.55
C VAL M 75 -52.63 45.70 29.42
N ALA M 76 -52.11 46.89 29.71
CA ALA M 76 -51.91 48.00 28.75
C ALA M 76 -50.45 48.41 28.84
N MET M 77 -49.69 48.16 27.78
CA MET M 77 -48.24 48.44 27.70
C MET M 77 -48.02 49.92 27.34
N GLN M 78 -46.95 50.50 27.87
N GLN M 78 -46.96 50.50 27.92
CA GLN M 78 -46.48 51.85 27.48
CA GLN M 78 -46.44 51.87 27.66
C GLN M 78 -45.01 51.74 27.11
C GLN M 78 -45.01 51.74 27.11
N ASN M 79 -44.49 52.77 26.45
CA ASN M 79 -43.05 52.85 26.10
C ASN M 79 -42.23 52.59 27.36
N ILE M 80 -41.14 51.85 27.22
CA ILE M 80 -40.11 51.71 28.29
C ILE M 80 -39.03 52.76 28.02
N GLN M 81 -39.02 53.80 28.86
CA GLN M 81 -38.07 54.93 28.76
C GLN M 81 -36.65 54.35 28.87
N LYS M 82 -35.71 54.88 28.09
CA LYS M 82 -34.28 54.52 28.25
C LYS M 82 -33.85 55.00 29.63
N PRO M 83 -32.87 54.33 30.28
CA PRO M 83 -32.39 54.75 31.58
C PRO M 83 -31.83 56.17 31.53
N GLU M 84 -31.74 56.83 32.69
CA GLU M 84 -31.22 58.21 32.86
C GLU M 84 -29.79 58.34 32.29
N LYS M 85 -28.95 57.30 32.41
CA LYS M 85 -27.52 57.36 31.95
C LYS M 85 -27.18 56.13 31.12
N ASP M 86 -26.17 56.18 30.25
CA ASP M 86 -25.48 54.95 29.75
C ASP M 86 -24.19 54.75 30.56
N GLU M 87 -23.59 55.82 31.10
CA GLU M 87 -22.36 55.65 31.92
C GLU M 87 -22.69 55.88 33.41
N TRP M 88 -22.57 54.84 34.22
CA TRP M 88 -23.07 54.80 35.62
C TRP M 88 -21.98 55.19 36.61
N GLY M 89 -20.79 55.55 36.14
CA GLY M 89 -19.71 56.05 37.02
C GLY M 89 -19.04 54.91 37.78
N THR M 90 -18.65 55.19 39.02
CA THR M 90 -17.84 54.26 39.83
C THR M 90 -18.75 53.13 40.33
N VAL M 91 -18.14 52.10 40.91
CA VAL M 91 -18.89 51.02 41.60
C VAL M 91 -19.85 51.67 42.62
N LEU M 92 -19.35 52.55 43.48
CA LEU M 92 -20.19 53.20 44.51
C LEU M 92 -21.37 53.92 43.83
N GLU M 93 -21.11 54.70 42.78
CA GLU M 93 -22.17 55.52 42.13
C GLU M 93 -23.24 54.62 41.55
N ALA M 94 -22.84 53.48 40.97
CA ALA M 94 -23.80 52.52 40.35
C ALA M 94 -24.69 51.95 41.44
N PHE M 95 -24.14 51.51 42.57
CA PHE M 95 -24.90 50.92 43.70
C PHE M 95 -25.76 52.01 44.36
N GLU M 96 -25.29 53.25 44.46
CA GLU M 96 -26.14 54.36 44.96
C GLU M 96 -27.35 54.54 44.03
N ALA M 97 -27.15 54.58 42.71
CA ALA M 97 -28.26 54.72 41.73
C ALA M 97 -29.23 53.54 41.87
N ALA M 98 -28.74 52.32 42.10
CA ALA M 98 -29.58 51.11 42.29
C ALA M 98 -30.43 51.30 43.57
N LEU M 99 -29.81 51.72 44.67
CA LEU M 99 -30.56 51.95 45.94
C LEU M 99 -31.70 52.97 45.68
N ALA M 100 -31.39 54.08 45.00
CA ALA M 100 -32.40 55.12 44.66
C ALA M 100 -33.52 54.49 43.84
N LEU M 101 -33.19 53.63 42.88
CA LEU M 101 -34.19 52.98 41.99
C LEU M 101 -35.10 52.06 42.84
N GLU M 102 -34.52 51.29 43.75
CA GLU M 102 -35.25 50.35 44.64
C GLU M 102 -36.19 51.15 45.56
N ARG M 103 -35.71 52.25 46.13
CA ARG M 103 -36.56 53.13 46.99
C ARG M 103 -37.70 53.73 46.14
N ALA M 104 -37.44 54.12 44.88
CA ALA M 104 -38.48 54.63 43.95
C ALA M 104 -39.53 53.55 43.67
N ASN M 105 -39.09 52.32 43.39
CA ASN M 105 -39.98 51.15 43.16
C ASN M 105 -40.85 50.93 44.41
N ASN M 106 -40.24 51.00 45.57
CA ASN M 106 -40.92 50.79 46.87
C ASN M 106 -41.99 51.89 47.09
N ALA M 107 -41.65 53.16 46.83
CA ALA M 107 -42.62 54.28 46.95
C ALA M 107 -43.83 54.02 46.03
N SER M 108 -43.57 53.59 44.79
CA SER M 108 -44.62 53.24 43.80
C SER M 108 -45.47 52.07 44.33
N LEU M 109 -44.86 51.06 44.92
CA LEU M 109 -45.60 49.88 45.45
C LEU M 109 -46.41 50.28 46.67
N LEU M 110 -45.89 51.17 47.51
CA LEU M 110 -46.65 51.63 48.70
C LEU M 110 -47.88 52.42 48.21
N LYS M 111 -47.71 53.23 47.17
CA LYS M 111 -48.83 53.99 46.55
C LYS M 111 -49.87 53.00 46.01
N LEU M 112 -49.43 51.94 45.30
CA LEU M 112 -50.34 50.92 44.74
C LEU M 112 -51.09 50.23 45.87
N HIS M 113 -50.40 49.85 46.96
CA HIS M 113 -51.06 49.29 48.17
C HIS M 113 -52.13 50.27 48.66
N GLY M 114 -51.78 51.55 48.77
CA GLY M 114 -52.67 52.61 49.27
C GLY M 114 -53.95 52.70 48.44
N ILE M 115 -53.83 52.63 47.12
CA ILE M 115 -54.99 52.67 46.18
C ILE M 115 -55.86 51.44 46.40
N ALA M 116 -55.27 50.26 46.47
CA ALA M 116 -56.00 49.00 46.71
C ALA M 116 -56.75 49.08 48.04
N GLU M 117 -56.09 49.59 49.08
CA GLU M 117 -56.71 49.75 50.42
C GLU M 117 -57.90 50.72 50.32
N GLN M 118 -57.69 51.87 49.68
CA GLN M 118 -58.75 52.91 49.47
C GLN M 118 -59.98 52.27 48.80
N ARG M 119 -59.78 51.33 47.89
CA ARG M 119 -60.87 50.69 47.11
C ARG M 119 -61.32 49.37 47.76
N ASN M 120 -60.86 49.07 48.99
CA ASN M 120 -61.31 47.90 49.79
C ASN M 120 -60.98 46.61 49.03
N ASP M 121 -59.88 46.59 48.29
CA ASP M 121 -59.41 45.39 47.56
C ASP M 121 -58.62 44.51 48.53
N ALA M 122 -59.32 43.69 49.30
CA ALA M 122 -58.74 42.91 50.42
C ALA M 122 -57.78 41.86 49.86
N HIS M 123 -58.06 41.33 48.67
CA HIS M 123 -57.11 40.41 47.99
C HIS M 123 -55.80 41.13 47.67
N LEU M 124 -55.89 42.26 46.96
CA LEU M 124 -54.67 42.83 46.37
C LEU M 124 -53.80 43.51 47.42
N THR M 125 -54.36 44.06 48.50
CA THR M 125 -53.51 44.66 49.56
C THR M 125 -52.55 43.58 50.04
N ASN M 126 -53.09 42.41 50.39
CA ASN M 126 -52.29 41.28 50.92
C ASN M 126 -51.32 40.78 49.84
N TYR M 127 -51.78 40.67 48.60
CA TYR M 127 -50.93 40.21 47.47
C TYR M 127 -49.72 41.15 47.35
N ILE M 128 -49.94 42.47 47.35
CA ILE M 128 -48.84 43.47 47.25
C ILE M 128 -47.93 43.35 48.49
N GLN M 129 -48.48 43.24 49.69
CA GLN M 129 -47.67 43.10 50.93
C GLN M 129 -46.77 41.85 50.82
N GLU M 130 -47.35 40.71 50.47
CA GLU M 130 -46.67 39.38 50.47
C GLU M 130 -45.62 39.30 49.35
N LYS M 131 -46.01 39.69 48.13
CA LYS M 131 -45.25 39.36 46.91
C LYS M 131 -44.33 40.50 46.50
N TYR M 132 -44.55 41.73 47.00
CA TYR M 132 -43.79 42.94 46.59
C TYR M 132 -43.17 43.64 47.79
N LEU M 133 -43.95 44.03 48.81
CA LEU M 133 -43.42 44.90 49.90
C LEU M 133 -42.33 44.17 50.69
N GLU M 134 -42.51 42.88 50.97
CA GLU M 134 -41.53 42.07 51.74
C GLU M 134 -40.22 41.99 50.95
N GLU M 135 -40.30 41.64 49.66
CA GLU M 135 -39.14 41.58 48.73
C GLU M 135 -38.42 42.93 48.70
N GLN M 136 -39.18 44.01 48.59
CA GLN M 136 -38.65 45.37 48.36
C GLN M 136 -37.84 45.82 49.59
N VAL M 137 -38.30 45.56 50.81
CA VAL M 137 -37.51 46.04 52.00
C VAL M 137 -36.22 45.20 52.07
N HIS M 138 -36.26 43.94 51.67
CA HIS M 138 -35.03 43.09 51.64
C HIS M 138 -34.06 43.62 50.58
N SER M 139 -34.54 43.93 49.39
CA SER M 139 -33.68 44.47 48.31
C SER M 139 -33.04 45.80 48.76
N ILE M 140 -33.83 46.72 49.32
CA ILE M 140 -33.30 48.03 49.79
C ILE M 140 -32.24 47.79 50.87
N ASN M 141 -32.48 46.88 51.80
CA ASN M 141 -31.49 46.53 52.84
C ASN M 141 -30.22 46.00 52.17
N GLU M 142 -30.34 45.08 51.21
CA GLU M 142 -29.19 44.47 50.49
C GLU M 142 -28.38 45.60 49.83
N PHE M 143 -29.04 46.55 49.16
CA PHE M 143 -28.32 47.64 48.46
C PHE M 143 -27.66 48.59 49.48
N ALA M 144 -28.31 48.91 50.60
CA ALA M 144 -27.72 49.75 51.67
C ALA M 144 -26.45 49.08 52.18
N ARG M 145 -26.50 47.76 52.41
N ARG M 145 -26.49 47.76 52.40
CA ARG M 145 -25.36 46.96 52.93
CA ARG M 145 -25.36 46.96 52.93
C ARG M 145 -24.23 46.92 51.89
C ARG M 145 -24.23 46.89 51.89
N TYR M 146 -24.54 46.73 50.61
CA TYR M 146 -23.52 46.76 49.53
C TYR M 146 -22.80 48.12 49.58
N ILE M 147 -23.55 49.21 49.73
CA ILE M 147 -22.94 50.56 49.75
C ILE M 147 -22.00 50.70 50.95
N ALA M 148 -22.40 50.26 52.13
CA ALA M 148 -21.54 50.24 53.34
C ALA M 148 -20.25 49.50 53.02
N ASN M 149 -20.35 48.36 52.34
CA ASN M 149 -19.17 47.51 52.08
C ASN M 149 -18.28 48.14 51.00
N ILE M 150 -18.86 48.72 49.96
CA ILE M 150 -18.09 49.45 48.91
C ILE M 150 -17.31 50.59 49.56
N LYS M 151 -17.94 51.36 50.44
CA LYS M 151 -17.25 52.50 51.12
C LYS M 151 -16.13 51.96 52.01
N ARG M 152 -16.39 50.88 52.73
CA ARG M 152 -15.39 50.30 53.67
C ARG M 152 -14.17 49.81 52.87
N ALA M 153 -14.39 49.03 51.81
CA ALA M 153 -13.32 48.41 50.99
C ALA M 153 -12.55 49.52 50.26
N GLY M 154 -13.26 50.55 49.78
CA GLY M 154 -12.63 51.72 49.12
C GLY M 154 -12.34 51.48 47.64
N PRO M 155 -12.03 52.58 46.91
CA PRO M 155 -11.73 52.47 45.47
C PRO M 155 -10.44 51.69 45.18
N GLY M 156 -10.37 51.11 43.98
CA GLY M 156 -9.17 50.42 43.48
C GLY M 156 -9.19 48.98 43.94
N LEU M 157 -8.23 48.58 44.76
CA LEU M 157 -8.13 47.17 45.21
C LEU M 157 -9.44 46.76 45.92
N GLY M 158 -10.06 47.65 46.70
CA GLY M 158 -11.31 47.35 47.39
C GLY M 158 -12.43 46.99 46.42
N GLU M 159 -12.55 47.73 45.32
CA GLU M 159 -13.56 47.45 44.27
C GLU M 159 -13.26 46.09 43.64
N TYR M 160 -11.99 45.82 43.31
CA TYR M 160 -11.57 44.54 42.70
C TYR M 160 -11.98 43.36 43.62
N LEU M 161 -11.74 43.47 44.93
CA LEU M 161 -12.01 42.36 45.89
C LEU M 161 -13.50 42.32 46.26
N PHE M 162 -14.18 43.46 46.28
CA PHE M 162 -15.66 43.49 46.45
C PHE M 162 -16.29 42.65 45.31
N ASP M 163 -15.84 42.85 44.08
CA ASP M 163 -16.34 42.09 42.91
C ASP M 163 -16.05 40.59 43.11
N LYS M 164 -14.85 40.24 43.58
CA LYS M 164 -14.41 38.84 43.79
C LYS M 164 -15.18 38.15 44.93
N GLU M 165 -15.42 38.85 46.04
CA GLU M 165 -15.81 38.25 47.34
C GLU M 165 -17.33 38.34 47.56
N GLU M 166 -17.99 39.37 47.05
CA GLU M 166 -19.31 39.80 47.59
C GLU M 166 -20.45 38.98 46.95
N PHE M 167 -20.20 38.34 45.81
CA PHE M 167 -21.25 37.68 44.97
C PHE M 167 -20.98 36.18 44.85
N SER M 168 -20.14 35.62 45.73
CA SER M 168 -19.71 34.19 45.73
C SER M 168 -19.52 33.70 47.17
N SER N 1 19.51 36.72 42.52
CA SER N 1 18.71 35.64 43.15
C SER N 1 19.17 35.41 44.58
N LEU N 2 18.22 35.41 45.51
CA LEU N 2 18.45 35.04 46.94
C LEU N 2 18.75 33.55 47.08
N ALA N 3 18.31 32.72 46.13
CA ALA N 3 18.43 31.24 46.15
C ALA N 3 19.78 30.77 45.61
N ARG N 4 20.33 31.46 44.61
CA ARG N 4 21.44 30.93 43.78
C ARG N 4 22.63 30.60 44.69
N GLN N 5 23.15 29.38 44.57
CA GLN N 5 24.20 28.84 45.48
C GLN N 5 24.91 27.71 44.75
N ASN N 6 26.24 27.79 44.66
CA ASN N 6 27.06 26.78 43.94
C ASN N 6 26.58 26.62 42.50
N TYR N 7 26.22 27.72 41.84
CA TYR N 7 25.67 27.70 40.46
C TYR N 7 26.47 28.68 39.61
N HIS N 8 27.42 28.15 38.83
CA HIS N 8 28.42 28.94 38.09
C HIS N 8 27.79 29.53 36.82
N ASP N 9 28.19 30.74 36.43
CA ASP N 9 27.78 31.37 35.15
C ASP N 9 27.97 30.39 33.98
N GLU N 10 29.04 29.59 33.94
CA GLU N 10 29.31 28.69 32.81
C GLU N 10 28.17 27.66 32.70
N VAL N 11 27.66 27.21 33.84
CA VAL N 11 26.59 26.18 33.95
C VAL N 11 25.26 26.82 33.56
N GLU N 12 24.91 27.97 34.13
CA GLU N 12 23.71 28.78 33.74
C GLU N 12 23.67 28.95 32.21
N ALA N 13 24.80 29.33 31.62
CA ALA N 13 24.93 29.57 30.16
C ALA N 13 24.71 28.28 29.38
N ALA N 14 25.32 27.18 29.84
CA ALA N 14 25.22 25.83 29.22
C ALA N 14 23.76 25.36 29.27
N VAL N 15 23.04 25.61 30.37
CA VAL N 15 21.61 25.23 30.47
C VAL N 15 20.82 26.03 29.43
N ASN N 16 21.08 27.33 29.31
CA ASN N 16 20.40 28.18 28.28
C ASN N 16 20.68 27.63 26.88
N LYS N 17 21.90 27.23 26.58
CA LYS N 17 22.23 26.63 25.27
C LYS N 17 21.38 25.38 25.08
N GLN N 18 21.32 24.52 26.10
CA GLN N 18 20.57 23.23 26.02
C GLN N 18 19.07 23.51 25.81
N ILE N 19 18.55 24.58 26.40
CA ILE N 19 17.12 24.93 26.19
C ILE N 19 16.92 25.14 24.69
N ASN N 20 17.81 25.89 24.05
CA ASN N 20 17.68 26.17 22.59
C ASN N 20 17.80 24.87 21.80
N VAL N 21 18.74 24.00 22.17
CA VAL N 21 18.94 22.67 21.52
C VAL N 21 17.63 21.87 21.57
N GLU N 22 16.95 21.84 22.70
CA GLU N 22 15.70 21.07 22.87
C GLU N 22 14.58 21.70 22.04
N LEU N 23 14.46 23.02 22.05
CA LEU N 23 13.45 23.74 21.23
C LEU N 23 13.68 23.46 19.75
N TYR N 24 14.93 23.44 19.30
CA TYR N 24 15.29 23.14 17.90
C TYR N 24 14.85 21.72 17.56
N ALA N 25 15.16 20.75 18.42
CA ALA N 25 14.77 19.33 18.25
C ALA N 25 13.24 19.25 18.13
N SER N 26 12.51 19.97 18.97
CA SER N 26 11.03 20.04 18.92
C SER N 26 10.57 20.52 17.53
N TYR N 27 11.26 21.51 16.99
CA TYR N 27 10.92 22.14 15.68
C TYR N 27 11.18 21.11 14.55
N VAL N 28 12.32 20.41 14.61
CA VAL N 28 12.67 19.34 13.62
C VAL N 28 11.53 18.31 13.60
N TYR N 29 11.07 17.84 14.75
CA TYR N 29 10.01 16.80 14.83
C TYR N 29 8.67 17.34 14.33
N LEU N 30 8.37 18.61 14.59
CA LEU N 30 7.14 19.24 14.06
C LEU N 30 7.18 19.21 12.52
N SER N 31 8.33 19.55 11.94
CA SER N 31 8.56 19.46 10.48
C SER N 31 8.40 18.02 9.97
N MET N 32 8.98 17.03 10.66
CA MET N 32 8.83 15.61 10.24
C MET N 32 7.35 15.21 10.31
N SER N 33 6.63 15.66 11.33
CA SER N 33 5.19 15.38 11.47
C SER N 33 4.44 15.89 10.22
N ALA N 34 4.66 17.14 9.82
CA ALA N 34 4.06 17.78 8.61
C ALA N 34 4.35 16.94 7.36
N HIS N 35 5.58 16.47 7.22
CA HIS N 35 6.03 15.63 6.08
C HIS N 35 5.11 14.40 5.94
N PHE N 36 4.91 13.65 7.02
CA PHE N 36 4.14 12.38 6.98
C PHE N 36 2.65 12.68 6.92
N ASP N 37 2.24 13.93 7.14
CA ASP N 37 0.83 14.38 7.02
C ASP N 37 0.52 14.89 5.59
N ARG N 38 1.51 14.98 4.70
CA ARG N 38 1.25 15.34 3.29
C ARG N 38 0.26 14.34 2.69
N ASP N 39 -0.64 14.81 1.84
CA ASP N 39 -1.71 13.96 1.25
C ASP N 39 -1.13 12.92 0.27
N ASP N 40 0.11 13.08 -0.18
CA ASP N 40 0.81 12.14 -1.11
C ASP N 40 1.76 11.24 -0.30
N ILE N 41 1.81 11.37 1.02
CA ILE N 41 2.64 10.50 1.91
C ILE N 41 1.69 9.73 2.81
N ALA N 42 0.92 10.45 3.65
CA ALA N 42 -0.32 9.98 4.33
C ALA N 42 -0.03 8.78 5.22
N LEU N 43 0.97 8.90 6.10
CA LEU N 43 1.24 7.89 7.14
C LEU N 43 0.91 8.53 8.48
N ARG N 44 -0.36 8.43 8.87
CA ARG N 44 -0.95 9.27 9.95
C ARG N 44 -0.34 8.89 11.30
N ASN N 45 -0.13 7.59 11.55
CA ASN N 45 0.44 7.14 12.85
C ASN N 45 1.87 7.67 12.99
N ILE N 46 2.63 7.69 11.90
CA ILE N 46 4.03 8.21 11.94
C ILE N 46 3.96 9.72 12.16
N ALA N 47 3.04 10.40 11.48
CA ALA N 47 2.78 11.85 11.65
C ALA N 47 2.49 12.14 13.13
N LYS N 48 1.60 11.37 13.75
CA LYS N 48 1.20 11.57 15.17
C LYS N 48 2.38 11.25 16.10
N PHE N 49 3.19 10.24 15.76
CA PHE N 49 4.41 9.87 16.52
C PHE N 49 5.37 11.07 16.55
N PHE N 50 5.65 11.67 15.40
CA PHE N 50 6.62 12.79 15.33
C PHE N 50 6.03 14.03 16.01
N LYS N 51 4.71 14.23 15.97
CA LYS N 51 4.06 15.32 16.75
C LYS N 51 4.28 15.06 18.25
N GLU N 52 4.10 13.82 18.71
CA GLU N 52 4.33 13.43 20.14
C GLU N 52 5.80 13.69 20.51
N GLN N 53 6.74 13.36 19.61
CA GLN N 53 8.19 13.57 19.85
C GLN N 53 8.46 15.10 19.94
N SER N 54 7.80 15.89 19.09
CA SER N 54 7.88 17.38 19.11
C SER N 54 7.42 17.90 20.48
N ASP N 55 6.27 17.43 20.95
CA ASP N 55 5.71 17.75 22.28
C ASP N 55 6.74 17.39 23.36
N GLU N 56 7.29 16.18 23.30
CA GLU N 56 8.26 15.69 24.31
C GLU N 56 9.51 16.57 24.34
N GLU N 57 10.05 16.96 23.19
CA GLU N 57 11.28 17.80 23.12
C GLU N 57 10.98 19.20 23.68
N ARG N 58 9.81 19.76 23.41
CA ARG N 58 9.40 21.05 24.02
C ARG N 58 9.34 20.88 25.54
N GLY N 59 8.79 19.77 26.02
CA GLY N 59 8.79 19.40 27.46
C GLY N 59 10.21 19.35 28.02
N HIS N 60 11.16 18.78 27.29
CA HIS N 60 12.59 18.75 27.71
C HIS N 60 13.10 20.18 27.90
N ALA N 61 12.80 21.07 26.95
CA ALA N 61 13.15 22.50 27.02
C ALA N 61 12.53 23.16 28.27
N THR N 62 11.22 23.01 28.49
CA THR N 62 10.51 23.74 29.57
C THR N 62 10.94 23.20 30.94
N GLU N 63 11.32 21.92 31.03
CA GLU N 63 11.82 21.31 32.29
C GLU N 63 13.19 21.92 32.61
N LEU N 64 14.04 22.14 31.60
CA LEU N 64 15.35 22.81 31.79
C LEU N 64 15.11 24.27 32.18
N MET N 65 14.09 24.92 31.62
CA MET N 65 13.68 26.29 32.05
C MET N 65 13.32 26.27 33.55
N ARG N 66 12.60 25.25 34.01
N ARG N 66 12.59 25.25 34.00
CA ARG N 66 12.17 25.13 35.43
CA ARG N 66 12.17 25.10 35.42
C ARG N 66 13.41 24.95 36.33
C ARG N 66 13.39 24.94 36.32
N ILE N 67 14.36 24.09 35.96
CA ILE N 67 15.55 23.84 36.83
C ILE N 67 16.44 25.09 36.82
N GLN N 68 16.53 25.81 35.69
CA GLN N 68 17.22 27.14 35.62
C GLN N 68 16.60 28.06 36.69
N ALA N 69 15.27 28.15 36.75
CA ALA N 69 14.57 29.00 37.73
C ALA N 69 14.82 28.48 39.16
N VAL N 70 14.71 27.18 39.39
CA VAL N 70 14.92 26.59 40.74
C VAL N 70 16.33 26.95 41.23
N ARG N 71 17.35 26.90 40.36
CA ARG N 71 18.75 27.18 40.76
C ARG N 71 19.02 28.70 40.84
N GLY N 72 18.09 29.56 40.40
CA GLY N 72 18.21 31.02 40.49
C GLY N 72 18.97 31.60 39.30
N GLY N 73 19.13 30.81 38.23
CA GLY N 73 19.60 31.27 36.92
C GLY N 73 18.50 31.99 36.18
N ARG N 74 18.86 32.65 35.10
CA ARG N 74 17.96 33.52 34.30
C ARG N 74 17.90 32.94 32.88
N VAL N 75 16.69 32.61 32.42
CA VAL N 75 16.49 32.06 31.05
C VAL N 75 16.81 33.18 30.06
N ALA N 76 17.56 32.86 29.01
CA ALA N 76 17.89 33.76 27.89
C ALA N 76 17.61 33.01 26.59
N MET N 77 16.64 33.49 25.83
CA MET N 77 16.16 32.81 24.60
C MET N 77 17.05 33.20 23.42
N GLN N 78 17.20 32.30 22.46
CA GLN N 78 17.88 32.57 21.18
C GLN N 78 16.91 32.18 20.06
N ASN N 79 17.21 32.62 18.84
CA ASN N 79 16.43 32.20 17.66
C ASN N 79 16.35 30.67 17.64
N ILE N 80 15.21 30.14 17.22
CA ILE N 80 15.08 28.69 16.95
C ILE N 80 15.27 28.52 15.45
N GLN N 81 16.41 27.97 15.03
CA GLN N 81 16.79 27.81 13.60
C GLN N 81 15.75 26.91 12.95
N LYS N 82 15.37 27.19 11.71
CA LYS N 82 14.50 26.27 10.96
C LYS N 82 15.26 24.96 10.79
N PRO N 83 14.55 23.82 10.73
CA PRO N 83 15.20 22.53 10.51
C PRO N 83 16.02 22.49 9.22
N GLU N 84 16.92 21.51 9.09
CA GLU N 84 17.82 21.38 7.92
C GLU N 84 17.02 21.19 6.63
N LYS N 85 15.85 20.54 6.70
CA LYS N 85 15.03 20.13 5.53
C LYS N 85 13.56 20.46 5.80
N ASP N 86 12.72 20.68 4.76
CA ASP N 86 11.24 20.52 4.88
C ASP N 86 10.86 19.13 4.35
N GLU N 87 11.61 18.58 3.38
CA GLU N 87 11.31 17.25 2.79
C GLU N 87 12.29 16.22 3.38
N TRP N 88 11.78 15.26 4.15
CA TRP N 88 12.58 14.33 4.99
C TRP N 88 12.74 12.96 4.32
N GLY N 89 12.21 12.78 3.12
CA GLY N 89 12.41 11.59 2.29
C GLY N 89 11.56 10.43 2.76
N THR N 90 12.12 9.22 2.72
CA THR N 90 11.38 7.97 3.03
C THR N 90 11.21 7.85 4.54
N VAL N 91 10.40 6.88 4.97
CA VAL N 91 10.25 6.56 6.42
C VAL N 91 11.65 6.33 6.98
N LEU N 92 12.44 5.49 6.31
CA LEU N 92 13.80 5.16 6.80
C LEU N 92 14.61 6.46 6.96
N GLU N 93 14.63 7.31 5.93
CA GLU N 93 15.50 8.51 5.93
C GLU N 93 15.11 9.42 7.09
N ALA N 94 13.81 9.56 7.37
CA ALA N 94 13.30 10.42 8.45
C ALA N 94 13.75 9.84 9.80
N PHE N 95 13.61 8.53 9.99
CA PHE N 95 14.00 7.87 11.26
C PHE N 95 15.53 7.93 11.43
N GLU N 96 16.30 7.85 10.34
CA GLU N 96 17.78 8.02 10.38
C GLU N 96 18.12 9.45 10.82
N ALA N 97 17.41 10.45 10.30
CA ALA N 97 17.58 11.88 10.67
C ALA N 97 17.22 12.05 12.16
N ALA N 98 16.15 11.40 12.61
CA ALA N 98 15.71 11.44 14.03
C ALA N 98 16.82 10.86 14.91
N LEU N 99 17.39 9.71 14.54
CA LEU N 99 18.47 9.09 15.35
C LEU N 99 19.67 10.05 15.43
N ALA N 100 20.06 10.67 14.33
CA ALA N 100 21.18 11.64 14.29
C ALA N 100 20.90 12.80 15.25
N LEU N 101 19.66 13.28 15.27
CA LEU N 101 19.20 14.40 16.12
C LEU N 101 19.33 13.99 17.60
N GLU N 102 18.87 12.78 17.94
CA GLU N 102 18.89 12.23 19.32
C GLU N 102 20.33 12.08 19.79
N ARG N 103 21.22 11.59 18.92
CA ARG N 103 22.67 11.45 19.24
C ARG N 103 23.28 12.85 19.46
N ALA N 104 22.94 13.85 18.66
CA ALA N 104 23.44 15.24 18.82
C ALA N 104 22.94 15.84 20.14
N ASN N 105 21.67 15.62 20.49
CA ASN N 105 21.08 16.03 21.78
C ASN N 105 21.88 15.38 22.92
N ASN N 106 22.16 14.09 22.79
CA ASN N 106 22.91 13.31 23.82
C ASN N 106 24.32 13.88 23.97
N ALA N 107 25.02 14.14 22.86
CA ALA N 107 26.38 14.75 22.88
C ALA N 107 26.34 16.08 23.64
N SER N 108 25.33 16.91 23.37
CA SER N 108 25.12 18.24 24.03
C SER N 108 24.88 18.04 25.53
N LEU N 109 24.05 17.07 25.90
CA LEU N 109 23.73 16.76 27.33
C LEU N 109 24.98 16.25 28.06
N LEU N 110 25.80 15.41 27.41
CA LEU N 110 27.05 14.88 28.02
C LEU N 110 28.03 16.05 28.22
N LYS N 111 28.07 16.99 27.28
CA LYS N 111 28.90 18.22 27.43
C LYS N 111 28.39 19.04 28.63
N LEU N 112 27.08 19.23 28.73
CA LEU N 112 26.43 19.94 29.87
C LEU N 112 26.81 19.25 31.20
N HIS N 113 26.69 17.93 31.28
CA HIS N 113 27.09 17.16 32.47
C HIS N 113 28.58 17.42 32.78
N GLY N 114 29.44 17.37 31.77
CA GLY N 114 30.87 17.64 31.94
C GLY N 114 31.16 19.02 32.52
N ILE N 115 30.45 20.05 32.06
CA ILE N 115 30.63 21.45 32.55
C ILE N 115 30.19 21.49 34.03
N ALA N 116 29.03 20.92 34.33
CA ALA N 116 28.51 20.79 35.71
C ALA N 116 29.55 20.09 36.59
N GLU N 117 30.14 19.00 36.09
CA GLU N 117 31.13 18.20 36.87
C GLU N 117 32.38 19.04 37.11
N GLN N 118 32.88 19.74 36.08
CA GLN N 118 34.10 20.60 36.18
C GLN N 118 33.89 21.68 37.25
N ARG N 119 32.67 22.22 37.36
CA ARG N 119 32.34 23.32 38.32
C ARG N 119 31.86 22.75 39.67
N ASN N 120 31.95 21.43 39.91
CA ASN N 120 31.56 20.78 41.19
C ASN N 120 30.10 21.07 41.51
N ASP N 121 29.23 21.06 40.50
CA ASP N 121 27.78 21.28 40.70
C ASP N 121 27.17 19.91 41.00
N ALA N 122 27.23 19.47 42.26
CA ALA N 122 26.85 18.11 42.68
C ALA N 122 25.34 17.91 42.48
N HIS N 123 24.56 18.97 42.64
CA HIS N 123 23.10 18.89 42.35
C HIS N 123 22.88 18.65 40.85
N LEU N 124 23.46 19.47 39.98
CA LEU N 124 23.07 19.45 38.55
C LEU N 124 23.64 18.22 37.83
N THR N 125 24.82 17.70 38.20
CA THR N 125 25.35 16.46 37.56
C THR N 125 24.30 15.35 37.70
N ASN N 126 23.81 15.14 38.93
CA ASN N 126 22.79 14.10 39.20
C ASN N 126 21.49 14.44 38.47
N TYR N 127 21.06 15.69 38.50
CA TYR N 127 19.82 16.13 37.83
C TYR N 127 19.91 15.75 36.33
N ILE N 128 21.01 16.10 35.68
CA ILE N 128 21.20 15.81 34.24
C ILE N 128 21.19 14.28 34.03
N GLN N 129 21.91 13.53 34.86
CA GLN N 129 21.97 12.04 34.74
C GLN N 129 20.54 11.47 34.82
N GLU N 130 19.80 11.81 35.86
CA GLU N 130 18.48 11.19 36.17
C GLU N 130 17.43 11.63 35.14
N LYS N 131 17.37 12.94 34.86
CA LYS N 131 16.24 13.55 34.13
C LYS N 131 16.50 13.58 32.62
N TYR N 132 17.75 13.50 32.15
CA TYR N 132 18.11 13.72 30.73
C TYR N 132 18.89 12.52 30.19
N LEU N 133 19.96 12.10 30.84
CA LEU N 133 20.85 11.06 30.25
C LEU N 133 20.12 9.71 30.16
N GLU N 134 19.34 9.32 31.18
CA GLU N 134 18.62 8.03 31.18
C GLU N 134 17.59 8.03 30.05
N GLU N 135 16.74 9.06 29.95
CA GLU N 135 15.74 9.15 28.85
C GLU N 135 16.45 9.16 27.49
N GLN N 136 17.56 9.88 27.35
CA GLN N 136 18.27 10.05 26.05
C GLN N 136 18.76 8.69 25.54
N VAL N 137 19.32 7.84 26.39
CA VAL N 137 19.85 6.52 25.92
C VAL N 137 18.66 5.62 25.54
N HIS N 138 17.55 5.74 26.25
CA HIS N 138 16.30 5.02 25.88
C HIS N 138 15.76 5.53 24.55
N SER N 139 15.73 6.84 24.29
CA SER N 139 15.22 7.39 23.01
C SER N 139 16.14 6.94 21.85
N ILE N 140 17.46 6.99 22.02
CA ILE N 140 18.44 6.55 20.99
C ILE N 140 18.22 5.06 20.70
N ASN N 141 18.09 4.24 21.73
CA ASN N 141 17.79 2.79 21.57
C ASN N 141 16.48 2.64 20.77
N GLU N 142 15.43 3.36 21.15
CA GLU N 142 14.10 3.32 20.46
C GLU N 142 14.29 3.60 18.96
N PHE N 143 15.03 4.64 18.61
CA PHE N 143 15.22 5.04 17.19
C PHE N 143 16.06 4.00 16.44
N ALA N 144 17.13 3.44 17.04
CA ALA N 144 17.92 2.37 16.40
C ALA N 144 17.03 1.17 16.11
N ARG N 145 16.18 0.79 17.06
CA ARG N 145 15.25 -0.36 16.91
C ARG N 145 14.24 -0.05 15.80
N TYR N 146 13.68 1.15 15.76
CA TYR N 146 12.74 1.53 14.67
C TYR N 146 13.45 1.38 13.32
N ILE N 147 14.68 1.85 13.21
CA ILE N 147 15.45 1.78 11.94
C ILE N 147 15.63 0.30 11.54
N ALA N 148 15.98 -0.57 12.49
CA ALA N 148 16.12 -2.02 12.21
C ALA N 148 14.79 -2.56 11.64
N ASN N 149 13.67 -2.19 12.25
CA ASN N 149 12.33 -2.70 11.86
C ASN N 149 11.91 -2.13 10.50
N ILE N 150 12.24 -0.86 10.22
CA ILE N 150 11.86 -0.18 8.95
C ILE N 150 12.60 -0.89 7.80
N LYS N 151 13.88 -1.16 8.02
CA LYS N 151 14.73 -1.89 7.04
C LYS N 151 14.17 -3.30 6.84
N ARG N 152 13.77 -3.98 7.92
CA ARG N 152 13.24 -5.37 7.84
C ARG N 152 11.91 -5.40 7.06
N ALA N 153 10.98 -4.49 7.37
CA ALA N 153 9.65 -4.41 6.72
C ALA N 153 9.81 -4.01 5.25
N GLY N 154 10.73 -3.09 4.97
CA GLY N 154 11.06 -2.63 3.62
C GLY N 154 10.08 -1.59 3.09
N PRO N 155 10.43 -0.95 1.96
CA PRO N 155 9.61 0.09 1.38
C PRO N 155 8.28 -0.44 0.82
N GLY N 156 7.27 0.42 0.82
CA GLY N 156 5.96 0.12 0.23
C GLY N 156 5.07 -0.54 1.25
N LEU N 157 4.68 -1.81 1.05
CA LEU N 157 3.72 -2.48 1.96
C LEU N 157 4.30 -2.50 3.39
N GLY N 158 5.60 -2.75 3.53
CA GLY N 158 6.30 -2.71 4.83
C GLY N 158 6.12 -1.37 5.56
N GLU N 159 6.26 -0.23 4.87
CA GLU N 159 6.08 1.12 5.46
C GLU N 159 4.61 1.32 5.89
N TYR N 160 3.68 0.90 5.04
CA TYR N 160 2.23 0.94 5.34
C TYR N 160 1.95 0.17 6.63
N LEU N 161 2.45 -1.06 6.76
CA LEU N 161 2.15 -1.92 7.94
C LEU N 161 2.95 -1.46 9.16
N PHE N 162 4.16 -0.95 8.99
CA PHE N 162 4.95 -0.33 10.09
C PHE N 162 4.12 0.78 10.73
N ASP N 163 3.55 1.64 9.90
CA ASP N 163 2.68 2.77 10.36
C ASP N 163 1.50 2.19 11.14
N LYS N 164 0.84 1.14 10.63
CA LYS N 164 -0.33 0.49 11.26
C LYS N 164 0.03 -0.20 12.58
N GLU N 165 1.16 -0.90 12.64
CA GLU N 165 1.46 -1.89 13.71
C GLU N 165 2.32 -1.27 14.81
N GLU N 166 3.19 -0.32 14.49
CA GLU N 166 4.36 -0.02 15.37
C GLU N 166 3.97 0.96 16.48
N PHE N 167 2.88 1.71 16.33
CA PHE N 167 2.53 2.80 17.30
C PHE N 167 1.21 2.48 18.02
N SER N 168 0.68 1.27 17.85
CA SER N 168 -0.57 0.77 18.50
C SER N 168 -0.32 -0.61 19.10
N SER O 1 7.34 -2.42 93.95
CA SER O 1 7.00 -1.97 92.57
C SER O 1 8.11 -1.05 92.04
N LEU O 2 8.53 -1.24 90.78
CA LEU O 2 9.47 -0.30 90.11
C LEU O 2 8.76 0.99 89.70
N ALA O 3 7.43 0.97 89.61
CA ALA O 3 6.62 2.11 89.11
C ALA O 3 6.29 3.07 90.25
N ARG O 4 6.01 2.53 91.44
CA ARG O 4 5.35 3.28 92.54
C ARG O 4 6.13 4.57 92.79
N GLN O 5 5.44 5.70 92.73
CA GLN O 5 6.05 7.04 92.89
C GLN O 5 4.99 7.98 93.44
N ASN O 6 5.32 8.73 94.50
CA ASN O 6 4.38 9.69 95.14
C ASN O 6 3.07 8.99 95.51
N TYR O 7 3.14 7.75 95.99
CA TYR O 7 1.95 6.94 96.30
C TYR O 7 2.09 6.41 97.73
N HIS O 8 1.43 7.07 98.67
CA HIS O 8 1.58 6.84 100.13
C HIS O 8 0.81 5.56 100.54
N ASP O 9 1.32 4.84 101.53
CA ASP O 9 0.62 3.64 102.10
C ASP O 9 -0.81 3.98 102.53
N GLU O 10 -1.06 5.16 103.08
CA GLU O 10 -2.41 5.55 103.56
C GLU O 10 -3.36 5.60 102.36
N VAL O 11 -2.87 6.09 101.24
CA VAL O 11 -3.68 6.19 99.99
C VAL O 11 -3.89 4.78 99.42
N GLU O 12 -2.84 3.96 99.29
CA GLU O 12 -2.96 2.55 98.87
C GLU O 12 -4.03 1.84 99.72
N ALA O 13 -3.98 2.02 101.04
CA ALA O 13 -4.91 1.38 101.99
C ALA O 13 -6.35 1.91 101.79
N ALA O 14 -6.51 3.21 101.54
CA ALA O 14 -7.83 3.85 101.36
C ALA O 14 -8.46 3.36 100.04
N VAL O 15 -7.66 3.18 98.99
CA VAL O 15 -8.15 2.61 97.69
C VAL O 15 -8.65 1.18 97.92
N ASN O 16 -7.93 0.36 98.71
CA ASN O 16 -8.36 -1.04 99.00
C ASN O 16 -9.71 -1.00 99.74
N LYS O 17 -9.86 -0.08 100.70
CA LYS O 17 -11.12 0.10 101.46
C LYS O 17 -12.22 0.42 100.45
N GLN O 18 -11.95 1.33 99.51
CA GLN O 18 -12.98 1.78 98.54
C GLN O 18 -13.36 0.62 97.60
N ILE O 19 -12.41 -0.23 97.24
CA ILE O 19 -12.73 -1.44 96.40
C ILE O 19 -13.80 -2.27 97.12
N ASN O 20 -13.62 -2.49 98.42
CA ASN O 20 -14.57 -3.28 99.23
C ASN O 20 -15.92 -2.53 99.29
N VAL O 21 -15.89 -1.21 99.45
CA VAL O 21 -17.15 -0.39 99.49
C VAL O 21 -17.92 -0.60 98.18
N GLU O 22 -17.26 -0.54 97.03
CA GLU O 22 -17.91 -0.71 95.70
C GLU O 22 -18.42 -2.14 95.55
N LEU O 23 -17.64 -3.16 95.93
CA LEU O 23 -18.08 -4.57 95.82
C LEU O 23 -19.32 -4.78 96.70
N TYR O 24 -19.34 -4.19 97.89
CA TYR O 24 -20.50 -4.27 98.80
C TYR O 24 -21.73 -3.66 98.11
N ALA O 25 -21.59 -2.45 97.54
CA ALA O 25 -22.69 -1.75 96.83
C ALA O 25 -23.21 -2.64 95.69
N SER O 26 -22.32 -3.27 94.93
CA SER O 26 -22.69 -4.21 93.84
C SER O 26 -23.58 -5.33 94.43
N TYR O 27 -23.21 -5.86 95.59
CA TYR O 27 -23.94 -6.96 96.27
C TYR O 27 -25.33 -6.47 96.67
N VAL O 28 -25.44 -5.27 97.25
CA VAL O 28 -26.75 -4.68 97.65
C VAL O 28 -27.67 -4.64 96.42
N TYR O 29 -27.18 -4.11 95.31
CA TYR O 29 -28.00 -3.94 94.08
C TYR O 29 -28.36 -5.31 93.52
N LEU O 30 -27.48 -6.30 93.66
CA LEU O 30 -27.82 -7.66 93.18
C LEU O 30 -29.01 -8.19 94.00
N SER O 31 -28.99 -7.97 95.31
CA SER O 31 -30.07 -8.36 96.24
C SER O 31 -31.36 -7.61 95.88
N MET O 32 -31.27 -6.32 95.57
CA MET O 32 -32.47 -5.51 95.19
C MET O 32 -33.05 -6.00 93.86
N SER O 33 -32.20 -6.40 92.92
CA SER O 33 -32.62 -7.02 91.63
C SER O 33 -33.44 -8.29 91.91
N ALA O 34 -32.91 -9.19 92.73
CA ALA O 34 -33.61 -10.45 93.13
C ALA O 34 -34.98 -10.12 93.71
N HIS O 35 -35.07 -9.12 94.61
CA HIS O 35 -36.32 -8.69 95.26
C HIS O 35 -37.38 -8.36 94.19
N PHE O 36 -37.03 -7.57 93.18
CA PHE O 36 -38.00 -7.12 92.14
C PHE O 36 -38.26 -8.23 91.12
N ASP O 37 -37.45 -9.29 91.13
CA ASP O 37 -37.65 -10.52 90.30
C ASP O 37 -38.53 -11.55 91.01
N ARG O 38 -38.89 -11.35 92.28
CA ARG O 38 -39.85 -12.25 92.98
C ARG O 38 -41.14 -12.34 92.16
N ASP O 39 -41.71 -13.55 92.08
CA ASP O 39 -42.96 -13.80 91.32
C ASP O 39 -44.16 -13.06 91.92
N ASP O 40 -44.09 -12.60 93.16
CA ASP O 40 -45.17 -11.85 93.86
C ASP O 40 -44.88 -10.35 93.83
N ILE O 41 -43.78 -9.93 93.20
CA ILE O 41 -43.46 -8.49 92.98
C ILE O 41 -43.46 -8.22 91.48
N ALA O 42 -42.55 -8.85 90.73
CA ALA O 42 -42.62 -9.01 89.26
C ALA O 42 -42.58 -7.64 88.58
N LEU O 43 -41.64 -6.77 88.97
CA LEU O 43 -41.39 -5.51 88.24
C LEU O 43 -40.06 -5.67 87.49
N ARG O 44 -40.14 -6.16 86.26
CA ARG O 44 -38.96 -6.66 85.49
C ARG O 44 -38.01 -5.52 85.13
N ASN O 45 -38.52 -4.34 84.78
CA ASN O 45 -37.66 -3.21 84.36
C ASN O 45 -36.89 -2.71 85.60
N ILE O 46 -37.52 -2.66 86.77
CA ILE O 46 -36.81 -2.27 88.03
C ILE O 46 -35.77 -3.36 88.38
N ALA O 47 -36.12 -4.64 88.26
CA ALA O 47 -35.18 -5.77 88.48
C ALA O 47 -33.95 -5.60 87.57
N LYS O 48 -34.18 -5.36 86.28
CA LYS O 48 -33.09 -5.20 85.28
C LYS O 48 -32.27 -3.96 85.62
N PHE O 49 -32.92 -2.86 86.02
CA PHE O 49 -32.23 -1.61 86.42
C PHE O 49 -31.26 -1.91 87.56
N PHE O 50 -31.70 -2.60 88.61
CA PHE O 50 -30.84 -2.88 89.78
C PHE O 50 -29.73 -3.86 89.37
N LYS O 51 -29.99 -4.77 88.43
CA LYS O 51 -28.90 -5.64 87.92
C LYS O 51 -27.85 -4.77 87.21
N GLU O 52 -28.27 -3.80 86.40
CA GLU O 52 -27.35 -2.87 85.71
C GLU O 52 -26.55 -2.10 86.78
N GLN O 53 -27.22 -1.65 87.84
CA GLN O 53 -26.54 -0.89 88.91
C GLN O 53 -25.51 -1.81 89.58
N SER O 54 -25.87 -3.07 89.83
CA SER O 54 -24.93 -4.08 90.41
C SER O 54 -23.68 -4.20 89.53
N ASP O 55 -23.91 -4.35 88.22
CA ASP O 55 -22.83 -4.48 87.20
C ASP O 55 -21.96 -3.21 87.24
N GLU O 56 -22.58 -2.04 87.30
CA GLU O 56 -21.85 -0.74 87.30
C GLU O 56 -20.99 -0.62 88.57
N GLU O 57 -21.51 -1.01 89.73
CA GLU O 57 -20.77 -0.91 91.01
C GLU O 57 -19.59 -1.88 91.00
N ARG O 58 -19.79 -3.08 90.46
CA ARG O 58 -18.67 -4.04 90.26
C ARG O 58 -17.63 -3.38 89.35
N GLY O 59 -18.04 -2.68 88.29
CA GLY O 59 -17.12 -1.93 87.41
C GLY O 59 -16.35 -0.85 88.17
N HIS O 60 -17.02 -0.12 89.07
CA HIS O 60 -16.37 0.89 89.96
C HIS O 60 -15.24 0.20 90.74
N ALA O 61 -15.50 -1.01 91.26
CA ALA O 61 -14.51 -1.76 92.06
C ALA O 61 -13.32 -2.16 91.19
N THR O 62 -13.58 -2.72 90.01
CA THR O 62 -12.50 -3.28 89.15
C THR O 62 -11.66 -2.14 88.54
N GLU O 63 -12.25 -0.97 88.28
CA GLU O 63 -11.50 0.22 87.81
C GLU O 63 -10.54 0.68 88.92
N LEU O 64 -10.98 0.64 90.17
CA LEU O 64 -10.12 1.00 91.34
C LEU O 64 -9.00 -0.04 91.48
N MET O 65 -9.30 -1.32 91.29
CA MET O 65 -8.24 -2.36 91.26
C MET O 65 -7.22 -2.02 90.16
N ARG O 66 -7.69 -1.54 88.99
CA ARG O 66 -6.80 -1.21 87.86
C ARG O 66 -5.92 0.00 88.20
N ILE O 67 -6.46 1.04 88.84
CA ILE O 67 -5.62 2.23 89.16
C ILE O 67 -4.65 1.88 90.31
N GLN O 68 -5.04 0.99 91.23
CA GLN O 68 -4.13 0.45 92.28
C GLN O 68 -2.91 -0.17 91.61
N ALA O 69 -3.14 -1.06 90.63
CA ALA O 69 -2.07 -1.72 89.83
C ALA O 69 -1.23 -0.67 89.08
N VAL O 70 -1.88 0.29 88.42
CA VAL O 70 -1.15 1.35 87.66
C VAL O 70 -0.20 2.09 88.60
N ARG O 71 -0.64 2.41 89.82
CA ARG O 71 0.16 3.22 90.77
C ARG O 71 1.21 2.36 91.48
N GLY O 72 1.16 1.03 91.30
CA GLY O 72 2.13 0.09 91.90
C GLY O 72 1.74 -0.28 93.32
N GLY O 73 0.48 -0.07 93.68
CA GLY O 73 -0.10 -0.56 94.94
C GLY O 73 -0.53 -2.01 94.82
N ARG O 74 -0.79 -2.66 95.94
CA ARG O 74 -1.20 -4.08 95.96
C ARG O 74 -2.64 -4.16 96.47
N VAL O 75 -3.47 -4.83 95.69
CA VAL O 75 -4.89 -5.08 96.05
C VAL O 75 -4.91 -6.08 97.20
N ALA O 76 -5.69 -5.79 98.24
CA ALA O 76 -5.94 -6.68 99.41
C ALA O 76 -7.45 -6.80 99.56
N MET O 77 -8.00 -7.99 99.33
CA MET O 77 -9.47 -8.22 99.41
C MET O 77 -9.87 -8.43 100.87
N GLN O 78 -11.12 -8.07 101.17
CA GLN O 78 -11.75 -8.34 102.47
C GLN O 78 -13.09 -9.02 102.21
N ASN O 79 -13.68 -9.60 103.24
CA ASN O 79 -15.04 -10.20 103.09
C ASN O 79 -15.97 -9.14 102.49
N ILE O 80 -16.91 -9.60 101.67
CA ILE O 80 -18.02 -8.72 101.18
C ILE O 80 -19.22 -9.04 102.08
N GLN O 81 -19.58 -8.10 102.94
CA GLN O 81 -20.70 -8.29 103.91
C GLN O 81 -21.97 -8.52 103.11
N LYS O 82 -22.84 -9.41 103.58
CA LYS O 82 -24.18 -9.55 102.99
C LYS O 82 -24.91 -8.23 103.18
N PRO O 83 -25.80 -7.84 102.24
CA PRO O 83 -26.58 -6.62 102.39
C PRO O 83 -27.39 -6.63 103.70
N GLU O 84 -27.86 -5.46 104.12
CA GLU O 84 -28.62 -5.30 105.40
C GLU O 84 -29.91 -6.13 105.37
N LYS O 85 -30.49 -6.35 104.18
CA LYS O 85 -31.83 -6.97 104.00
C LYS O 85 -31.82 -7.90 102.78
N ASP O 86 -32.71 -8.91 102.76
CA ASP O 86 -33.13 -9.59 101.50
C ASP O 86 -34.45 -8.98 101.04
N GLU O 87 -35.32 -8.64 101.98
CA GLU O 87 -36.64 -8.01 101.71
C GLU O 87 -36.50 -6.49 101.77
N TRP O 88 -36.55 -5.81 100.63
CA TRP O 88 -36.26 -4.36 100.52
C TRP O 88 -37.54 -3.53 100.68
N GLY O 89 -38.70 -4.17 100.82
CA GLY O 89 -39.97 -3.48 101.06
C GLY O 89 -40.57 -2.99 99.77
N THR O 90 -41.21 -1.81 99.80
CA THR O 90 -41.92 -1.23 98.64
C THR O 90 -40.90 -0.70 97.63
N VAL O 91 -41.36 -0.39 96.42
CA VAL O 91 -40.55 0.34 95.41
C VAL O 91 -39.92 1.55 96.10
N LEU O 92 -40.70 2.39 96.79
CA LEU O 92 -40.17 3.63 97.43
C LEU O 92 -39.09 3.26 98.46
N GLU O 93 -39.33 2.27 99.33
CA GLU O 93 -38.35 1.90 100.39
C GLU O 93 -37.05 1.43 99.74
N ALA O 94 -37.16 0.66 98.66
CA ALA O 94 -35.99 0.13 97.94
C ALA O 94 -35.15 1.28 97.36
N PHE O 95 -35.79 2.23 96.69
CA PHE O 95 -35.12 3.39 96.06
C PHE O 95 -34.56 4.33 97.12
N GLU O 96 -35.25 4.52 98.26
CA GLU O 96 -34.70 5.29 99.41
C GLU O 96 -33.42 4.62 99.93
N ALA O 97 -33.40 3.28 100.04
CA ALA O 97 -32.21 2.54 100.51
C ALA O 97 -31.06 2.72 99.52
N ALA O 98 -31.37 2.70 98.21
CA ALA O 98 -30.38 2.90 97.11
C ALA O 98 -29.78 4.31 97.22
N LEU O 99 -30.63 5.33 97.38
CA LEU O 99 -30.13 6.73 97.52
C LEU O 99 -29.19 6.84 98.74
N ALA O 100 -29.56 6.28 99.88
CA ALA O 100 -28.71 6.25 101.11
C ALA O 100 -27.35 5.59 100.80
N LEU O 101 -27.37 4.48 100.07
CA LEU O 101 -26.14 3.73 99.68
C LEU O 101 -25.25 4.61 98.78
N GLU O 102 -25.86 5.29 97.80
CA GLU O 102 -25.11 6.19 96.87
C GLU O 102 -24.49 7.34 97.69
N ARG O 103 -25.22 7.92 98.64
CA ARG O 103 -24.69 9.02 99.50
C ARG O 103 -23.56 8.50 100.39
N ALA O 104 -23.68 7.27 100.92
CA ALA O 104 -22.60 6.63 101.72
C ALA O 104 -21.36 6.41 100.85
N ASN O 105 -21.55 5.94 99.60
CA ASN O 105 -20.46 5.72 98.63
C ASN O 105 -19.76 7.06 98.35
N ASN O 106 -20.55 8.12 98.14
CA ASN O 106 -20.05 9.48 97.89
C ASN O 106 -19.24 9.98 99.08
N ALA O 107 -19.77 9.86 100.30
CA ALA O 107 -19.03 10.27 101.52
C ALA O 107 -17.69 9.53 101.57
N SER O 108 -17.67 8.22 101.28
CA SER O 108 -16.44 7.38 101.25
C SER O 108 -15.45 7.91 100.20
N LEU O 109 -15.93 8.22 99.00
CA LEU O 109 -15.07 8.76 97.90
C LEU O 109 -14.56 10.15 98.27
N LEU O 110 -15.36 10.97 98.92
CA LEU O 110 -14.92 12.34 99.34
C LEU O 110 -13.79 12.20 100.37
N LYS O 111 -13.88 11.22 101.27
CA LYS O 111 -12.85 10.93 102.30
C LYS O 111 -11.58 10.45 101.60
N LEU O 112 -11.71 9.56 100.61
CA LEU O 112 -10.56 9.09 99.80
C LEU O 112 -9.89 10.27 99.08
N HIS O 113 -10.64 11.15 98.43
CA HIS O 113 -10.07 12.36 97.78
C HIS O 113 -9.30 13.19 98.84
N GLY O 114 -9.88 13.33 100.03
CA GLY O 114 -9.31 14.09 101.16
C GLY O 114 -7.98 13.50 101.61
N ILE O 115 -7.88 12.18 101.68
CA ILE O 115 -6.61 11.49 102.04
C ILE O 115 -5.56 11.74 100.94
N ALA O 116 -5.93 11.58 99.68
CA ALA O 116 -5.03 11.81 98.52
C ALA O 116 -4.54 13.26 98.54
N GLU O 117 -5.43 14.22 98.82
CA GLU O 117 -5.11 15.66 98.89
C GLU O 117 -4.11 15.90 100.04
N GLN O 118 -4.37 15.35 101.23
CA GLN O 118 -3.51 15.47 102.44
C GLN O 118 -2.10 14.97 102.13
N ARG O 119 -1.99 13.90 101.33
CA ARG O 119 -0.71 13.28 100.94
C ARG O 119 -0.13 13.88 99.65
N ASN O 120 -0.73 14.95 99.08
CA ASN O 120 -0.21 15.64 97.88
C ASN O 120 -0.14 14.66 96.70
N ASP O 121 -1.15 13.80 96.58
CA ASP O 121 -1.22 12.85 95.45
C ASP O 121 -1.97 13.57 94.32
N ALA O 122 -1.26 14.37 93.54
CA ALA O 122 -1.86 15.24 92.50
C ALA O 122 -2.48 14.40 91.39
N HIS O 123 -1.93 13.21 91.08
CA HIS O 123 -2.58 12.31 90.09
C HIS O 123 -3.92 11.81 90.67
N LEU O 124 -3.91 11.28 91.89
CA LEU O 124 -5.08 10.51 92.38
C LEU O 124 -6.22 11.46 92.73
N THR O 125 -5.95 12.70 93.20
CA THR O 125 -7.06 13.64 93.53
C THR O 125 -7.89 13.85 92.25
N ASN O 126 -7.22 14.14 91.15
CA ASN O 126 -7.87 14.41 89.84
C ASN O 126 -8.55 13.14 89.33
N TYR O 127 -7.88 12.00 89.44
CA TYR O 127 -8.45 10.69 89.03
C TYR O 127 -9.79 10.48 89.76
N ILE O 128 -9.82 10.66 91.08
CA ILE O 128 -11.04 10.46 91.91
C ILE O 128 -12.11 11.46 91.44
N GLN O 129 -11.75 12.72 91.25
CA GLN O 129 -12.70 13.77 90.82
C GLN O 129 -13.33 13.36 89.48
N GLU O 130 -12.50 12.98 88.50
CA GLU O 130 -12.91 12.72 87.10
C GLU O 130 -13.73 11.43 87.03
N LYS O 131 -13.21 10.35 87.60
CA LYS O 131 -13.70 8.97 87.33
C LYS O 131 -14.75 8.58 88.37
N TYR O 132 -14.84 9.26 89.51
CA TYR O 132 -15.71 8.85 90.62
C TYR O 132 -16.65 9.98 91.03
N LEU O 133 -16.15 11.17 91.40
CA LEU O 133 -17.02 12.18 92.05
C LEU O 133 -18.08 12.68 91.05
N GLU O 134 -17.69 12.83 89.78
CA GLU O 134 -18.63 13.31 88.74
C GLU O 134 -19.77 12.29 88.59
N GLU O 135 -19.44 11.02 88.40
CA GLU O 135 -20.43 9.93 88.25
C GLU O 135 -21.34 9.92 89.48
N GLN O 136 -20.73 10.02 90.67
CA GLN O 136 -21.42 9.85 91.96
C GLN O 136 -22.48 10.95 92.12
N VAL O 137 -22.19 12.23 91.81
CA VAL O 137 -23.24 13.29 91.97
C VAL O 137 -24.38 13.03 90.96
N HIS O 138 -24.08 12.50 89.77
CA HIS O 138 -25.11 12.17 88.75
C HIS O 138 -25.96 10.99 89.24
N SER O 139 -25.36 9.96 89.81
CA SER O 139 -26.09 8.80 90.36
C SER O 139 -27.03 9.24 91.48
N ILE O 140 -26.57 10.09 92.40
CA ILE O 140 -27.39 10.58 93.54
C ILE O 140 -28.58 11.39 92.99
N ASN O 141 -28.33 12.26 92.00
CA ASN O 141 -29.37 13.06 91.34
C ASN O 141 -30.41 12.12 90.71
N GLU O 142 -29.96 11.09 89.98
CA GLU O 142 -30.82 10.07 89.31
C GLU O 142 -31.74 9.42 90.35
N PHE O 143 -31.18 9.00 91.49
CA PHE O 143 -31.98 8.30 92.55
C PHE O 143 -32.94 9.29 93.21
N ALA O 144 -32.52 10.52 93.49
CA ALA O 144 -33.43 11.56 94.02
C ALA O 144 -34.61 11.74 93.04
N ARG O 145 -34.32 11.81 91.74
CA ARG O 145 -35.37 12.01 90.71
C ARG O 145 -36.30 10.78 90.66
N TYR O 146 -35.77 9.56 90.73
CA TYR O 146 -36.61 8.34 90.77
C TYR O 146 -37.59 8.41 91.95
N ILE O 147 -37.08 8.81 93.12
CA ILE O 147 -37.90 8.91 94.35
C ILE O 147 -39.02 9.95 94.14
N ALA O 148 -38.70 11.12 93.58
CA ALA O 148 -39.73 12.14 93.25
C ALA O 148 -40.81 11.50 92.36
N ASN O 149 -40.41 10.73 91.35
CA ASN O 149 -41.36 10.13 90.38
C ASN O 149 -42.17 9.00 91.03
N ILE O 150 -41.55 8.19 91.89
CA ILE O 150 -42.27 7.13 92.64
C ILE O 150 -43.37 7.79 93.49
N LYS O 151 -43.06 8.88 94.19
CA LYS O 151 -44.04 9.61 95.04
C LYS O 151 -45.15 10.21 94.20
N ARG O 152 -44.82 10.76 93.02
CA ARG O 152 -45.83 11.38 92.13
C ARG O 152 -46.76 10.32 91.51
N ALA O 153 -46.21 9.21 91.01
CA ALA O 153 -46.99 8.17 90.30
C ALA O 153 -47.87 7.44 91.31
N GLY O 154 -47.35 7.24 92.51
CA GLY O 154 -48.07 6.62 93.62
C GLY O 154 -48.12 5.09 93.48
N PRO O 155 -48.70 4.43 94.49
CA PRO O 155 -48.78 2.97 94.51
C PRO O 155 -49.75 2.37 93.50
N GLY O 156 -49.62 1.06 93.31
CA GLY O 156 -50.55 0.30 92.47
C GLY O 156 -50.33 0.63 91.00
N LEU O 157 -51.31 1.23 90.34
CA LEU O 157 -51.20 1.51 88.89
C LEU O 157 -49.99 2.40 88.61
N GLY O 158 -49.74 3.36 89.50
CA GLY O 158 -48.57 4.25 89.35
C GLY O 158 -47.26 3.49 89.31
N GLU O 159 -47.11 2.50 90.20
CA GLU O 159 -45.92 1.62 90.28
C GLU O 159 -45.79 0.79 89.00
N TYR O 160 -46.90 0.21 88.56
CA TYR O 160 -46.94 -0.59 87.31
C TYR O 160 -46.42 0.29 86.15
N LEU O 161 -46.91 1.53 86.04
CA LEU O 161 -46.57 2.40 84.88
C LEU O 161 -45.17 3.00 85.06
N PHE O 162 -44.74 3.27 86.28
CA PHE O 162 -43.35 3.70 86.56
C PHE O 162 -42.38 2.64 86.01
N ASP O 163 -42.60 1.37 86.31
CA ASP O 163 -41.76 0.24 85.81
C ASP O 163 -41.79 0.27 84.27
N LYS O 164 -42.96 0.48 83.68
CA LYS O 164 -43.13 0.48 82.20
C LYS O 164 -42.41 1.67 81.55
N GLU O 165 -42.48 2.86 82.16
CA GLU O 165 -42.17 4.16 81.50
C GLU O 165 -40.77 4.69 81.86
N GLU O 166 -40.30 4.46 83.08
CA GLU O 166 -39.17 5.25 83.65
C GLU O 166 -37.82 4.76 83.13
N PHE O 167 -37.72 3.52 82.62
CA PHE O 167 -36.43 2.86 82.27
C PHE O 167 -36.40 2.54 80.77
N SER O 168 -37.09 3.35 79.95
CA SER O 168 -37.27 3.16 78.49
C SER O 168 -37.63 4.49 77.84
N SER P 1 -82.34 5.73 30.71
CA SER P 1 -81.06 4.99 30.74
C SER P 1 -81.15 3.77 29.83
N LEU P 2 -80.17 3.60 28.94
CA LEU P 2 -80.05 2.42 28.06
C LEU P 2 -79.62 1.20 28.88
N ALA P 3 -79.00 1.43 30.04
CA ALA P 3 -78.43 0.37 30.90
C ALA P 3 -79.48 -0.23 31.82
N ARG P 4 -80.40 0.59 32.31
CA ARG P 4 -81.30 0.20 33.43
C ARG P 4 -82.01 -1.12 33.08
N GLN P 5 -81.95 -2.08 33.99
CA GLN P 5 -82.53 -3.42 33.79
C GLN P 5 -82.77 -4.07 35.15
N ASN P 6 -83.98 -4.58 35.36
CA ASN P 6 -84.37 -5.21 36.65
C ASN P 6 -84.10 -4.23 37.81
N TYR P 7 -84.37 -2.95 37.63
CA TYR P 7 -84.09 -1.90 38.64
C TYR P 7 -85.37 -1.09 38.90
N HIS P 8 -86.07 -1.42 39.98
CA HIS P 8 -87.42 -0.88 40.28
C HIS P 8 -87.32 0.57 40.80
N ASP P 9 -88.28 1.41 40.46
CA ASP P 9 -88.37 2.80 41.01
C ASP P 9 -88.30 2.77 42.55
N GLU P 10 -88.89 1.78 43.21
CA GLU P 10 -88.89 1.71 44.70
C GLU P 10 -87.47 1.54 45.23
N VAL P 11 -86.64 0.78 44.51
CA VAL P 11 -85.23 0.52 44.90
C VAL P 11 -84.42 1.78 44.60
N GLU P 12 -84.56 2.34 43.39
CA GLU P 12 -83.88 3.62 43.02
C GLU P 12 -84.12 4.66 44.14
N ALA P 13 -85.37 4.80 44.61
CA ALA P 13 -85.81 5.78 45.63
C ALA P 13 -85.18 5.46 46.99
N ALA P 14 -85.14 4.18 47.36
CA ALA P 14 -84.55 3.69 48.64
C ALA P 14 -83.04 3.98 48.64
N VAL P 15 -82.37 3.82 47.48
CA VAL P 15 -80.92 4.13 47.36
C VAL P 15 -80.72 5.65 47.55
N ASN P 16 -81.58 6.49 46.98
CA ASN P 16 -81.47 7.96 47.19
C ASN P 16 -81.68 8.29 48.68
N LYS P 17 -82.65 7.65 49.34
CA LYS P 17 -82.85 7.87 50.81
C LYS P 17 -81.56 7.51 51.56
N GLN P 18 -80.96 6.38 51.22
CA GLN P 18 -79.76 5.88 51.94
C GLN P 18 -78.58 6.83 51.71
N ILE P 19 -78.47 7.42 50.53
CA ILE P 19 -77.42 8.42 50.25
C ILE P 19 -77.57 9.55 51.28
N ASN P 20 -78.79 10.03 51.50
CA ASN P 20 -79.04 11.13 52.46
C ASN P 20 -78.67 10.65 53.86
N VAL P 21 -79.07 9.44 54.23
CA VAL P 21 -78.74 8.84 55.55
C VAL P 21 -77.22 8.90 55.78
N GLU P 22 -76.45 8.48 54.78
CA GLU P 22 -74.96 8.40 54.91
C GLU P 22 -74.40 9.82 55.02
N LEU P 23 -74.89 10.75 54.22
CA LEU P 23 -74.43 12.16 54.28
C LEU P 23 -74.77 12.75 55.65
N TYR P 24 -75.93 12.43 56.20
CA TYR P 24 -76.30 12.91 57.55
C TYR P 24 -75.31 12.36 58.59
N ALA P 25 -75.02 11.06 58.51
CA ALA P 25 -74.09 10.40 59.45
C ALA P 25 -72.72 11.08 59.33
N SER P 26 -72.28 11.40 58.11
CA SER P 26 -71.00 12.12 57.87
C SER P 26 -71.02 13.44 58.63
N TYR P 27 -72.13 14.18 58.56
CA TYR P 27 -72.28 15.51 59.22
C TYR P 27 -72.24 15.34 60.73
N VAL P 28 -72.92 14.32 61.27
CA VAL P 28 -72.91 14.03 62.74
C VAL P 28 -71.46 13.82 63.19
N TYR P 29 -70.70 12.98 62.49
CA TYR P 29 -69.28 12.71 62.87
C TYR P 29 -68.43 13.98 62.74
N LEU P 30 -68.71 14.83 61.75
CA LEU P 30 -67.96 16.09 61.60
C LEU P 30 -68.20 16.97 62.83
N SER P 31 -69.46 17.05 63.30
CA SER P 31 -69.84 17.78 64.52
C SER P 31 -69.13 17.20 65.75
N MET P 32 -69.10 15.86 65.87
CA MET P 32 -68.40 15.20 67.00
C MET P 32 -66.91 15.54 66.95
N SER P 33 -66.33 15.58 65.77
CA SER P 33 -64.90 15.92 65.62
C SER P 33 -64.65 17.33 66.17
N ALA P 34 -65.46 18.31 65.79
CA ALA P 34 -65.33 19.71 66.27
C ALA P 34 -65.45 19.76 67.79
N HIS P 35 -66.37 18.98 68.38
CA HIS P 35 -66.55 18.91 69.85
C HIS P 35 -65.22 18.54 70.54
N PHE P 36 -64.55 17.48 70.10
CA PHE P 36 -63.30 16.99 70.75
C PHE P 36 -62.11 17.89 70.39
N ASP P 37 -62.28 18.79 69.42
CA ASP P 37 -61.27 19.81 69.02
C ASP P 37 -61.45 21.11 69.81
N ARG P 38 -62.48 21.23 70.65
CA ARG P 38 -62.65 22.42 71.53
C ARG P 38 -61.41 22.55 72.42
N ASP P 39 -60.95 23.77 72.63
CA ASP P 39 -59.71 24.03 73.41
C ASP P 39 -59.92 23.65 74.89
N ASP P 40 -61.18 23.44 75.32
CA ASP P 40 -61.52 23.04 76.72
C ASP P 40 -61.81 21.54 76.80
N ILE P 41 -61.72 20.81 75.69
CA ILE P 41 -61.92 19.33 75.66
C ILE P 41 -60.60 18.71 75.20
N ALA P 42 -60.13 19.03 74.00
CA ALA P 42 -58.73 18.88 73.57
C ALA P 42 -58.30 17.40 73.62
N LEU P 43 -59.10 16.51 73.02
CA LEU P 43 -58.73 15.09 72.81
C LEU P 43 -58.50 14.90 71.31
N ARG P 44 -57.27 15.17 70.87
CA ARG P 44 -56.94 15.32 69.42
C ARG P 44 -57.11 14.00 68.69
N ASN P 45 -56.74 12.87 69.28
CA ASN P 45 -56.84 11.55 68.58
C ASN P 45 -58.31 11.19 68.42
N ILE P 46 -59.14 11.49 69.41
CA ILE P 46 -60.62 11.25 69.31
C ILE P 46 -61.19 12.20 68.25
N ALA P 47 -60.77 13.47 68.24
CA ALA P 47 -61.18 14.44 67.20
C ALA P 47 -60.82 13.87 65.82
N LYS P 48 -59.58 13.40 65.64
CA LYS P 48 -59.10 12.86 64.34
C LYS P 48 -59.93 11.62 63.97
N PHE P 49 -60.22 10.76 64.94
CA PHE P 49 -61.01 9.51 64.73
C PHE P 49 -62.39 9.88 64.16
N PHE P 50 -63.09 10.84 64.76
CA PHE P 50 -64.45 11.22 64.28
C PHE P 50 -64.36 11.91 62.91
N LYS P 51 -63.29 12.65 62.62
CA LYS P 51 -63.10 13.23 61.26
C LYS P 51 -62.94 12.08 60.26
N GLU P 52 -62.16 11.06 60.61
CA GLU P 52 -61.99 9.84 59.77
C GLU P 52 -63.35 9.17 59.58
N GLN P 53 -64.15 9.02 60.64
CA GLN P 53 -65.51 8.42 60.53
C GLN P 53 -66.38 9.30 59.61
N SER P 54 -66.26 10.63 59.69
CA SER P 54 -67.00 11.58 58.80
C SER P 54 -66.62 11.31 57.34
N ASP P 55 -65.32 11.20 57.08
CA ASP P 55 -64.79 10.91 55.72
C ASP P 55 -65.38 9.56 55.24
N GLU P 56 -65.36 8.54 56.11
CA GLU P 56 -65.85 7.18 55.77
C GLU P 56 -67.33 7.23 55.41
N GLU P 57 -68.17 7.91 56.19
CA GLU P 57 -69.63 8.01 55.95
C GLU P 57 -69.88 8.73 54.63
N ARG P 58 -69.12 9.78 54.35
CA ARG P 58 -69.22 10.48 53.03
C ARG P 58 -68.86 9.49 51.91
N GLY P 59 -67.82 8.67 52.07
CA GLY P 59 -67.50 7.60 51.10
C GLY P 59 -68.63 6.59 50.95
N HIS P 60 -69.33 6.23 52.02
CA HIS P 60 -70.51 5.34 51.92
C HIS P 60 -71.56 5.99 51.02
N ALA P 61 -71.80 7.29 51.19
CA ALA P 61 -72.74 8.07 50.36
C ALA P 61 -72.30 8.05 48.90
N THR P 62 -71.03 8.36 48.59
CA THR P 62 -70.59 8.53 47.19
C THR P 62 -70.53 7.16 46.50
N GLU P 63 -70.24 6.08 47.25
CA GLU P 63 -70.25 4.70 46.69
C GLU P 63 -71.67 4.34 46.28
N LEU P 64 -72.67 4.71 47.07
CA LEU P 64 -74.09 4.51 46.71
C LEU P 64 -74.47 5.37 45.50
N MET P 65 -73.95 6.58 45.42
CA MET P 65 -74.17 7.42 44.22
C MET P 65 -73.58 6.70 42.99
N ARG P 66 -72.40 6.07 43.13
CA ARG P 66 -71.77 5.32 42.01
C ARG P 66 -72.63 4.12 41.61
N ILE P 67 -73.16 3.34 42.55
CA ILE P 67 -73.97 2.16 42.15
C ILE P 67 -75.32 2.63 41.57
N GLN P 68 -75.89 3.73 42.06
CA GLN P 68 -77.08 4.37 41.45
C GLN P 68 -76.78 4.61 39.97
N ALA P 69 -75.64 5.22 39.67
CA ALA P 69 -75.27 5.56 38.27
C ALA P 69 -75.05 4.24 37.49
N VAL P 70 -74.38 3.24 38.08
CA VAL P 70 -74.10 1.96 37.35
C VAL P 70 -75.44 1.31 36.97
N ARG P 71 -76.44 1.33 37.85
CA ARG P 71 -77.75 0.67 37.62
C ARG P 71 -78.65 1.55 36.72
N GLY P 72 -78.24 2.77 36.39
CA GLY P 72 -79.05 3.61 35.48
C GLY P 72 -80.12 4.37 36.21
N GLY P 73 -80.04 4.41 37.54
CA GLY P 73 -80.89 5.28 38.37
C GLY P 73 -80.38 6.71 38.36
N ARG P 74 -81.19 7.63 38.86
N ARG P 74 -81.17 7.64 38.87
CA ARG P 74 -80.88 9.08 38.92
CA ARG P 74 -80.80 9.07 38.89
C ARG P 74 -80.73 9.49 40.38
C ARG P 74 -80.73 9.52 40.35
N VAL P 75 -79.60 10.11 40.72
CA VAL P 75 -79.36 10.64 42.09
C VAL P 75 -80.26 11.84 42.30
N ALA P 76 -80.93 11.90 43.45
CA ALA P 76 -81.81 13.00 43.90
C ALA P 76 -81.37 13.38 45.31
N MET P 77 -80.81 14.59 45.43
CA MET P 77 -80.28 15.10 46.71
C MET P 77 -81.42 15.72 47.53
N GLN P 78 -81.30 15.62 48.84
CA GLN P 78 -82.21 16.28 49.80
C GLN P 78 -81.34 17.10 50.74
N ASN P 79 -81.96 18.01 51.47
CA ASN P 79 -81.27 18.77 52.56
C ASN P 79 -80.56 17.78 53.47
N ILE P 80 -79.36 18.15 53.94
CA ILE P 80 -78.66 17.39 55.01
C ILE P 80 -78.97 18.11 56.32
N GLN P 81 -79.79 17.46 57.15
CA GLN P 81 -80.29 18.05 58.42
C GLN P 81 -79.09 18.26 59.35
N LYS P 82 -79.07 19.35 60.11
CA LYS P 82 -78.03 19.54 61.14
C LYS P 82 -78.14 18.38 62.12
N PRO P 83 -77.01 17.96 62.73
CA PRO P 83 -77.02 16.95 63.79
C PRO P 83 -77.93 17.34 64.97
N GLU P 84 -78.35 16.36 65.77
CA GLU P 84 -79.26 16.56 66.93
C GLU P 84 -78.63 17.49 67.97
N LYS P 85 -77.29 17.55 68.06
CA LYS P 85 -76.58 18.38 69.08
C LYS P 85 -75.36 19.05 68.43
N ASP P 86 -74.86 20.18 68.98
CA ASP P 86 -73.46 20.61 68.75
C ASP P 86 -72.59 20.16 69.93
N GLU P 87 -73.18 20.02 71.12
CA GLU P 87 -72.47 19.59 72.37
C GLU P 87 -72.78 18.12 72.66
N TRP P 88 -71.79 17.24 72.52
CA TRP P 88 -71.96 15.75 72.55
C TRP P 88 -71.60 15.16 73.91
N GLY P 89 -71.26 16.02 74.88
CA GLY P 89 -70.99 15.60 76.26
C GLY P 89 -69.65 14.91 76.42
N THR P 90 -69.62 13.90 77.28
CA THR P 90 -68.40 13.16 77.68
C THR P 90 -67.98 12.29 76.51
N VAL P 91 -66.75 11.77 76.59
CA VAL P 91 -66.26 10.75 75.62
C VAL P 91 -67.31 9.62 75.55
N LEU P 92 -67.75 9.10 76.69
CA LEU P 92 -68.71 7.98 76.69
C LEU P 92 -70.01 8.39 75.97
N GLU P 93 -70.55 9.57 76.25
CA GLU P 93 -71.82 10.02 75.64
C GLU P 93 -71.67 10.13 74.12
N ALA P 94 -70.55 10.63 73.62
CA ALA P 94 -70.28 10.79 72.17
C ALA P 94 -70.25 9.41 71.51
N PHE P 95 -69.53 8.45 72.09
CA PHE P 95 -69.43 7.08 71.56
C PHE P 95 -70.78 6.38 71.66
N GLU P 96 -71.59 6.64 72.69
CA GLU P 96 -72.95 6.04 72.78
C GLU P 96 -73.80 6.62 71.64
N ALA P 97 -73.72 7.92 71.36
CA ALA P 97 -74.48 8.55 70.27
C ALA P 97 -74.01 7.95 68.93
N ALA P 98 -72.71 7.73 68.78
CA ALA P 98 -72.13 7.15 67.54
C ALA P 98 -72.68 5.73 67.37
N LEU P 99 -72.73 4.91 68.43
CA LEU P 99 -73.28 3.53 68.33
C LEU P 99 -74.76 3.60 67.89
N ALA P 100 -75.55 4.50 68.48
CA ALA P 100 -76.98 4.65 68.13
C ALA P 100 -77.10 5.04 66.65
N LEU P 101 -76.22 5.91 66.16
CA LEU P 101 -76.19 6.35 64.74
C LEU P 101 -75.87 5.15 63.82
N GLU P 102 -74.88 4.34 64.18
CA GLU P 102 -74.47 3.15 63.38
C GLU P 102 -75.60 2.13 63.37
N ARG P 103 -76.31 1.94 64.48
CA ARG P 103 -77.44 0.98 64.56
C ARG P 103 -78.58 1.50 63.65
N ALA P 104 -78.83 2.80 63.67
CA ALA P 104 -79.87 3.45 62.81
C ALA P 104 -79.50 3.25 61.34
N ASN P 105 -78.23 3.49 60.98
CA ASN P 105 -77.67 3.29 59.62
C ASN P 105 -77.91 1.83 59.19
N ASN P 106 -77.63 0.89 60.09
CA ASN P 106 -77.82 -0.56 59.83
C ASN P 106 -79.31 -0.89 59.62
N ALA P 107 -80.22 -0.37 60.44
CA ALA P 107 -81.68 -0.58 60.31
C ALA P 107 -82.10 -0.13 58.91
N SER P 108 -81.64 1.05 58.51
CA SER P 108 -81.90 1.66 57.17
C SER P 108 -81.38 0.72 56.08
N LEU P 109 -80.15 0.22 56.20
CA LEU P 109 -79.54 -0.66 55.15
C LEU P 109 -80.27 -2.00 55.08
N LEU P 110 -80.69 -2.55 56.22
CA LEU P 110 -81.47 -3.81 56.27
C LEU P 110 -82.82 -3.57 55.58
N LYS P 111 -83.46 -2.42 55.82
CA LYS P 111 -84.71 -2.06 55.11
C LYS P 111 -84.45 -1.95 53.61
N LEU P 112 -83.32 -1.35 53.19
CA LEU P 112 -82.96 -1.24 51.75
C LEU P 112 -82.78 -2.64 51.14
N HIS P 113 -82.05 -3.53 51.82
CA HIS P 113 -81.87 -4.93 51.40
C HIS P 113 -83.26 -5.57 51.22
N GLY P 114 -84.16 -5.36 52.20
CA GLY P 114 -85.51 -5.94 52.18
C GLY P 114 -86.30 -5.55 50.94
N ILE P 115 -86.22 -4.28 50.56
CA ILE P 115 -86.93 -3.69 49.40
C ILE P 115 -86.35 -4.31 48.12
N ALA P 116 -85.02 -4.38 48.01
CA ALA P 116 -84.32 -5.03 46.87
C ALA P 116 -84.76 -6.48 46.75
N GLU P 117 -84.84 -7.20 47.88
CA GLU P 117 -85.24 -8.62 47.91
C GLU P 117 -86.69 -8.77 47.42
N GLN P 118 -87.59 -7.93 47.91
CA GLN P 118 -89.03 -7.97 47.54
C GLN P 118 -89.19 -7.70 46.04
N ARG P 119 -88.28 -6.93 45.44
CA ARG P 119 -88.34 -6.58 44.01
C ARG P 119 -87.45 -7.52 43.18
N ASN P 120 -86.90 -8.56 43.79
CA ASN P 120 -86.09 -9.60 43.09
C ASN P 120 -84.90 -8.93 42.42
N ASP P 121 -84.27 -7.96 43.08
CA ASP P 121 -83.03 -7.34 42.57
C ASP P 121 -81.85 -8.17 43.07
N ALA P 122 -81.54 -9.24 42.34
CA ALA P 122 -80.50 -10.24 42.71
C ALA P 122 -79.13 -9.56 42.72
N HIS P 123 -78.90 -8.58 41.84
CA HIS P 123 -77.63 -7.82 41.91
C HIS P 123 -77.59 -7.01 43.23
N LEU P 124 -78.60 -6.19 43.51
CA LEU P 124 -78.43 -5.20 44.58
C LEU P 124 -78.49 -5.86 45.96
N THR P 125 -79.23 -6.95 46.17
CA THR P 125 -79.24 -7.61 47.50
C THR P 125 -77.79 -7.99 47.87
N ASN P 126 -77.08 -8.63 46.95
CA ASN P 126 -75.69 -9.07 47.18
C ASN P 126 -74.79 -7.86 47.38
N TYR P 127 -74.98 -6.83 46.57
CA TYR P 127 -74.17 -5.59 46.64
C TYR P 127 -74.33 -4.97 48.04
N ILE P 128 -75.55 -4.84 48.51
CA ILE P 128 -75.81 -4.29 49.88
C ILE P 128 -75.16 -5.20 50.93
N GLN P 129 -75.37 -6.52 50.85
CA GLN P 129 -74.75 -7.46 51.82
C GLN P 129 -73.22 -7.27 51.85
N GLU P 130 -72.57 -7.32 50.69
CA GLU P 130 -71.09 -7.31 50.55
C GLU P 130 -70.50 -5.97 50.97
N LYS P 131 -71.03 -4.87 50.42
CA LYS P 131 -70.38 -3.54 50.46
C LYS P 131 -70.88 -2.76 51.66
N TYR P 132 -72.03 -3.11 52.25
CA TYR P 132 -72.67 -2.32 53.34
C TYR P 132 -72.91 -3.16 54.60
N LEU P 133 -73.60 -4.30 54.53
CA LEU P 133 -74.02 -4.98 55.77
C LEU P 133 -72.78 -5.50 56.51
N GLU P 134 -71.80 -6.03 55.79
CA GLU P 134 -70.58 -6.59 56.43
C GLU P 134 -69.83 -5.47 57.17
N GLU P 135 -69.55 -4.34 56.52
CA GLU P 135 -68.82 -3.23 57.20
C GLU P 135 -69.68 -2.72 58.37
N GLN P 136 -71.01 -2.64 58.22
CA GLN P 136 -71.92 -2.09 59.26
C GLN P 136 -71.83 -2.93 60.54
N VAL P 137 -71.86 -4.27 60.46
CA VAL P 137 -71.78 -5.10 61.71
C VAL P 137 -70.38 -4.92 62.33
N HIS P 138 -69.33 -4.74 61.53
CA HIS P 138 -67.98 -4.50 62.06
C HIS P 138 -67.90 -3.12 62.76
N SER P 139 -68.47 -2.07 62.17
CA SER P 139 -68.51 -0.72 62.77
C SER P 139 -69.28 -0.75 64.10
N ILE P 140 -70.46 -1.37 64.13
CA ILE P 140 -71.28 -1.49 65.37
C ILE P 140 -70.47 -2.23 66.44
N ASN P 141 -69.82 -3.34 66.09
CA ASN P 141 -68.95 -4.09 67.02
C ASN P 141 -67.84 -3.16 67.52
N GLU P 142 -67.17 -2.44 66.61
CA GLU P 142 -66.08 -1.48 66.97
C GLU P 142 -66.60 -0.48 67.99
N PHE P 143 -67.78 0.11 67.79
CA PHE P 143 -68.31 1.15 68.72
C PHE P 143 -68.74 0.51 70.06
N ALA P 144 -69.33 -0.68 70.07
CA ALA P 144 -69.68 -1.40 71.31
C ALA P 144 -68.39 -1.63 72.12
N ARG P 145 -67.32 -2.03 71.44
N ARG P 145 -67.31 -2.04 71.45
CA ARG P 145 -66.00 -2.34 72.06
CA ARG P 145 -66.01 -2.34 72.08
C ARG P 145 -65.40 -1.06 72.63
C ARG P 145 -65.41 -1.04 72.64
N TYR P 146 -65.45 0.07 71.89
CA TYR P 146 -64.95 1.38 72.38
C TYR P 146 -65.68 1.73 73.69
N ILE P 147 -67.00 1.58 73.70
CA ILE P 147 -67.87 1.92 74.87
C ILE P 147 -67.42 1.09 76.08
N ALA P 148 -67.15 -0.20 75.90
CA ALA P 148 -66.71 -1.08 76.99
C ALA P 148 -65.38 -0.54 77.54
N ASN P 149 -64.46 -0.17 76.64
CA ASN P 149 -63.11 0.31 77.01
C ASN P 149 -63.20 1.68 77.69
N ILE P 150 -64.05 2.59 77.18
CA ILE P 150 -64.27 3.94 77.79
C ILE P 150 -64.77 3.77 79.23
N LYS P 151 -65.74 2.89 79.43
CA LYS P 151 -66.31 2.63 80.78
C LYS P 151 -65.24 2.04 81.69
N ARG P 152 -64.42 1.11 81.17
CA ARG P 152 -63.35 0.45 81.94
C ARG P 152 -62.32 1.50 82.36
N ALA P 153 -61.82 2.32 81.41
CA ALA P 153 -60.77 3.33 81.65
C ALA P 153 -61.31 4.40 82.60
N GLY P 154 -62.57 4.77 82.43
CA GLY P 154 -63.25 5.73 83.30
C GLY P 154 -62.92 7.18 82.95
N PRO P 155 -63.69 8.13 83.53
CA PRO P 155 -63.49 9.54 83.24
C PRO P 155 -62.15 10.08 83.78
N GLY P 156 -61.70 11.20 83.22
CA GLY P 156 -60.50 11.90 83.69
C GLY P 156 -59.26 11.27 83.10
N LEU P 157 -58.39 10.72 83.94
CA LEU P 157 -57.12 10.12 83.46
C LEU P 157 -57.43 9.00 82.44
N GLY P 158 -58.49 8.21 82.66
CA GLY P 158 -58.85 7.14 81.72
C GLY P 158 -59.19 7.68 80.33
N GLU P 159 -59.92 8.79 80.24
CA GLU P 159 -60.27 9.43 78.95
C GLU P 159 -58.99 9.94 78.26
N TYR P 160 -58.09 10.54 79.03
CA TYR P 160 -56.79 11.06 78.54
C TYR P 160 -56.00 9.91 77.92
N LEU P 161 -55.91 8.79 78.63
CA LEU P 161 -55.09 7.64 78.18
C LEU P 161 -55.81 6.87 77.06
N PHE P 162 -57.14 6.81 77.08
CA PHE P 162 -57.90 6.18 75.97
C PHE P 162 -57.58 6.92 74.67
N ASP P 163 -57.63 8.24 74.73
CA ASP P 163 -57.24 9.12 73.59
C ASP P 163 -55.82 8.77 73.13
N LYS P 164 -54.87 8.62 74.06
CA LYS P 164 -53.45 8.33 73.74
C LYS P 164 -53.26 6.93 73.16
N GLU P 165 -53.97 5.93 73.67
CA GLU P 165 -53.64 4.49 73.49
C GLU P 165 -54.49 3.88 72.38
N GLU P 166 -55.73 4.33 72.22
CA GLU P 166 -56.77 3.52 71.55
C GLU P 166 -56.65 3.65 70.03
N PHE P 167 -56.09 4.74 69.51
CA PHE P 167 -56.08 5.09 68.07
C PHE P 167 -54.64 5.15 67.54
N SER P 168 -53.73 4.35 68.10
CA SER P 168 -52.29 4.27 67.71
C SER P 168 -51.62 3.08 68.39
#